data_5AZ5
#
_entry.id   5AZ5
#
_cell.length_a   86.627
_cell.length_b   141.119
_cell.length_c   170.972
_cell.angle_alpha   90.00
_cell.angle_beta   90.32
_cell.angle_gamma   90.00
#
_symmetry.space_group_name_H-M   'P 1 21 1'
#
loop_
_entity.id
_entity.type
_entity.pdbx_description
1 polymer 'Toll-like receptor 8'
2 branched alpha-D-mannopyranose-(1-3)-beta-D-mannopyranose-(1-4)-2-acetamido-2-deoxy-beta-D-glucopyranose-(1-4)-2-acetamido-2-deoxy-beta-D-glucopyranose
3 branched 2-acetamido-2-deoxy-beta-D-glucopyranose-(1-4)-2-acetamido-2-deoxy-beta-D-glucopyranose
4 branched beta-D-mannopyranose-(1-4)-2-acetamido-2-deoxy-beta-D-glucopyranose-(1-4)-2-acetamido-2-deoxy-beta-D-glucopyranose
5 branched alpha-D-mannopyranose-(1-6)-beta-D-mannopyranose-(1-4)-2-acetamido-2-deoxy-beta-D-glucopyranose-(1-4)-2-acetamido-2-deoxy-beta-D-glucopyranose
6 non-polymer 1-pentyl-4-phenyl-imidazol-2-amine
7 non-polymer 2-acetamido-2-deoxy-beta-D-glucopyranose
8 water water
#
_entity_poly.entity_id   1
_entity_poly.type   'polypeptide(L)'
_entity_poly.pdbx_seq_one_letter_code
;RSPWEENFSRSYPCDEKKQNDSVIAECSNRRLQEVPQTVGKYVTELDLSDNFITHITNESFQGLQNLTKINLNHNPNVQH
QNGNPGIQSNGLNITDGAFLNLKNLRELLLEDNQLPQIPSGLPESLTELSLIQNNIYNITKEGISRLINLKNLYLAWNCY
FNKVCEKTNIEDGVFETLTNLELLSLSFNSLSHVPPKLPSSLRKLFLSNTQIKYISEEDFKGLINLTLLDLSGNCPRCFN
APFPCVPCDGGASINIDRFAFQNLTQLRYLNLSSTSLRKINAAWFKNMPHLKVLDLEFNYLVGEIASGAFLTMLPRLEIL
DLSFNYIKGSYPQHINISRNFSKLLSLRALHLRGYVFQELREDDFQPLMQLPNLSTINLGINFIKQIDFKLFQNFSNLEI
IYLSENRISPLVKDTRQSYANSSSFQRHIRKRRSTDFEFDPHSNFYHFTRPLIKPQCAAYGKALDLSLNSIFFIGPNQFE
NLPDIACLNLSANSNAQVLSGTEFSAIPHVKYLDLTNNRLDFDNASALTELSDLEVLDLSYNSHYFRIAGVTHHLEFIQN
FTNLKVLNLSHNNIYTLTDKYNLESKSLVELVFSGNRLDILWNDDDNRYISIFKGLKNLTRLDLSLNRLKHIPNEAFLNL
PASLTELHINDNMLKFFNWTLLQQFPRLELLDLRGNKLLFLTDSLSDFTSSLRTLLLSHNRISHLPSGFLSEVSSLKHLD
LSSNLLKTINKSALETKTTTKLSMLELHGNPFECTCDIGDFRRWMDEHLNVKIPRLVDVICASPGDQRGKSIVSLELTTC
VSDVTEFLVPR
;
_entity_poly.pdbx_strand_id   A,B,C,D
#
# COMPACT_ATOMS: atom_id res chain seq x y z
N ARG A 10 24.63 55.92 -23.79
CA ARG A 10 23.32 55.27 -23.44
C ARG A 10 22.99 54.16 -24.40
N SER A 11 22.87 52.94 -23.88
CA SER A 11 22.53 51.84 -24.74
C SER A 11 21.10 52.01 -25.23
N TYR A 12 20.82 51.45 -26.40
CA TYR A 12 19.48 51.44 -26.97
C TYR A 12 19.40 50.35 -28.07
N PRO A 13 18.37 49.51 -28.04
CA PRO A 13 17.21 49.68 -27.17
C PRO A 13 17.31 48.92 -25.86
N CYS A 14 18.38 48.14 -25.69
CA CYS A 14 18.53 47.33 -24.52
C CYS A 14 19.00 48.25 -23.38
N ASP A 15 18.81 47.78 -22.15
CA ASP A 15 19.40 48.42 -20.97
C ASP A 15 20.62 47.57 -20.61
N GLU A 16 21.82 48.16 -20.70
CA GLU A 16 23.06 47.40 -20.54
C GLU A 16 23.76 47.73 -19.21
N LYS A 17 24.50 46.77 -18.67
CA LYS A 17 25.20 46.87 -17.36
C LYS A 17 26.10 45.65 -17.11
N LYS A 18 27.02 45.76 -16.15
CA LYS A 18 28.18 44.84 -16.03
C LYS A 18 28.32 44.13 -14.68
N GLN A 19 29.41 43.35 -14.53
CA GLN A 19 29.86 42.77 -13.25
C GLN A 19 31.38 42.55 -13.23
N VAL A 23 29.08 41.63 -19.14
CA VAL A 23 28.18 42.72 -19.54
C VAL A 23 26.90 42.18 -20.18
N ILE A 24 25.78 42.69 -19.68
CA ILE A 24 24.49 42.06 -19.78
C ILE A 24 23.50 43.02 -20.40
N ALA A 25 22.81 42.56 -21.43
CA ALA A 25 21.87 43.37 -22.16
C ALA A 25 20.48 42.85 -21.83
N GLU A 26 19.74 43.66 -21.08
CA GLU A 26 18.36 43.37 -20.80
C GLU A 26 17.54 44.08 -21.85
N CYS A 27 16.96 43.29 -22.75
CA CYS A 27 16.28 43.82 -23.93
C CYS A 27 14.93 43.16 -24.07
N SER A 28 14.34 42.72 -22.97
CA SER A 28 13.13 41.92 -23.09
C SER A 28 11.88 42.78 -23.26
N ASN A 29 10.85 42.19 -23.84
CA ASN A 29 9.50 42.70 -23.72
C ASN A 29 9.43 44.18 -24.13
N ARG A 30 9.88 44.42 -25.34
CA ARG A 30 10.25 45.72 -25.83
C ARG A 30 9.68 45.99 -27.22
N ARG A 31 8.82 45.11 -27.70
CA ARG A 31 8.11 45.28 -28.98
C ARG A 31 9.00 45.28 -30.21
N LEU A 32 10.19 44.69 -30.08
CA LEU A 32 11.19 44.65 -31.15
C LEU A 32 10.84 43.63 -32.21
N GLN A 33 11.06 43.97 -33.46
CA GLN A 33 10.62 43.12 -34.59
C GLN A 33 11.75 42.44 -35.27
N GLU A 34 12.97 42.83 -34.93
CA GLU A 34 14.19 42.19 -35.43
C GLU A 34 15.14 42.24 -34.25
N VAL A 35 16.18 41.42 -34.29
CA VAL A 35 17.25 41.52 -33.32
C VAL A 35 17.89 42.88 -33.54
N PRO A 36 18.08 43.67 -32.49
CA PRO A 36 18.60 45.01 -32.74
C PRO A 36 20.04 44.96 -33.18
N GLN A 37 20.42 45.88 -34.08
CA GLN A 37 21.77 45.87 -34.63
C GLN A 37 22.65 46.90 -33.92
N THR A 38 22.14 47.44 -32.80
CA THR A 38 22.78 48.53 -32.06
C THR A 38 23.05 48.13 -30.62
N VAL A 39 23.33 46.84 -30.41
CA VAL A 39 23.59 46.28 -29.09
C VAL A 39 25.09 46.42 -28.90
N GLY A 40 25.52 46.97 -27.76
CA GLY A 40 26.96 47.02 -27.41
C GLY A 40 27.73 45.76 -27.78
N LYS A 41 28.89 45.90 -28.41
CA LYS A 41 29.59 44.74 -29.00
C LYS A 41 30.45 44.04 -27.97
N TYR A 42 30.42 44.57 -26.76
CA TYR A 42 30.97 43.94 -25.57
C TYR A 42 29.93 43.00 -24.85
N VAL A 43 28.64 43.22 -25.09
CA VAL A 43 27.58 42.44 -24.43
C VAL A 43 27.88 40.93 -24.48
N THR A 44 27.74 40.29 -23.31
CA THR A 44 27.98 38.83 -23.16
C THR A 44 26.69 38.00 -22.98
N GLU A 45 25.74 38.50 -22.19
CA GLU A 45 24.43 37.84 -22.06
C GLU A 45 23.37 38.78 -22.61
N LEU A 46 22.56 38.28 -23.52
CA LEU A 46 21.55 39.10 -24.18
C LEU A 46 20.17 38.45 -24.05
N ASP A 47 19.23 39.20 -23.51
CA ASP A 47 17.87 38.73 -23.28
C ASP A 47 16.87 39.44 -24.21
N LEU A 48 16.47 38.75 -25.27
CA LEU A 48 15.48 39.31 -26.20
C LEU A 48 14.09 38.66 -26.08
N SER A 49 13.75 38.09 -24.91
CA SER A 49 12.49 37.35 -24.78
C SER A 49 11.33 38.28 -24.87
N ASP A 50 10.18 37.73 -25.18
CA ASP A 50 8.93 38.50 -25.26
C ASP A 50 8.90 39.64 -26.25
N ASN A 51 9.73 39.57 -27.28
CA ASN A 51 9.70 40.57 -28.34
C ASN A 51 8.86 40.02 -29.50
N PHE A 52 8.88 40.68 -30.67
CA PHE A 52 8.02 40.30 -31.77
C PHE A 52 8.84 39.75 -32.91
N ILE A 53 9.98 39.14 -32.56
CA ILE A 53 10.95 38.74 -33.54
C ILE A 53 10.45 37.49 -34.22
N THR A 54 10.53 37.50 -35.55
CA THR A 54 9.98 36.44 -36.41
C THR A 54 11.00 35.59 -37.12
N HIS A 55 12.20 36.12 -37.31
CA HIS A 55 13.22 35.49 -38.14
C HIS A 55 14.58 35.58 -37.42
N ILE A 56 15.36 34.49 -37.42
CA ILE A 56 16.76 34.53 -37.02
C ILE A 56 17.67 33.93 -38.10
N THR A 57 18.75 34.63 -38.47
CA THR A 57 19.69 34.18 -39.51
C THR A 57 21.14 34.30 -39.03
N ASN A 58 22.09 34.00 -39.92
CA ASN A 58 23.52 34.21 -39.63
C ASN A 58 23.92 35.68 -39.56
N GLU A 59 23.00 36.56 -39.91
CA GLU A 59 23.21 38.01 -39.83
C GLU A 59 22.82 38.61 -38.49
N SER A 60 21.86 38.00 -37.79
CA SER A 60 21.21 38.67 -36.66
C SER A 60 22.16 39.02 -35.50
N PHE A 61 23.11 38.15 -35.28
CA PHE A 61 24.12 38.38 -34.26
C PHE A 61 25.52 38.59 -34.85
N GLN A 62 25.62 39.31 -35.96
CA GLN A 62 26.86 39.29 -36.74
C GLN A 62 28.02 39.94 -36.01
N GLY A 63 27.75 41.02 -35.28
CA GLY A 63 28.81 41.78 -34.63
C GLY A 63 28.93 41.52 -33.14
N LEU A 64 28.31 40.43 -32.69
CA LEU A 64 28.23 40.11 -31.27
C LEU A 64 28.88 38.78 -30.97
N GLN A 65 29.96 38.47 -31.67
CA GLN A 65 30.90 37.48 -31.19
C GLN A 65 31.09 37.84 -29.71
N ASN A 66 31.53 36.89 -28.91
CA ASN A 66 31.69 37.09 -27.45
C ASN A 66 30.39 36.91 -26.63
N LEU A 67 29.23 36.72 -27.30
CA LEU A 67 27.98 36.39 -26.60
C LEU A 67 28.04 34.99 -26.03
N THR A 68 27.76 34.87 -24.75
CA THR A 68 27.76 33.55 -24.12
C THR A 68 26.35 33.06 -23.82
N LYS A 69 25.36 33.97 -23.81
CA LYS A 69 24.00 33.62 -23.46
C LYS A 69 23.00 34.45 -24.26
N ILE A 70 22.13 33.76 -24.99
CA ILE A 70 21.02 34.40 -25.67
C ILE A 70 19.69 33.83 -25.19
N ASN A 71 18.79 34.72 -24.82
CA ASN A 71 17.43 34.37 -24.52
C ASN A 71 16.48 34.88 -25.59
N LEU A 72 15.91 33.95 -26.36
CA LEU A 72 14.87 34.24 -27.32
C LEU A 72 13.47 33.66 -26.98
N ASN A 73 13.24 33.29 -25.73
CA ASN A 73 11.88 32.79 -25.34
C ASN A 73 10.71 33.67 -25.76
N HIS A 74 9.65 33.03 -26.17
CA HIS A 74 8.39 33.68 -26.51
C HIS A 74 8.51 34.79 -27.55
N ASN A 75 9.13 34.46 -28.67
CA ASN A 75 9.08 35.27 -29.84
C ASN A 75 8.42 34.48 -30.93
N PRO A 76 7.52 35.09 -31.70
CA PRO A 76 6.99 36.41 -31.50
C PRO A 76 5.86 36.46 -30.46
N ASN A 77 5.84 37.53 -29.71
CA ASN A 77 4.99 37.61 -28.54
C ASN A 77 3.57 38.09 -28.92
N VAL A 78 2.64 37.13 -29.05
CA VAL A 78 1.21 37.37 -29.39
C VAL A 78 1.07 37.82 -30.84
N ASN A 90 2.43 30.18 -37.07
CA ASN A 90 3.43 31.25 -37.08
C ASN A 90 4.74 30.80 -36.38
N GLY A 91 5.25 31.61 -35.45
CA GLY A 91 6.41 31.20 -34.66
C GLY A 91 7.74 31.72 -35.19
N LEU A 92 8.81 31.32 -34.51
CA LEU A 92 10.12 31.81 -34.82
C LEU A 92 10.78 30.95 -35.93
N ASN A 93 11.16 31.61 -37.02
CA ASN A 93 11.85 30.98 -38.15
C ASN A 93 13.36 31.15 -37.96
N ILE A 94 14.06 30.03 -37.81
CA ILE A 94 15.48 30.05 -37.56
C ILE A 94 16.17 29.24 -38.65
N THR A 95 17.13 29.89 -39.32
CA THR A 95 17.89 29.28 -40.44
C THR A 95 18.96 28.28 -39.95
N ASP A 96 19.27 27.31 -40.81
CA ASP A 96 20.33 26.35 -40.56
C ASP A 96 21.60 27.14 -40.28
N GLY A 97 22.27 26.85 -39.17
CA GLY A 97 23.53 27.55 -38.88
C GLY A 97 23.45 29.01 -38.42
N ALA A 98 22.24 29.51 -38.20
CA ALA A 98 22.10 30.90 -37.77
C ALA A 98 23.06 31.31 -36.67
N PHE A 99 23.27 30.43 -35.68
CA PHE A 99 24.01 30.77 -34.46
C PHE A 99 25.42 30.26 -34.51
N LEU A 100 25.76 29.55 -35.57
CA LEU A 100 26.96 28.71 -35.49
C LEU A 100 28.27 29.50 -35.58
N ASN A 101 28.24 30.72 -36.09
CA ASN A 101 29.39 31.63 -35.99
C ASN A 101 29.67 32.17 -34.59
N LEU A 102 28.78 31.93 -33.63
CA LEU A 102 28.98 32.41 -32.24
C LEU A 102 29.72 31.37 -31.40
N LYS A 103 31.03 31.50 -31.36
CA LYS A 103 31.92 30.41 -30.97
C LYS A 103 32.05 30.27 -29.46
N ASN A 104 31.60 31.27 -28.70
CA ASN A 104 31.63 31.19 -27.22
C ASN A 104 30.22 30.97 -26.62
N LEU A 105 29.22 30.72 -27.46
CA LEU A 105 27.81 30.68 -27.04
C LEU A 105 27.55 29.45 -26.18
N ARG A 106 27.24 29.66 -24.91
CA ARG A 106 27.04 28.53 -24.02
C ARG A 106 25.57 28.21 -23.72
N GLU A 107 24.77 29.24 -23.45
CA GLU A 107 23.37 29.07 -23.06
C GLU A 107 22.47 29.67 -24.10
N LEU A 108 21.57 28.87 -24.64
CA LEU A 108 20.62 29.29 -25.66
C LEU A 108 19.21 28.85 -25.28
N LEU A 109 18.34 29.82 -25.02
CA LEU A 109 16.98 29.59 -24.57
C LEU A 109 16.00 29.93 -25.67
N LEU A 110 15.26 28.91 -26.15
CA LEU A 110 14.27 29.02 -27.22
C LEU A 110 12.94 28.40 -26.81
N GLU A 111 12.41 28.80 -25.65
CA GLU A 111 11.12 28.29 -25.22
C GLU A 111 9.97 29.02 -25.89
N ASP A 112 8.80 28.37 -26.00
CA ASP A 112 7.54 29.04 -26.40
C ASP A 112 7.69 29.79 -27.76
N ASN A 113 8.31 29.15 -28.75
CA ASN A 113 8.53 29.74 -30.08
C ASN A 113 7.96 28.92 -31.20
N GLN A 114 7.14 27.93 -30.87
CA GLN A 114 6.48 27.11 -31.86
C GLN A 114 7.47 26.52 -32.85
N LEU A 115 8.68 26.19 -32.41
CA LEU A 115 9.63 25.55 -33.30
C LEU A 115 9.11 24.18 -33.64
N PRO A 116 9.09 23.85 -34.96
CA PRO A 116 8.66 22.53 -35.47
C PRO A 116 9.78 21.50 -35.43
N GLN A 117 11.01 21.96 -35.19
CA GLN A 117 12.16 21.06 -35.11
C GLN A 117 13.17 21.67 -34.21
N ILE A 118 14.07 20.84 -33.69
CA ILE A 118 15.30 21.39 -33.16
C ILE A 118 16.03 22.10 -34.31
N PRO A 119 16.40 23.36 -34.10
CA PRO A 119 17.12 24.06 -35.16
C PRO A 119 18.39 23.34 -35.61
N SER A 120 18.67 23.36 -36.92
CA SER A 120 19.84 22.69 -37.48
C SER A 120 21.10 23.53 -37.31
N GLY A 121 22.24 22.83 -37.18
CA GLY A 121 23.55 23.48 -37.13
C GLY A 121 23.67 24.47 -35.98
N LEU A 122 23.39 24.00 -34.78
CA LEU A 122 23.66 24.78 -33.56
C LEU A 122 25.12 24.66 -33.17
N PRO A 123 25.64 25.66 -32.44
CA PRO A 123 27.08 25.66 -32.23
C PRO A 123 27.49 24.62 -31.25
N GLU A 124 28.64 24.02 -31.51
CA GLU A 124 29.18 22.91 -30.71
C GLU A 124 29.55 23.38 -29.31
N SER A 125 29.65 24.68 -29.11
CA SER A 125 29.98 25.21 -27.80
C SER A 125 28.86 25.15 -26.74
N LEU A 126 27.61 24.84 -27.13
CA LEU A 126 26.47 25.00 -26.20
C LEU A 126 26.61 24.06 -25.04
N THR A 127 26.42 24.57 -23.83
CA THR A 127 26.27 23.76 -22.62
C THR A 127 24.82 23.70 -22.11
N GLU A 128 24.01 24.71 -22.41
CA GLU A 128 22.59 24.71 -22.00
C GLU A 128 21.74 24.97 -23.22
N LEU A 129 20.76 24.13 -23.50
CA LEU A 129 19.81 24.39 -24.56
C LEU A 129 18.41 24.10 -24.04
N SER A 130 17.50 25.06 -24.18
CA SER A 130 16.16 24.86 -23.69
C SER A 130 15.12 25.07 -24.80
N LEU A 131 14.38 24.03 -25.05
CA LEU A 131 13.44 23.99 -26.12
C LEU A 131 12.06 23.71 -25.59
N ILE A 132 11.84 24.09 -24.35
CA ILE A 132 10.59 23.85 -23.69
C ILE A 132 9.46 24.56 -24.40
N GLN A 133 8.31 23.90 -24.44
CA GLN A 133 7.13 24.50 -25.01
C GLN A 133 7.14 24.82 -26.50
N ASN A 134 7.58 23.87 -27.30
CA ASN A 134 7.53 23.97 -28.74
C ASN A 134 6.72 22.86 -29.38
N ASN A 135 6.89 22.65 -30.68
CA ASN A 135 6.21 21.60 -31.42
C ASN A 135 7.16 20.57 -31.99
N ILE A 136 8.24 20.33 -31.26
CA ILE A 136 9.25 19.35 -31.60
C ILE A 136 8.82 17.95 -31.18
N TYR A 137 8.52 17.09 -32.16
CA TYR A 137 8.17 15.69 -31.89
C TYR A 137 9.23 14.70 -32.42
N ASN A 138 10.38 15.22 -32.79
CA ASN A 138 11.48 14.43 -33.32
C ASN A 138 12.77 14.91 -32.68
N ILE A 139 13.35 14.06 -31.83
CA ILE A 139 14.68 14.31 -31.30
C ILE A 139 15.66 13.46 -32.12
N THR A 140 16.56 14.10 -32.87
CA THR A 140 17.42 13.42 -33.85
C THR A 140 18.88 13.70 -33.64
N LYS A 141 19.72 12.78 -34.11
CA LYS A 141 21.19 12.94 -34.11
C LYS A 141 21.63 14.18 -34.87
N GLU A 142 20.98 14.44 -36.01
CA GLU A 142 21.27 15.61 -36.81
C GLU A 142 21.17 16.85 -35.95
N GLY A 143 20.11 16.92 -35.12
CA GLY A 143 19.96 18.06 -34.21
C GLY A 143 20.88 18.10 -33.01
N ILE A 144 21.13 16.96 -32.40
CA ILE A 144 21.70 16.94 -31.02
C ILE A 144 23.07 16.26 -30.91
N SER A 145 23.34 15.27 -31.73
CA SER A 145 24.37 14.33 -31.37
C SER A 145 25.78 14.90 -31.43
N ARG A 146 25.97 16.04 -32.04
CA ARG A 146 27.29 16.61 -32.05
C ARG A 146 27.40 17.74 -31.07
N LEU A 147 26.36 17.97 -30.27
CA LEU A 147 26.43 19.03 -29.26
C LEU A 147 27.04 18.47 -27.96
N ILE A 148 28.25 17.92 -28.09
CA ILE A 148 28.87 17.11 -27.03
C ILE A 148 29.19 17.86 -25.74
N ASN A 149 29.09 19.19 -25.74
CA ASN A 149 29.38 19.93 -24.51
C ASN A 149 28.16 20.17 -23.61
N LEU A 150 27.03 19.60 -24.03
CA LEU A 150 25.74 19.86 -23.38
C LEU A 150 25.71 19.30 -22.00
N LYS A 151 25.40 20.17 -21.04
CA LYS A 151 25.16 19.79 -19.67
C LYS A 151 23.68 19.67 -19.42
N ASN A 152 22.91 20.61 -19.94
CA ASN A 152 21.51 20.67 -19.66
C ASN A 152 20.70 20.78 -20.93
N LEU A 153 19.84 19.80 -21.13
CA LEU A 153 18.96 19.76 -22.29
C LEU A 153 17.53 19.70 -21.79
N TYR A 154 16.75 20.72 -22.13
CA TYR A 154 15.33 20.73 -21.75
C TYR A 154 14.40 20.65 -22.97
N LEU A 155 13.59 19.58 -23.07
CA LEU A 155 12.61 19.43 -24.13
C LEU A 155 11.19 19.17 -23.65
N ALA A 156 10.91 19.51 -22.40
CA ALA A 156 9.58 19.28 -21.83
C ALA A 156 8.49 20.11 -22.49
N TRP A 157 7.26 19.62 -22.36
CA TRP A 157 6.07 20.37 -22.73
C TRP A 157 5.98 20.66 -24.22
N ASN A 158 6.39 19.70 -25.03
CA ASN A 158 6.17 19.84 -26.47
C ASN A 158 4.94 19.07 -26.92
N CYS A 159 4.45 18.13 -26.13
CA CYS A 159 3.26 17.36 -26.56
C CYS A 159 2.57 16.74 -25.37
N TYR A 160 1.40 17.26 -25.07
CA TYR A 160 0.76 16.93 -23.81
C TYR A 160 -0.70 17.27 -23.86
N PHE A 161 -1.41 16.76 -22.86
CA PHE A 161 -2.84 17.08 -22.67
C PHE A 161 -3.61 16.84 -24.00
N ASN A 162 -4.53 17.73 -24.40
CA ASN A 162 -5.24 17.59 -25.69
C ASN A 162 -4.63 18.45 -26.81
N LYS A 163 -3.35 18.77 -26.70
CA LYS A 163 -2.64 19.47 -27.77
C LYS A 163 -2.64 18.54 -28.98
N VAL A 164 -2.80 19.11 -30.17
CA VAL A 164 -2.69 18.33 -31.38
C VAL A 164 -1.20 18.20 -31.65
N CYS A 165 -0.69 16.99 -31.53
CA CYS A 165 0.74 16.79 -31.63
C CYS A 165 1.00 15.32 -31.79
N GLU A 166 2.21 14.99 -32.21
CA GLU A 166 2.55 13.60 -32.47
C GLU A 166 3.31 12.97 -31.29
N LYS A 167 3.17 11.64 -31.16
CA LYS A 167 4.03 10.85 -30.27
C LYS A 167 5.48 11.19 -30.54
N THR A 168 6.31 11.28 -29.50
CA THR A 168 7.65 11.79 -29.64
C THR A 168 8.49 10.69 -30.21
N ASN A 169 9.33 11.01 -31.19
CA ASN A 169 10.26 10.07 -31.75
C ASN A 169 11.69 10.37 -31.32
N ILE A 170 12.28 9.42 -30.61
CA ILE A 170 13.62 9.58 -30.14
C ILE A 170 14.51 8.67 -30.93
N GLU A 171 15.34 9.24 -31.80
CA GLU A 171 16.31 8.46 -32.58
C GLU A 171 17.18 7.67 -31.63
N ASP A 172 17.24 6.35 -31.83
CA ASP A 172 18.07 5.45 -31.02
C ASP A 172 19.50 5.95 -30.90
N GLY A 173 19.98 6.13 -29.69
CA GLY A 173 21.37 6.55 -29.47
C GLY A 173 21.65 8.04 -29.51
N VAL A 174 20.60 8.84 -29.62
CA VAL A 174 20.78 10.27 -29.85
C VAL A 174 21.43 10.95 -28.68
N PHE A 175 21.17 10.44 -27.48
CA PHE A 175 21.77 11.01 -26.27
C PHE A 175 23.13 10.42 -25.95
N GLU A 176 23.56 9.44 -26.73
CA GLU A 176 24.67 8.60 -26.30
C GLU A 176 26.01 9.32 -26.36
N THR A 177 26.11 10.29 -27.26
CA THR A 177 27.31 11.03 -27.46
C THR A 177 27.38 12.26 -26.57
N LEU A 178 26.37 12.45 -25.73
CA LEU A 178 26.32 13.61 -24.86
C LEU A 178 26.91 13.23 -23.52
N THR A 179 28.21 12.97 -23.51
CA THR A 179 28.81 12.27 -22.38
C THR A 179 29.16 13.19 -21.27
N ASN A 180 28.89 14.50 -21.45
CA ASN A 180 28.88 15.42 -20.33
C ASN A 180 27.46 15.79 -19.86
N LEU A 181 26.41 15.18 -20.43
CA LEU A 181 25.03 15.59 -20.11
C LEU A 181 24.69 15.26 -18.66
N GLU A 182 24.34 16.30 -17.91
CA GLU A 182 24.01 16.16 -16.49
C GLU A 182 22.51 16.19 -16.23
N LEU A 183 21.77 16.98 -17.00
CA LEU A 183 20.32 17.16 -16.81
C LEU A 183 19.58 16.96 -18.12
N LEU A 184 18.61 16.05 -18.13
CA LEU A 184 17.80 15.84 -19.32
C LEU A 184 16.35 15.84 -18.91
N SER A 185 15.53 16.65 -19.57
CA SER A 185 14.14 16.78 -19.18
C SER A 185 13.26 16.59 -20.40
N LEU A 186 12.41 15.59 -20.32
CA LEU A 186 11.58 15.18 -21.44
C LEU A 186 10.15 15.13 -20.99
N SER A 187 9.87 15.77 -19.87
CA SER A 187 8.58 15.65 -19.25
C SER A 187 7.51 16.24 -20.17
N PHE A 188 6.28 15.74 -20.04
CA PHE A 188 5.15 16.27 -20.78
C PHE A 188 5.42 16.15 -22.29
N ASN A 189 5.77 14.94 -22.69
CA ASN A 189 5.88 14.56 -24.08
C ASN A 189 5.34 13.17 -24.08
N SER A 190 4.81 12.68 -25.19
CA SER A 190 4.39 11.30 -25.21
C SER A 190 5.57 10.41 -25.59
N LEU A 191 6.13 9.68 -24.61
CA LEU A 191 7.32 8.83 -24.85
C LEU A 191 7.01 7.33 -24.83
N SER A 192 6.07 6.89 -24.01
CA SER A 192 5.76 5.45 -23.88
C SER A 192 6.84 4.59 -23.22
N HIS A 193 8.12 4.84 -23.48
CA HIS A 193 9.20 4.04 -22.88
C HIS A 193 10.32 4.95 -22.51
N VAL A 194 11.12 4.52 -21.54
CA VAL A 194 12.33 5.22 -21.20
C VAL A 194 13.26 5.06 -22.39
N PRO A 195 13.82 6.14 -22.90
CA PRO A 195 14.74 5.96 -24.01
C PRO A 195 15.98 5.19 -23.64
N PRO A 196 16.41 4.26 -24.51
CA PRO A 196 17.68 3.61 -24.27
C PRO A 196 18.88 4.51 -24.52
N LYS A 197 20.02 4.05 -24.04
CA LYS A 197 21.31 4.65 -24.32
C LYS A 197 21.45 6.05 -23.77
N LEU A 198 21.16 6.18 -22.48
CA LEU A 198 21.37 7.41 -21.78
C LEU A 198 22.78 7.41 -21.30
N PRO A 199 23.45 8.54 -21.42
CA PRO A 199 24.80 8.63 -20.93
C PRO A 199 24.82 8.57 -19.39
N SER A 200 25.89 8.00 -18.84
CA SER A 200 26.02 7.74 -17.41
C SER A 200 26.50 8.97 -16.66
N SER A 201 26.80 10.03 -17.37
CA SER A 201 27.06 11.32 -16.72
C SER A 201 25.76 11.94 -16.15
N LEU A 202 24.59 11.33 -16.37
CA LEU A 202 23.37 11.97 -15.88
C LEU A 202 23.27 12.10 -14.35
N ARG A 203 23.05 13.32 -13.88
CA ARG A 203 22.64 13.63 -12.52
C ARG A 203 21.09 13.68 -12.39
N LYS A 204 20.40 14.31 -13.34
CA LYS A 204 18.96 14.59 -13.23
C LYS A 204 18.20 14.22 -14.49
N LEU A 205 17.15 13.42 -14.31
CA LEU A 205 16.39 12.89 -15.42
C LEU A 205 14.92 13.08 -15.13
N PHE A 206 14.27 13.91 -15.94
CA PHE A 206 12.87 14.29 -15.72
C PHE A 206 12.00 13.66 -16.79
N LEU A 207 11.18 12.70 -16.39
CA LEU A 207 10.30 11.98 -17.27
C LEU A 207 8.84 12.01 -16.80
N SER A 208 8.42 13.13 -16.20
CA SER A 208 7.03 13.24 -15.70
C SER A 208 6.06 13.27 -16.88
N ASN A 209 4.87 12.70 -16.70
CA ASN A 209 3.79 12.76 -17.70
C ASN A 209 4.30 12.43 -19.09
N THR A 210 4.93 11.28 -19.23
CA THR A 210 5.51 10.83 -20.49
C THR A 210 4.86 9.55 -20.90
N GLN A 211 3.78 9.18 -20.24
CA GLN A 211 3.06 7.94 -20.54
C GLN A 211 3.95 6.69 -20.53
N ILE A 212 4.83 6.59 -19.57
CA ILE A 212 5.62 5.39 -19.43
C ILE A 212 4.93 4.54 -18.38
N LYS A 213 4.39 3.39 -18.77
CA LYS A 213 3.68 2.52 -17.85
C LYS A 213 4.58 1.50 -17.16
N TYR A 214 5.79 1.28 -17.65
CA TYR A 214 6.60 0.20 -17.19
C TYR A 214 8.02 0.69 -17.16
N ILE A 215 8.69 0.46 -16.04
CA ILE A 215 10.12 0.70 -15.93
C ILE A 215 10.86 -0.63 -15.84
N SER A 216 11.77 -0.89 -16.78
CA SER A 216 12.46 -2.17 -16.79
C SER A 216 13.75 -2.07 -16.01
N GLU A 217 14.43 -3.21 -15.86
CA GLU A 217 15.76 -3.24 -15.22
C GLU A 217 16.85 -2.54 -16.06
N GLU A 218 16.70 -2.54 -17.39
CA GLU A 218 17.65 -1.89 -18.30
C GLU A 218 17.55 -0.35 -18.27
N ASP A 219 16.36 0.19 -18.02
CA ASP A 219 16.11 1.62 -18.24
C ASP A 219 17.11 2.59 -17.58
N PHE A 220 17.56 2.25 -16.37
CA PHE A 220 18.43 3.13 -15.59
C PHE A 220 19.61 2.38 -15.05
N LYS A 221 19.95 1.28 -15.70
CA LYS A 221 21.02 0.37 -15.29
C LYS A 221 22.40 1.03 -15.12
N GLY A 222 22.74 2.00 -15.94
CA GLY A 222 24.11 2.52 -15.85
C GLY A 222 24.25 3.85 -15.13
N LEU A 223 23.20 4.31 -14.46
CA LEU A 223 23.14 5.74 -14.17
C LEU A 223 23.59 5.95 -12.74
N ILE A 224 24.86 5.65 -12.51
CA ILE A 224 25.44 5.60 -11.17
C ILE A 224 25.70 7.00 -10.61
N ASN A 225 25.52 8.04 -11.42
CA ASN A 225 25.65 9.40 -10.94
C ASN A 225 24.28 10.06 -10.67
N LEU A 226 23.17 9.38 -10.91
CA LEU A 226 21.87 10.03 -10.82
C LEU A 226 21.60 10.45 -9.38
N THR A 227 21.30 11.73 -9.15
CA THR A 227 20.79 12.20 -7.85
C THR A 227 19.29 12.55 -7.86
N LEU A 228 18.69 12.72 -9.05
CA LEU A 228 17.24 12.99 -9.14
C LEU A 228 16.56 12.20 -10.26
N LEU A 229 15.54 11.44 -9.90
CA LEU A 229 14.67 10.82 -10.91
C LEU A 229 13.20 11.24 -10.73
N ASP A 230 12.57 11.71 -11.79
CA ASP A 230 11.18 12.15 -11.74
C ASP A 230 10.32 11.29 -12.66
N LEU A 231 9.53 10.40 -12.09
CA LEU A 231 8.65 9.56 -12.84
C LEU A 231 7.17 9.85 -12.61
N SER A 232 6.90 11.03 -12.08
CA SER A 232 5.54 11.42 -11.70
C SER A 232 4.63 11.45 -12.90
N GLY A 233 3.33 11.20 -12.68
CA GLY A 233 2.28 11.39 -13.71
C GLY A 233 2.22 10.35 -14.82
N ASN A 234 2.94 9.24 -14.62
CA ASN A 234 2.84 8.05 -15.45
C ASN A 234 1.98 6.98 -14.76
N CYS A 235 0.91 6.57 -15.42
CA CYS A 235 -0.23 5.90 -14.77
C CYS A 235 -0.83 6.80 -13.71
N PRO A 236 -1.24 8.04 -14.12
CA PRO A 236 -1.70 9.06 -13.17
C PRO A 236 -2.97 8.66 -12.45
N ARG A 237 -3.17 9.25 -11.27
CA ARG A 237 -4.48 9.18 -10.58
C ARG A 237 -5.31 10.33 -11.13
N CYS A 238 -6.33 10.02 -11.92
CA CYS A 238 -7.01 11.03 -12.72
C CYS A 238 -8.20 11.62 -12.03
N PHE A 239 -8.64 11.05 -10.92
CA PHE A 239 -9.87 11.57 -10.34
C PHE A 239 -9.66 13.05 -10.01
N ASN A 240 -10.60 13.89 -10.43
CA ASN A 240 -10.53 15.33 -10.13
C ASN A 240 -9.31 16.09 -10.69
N ALA A 241 -8.69 15.55 -11.72
CA ALA A 241 -7.59 16.20 -12.38
C ALA A 241 -7.92 17.60 -12.90
N PRO A 242 -7.03 18.58 -12.62
CA PRO A 242 -7.10 19.90 -13.24
C PRO A 242 -6.51 19.98 -14.67
N PHE A 243 -6.37 18.85 -15.34
CA PHE A 243 -5.87 18.82 -16.72
C PHE A 243 -6.44 17.55 -17.36
N PRO A 244 -6.61 17.54 -18.68
CA PRO A 244 -7.09 16.29 -19.35
C PRO A 244 -6.17 15.14 -19.01
N CYS A 245 -6.69 14.12 -18.32
CA CYS A 245 -5.90 13.07 -17.72
C CYS A 245 -6.23 11.68 -18.29
N VAL A 246 -5.18 10.91 -18.57
CA VAL A 246 -5.30 9.58 -19.20
C VAL A 246 -4.64 8.50 -18.35
N PRO A 247 -5.46 7.69 -17.69
CA PRO A 247 -4.95 6.64 -16.83
C PRO A 247 -4.43 5.44 -17.61
N CYS A 248 -3.50 4.70 -17.01
CA CYS A 248 -3.25 3.30 -17.39
C CYS A 248 -4.56 2.52 -17.25
N ASP A 249 -4.70 1.44 -18.00
CA ASP A 249 -5.95 0.67 -18.05
C ASP A 249 -6.30 0.07 -16.70
N GLY A 250 -7.57 0.12 -16.34
CA GLY A 250 -8.01 -0.21 -14.97
C GLY A 250 -7.55 0.75 -13.90
N GLY A 251 -6.99 1.90 -14.29
CA GLY A 251 -6.24 2.75 -13.36
C GLY A 251 -5.10 2.02 -12.65
N ALA A 252 -4.51 1.03 -13.30
CA ALA A 252 -3.39 0.31 -12.71
C ALA A 252 -2.27 1.27 -12.35
N SER A 253 -1.38 0.82 -11.48
CA SER A 253 -0.26 1.65 -11.04
C SER A 253 0.84 1.57 -12.08
N ILE A 254 1.78 2.49 -12.04
CA ILE A 254 3.00 2.31 -12.76
C ILE A 254 3.56 0.95 -12.35
N ASN A 255 4.25 0.27 -13.25
CA ASN A 255 4.84 -1.04 -12.95
C ASN A 255 6.34 -0.94 -13.02
N ILE A 256 7.00 -1.01 -11.87
CA ILE A 256 8.40 -0.77 -11.78
C ILE A 256 9.05 -2.08 -11.36
N ASP A 257 9.99 -2.53 -12.16
CA ASP A 257 10.68 -3.75 -11.94
C ASP A 257 11.45 -3.69 -10.65
N ARG A 258 11.56 -4.83 -10.04
CA ARG A 258 12.14 -4.96 -8.74
C ARG A 258 13.56 -4.45 -8.76
N PHE A 259 14.21 -4.59 -9.88
CA PHE A 259 15.58 -4.18 -10.03
C PHE A 259 15.79 -2.86 -10.75
N ALA A 260 14.72 -2.11 -10.96
CA ALA A 260 14.76 -0.89 -11.78
C ALA A 260 15.72 0.20 -11.24
N PHE A 261 15.98 0.19 -9.93
CA PHE A 261 16.86 1.12 -9.27
C PHE A 261 18.10 0.49 -8.61
N GLN A 262 18.48 -0.72 -9.00
CA GLN A 262 19.75 -1.36 -8.56
C GLN A 262 20.94 -0.45 -8.40
N ASN A 263 21.23 0.31 -9.45
CA ASN A 263 22.51 0.98 -9.53
C ASN A 263 22.39 2.49 -9.27
N LEU A 264 21.23 2.96 -8.80
CA LEU A 264 20.95 4.37 -8.54
C LEU A 264 21.38 4.73 -7.14
N THR A 265 22.63 4.46 -6.89
CA THR A 265 23.17 4.57 -5.56
C THR A 265 23.28 6.06 -5.08
N GLN A 266 23.32 7.00 -6.03
CA GLN A 266 23.42 8.42 -5.62
C GLN A 266 22.10 9.16 -5.53
N LEU A 267 21.00 8.47 -5.82
CA LEU A 267 19.71 9.14 -5.82
C LEU A 267 19.37 9.80 -4.48
N ARG A 268 19.05 11.09 -4.57
CA ARG A 268 18.62 11.95 -3.48
C ARG A 268 17.15 12.37 -3.61
N TYR A 269 16.68 12.61 -4.84
CA TYR A 269 15.28 13.01 -5.05
C TYR A 269 14.59 12.00 -5.94
N LEU A 270 13.48 11.47 -5.47
CA LEU A 270 12.68 10.57 -6.26
C LEU A 270 11.27 11.06 -6.25
N ASN A 271 10.73 11.29 -7.45
CA ASN A 271 9.38 11.77 -7.51
C ASN A 271 8.48 10.73 -8.18
N LEU A 272 7.53 10.19 -7.42
CA LEU A 272 6.56 9.22 -7.92
C LEU A 272 5.12 9.68 -7.70
N SER A 273 4.91 11.00 -7.68
CA SER A 273 3.57 11.54 -7.58
C SER A 273 2.70 11.09 -8.74
N SER A 274 1.46 10.80 -8.42
CA SER A 274 0.48 10.47 -9.42
C SER A 274 1.02 9.40 -10.34
N THR A 275 1.37 8.27 -9.72
CA THR A 275 1.68 7.06 -10.46
C THR A 275 0.74 5.94 -10.08
N SER A 276 -0.36 6.28 -9.41
CA SER A 276 -1.40 5.32 -9.05
C SER A 276 -0.86 4.13 -8.21
N LEU A 277 0.17 4.40 -7.41
CA LEU A 277 0.75 3.40 -6.55
C LEU A 277 -0.19 3.05 -5.38
N ARG A 278 -0.46 1.75 -5.24
CA ARG A 278 -1.05 1.14 -4.05
C ARG A 278 -0.01 0.54 -3.11
N LYS A 279 1.12 0.09 -3.67
CA LYS A 279 2.12 -0.71 -2.96
C LYS A 279 3.48 -0.20 -3.29
N ILE A 280 4.31 0.04 -2.28
CA ILE A 280 5.65 0.50 -2.50
C ILE A 280 6.55 -0.68 -2.18
N ASN A 281 7.40 -1.09 -3.10
CA ASN A 281 8.33 -2.17 -2.84
C ASN A 281 9.61 -1.66 -2.16
N ALA A 282 9.82 -2.09 -0.91
CA ALA A 282 11.00 -1.79 -0.09
C ALA A 282 12.34 -2.02 -0.82
N ALA A 283 12.41 -3.03 -1.66
CA ALA A 283 13.62 -3.37 -2.35
C ALA A 283 14.06 -2.34 -3.39
N TRP A 284 13.15 -1.48 -3.85
CA TRP A 284 13.51 -0.34 -4.72
C TRP A 284 14.55 0.55 -4.06
N PHE A 285 14.57 0.55 -2.72
CA PHE A 285 15.50 1.38 -1.91
C PHE A 285 16.73 0.63 -1.29
N LYS A 286 16.92 -0.62 -1.70
CA LYS A 286 17.93 -1.49 -1.10
C LYS A 286 19.27 -0.80 -1.27
N ASN A 287 19.52 -0.20 -2.43
CA ASN A 287 20.82 0.34 -2.72
C ASN A 287 20.83 1.84 -2.77
N MET A 288 19.94 2.44 -1.99
CA MET A 288 19.71 3.86 -2.11
C MET A 288 19.87 4.57 -0.77
N PRO A 289 21.09 4.53 -0.21
CA PRO A 289 21.32 5.04 1.16
C PRO A 289 21.24 6.55 1.32
N HIS A 290 21.16 7.32 0.22
CA HIS A 290 21.17 8.79 0.36
C HIS A 290 19.84 9.45 0.07
N LEU A 291 18.77 8.70 -0.20
CA LEU A 291 17.49 9.34 -0.52
C LEU A 291 17.10 10.32 0.57
N LYS A 292 16.88 11.57 0.16
CA LYS A 292 16.48 12.65 1.07
C LYS A 292 15.04 13.12 0.89
N VAL A 293 14.55 13.08 -0.34
CA VAL A 293 13.26 13.62 -0.67
C VAL A 293 12.51 12.55 -1.42
N LEU A 294 11.36 12.20 -0.91
CA LEU A 294 10.55 11.19 -1.56
C LEU A 294 9.11 11.72 -1.70
N ASP A 295 8.68 11.84 -2.95
CA ASP A 295 7.43 12.50 -3.30
C ASP A 295 6.42 11.49 -3.83
N LEU A 296 5.32 11.34 -3.09
CA LEU A 296 4.36 10.28 -3.36
C LEU A 296 2.94 10.82 -3.31
N GLU A 297 2.76 12.06 -3.73
CA GLU A 297 1.43 12.69 -3.74
C GLU A 297 0.52 12.04 -4.72
N PHE A 298 -0.79 12.18 -4.49
CA PHE A 298 -1.77 11.79 -5.51
C PHE A 298 -1.57 10.35 -5.94
N ASN A 299 -1.42 9.48 -4.96
CA ASN A 299 -1.42 8.03 -5.25
C ASN A 299 -2.59 7.47 -4.47
N TYR A 300 -2.58 6.16 -4.21
CA TYR A 300 -3.61 5.51 -3.42
C TYR A 300 -2.97 4.80 -2.22
N LEU A 301 -2.21 5.51 -1.40
CA LEU A 301 -1.30 4.88 -0.45
C LEU A 301 -1.80 4.76 1.00
N VAL A 302 -3.10 4.95 1.23
CA VAL A 302 -3.63 4.90 2.59
C VAL A 302 -3.21 3.63 3.35
N GLY A 303 -3.36 2.48 2.68
CA GLY A 303 -2.87 1.21 3.18
C GLY A 303 -1.39 1.20 3.55
N GLU A 304 -0.54 1.71 2.66
CA GLU A 304 0.92 1.76 2.93
C GLU A 304 1.29 2.71 4.04
N ILE A 305 0.58 3.82 4.14
CA ILE A 305 0.80 4.74 5.21
C ILE A 305 0.59 3.96 6.53
N ALA A 306 -0.41 3.07 6.55
CA ALA A 306 -0.70 2.23 7.76
C ALA A 306 0.23 1.04 7.98
N SER A 307 0.79 0.46 6.92
CA SER A 307 1.54 -0.79 7.04
C SER A 307 3.03 -0.49 6.81
N GLY A 308 3.36 0.07 5.65
CA GLY A 308 4.62 0.83 5.49
C GLY A 308 5.98 0.16 5.59
N ALA A 309 6.12 -1.03 5.03
CA ALA A 309 7.43 -1.73 4.96
C ALA A 309 8.58 -0.84 4.43
N PHE A 310 8.31 -0.13 3.35
CA PHE A 310 9.33 0.70 2.74
C PHE A 310 10.00 1.68 3.69
N LEU A 311 9.31 2.07 4.76
CA LEU A 311 9.81 3.13 5.68
C LEU A 311 11.10 2.75 6.37
N THR A 312 11.25 1.47 6.70
CA THR A 312 12.48 1.02 7.32
C THR A 312 13.67 1.23 6.39
N MET A 313 13.44 1.46 5.10
CA MET A 313 14.53 1.58 4.14
C MET A 313 15.08 2.99 4.01
N LEU A 314 14.48 3.97 4.70
CA LEU A 314 14.70 5.39 4.43
C LEU A 314 15.08 6.26 5.68
N PRO A 315 16.05 5.78 6.47
CA PRO A 315 16.49 6.43 7.70
C PRO A 315 17.33 7.66 7.50
N ARG A 316 17.64 8.00 6.24
CA ARG A 316 18.26 9.30 5.94
C ARG A 316 17.32 10.32 5.21
N LEU A 317 16.13 9.88 4.82
CA LEU A 317 15.10 10.74 4.25
C LEU A 317 14.79 11.93 5.15
N GLU A 318 14.75 13.11 4.54
CA GLU A 318 14.46 14.36 5.19
C GLU A 318 13.03 14.87 4.91
N ILE A 319 12.56 14.69 3.67
CA ILE A 319 11.25 15.18 3.28
C ILE A 319 10.45 14.03 2.67
N LEU A 320 9.25 13.80 3.23
CA LEU A 320 8.33 12.77 2.77
C LEU A 320 6.96 13.39 2.43
N ASP A 321 6.59 13.42 1.15
CA ASP A 321 5.33 14.05 0.77
C ASP A 321 4.30 13.00 0.38
N LEU A 322 3.25 12.91 1.19
CA LEU A 322 2.25 11.88 1.05
C LEU A 322 0.86 12.49 0.81
N SER A 323 0.88 13.76 0.38
CA SER A 323 -0.31 14.59 0.25
C SER A 323 -1.25 14.06 -0.81
N PHE A 324 -2.55 14.29 -0.59
CA PHE A 324 -3.61 13.92 -1.51
C PHE A 324 -3.61 12.42 -1.84
N ASN A 325 -3.56 11.58 -0.80
CA ASN A 325 -3.80 10.15 -0.99
C ASN A 325 -5.21 9.71 -0.57
N TYR A 326 -6.10 10.67 -0.34
CA TYR A 326 -7.44 10.37 0.18
C TYR A 326 -8.20 9.35 -0.64
N ILE A 327 -8.92 8.47 0.04
CA ILE A 327 -9.83 7.62 -0.66
C ILE A 327 -11.10 8.45 -0.95
N LYS A 328 -11.56 8.37 -2.19
CA LYS A 328 -12.73 9.08 -2.65
C LYS A 328 -13.97 8.72 -1.79
N GLY A 329 -14.52 9.74 -1.13
CA GLY A 329 -15.71 9.58 -0.34
C GLY A 329 -15.54 8.81 0.95
N SER A 330 -14.33 8.78 1.47
CA SER A 330 -14.04 8.14 2.75
C SER A 330 -13.63 9.22 3.74
N TYR A 331 -14.30 9.25 4.91
CA TYR A 331 -13.99 10.23 5.94
C TYR A 331 -13.68 9.45 7.23
N PRO A 332 -12.58 8.71 7.22
CA PRO A 332 -12.27 7.89 8.40
C PRO A 332 -12.13 8.73 9.68
N GLN A 333 -12.41 8.14 10.82
CA GLN A 333 -12.36 8.90 12.06
C GLN A 333 -10.96 9.36 12.44
N HIS A 334 -9.99 8.49 12.20
CA HIS A 334 -8.61 8.71 12.60
C HIS A 334 -7.69 8.48 11.41
N ILE A 335 -6.55 9.14 11.42
CA ILE A 335 -5.46 8.81 10.53
C ILE A 335 -4.73 7.57 11.07
N ASN A 336 -4.38 6.64 10.21
CA ASN A 336 -3.67 5.43 10.65
C ASN A 336 -2.21 5.40 10.14
N ILE A 337 -1.33 5.87 11.02
CA ILE A 337 0.13 5.98 10.87
C ILE A 337 0.89 4.75 11.42
N SER A 338 1.49 3.97 10.53
CA SER A 338 2.33 2.83 10.88
C SER A 338 3.38 3.16 11.91
N ARG A 339 3.63 2.22 12.81
CA ARG A 339 4.69 2.39 13.83
C ARG A 339 6.03 2.60 13.12
N ASN A 340 6.18 2.07 11.90
CA ASN A 340 7.49 2.14 11.21
C ASN A 340 7.91 3.53 10.76
N PHE A 341 7.01 4.50 10.90
CA PHE A 341 7.36 5.91 10.70
C PHE A 341 8.45 6.33 11.66
N SER A 342 8.53 5.62 12.79
CA SER A 342 9.56 5.90 13.79
C SER A 342 10.96 5.52 13.32
N LYS A 343 11.10 4.86 12.17
CA LYS A 343 12.42 4.53 11.62
C LYS A 343 12.94 5.65 10.70
N LEU A 344 12.14 6.67 10.46
CA LEU A 344 12.55 7.72 9.58
C LEU A 344 13.36 8.75 10.35
N LEU A 345 14.53 8.33 10.81
CA LEU A 345 15.24 9.07 11.81
C LEU A 345 15.79 10.40 11.41
N SER A 346 15.89 10.69 10.10
CA SER A 346 16.37 11.97 9.67
C SER A 346 15.25 12.85 9.15
N LEU A 347 14.01 12.41 9.29
CA LEU A 347 12.85 13.16 8.78
C LEU A 347 12.78 14.55 9.39
N ARG A 348 12.72 15.57 8.53
CA ARG A 348 12.50 16.91 8.97
C ARG A 348 11.14 17.45 8.65
N ALA A 349 10.54 17.00 7.54
CA ALA A 349 9.25 17.49 7.14
C ALA A 349 8.37 16.38 6.63
N LEU A 350 7.17 16.30 7.20
CA LEU A 350 6.19 15.29 6.78
C LEU A 350 4.90 15.99 6.28
N HIS A 351 4.53 15.69 5.05
CA HIS A 351 3.40 16.31 4.42
C HIS A 351 2.28 15.30 4.25
N LEU A 352 1.19 15.50 4.99
CA LEU A 352 0.02 14.69 4.89
C LEU A 352 -1.22 15.56 4.57
N ARG A 353 -1.12 16.50 3.62
CA ARG A 353 -2.32 17.19 3.14
C ARG A 353 -3.26 16.17 2.57
N GLY A 354 -4.56 16.41 2.66
CA GLY A 354 -5.54 15.70 1.80
C GLY A 354 -5.53 14.21 2.01
N TYR A 355 -5.46 13.82 3.28
CA TYR A 355 -5.71 12.43 3.66
C TYR A 355 -7.18 12.27 3.97
N VAL A 356 -7.75 13.24 4.68
CA VAL A 356 -9.18 13.33 4.98
C VAL A 356 -9.53 12.40 6.16
N PHE A 357 -9.70 12.97 7.35
CA PHE A 357 -10.03 12.21 8.52
C PHE A 357 -10.57 13.16 9.56
N GLN A 358 -11.36 12.66 10.52
CA GLN A 358 -12.14 13.53 11.43
C GLN A 358 -11.38 14.10 12.60
N GLU A 359 -10.53 13.29 13.21
CA GLU A 359 -10.04 13.62 14.54
C GLU A 359 -8.57 13.23 14.70
N LEU A 360 -7.77 14.02 15.41
CA LEU A 360 -6.37 13.63 15.65
C LEU A 360 -6.16 13.39 17.15
N ARG A 361 -5.82 12.15 17.48
CA ARG A 361 -5.59 11.76 18.87
C ARG A 361 -4.11 11.61 19.07
N GLU A 362 -3.69 11.76 20.32
CA GLU A 362 -2.30 11.62 20.73
C GLU A 362 -1.72 10.28 20.26
N ASP A 363 -2.42 9.19 20.49
CA ASP A 363 -1.89 7.88 20.11
C ASP A 363 -1.65 7.69 18.59
N ASP A 364 -2.27 8.54 17.77
CA ASP A 364 -2.15 8.38 16.32
C ASP A 364 -0.82 8.93 15.81
N PHE A 365 -0.19 9.85 16.54
CA PHE A 365 1.14 10.36 16.18
C PHE A 365 2.29 9.84 17.04
N GLN A 366 2.06 8.81 17.83
CA GLN A 366 3.14 8.23 18.68
C GLN A 366 4.41 7.97 17.85
N PRO A 367 4.28 7.22 16.73
CA PRO A 367 5.40 6.89 15.85
C PRO A 367 6.31 8.04 15.44
N LEU A 368 5.80 9.28 15.48
CA LEU A 368 6.56 10.45 15.08
C LEU A 368 7.17 11.22 16.22
N MET A 369 6.80 10.88 17.45
CA MET A 369 7.18 11.70 18.62
C MET A 369 8.66 11.61 19.02
N GLN A 370 9.34 10.59 18.54
CA GLN A 370 10.76 10.43 18.82
C GLN A 370 11.65 10.70 17.63
N LEU A 371 11.10 11.24 16.54
CA LEU A 371 11.96 11.59 15.43
C LEU A 371 12.72 12.89 15.74
N PRO A 372 14.05 12.82 15.85
CA PRO A 372 14.77 13.93 16.47
C PRO A 372 14.77 15.25 15.71
N ASN A 373 14.58 15.21 14.39
CA ASN A 373 14.73 16.44 13.60
C ASN A 373 13.41 16.87 12.90
N LEU A 374 12.33 16.16 13.19
CA LEU A 374 11.05 16.46 12.59
C LEU A 374 10.65 17.89 12.98
N SER A 375 10.86 18.85 12.08
CA SER A 375 10.47 20.22 12.40
C SER A 375 9.16 20.69 11.78
N THR A 376 8.65 20.00 10.78
CA THR A 376 7.45 20.42 10.07
C THR A 376 6.45 19.31 9.90
N ILE A 377 5.23 19.56 10.39
CA ILE A 377 4.14 18.64 10.24
C ILE A 377 2.98 19.39 9.56
N ASN A 378 2.53 18.84 8.43
CA ASN A 378 1.66 19.54 7.52
C ASN A 378 0.42 18.75 7.43
N LEU A 379 -0.67 19.28 7.97
CA LEU A 379 -1.96 18.58 7.94
C LEU A 379 -3.04 19.41 7.25
N GLY A 380 -2.65 20.08 6.19
CA GLY A 380 -3.54 20.98 5.52
C GLY A 380 -4.57 20.17 4.82
N ILE A 381 -5.78 20.73 4.72
CA ILE A 381 -6.86 20.14 3.92
C ILE A 381 -7.13 18.67 4.25
N ASN A 382 -7.40 18.40 5.52
CA ASN A 382 -7.89 17.08 5.92
C ASN A 382 -9.33 17.04 6.51
N PHE A 383 -9.96 18.21 6.63
CA PHE A 383 -11.31 18.37 7.18
C PHE A 383 -11.40 17.89 8.62
N ILE A 384 -10.32 18.10 9.35
CA ILE A 384 -10.24 17.60 10.72
C ILE A 384 -11.12 18.43 11.65
N LYS A 385 -11.88 17.77 12.52
CA LYS A 385 -12.88 18.42 13.39
C LYS A 385 -12.38 18.68 14.79
N GLN A 386 -11.61 17.73 15.30
CA GLN A 386 -11.08 17.84 16.65
C GLN A 386 -9.61 17.42 16.66
N ILE A 387 -8.79 18.21 17.37
CA ILE A 387 -7.40 17.88 17.57
C ILE A 387 -7.11 17.92 19.05
N ASP A 388 -6.51 16.86 19.55
CA ASP A 388 -5.98 16.87 20.89
C ASP A 388 -4.62 17.57 20.88
N PHE A 389 -4.63 18.88 21.10
CA PHE A 389 -3.42 19.71 20.91
C PHE A 389 -2.22 19.40 21.80
N LYS A 390 -2.47 18.77 22.95
CA LYS A 390 -1.40 18.47 23.89
C LYS A 390 -0.41 17.51 23.26
N LEU A 391 -0.80 16.82 22.22
CA LEU A 391 0.10 15.88 21.57
C LEU A 391 1.34 16.55 20.94
N PHE A 392 1.25 17.84 20.64
CA PHE A 392 2.36 18.55 20.00
C PHE A 392 3.50 18.93 20.96
N GLN A 393 3.30 18.71 22.25
CA GLN A 393 4.36 18.85 23.26
C GLN A 393 5.36 17.68 23.31
N ASN A 394 4.85 16.44 23.17
CA ASN A 394 5.68 15.21 23.11
C ASN A 394 6.62 15.18 21.93
N PHE A 395 6.55 16.19 21.09
CA PHE A 395 7.50 16.31 20.02
C PHE A 395 8.72 17.02 20.47
N SER A 396 9.81 16.62 19.84
CA SER A 396 11.11 16.97 20.28
C SER A 396 11.35 18.40 19.86
N ASN A 397 11.18 18.70 18.57
CA ASN A 397 11.34 20.09 18.13
C ASN A 397 10.59 20.53 16.89
N LEU A 398 9.28 20.40 16.95
CA LEU A 398 8.40 21.03 15.99
C LEU A 398 8.59 22.52 15.98
N GLU A 399 8.90 23.05 14.81
CA GLU A 399 8.98 24.46 14.53
C GLU A 399 7.72 24.97 13.75
N ILE A 400 7.04 24.06 13.06
CA ILE A 400 5.96 24.41 12.16
C ILE A 400 4.84 23.40 12.24
N ILE A 401 3.76 23.79 12.89
CA ILE A 401 2.53 22.99 12.93
C ILE A 401 1.50 23.60 11.98
N TYR A 402 1.34 23.03 10.79
CA TYR A 402 0.48 23.59 9.75
C TYR A 402 -0.85 22.87 9.65
N LEU A 403 -1.92 23.56 10.00
CA LEU A 403 -3.22 22.95 10.14
C LEU A 403 -4.32 23.79 9.44
N SER A 404 -3.89 24.54 8.46
CA SER A 404 -4.77 25.33 7.70
C SER A 404 -5.72 24.47 7.00
N GLU A 405 -6.88 25.04 6.73
CA GLU A 405 -7.85 24.39 5.90
C GLU A 405 -8.34 23.09 6.47
N ASN A 406 -8.68 23.14 7.73
CA ASN A 406 -9.32 22.06 8.37
C ASN A 406 -10.68 22.50 8.85
N ARG A 407 -11.07 21.98 10.00
CA ARG A 407 -12.41 22.16 10.49
C ARG A 407 -12.49 22.43 11.97
N ILE A 408 -11.46 22.99 12.57
CA ILE A 408 -11.47 23.22 13.99
C ILE A 408 -12.44 24.29 14.46
N SER A 409 -12.93 24.11 15.68
CA SER A 409 -14.06 24.81 16.23
C SER A 409 -13.86 25.09 17.70
N PRO A 410 -14.66 25.94 18.29
CA PRO A 410 -14.42 26.26 19.70
C PRO A 410 -14.75 25.09 20.63
N ASP A 436 -1.46 32.04 -23.93
CA ASP A 436 -0.54 30.92 -23.70
C ASP A 436 -1.07 29.88 -22.66
N PHE A 437 -0.16 29.21 -21.96
CA PHE A 437 -0.42 27.90 -21.33
C PHE A 437 -0.66 28.02 -19.81
N GLU A 438 -1.54 27.15 -19.29
CA GLU A 438 -1.94 27.17 -17.86
C GLU A 438 -0.83 26.97 -16.82
N PHE A 439 0.07 26.01 -17.05
CA PHE A 439 1.05 25.61 -16.02
C PHE A 439 2.44 26.09 -16.33
N ASP A 440 3.15 26.50 -15.26
CA ASP A 440 4.46 27.06 -15.39
C ASP A 440 5.37 25.88 -15.60
N PRO A 441 5.95 25.80 -16.78
CA PRO A 441 6.92 24.71 -17.01
C PRO A 441 8.17 24.74 -16.14
N HIS A 442 8.43 25.79 -15.36
CA HIS A 442 9.62 25.82 -14.50
C HIS A 442 9.30 25.58 -13.03
N SER A 443 8.09 25.10 -12.73
CA SER A 443 7.61 24.97 -11.34
C SER A 443 7.12 23.57 -11.11
N ASN A 444 7.00 23.18 -9.84
CA ASN A 444 6.49 21.87 -9.49
C ASN A 444 5.05 21.82 -10.02
N PHE A 445 4.60 20.68 -10.54
CA PHE A 445 3.25 20.57 -11.10
C PHE A 445 2.21 20.11 -10.07
N TYR A 446 2.65 19.39 -9.04
CA TYR A 446 1.73 18.80 -8.05
C TYR A 446 1.57 19.61 -6.77
N HIS A 447 2.36 20.67 -6.59
CA HIS A 447 2.13 21.61 -5.48
C HIS A 447 2.90 22.88 -5.65
N PHE A 448 2.46 23.90 -4.94
CA PHE A 448 3.16 25.14 -4.81
C PHE A 448 4.40 24.93 -3.93
N THR A 449 5.47 25.67 -4.23
CA THR A 449 6.73 25.52 -3.54
C THR A 449 7.00 26.64 -2.52
N ARG A 450 6.11 27.60 -2.39
CA ARG A 450 6.24 28.60 -1.35
C ARG A 450 6.28 28.00 0.07
N PRO A 451 6.74 28.82 1.03
CA PRO A 451 6.76 28.35 2.40
C PRO A 451 5.39 28.22 2.97
N LEU A 452 5.23 27.31 3.95
CA LEU A 452 3.95 27.07 4.56
C LEU A 452 3.50 28.27 5.37
N ILE A 453 4.39 28.76 6.22
CA ILE A 453 4.14 29.95 7.04
C ILE A 453 5.06 30.98 6.44
N LYS A 454 4.66 32.24 6.48
CA LYS A 454 5.53 33.34 6.06
C LYS A 454 6.81 33.38 6.88
N PRO A 455 7.96 33.56 6.21
CA PRO A 455 9.23 33.55 6.90
C PRO A 455 9.29 34.58 8.01
N GLN A 456 8.74 35.75 7.76
CA GLN A 456 8.84 36.81 8.77
C GLN A 456 8.11 36.44 10.08
N CYS A 457 7.19 35.49 10.00
CA CYS A 457 6.44 35.06 11.13
C CYS A 457 7.12 33.86 11.74
N ALA A 458 7.53 32.90 10.92
CA ALA A 458 8.28 31.70 11.43
C ALA A 458 9.60 32.03 12.09
N ALA A 459 10.26 33.08 11.64
CA ALA A 459 11.56 33.48 12.20
C ALA A 459 11.52 33.73 13.72
N TYR A 460 10.36 34.09 14.26
CA TYR A 460 10.22 34.41 15.70
C TYR A 460 10.22 33.17 16.56
N GLY A 461 9.96 32.01 15.99
CA GLY A 461 9.93 30.78 16.80
C GLY A 461 8.81 29.86 16.38
N LYS A 462 8.38 28.97 17.29
CA LYS A 462 7.42 27.91 16.97
C LYS A 462 6.14 28.49 16.35
N ALA A 463 5.59 27.77 15.37
CA ALA A 463 4.56 28.34 14.54
C ALA A 463 3.39 27.42 14.37
N LEU A 464 2.20 28.03 14.46
CA LEU A 464 0.95 27.30 14.41
C LEU A 464 -0.05 28.03 13.51
N ASP A 465 -0.51 27.34 12.49
CA ASP A 465 -1.32 27.97 11.49
C ASP A 465 -2.61 27.25 11.52
N LEU A 466 -3.65 27.96 11.98
CA LEU A 466 -4.99 27.45 11.98
C LEU A 466 -5.84 28.32 11.07
N SER A 467 -5.25 28.88 10.04
CA SER A 467 -6.01 29.62 9.09
C SER A 467 -7.05 28.76 8.38
N LEU A 468 -8.08 29.43 7.85
CA LEU A 468 -9.15 28.78 7.12
C LEU A 468 -9.75 27.58 7.86
N ASN A 469 -9.97 27.75 9.15
CA ASN A 469 -10.71 26.77 9.96
C ASN A 469 -12.09 27.36 10.32
N SER A 470 -12.72 26.91 11.40
CA SER A 470 -14.02 27.48 11.77
C SER A 470 -14.01 27.85 13.26
N ILE A 471 -12.95 28.52 13.66
CA ILE A 471 -12.82 29.00 15.02
C ILE A 471 -13.47 30.40 15.06
N PHE A 472 -14.81 30.44 15.01
CA PHE A 472 -15.57 31.71 14.88
C PHE A 472 -15.53 32.53 16.17
N PHE A 473 -15.16 31.89 17.26
CA PHE A 473 -14.72 32.60 18.44
C PHE A 473 -13.71 31.73 19.19
N ILE A 474 -12.80 32.40 19.88
CA ILE A 474 -11.81 31.69 20.65
C ILE A 474 -12.42 31.43 22.02
N GLY A 475 -12.68 30.15 22.28
CA GLY A 475 -13.14 29.72 23.58
C GLY A 475 -12.03 29.88 24.61
N PRO A 476 -12.41 29.79 25.89
CA PRO A 476 -11.47 30.04 26.98
C PRO A 476 -10.38 28.97 27.13
N ASN A 477 -10.62 27.76 26.65
CA ASN A 477 -9.62 26.69 26.63
C ASN A 477 -9.16 26.31 25.21
N GLN A 478 -9.21 27.28 24.29
CA GLN A 478 -8.90 27.00 22.90
C GLN A 478 -7.44 26.67 22.70
N PHE A 479 -6.57 27.22 23.55
CA PHE A 479 -5.13 27.05 23.39
C PHE A 479 -4.39 26.33 24.49
N GLU A 480 -5.07 25.86 25.53
CA GLU A 480 -4.34 25.20 26.62
C GLU A 480 -3.59 23.99 26.10
N ASN A 481 -2.45 23.72 26.73
CA ASN A 481 -1.61 22.58 26.39
C ASN A 481 -0.93 22.71 25.05
N LEU A 482 -0.67 23.94 24.64
CA LEU A 482 0.07 24.12 23.41
C LEU A 482 1.51 24.37 23.79
N PRO A 483 2.38 24.23 22.82
CA PRO A 483 3.77 24.59 22.99
C PRO A 483 3.85 26.10 23.03
N ASP A 484 4.98 26.65 23.44
CA ASP A 484 5.08 28.07 23.57
C ASP A 484 5.16 28.57 22.16
N ILE A 485 4.08 29.17 21.70
CA ILE A 485 3.93 29.55 20.32
C ILE A 485 4.34 30.97 20.14
N ALA A 486 5.12 31.24 19.13
CA ALA A 486 5.56 32.59 18.87
C ALA A 486 4.96 33.20 17.59
N CYS A 487 4.46 32.34 16.70
CA CYS A 487 3.90 32.77 15.42
C CYS A 487 2.60 32.01 15.29
N LEU A 488 1.49 32.76 15.17
CA LEU A 488 0.14 32.19 15.18
C LEU A 488 -0.66 32.75 14.05
N ASN A 489 -1.26 31.88 13.26
CA ASN A 489 -2.11 32.31 12.18
C ASN A 489 -3.57 31.97 12.48
N LEU A 490 -4.43 32.99 12.54
CA LEU A 490 -5.87 32.75 12.70
C LEU A 490 -6.68 33.42 11.58
N SER A 491 -6.05 33.57 10.43
CA SER A 491 -6.67 34.22 9.30
C SER A 491 -7.88 33.47 8.88
N ALA A 492 -8.87 34.20 8.37
CA ALA A 492 -9.97 33.57 7.64
C ALA A 492 -10.68 32.49 8.45
N ASN A 493 -10.94 32.76 9.72
CA ASN A 493 -11.74 31.89 10.56
C ASN A 493 -13.14 32.42 10.84
N SER A 494 -13.53 33.47 10.12
CA SER A 494 -14.76 34.20 10.44
C SER A 494 -14.92 34.46 11.96
N ASN A 495 -13.86 34.93 12.62
CA ASN A 495 -13.91 35.22 14.06
C ASN A 495 -14.56 36.57 14.27
N ALA A 496 -15.56 36.60 15.13
CA ALA A 496 -16.45 37.75 15.30
C ALA A 496 -16.46 38.21 16.72
N GLN A 497 -15.50 37.77 17.51
CA GLN A 497 -15.63 37.99 18.92
C GLN A 497 -15.08 39.34 19.34
N VAL A 498 -15.44 39.69 20.56
CA VAL A 498 -14.81 40.76 21.29
C VAL A 498 -13.64 40.16 22.08
N LEU A 499 -12.47 40.25 21.48
CA LEU A 499 -11.22 39.99 22.18
C LEU A 499 -11.10 40.94 23.36
N SER A 500 -10.74 40.42 24.51
CA SER A 500 -10.83 41.19 25.76
C SER A 500 -9.65 41.04 26.68
N GLY A 501 -8.54 40.44 26.24
CA GLY A 501 -7.32 40.45 27.04
C GLY A 501 -7.06 39.18 27.82
N THR A 502 -7.84 38.13 27.57
CA THR A 502 -7.62 36.79 28.16
C THR A 502 -7.61 35.60 27.17
N GLU A 503 -8.01 35.82 25.91
CA GLU A 503 -8.14 34.72 24.97
C GLU A 503 -6.82 34.02 24.59
N PHE A 504 -5.70 34.74 24.69
CA PHE A 504 -4.40 34.19 24.32
C PHE A 504 -3.50 33.96 25.52
N SER A 505 -4.08 33.88 26.72
CA SER A 505 -3.25 33.85 27.93
C SER A 505 -2.51 32.53 28.11
N ALA A 506 -3.00 31.46 27.53
CA ALA A 506 -2.27 30.18 27.53
C ALA A 506 -1.11 30.09 26.48
N ILE A 507 -0.99 31.07 25.58
CA ILE A 507 0.17 31.20 24.70
C ILE A 507 0.58 32.67 24.67
N PRO A 508 0.96 33.20 25.81
CA PRO A 508 1.21 34.61 26.02
C PRO A 508 2.45 35.18 25.36
N HIS A 509 3.26 34.35 24.71
CA HIS A 509 4.49 34.86 24.10
C HIS A 509 4.41 35.09 22.59
N VAL A 510 3.21 35.04 22.00
CA VAL A 510 3.12 35.18 20.53
C VAL A 510 3.75 36.49 20.15
N LYS A 511 4.57 36.50 19.10
CA LYS A 511 5.24 37.73 18.66
C LYS A 511 4.76 38.26 17.32
N TYR A 512 4.18 37.36 16.51
CA TYR A 512 3.59 37.70 15.21
C TYR A 512 2.21 37.09 15.20
N LEU A 513 1.18 37.90 15.08
CA LEU A 513 -0.18 37.33 15.11
C LEU A 513 -0.93 37.78 13.88
N ASP A 514 -1.45 36.83 13.12
CA ASP A 514 -2.19 37.11 11.88
C ASP A 514 -3.67 36.86 12.16
N LEU A 515 -4.47 37.93 12.14
CA LEU A 515 -5.93 37.82 12.37
C LEU A 515 -6.66 38.37 11.15
N THR A 516 -6.03 38.22 10.01
CA THR A 516 -6.56 38.79 8.79
C THR A 516 -7.85 38.09 8.39
N ASN A 517 -8.64 38.75 7.55
CA ASN A 517 -9.81 38.17 6.90
C ASN A 517 -10.73 37.54 7.91
N ASN A 518 -10.89 38.20 9.04
CA ASN A 518 -11.90 37.82 10.02
C ASN A 518 -12.99 38.92 10.07
N ARG A 519 -13.78 38.96 11.15
CA ARG A 519 -14.77 40.02 11.30
C ARG A 519 -14.86 40.50 12.71
N LEU A 520 -13.71 40.78 13.27
CA LEU A 520 -13.63 41.07 14.67
C LEU A 520 -14.48 42.31 15.08
N ASP A 521 -14.91 42.30 16.31
CA ASP A 521 -15.79 43.30 16.88
C ASP A 521 -14.97 43.99 17.93
N PHE A 522 -14.49 45.19 17.61
CA PHE A 522 -13.51 45.82 18.48
C PHE A 522 -14.18 46.60 19.58
N ASP A 523 -14.59 45.87 20.62
CA ASP A 523 -15.39 46.46 21.65
C ASP A 523 -14.86 46.29 23.07
N ASN A 524 -13.57 46.02 23.24
CA ASN A 524 -12.94 46.07 24.55
C ASN A 524 -11.50 46.53 24.38
N ALA A 525 -11.16 47.57 25.11
CA ALA A 525 -9.88 48.27 25.03
C ALA A 525 -8.67 47.46 25.52
N SER A 526 -8.91 46.36 26.20
CA SER A 526 -7.84 45.49 26.68
C SER A 526 -7.57 44.30 25.73
N ALA A 527 -8.20 44.29 24.56
CA ALA A 527 -8.03 43.20 23.57
C ALA A 527 -6.53 43.02 23.23
N LEU A 528 -6.08 41.78 23.21
CA LEU A 528 -4.71 41.41 22.84
C LEU A 528 -3.59 41.82 23.82
N THR A 529 -3.93 42.48 24.94
CA THR A 529 -2.90 43.07 25.79
C THR A 529 -2.24 42.04 26.68
N GLU A 530 -2.77 40.85 26.71
CA GLU A 530 -2.06 39.74 27.38
C GLU A 530 -0.80 39.30 26.60
N LEU A 531 -0.65 39.76 25.34
CA LEU A 531 0.55 39.49 24.54
C LEU A 531 1.57 40.59 24.69
N SER A 532 2.31 40.60 25.80
CA SER A 532 3.23 41.75 26.02
C SER A 532 4.43 41.71 25.09
N ASP A 533 4.76 40.54 24.60
CA ASP A 533 5.87 40.43 23.68
C ASP A 533 5.49 40.66 22.23
N LEU A 534 4.26 41.11 21.96
CA LEU A 534 3.78 41.21 20.57
C LEU A 534 4.57 42.20 19.74
N GLU A 535 5.03 41.78 18.57
CA GLU A 535 5.80 42.69 17.70
C GLU A 535 5.20 42.98 16.34
N VAL A 536 4.50 41.99 15.76
CA VAL A 536 3.77 42.18 14.51
C VAL A 536 2.32 41.75 14.67
N LEU A 537 1.42 42.65 14.31
CA LEU A 537 -0.03 42.34 14.40
C LEU A 537 -0.67 42.71 13.09
N ASP A 538 -1.30 41.70 12.45
CA ASP A 538 -2.02 41.92 11.17
C ASP A 538 -3.53 41.77 11.37
N LEU A 539 -4.21 42.91 11.24
CA LEU A 539 -5.67 42.99 11.32
C LEU A 539 -6.31 43.36 9.99
N SER A 540 -5.61 43.16 8.87
CA SER A 540 -6.15 43.42 7.52
C SER A 540 -7.48 42.68 7.26
N TYR A 541 -8.36 43.26 6.44
CA TYR A 541 -9.64 42.64 6.01
C TYR A 541 -10.45 42.14 7.19
N ASN A 542 -10.67 43.04 8.18
CA ASN A 542 -11.68 42.81 9.22
C ASN A 542 -12.68 43.94 9.11
N SER A 543 -13.06 44.27 7.88
CA SER A 543 -13.89 45.46 7.71
C SER A 543 -15.34 45.30 8.21
N HIS A 544 -15.77 44.07 8.43
CA HIS A 544 -17.17 43.73 8.71
C HIS A 544 -17.88 44.72 9.68
N TYR A 545 -17.44 44.77 10.93
CA TYR A 545 -18.01 45.71 11.87
C TYR A 545 -17.51 47.12 11.68
N PHE A 546 -16.34 47.31 11.05
CA PHE A 546 -15.81 48.64 10.92
C PHE A 546 -16.73 49.43 10.02
N ARG A 547 -17.34 48.79 9.03
CA ARG A 547 -18.19 49.58 8.13
C ARG A 547 -19.56 49.98 8.69
N ILE A 548 -19.92 49.48 9.86
CA ILE A 548 -21.18 49.82 10.52
C ILE A 548 -21.06 50.92 11.61
N ALA A 549 -21.58 52.09 11.27
CA ALA A 549 -21.54 53.29 12.14
C ALA A 549 -22.04 53.03 13.54
N GLY A 550 -23.12 52.27 13.63
CA GLY A 550 -23.81 52.04 14.90
C GLY A 550 -23.16 51.07 15.89
N VAL A 551 -22.10 50.38 15.48
CA VAL A 551 -21.40 49.56 16.45
C VAL A 551 -20.14 50.26 16.81
N THR A 552 -19.57 49.87 17.95
CA THR A 552 -18.44 50.56 18.54
C THR A 552 -17.15 50.03 17.93
N HIS A 553 -16.13 50.90 17.87
CA HIS A 553 -14.80 50.49 17.44
C HIS A 553 -13.71 51.10 18.32
N HIS A 554 -13.16 50.29 19.19
CA HIS A 554 -12.16 50.71 20.15
C HIS A 554 -10.78 50.20 19.74
N LEU A 555 -9.89 51.11 19.31
CA LEU A 555 -8.49 50.76 18.98
C LEU A 555 -7.44 51.18 20.05
N GLU A 556 -7.89 51.43 21.27
CA GLU A 556 -7.04 51.96 22.32
C GLU A 556 -5.90 50.98 22.71
N PHE A 557 -6.13 49.68 22.57
CA PHE A 557 -5.14 48.66 22.91
C PHE A 557 -3.79 48.79 22.23
N ILE A 558 -3.76 49.48 21.10
CA ILE A 558 -2.51 49.67 20.39
C ILE A 558 -1.47 50.18 21.41
N GLN A 559 -1.83 51.20 22.19
CA GLN A 559 -0.88 51.80 23.16
C GLN A 559 -0.23 50.87 24.18
N ASN A 560 -0.86 49.75 24.54
CA ASN A 560 -0.35 48.92 25.63
C ASN A 560 0.84 48.06 25.32
N PHE A 561 1.38 48.15 24.13
CA PHE A 561 2.42 47.21 23.74
C PHE A 561 3.80 47.83 23.84
N THR A 562 4.67 47.26 24.67
CA THR A 562 5.98 47.86 24.81
C THR A 562 6.82 47.61 23.56
N ASN A 563 6.62 46.46 22.87
CA ASN A 563 7.47 46.04 21.73
C ASN A 563 6.79 45.98 20.35
N LEU A 564 5.68 46.67 20.18
CA LEU A 564 4.92 46.54 18.94
C LEU A 564 5.59 47.30 17.83
N LYS A 565 6.04 46.58 16.82
CA LYS A 565 6.79 47.21 15.71
C LYS A 565 5.96 47.41 14.47
N VAL A 566 5.21 46.37 14.06
CA VAL A 566 4.43 46.46 12.82
C VAL A 566 2.93 46.25 13.00
N LEU A 567 2.15 47.19 12.49
CA LEU A 567 0.68 47.10 12.64
C LEU A 567 0.00 47.25 11.29
N ASN A 568 -0.79 46.25 10.90
CA ASN A 568 -1.45 46.34 9.61
C ASN A 568 -2.99 46.44 9.79
N LEU A 569 -3.54 47.61 9.47
CA LEU A 569 -4.99 47.84 9.55
C LEU A 569 -5.62 48.01 8.17
N SER A 570 -4.94 47.49 7.13
CA SER A 570 -5.35 47.71 5.72
C SER A 570 -6.74 47.12 5.42
N HIS A 571 -7.47 47.81 4.55
CA HIS A 571 -8.71 47.28 3.97
C HIS A 571 -9.76 46.95 4.98
N ASN A 572 -9.86 47.82 5.97
CA ASN A 572 -10.81 47.68 7.02
C ASN A 572 -11.93 48.71 6.88
N ASN A 573 -11.88 49.59 5.89
CA ASN A 573 -12.93 50.60 5.71
C ASN A 573 -13.13 51.42 7.01
N ILE A 574 -12.03 51.77 7.67
CA ILE A 574 -12.12 52.46 8.93
C ILE A 574 -12.53 53.90 8.68
N TYR A 575 -13.68 54.27 9.25
CA TYR A 575 -14.16 55.61 9.13
C TYR A 575 -14.72 56.26 10.39
N THR A 576 -14.90 55.49 11.46
CA THR A 576 -15.39 56.04 12.72
C THR A 576 -14.83 55.23 13.87
N LEU A 577 -14.46 55.91 14.94
CA LEU A 577 -14.02 55.25 16.19
C LEU A 577 -14.79 55.78 17.40
N THR A 578 -14.82 55.02 18.47
CA THR A 578 -15.54 55.36 19.69
C THR A 578 -14.62 56.02 20.76
N ASP A 579 -15.03 57.19 21.28
CA ASP A 579 -14.41 57.78 22.50
C ASP A 579 -13.01 58.33 22.21
N LYS A 580 -12.05 57.45 21.90
CA LYS A 580 -10.70 57.83 21.54
C LYS A 580 -10.47 57.72 20.03
N TYR A 581 -10.05 58.84 19.48
CA TYR A 581 -9.95 59.07 18.06
C TYR A 581 -8.54 58.99 17.56
N ASN A 582 -7.61 58.73 18.48
CA ASN A 582 -6.18 58.76 18.18
C ASN A 582 -5.50 57.43 18.31
N LEU A 583 -4.56 57.15 17.40
CA LEU A 583 -3.72 55.97 17.54
C LEU A 583 -2.46 56.41 18.24
N GLU A 584 -2.00 55.57 19.17
CA GLU A 584 -0.86 55.90 20.01
C GLU A 584 -0.10 54.64 20.32
N SER A 585 1.22 54.74 20.18
CA SER A 585 2.17 53.71 20.54
C SER A 585 3.49 54.36 20.76
N LYS A 586 4.21 53.89 21.76
CA LYS A 586 5.59 54.33 21.90
C LYS A 586 6.55 53.49 21.05
N SER A 587 6.20 52.23 20.77
CA SER A 587 7.12 51.36 19.99
C SER A 587 6.95 51.47 18.48
N LEU A 588 5.71 51.62 18.02
CA LEU A 588 5.38 51.35 16.63
C LEU A 588 6.26 52.04 15.59
N VAL A 589 6.79 51.20 14.72
CA VAL A 589 7.67 51.62 13.64
C VAL A 589 6.92 51.72 12.31
N GLU A 590 6.08 50.73 12.04
CA GLU A 590 5.29 50.69 10.77
C GLU A 590 3.79 50.64 11.01
N LEU A 591 3.07 51.53 10.34
CA LEU A 591 1.61 51.41 10.29
C LEU A 591 1.14 51.36 8.87
N VAL A 592 0.36 50.32 8.56
CA VAL A 592 -0.30 50.22 7.25
C VAL A 592 -1.78 50.58 7.42
N PHE A 593 -2.20 51.66 6.74
CA PHE A 593 -3.57 52.16 6.85
C PHE A 593 -4.26 52.27 5.50
N SER A 594 -3.75 51.54 4.51
CA SER A 594 -4.37 51.52 3.17
C SER A 594 -5.78 50.97 3.19
N GLY A 595 -6.59 51.41 2.24
CA GLY A 595 -7.91 50.83 2.08
C GLY A 595 -8.84 51.18 3.24
N ASN A 596 -8.71 52.39 3.82
CA ASN A 596 -9.63 52.85 4.84
C ASN A 596 -10.23 54.13 4.34
N ARG A 597 -10.91 54.91 5.21
CA ARG A 597 -11.64 56.09 4.76
C ARG A 597 -11.16 57.38 5.40
N LEU A 598 -9.88 57.69 5.24
CA LEU A 598 -9.33 58.97 5.68
C LEU A 598 -10.08 60.13 5.09
N ASP A 599 -10.66 59.92 3.92
CA ASP A 599 -11.47 60.96 3.30
C ASP A 599 -12.60 61.40 4.25
N ILE A 600 -13.19 60.45 4.96
CA ILE A 600 -14.24 60.77 5.92
C ILE A 600 -13.61 61.24 7.24
N LEU A 601 -12.61 60.54 7.71
CA LEU A 601 -12.01 60.85 9.01
C LEU A 601 -11.50 62.28 9.04
N TRP A 602 -10.93 62.74 7.94
CA TRP A 602 -10.38 64.09 7.85
C TRP A 602 -11.27 64.98 7.00
N ASN A 603 -12.56 64.70 6.92
CA ASN A 603 -13.31 65.61 6.10
C ASN A 603 -13.38 66.96 6.82
N ASP A 604 -13.80 67.99 6.09
CA ASP A 604 -13.59 69.38 6.49
C ASP A 604 -14.48 69.82 7.64
N ASP A 605 -15.60 69.12 7.83
CA ASP A 605 -16.60 69.44 8.82
C ASP A 605 -16.41 68.73 10.17
N ASP A 606 -15.34 67.95 10.29
CA ASP A 606 -15.05 67.13 11.48
C ASP A 606 -13.59 67.33 11.87
N ASN A 607 -13.31 67.61 13.14
CA ASN A 607 -11.89 67.76 13.53
C ASN A 607 -11.38 66.70 14.49
N ARG A 608 -12.21 65.72 14.82
CA ARG A 608 -11.87 64.80 15.89
C ARG A 608 -10.68 63.92 15.54
N TYR A 609 -10.37 63.81 14.25
CA TYR A 609 -9.34 62.85 13.83
C TYR A 609 -8.09 63.55 13.29
N ILE A 610 -7.97 64.83 13.57
CA ILE A 610 -6.96 65.66 12.97
C ILE A 610 -5.55 65.27 13.43
N SER A 611 -5.43 64.49 14.52
CA SER A 611 -4.13 64.01 15.05
C SER A 611 -4.11 62.51 15.19
N ILE A 612 -4.96 61.82 14.43
CA ILE A 612 -5.14 60.37 14.55
C ILE A 612 -3.81 59.58 14.59
N PHE A 613 -2.78 60.06 13.92
CA PHE A 613 -1.47 59.38 13.89
C PHE A 613 -0.35 60.07 14.69
N LYS A 614 -0.62 61.28 15.20
CA LYS A 614 0.43 62.03 15.94
C LYS A 614 1.05 61.26 17.09
N GLY A 615 0.27 60.42 17.77
CA GLY A 615 0.75 59.73 18.96
C GLY A 615 1.55 58.49 18.66
N LEU A 616 1.93 58.34 17.40
CA LEU A 616 2.80 57.25 17.00
C LEU A 616 4.18 57.92 16.88
N LYS A 617 4.86 58.03 18.01
CA LYS A 617 6.03 58.91 18.16
C LYS A 617 7.28 58.32 17.53
N ASN A 618 7.38 57.00 17.58
CA ASN A 618 8.45 56.26 16.94
C ASN A 618 8.25 55.91 15.44
N LEU A 619 7.14 56.29 14.83
CA LEU A 619 6.82 55.78 13.47
C LEU A 619 7.75 56.29 12.39
N THR A 620 8.32 55.35 11.63
CA THR A 620 9.09 55.67 10.42
C THR A 620 8.39 55.37 9.09
N ARG A 621 7.50 54.38 9.06
CA ARG A 621 6.82 54.00 7.80
C ARG A 621 5.29 54.15 7.91
N LEU A 622 4.67 54.84 6.96
CA LEU A 622 3.23 55.07 7.01
C LEU A 622 2.64 54.98 5.61
N ASP A 623 1.64 54.12 5.45
CA ASP A 623 0.92 53.90 4.18
C ASP A 623 -0.51 54.33 4.31
N LEU A 624 -0.79 55.40 3.63
CA LEU A 624 -2.08 55.97 3.48
C LEU A 624 -2.63 55.77 2.06
N SER A 625 -2.17 54.73 1.35
CA SER A 625 -2.69 54.48 -0.02
C SER A 625 -4.16 54.13 0.06
N LEU A 626 -4.89 54.36 -1.02
CA LEU A 626 -6.25 53.81 -1.16
C LEU A 626 -7.14 54.29 -0.01
N ASN A 627 -7.10 55.57 0.34
CA ASN A 627 -8.09 56.14 1.28
C ASN A 627 -9.02 57.21 0.66
N ARG A 628 -9.06 57.26 -0.67
CA ARG A 628 -9.93 58.18 -1.42
C ARG A 628 -9.76 59.64 -1.05
N LEU A 629 -8.54 59.98 -0.65
CA LEU A 629 -8.19 61.35 -0.33
C LEU A 629 -8.17 62.25 -1.56
N LYS A 630 -9.05 63.24 -1.60
CA LYS A 630 -8.99 64.33 -2.61
C LYS A 630 -8.12 65.51 -2.17
N HIS A 631 -7.96 65.65 -0.85
CA HIS A 631 -7.18 66.72 -0.25
C HIS A 631 -6.93 66.35 1.21
N ILE A 632 -5.75 66.70 1.70
CA ILE A 632 -5.42 66.57 3.12
C ILE A 632 -5.44 67.94 3.79
N PRO A 633 -6.18 68.07 4.92
CA PRO A 633 -6.05 69.35 5.62
C PRO A 633 -4.62 69.56 6.08
N ASN A 634 -4.13 70.78 5.89
CA ASN A 634 -2.78 71.16 6.33
C ASN A 634 -2.46 70.77 7.78
N GLU A 635 -3.40 71.00 8.71
CA GLU A 635 -3.19 70.63 10.11
C GLU A 635 -3.07 69.11 10.29
N ALA A 636 -3.83 68.36 9.49
CA ALA A 636 -3.79 66.89 9.58
C ALA A 636 -2.48 66.42 9.02
N PHE A 637 -2.05 67.05 7.94
CA PHE A 637 -0.71 66.70 7.41
C PHE A 637 0.44 67.01 8.41
N LEU A 638 0.45 68.21 9.00
CA LEU A 638 1.50 68.60 9.98
C LEU A 638 1.44 67.77 11.25
N ASN A 639 0.27 67.20 11.55
CA ASN A 639 0.15 66.24 12.65
C ASN A 639 0.66 64.80 12.40
N LEU A 640 1.22 64.52 11.23
CA LEU A 640 1.84 63.20 11.00
C LEU A 640 3.18 63.20 11.73
N PRO A 641 3.59 62.04 12.26
CA PRO A 641 4.78 62.02 13.11
C PRO A 641 6.02 62.60 12.42
N ALA A 642 6.65 63.53 13.12
CA ALA A 642 7.87 64.18 12.63
C ALA A 642 8.99 63.17 12.34
N SER A 643 8.96 62.02 13.01
CA SER A 643 9.91 60.96 12.83
C SER A 643 9.78 60.09 11.55
N LEU A 644 8.84 60.40 10.66
CA LEU A 644 8.67 59.58 9.44
C LEU A 644 9.86 59.61 8.51
N THR A 645 10.25 58.44 8.00
CA THR A 645 11.19 58.36 6.89
C THR A 645 10.51 57.99 5.58
N GLU A 646 9.40 57.24 5.65
CA GLU A 646 8.78 56.68 4.46
C GLU A 646 7.27 56.91 4.53
N LEU A 647 6.75 57.70 3.60
CA LEU A 647 5.36 58.06 3.57
C LEU A 647 4.72 57.72 2.22
N HIS A 648 3.60 56.98 2.26
CA HIS A 648 2.93 56.63 1.03
C HIS A 648 1.53 57.17 1.01
N ILE A 649 1.20 57.91 -0.04
CA ILE A 649 -0.13 58.41 -0.24
C ILE A 649 -0.53 58.13 -1.69
N ASN A 650 -0.11 56.97 -2.22
CA ASN A 650 -0.40 56.65 -3.61
C ASN A 650 -1.81 56.15 -3.79
N ASP A 651 -2.32 56.27 -5.02
CA ASP A 651 -3.65 55.74 -5.40
C ASP A 651 -4.76 56.31 -4.52
N ASN A 652 -4.77 57.62 -4.49
CA ASN A 652 -5.84 58.38 -3.88
C ASN A 652 -6.36 59.19 -5.01
N MET A 653 -6.94 60.35 -4.73
CA MET A 653 -7.30 61.27 -5.79
C MET A 653 -6.83 62.70 -5.49
N LEU A 654 -5.60 62.83 -4.99
CA LEU A 654 -5.10 64.15 -4.55
C LEU A 654 -4.88 65.09 -5.71
N LYS A 655 -5.66 66.17 -5.73
CA LYS A 655 -5.53 67.23 -6.71
C LYS A 655 -4.40 68.21 -6.37
N PHE A 656 -4.10 68.36 -5.09
CA PHE A 656 -3.13 69.35 -4.64
C PHE A 656 -2.27 68.72 -3.56
N PHE A 657 -1.00 69.10 -3.55
CA PHE A 657 -0.13 68.67 -2.45
C PHE A 657 0.64 69.88 -1.93
N ASN A 658 0.52 70.13 -0.64
CA ASN A 658 1.19 71.25 -0.03
C ASN A 658 2.65 70.91 0.29
N TRP A 659 3.55 71.33 -0.60
CA TRP A 659 4.97 70.97 -0.48
C TRP A 659 5.70 71.70 0.66
N THR A 660 5.34 72.96 0.88
CA THR A 660 5.72 73.71 2.09
C THR A 660 5.83 72.84 3.32
N LEU A 661 4.87 71.92 3.51
CA LEU A 661 4.73 71.26 4.79
C LEU A 661 5.78 70.24 5.06
N LEU A 662 6.60 69.95 4.05
CA LEU A 662 7.71 69.05 4.24
C LEU A 662 8.79 69.65 5.15
N GLN A 663 8.82 70.98 5.35
CA GLN A 663 9.66 71.56 6.44
C GLN A 663 9.58 70.73 7.72
N GLN A 664 8.36 70.27 8.10
CA GLN A 664 8.15 69.58 9.40
C GLN A 664 8.66 68.14 9.37
N PHE A 665 9.34 67.72 8.29
CA PHE A 665 9.69 66.31 8.12
C PHE A 665 11.14 66.10 7.67
N PRO A 666 12.08 66.34 8.60
CA PRO A 666 13.51 66.39 8.30
C PRO A 666 14.20 65.04 8.15
N ARG A 667 13.50 63.95 8.48
CA ARG A 667 14.02 62.59 8.23
C ARG A 667 13.38 61.91 7.00
N LEU A 668 12.51 62.65 6.31
CA LEU A 668 11.68 62.08 5.25
C LEU A 668 12.52 61.74 4.04
N GLU A 669 12.81 60.46 3.89
CA GLU A 669 13.54 59.96 2.72
C GLU A 669 12.66 59.61 1.49
N LEU A 670 11.53 58.94 1.71
CA LEU A 670 10.68 58.44 0.63
C LEU A 670 9.28 59.07 0.73
N LEU A 671 8.88 59.72 -0.33
CA LEU A 671 7.57 60.22 -0.42
C LEU A 671 6.93 59.66 -1.72
N ASP A 672 5.78 58.97 -1.58
CA ASP A 672 5.09 58.30 -2.73
C ASP A 672 3.70 58.89 -3.00
N LEU A 673 3.59 59.63 -4.09
CA LEU A 673 2.32 60.22 -4.49
C LEU A 673 1.84 59.65 -5.81
N ARG A 674 2.30 58.45 -6.15
CA ARG A 674 1.88 57.84 -7.43
C ARG A 674 0.38 57.68 -7.45
N GLY A 675 -0.22 57.87 -8.60
CA GLY A 675 -1.61 57.47 -8.77
C GLY A 675 -2.53 58.44 -8.06
N ASN A 676 -2.37 59.72 -8.40
CA ASN A 676 -3.23 60.76 -7.92
C ASN A 676 -3.58 61.62 -9.08
N LYS A 677 -4.02 62.86 -8.80
CA LYS A 677 -4.37 63.84 -9.83
C LYS A 677 -3.59 65.14 -9.68
N LEU A 678 -2.34 65.05 -9.27
CA LEU A 678 -1.52 66.26 -9.05
C LEU A 678 -1.24 67.00 -10.34
N LEU A 679 -1.58 68.28 -10.36
CA LEU A 679 -1.33 69.18 -11.49
C LEU A 679 0.00 69.92 -11.46
N PHE A 680 0.72 69.97 -10.34
CA PHE A 680 2.02 70.68 -10.34
C PHE A 680 2.90 70.54 -9.11
N LEU A 681 4.18 70.78 -9.33
CA LEU A 681 5.19 70.80 -8.28
C LEU A 681 5.46 72.22 -7.84
N THR A 682 6.11 72.37 -6.70
CA THR A 682 6.47 73.69 -6.18
C THR A 682 7.73 74.26 -6.88
N ASP A 683 7.94 75.56 -6.74
CA ASP A 683 9.08 76.26 -7.33
C ASP A 683 10.35 76.04 -6.57
N SER A 684 10.26 75.94 -5.26
CA SER A 684 11.48 76.02 -4.48
C SER A 684 11.62 74.90 -3.47
N LEU A 685 11.76 73.68 -3.98
CA LEU A 685 11.60 72.48 -3.14
C LEU A 685 12.69 72.28 -2.11
N SER A 686 13.91 72.75 -2.38
CA SER A 686 15.02 72.73 -1.38
C SER A 686 14.72 73.56 -0.15
N ASP A 687 13.80 74.51 -0.29
CA ASP A 687 13.35 75.32 0.86
C ASP A 687 12.61 74.48 1.90
N PHE A 688 12.17 73.28 1.49
CA PHE A 688 11.22 72.49 2.27
C PHE A 688 11.75 71.12 2.74
N THR A 689 12.75 70.58 2.07
CA THR A 689 13.34 69.32 2.54
C THR A 689 14.79 69.29 2.16
N SER A 690 15.58 68.63 3.00
CA SER A 690 16.99 68.35 2.70
C SER A 690 17.29 66.85 2.83
N SER A 691 16.26 66.06 3.12
CA SER A 691 16.40 64.63 3.36
C SER A 691 15.90 63.72 2.20
N LEU A 692 15.03 64.24 1.35
CA LEU A 692 14.28 63.43 0.37
C LEU A 692 15.18 62.74 -0.66
N ARG A 693 15.30 61.41 -0.55
CA ARG A 693 16.02 60.60 -1.55
C ARG A 693 15.17 60.11 -2.73
N THR A 694 13.90 59.78 -2.46
CA THR A 694 13.04 59.17 -3.48
C THR A 694 11.71 59.88 -3.54
N LEU A 695 11.38 60.38 -4.72
CA LEU A 695 10.10 61.00 -4.93
C LEU A 695 9.42 60.26 -6.09
N LEU A 696 8.25 59.67 -5.81
CA LEU A 696 7.53 58.86 -6.79
C LEU A 696 6.29 59.62 -7.17
N LEU A 697 6.26 60.10 -8.41
CA LEU A 697 5.14 60.87 -8.93
C LEU A 697 4.42 60.28 -10.17
N SER A 698 4.61 59.00 -10.46
CA SER A 698 4.00 58.41 -11.67
C SER A 698 2.47 58.48 -11.67
N HIS A 699 1.88 58.57 -12.86
CA HIS A 699 0.42 58.61 -12.95
C HIS A 699 -0.10 59.75 -12.13
N ASN A 700 0.20 60.95 -12.62
CA ASN A 700 -0.34 62.16 -12.06
C ASN A 700 -0.59 63.03 -13.25
N ARG A 701 -0.98 64.28 -13.06
CA ARG A 701 -1.33 65.17 -14.17
C ARG A 701 -0.34 66.32 -14.38
N ILE A 702 0.91 66.10 -14.03
CA ILE A 702 1.92 67.16 -14.11
C ILE A 702 2.31 67.42 -15.58
N SER A 703 2.10 68.65 -16.07
CA SER A 703 2.43 69.02 -17.46
C SER A 703 3.64 69.95 -17.68
N HIS A 704 4.15 70.54 -16.60
CA HIS A 704 5.23 71.52 -16.66
C HIS A 704 6.17 71.29 -15.48
N LEU A 705 7.46 71.25 -15.75
CA LEU A 705 8.45 71.09 -14.72
C LEU A 705 9.03 72.44 -14.32
N PRO A 706 9.21 72.67 -13.00
CA PRO A 706 9.67 73.98 -12.58
C PRO A 706 11.18 74.17 -12.73
N SER A 707 11.59 75.41 -12.97
CA SER A 707 13.00 75.78 -13.18
C SER A 707 13.93 75.06 -12.22
N GLY A 708 14.95 74.43 -12.78
CA GLY A 708 15.95 73.73 -11.99
C GLY A 708 15.53 72.51 -11.20
N PHE A 709 14.30 72.04 -11.38
CA PHE A 709 13.79 70.94 -10.56
C PHE A 709 14.71 69.70 -10.49
N LEU A 710 15.38 69.36 -11.59
CA LEU A 710 16.17 68.14 -11.67
C LEU A 710 17.42 68.14 -10.82
N SER A 711 17.81 69.32 -10.34
CA SER A 711 18.98 69.46 -9.47
C SER A 711 18.62 70.26 -8.23
N GLU A 712 17.33 70.47 -8.03
CA GLU A 712 16.81 71.42 -7.04
C GLU A 712 17.10 71.00 -5.62
N VAL A 713 17.05 69.69 -5.35
CA VAL A 713 17.10 69.19 -3.97
C VAL A 713 18.39 68.42 -3.62
N SER A 714 18.92 67.65 -4.55
CA SER A 714 20.29 67.15 -4.40
C SER A 714 20.51 66.11 -3.27
N SER A 715 19.56 65.95 -2.35
CA SER A 715 19.48 64.66 -1.62
C SER A 715 18.87 63.53 -2.49
N LEU A 716 18.10 63.93 -3.49
CA LEU A 716 17.27 63.08 -4.31
C LEU A 716 18.05 62.25 -5.31
N LYS A 717 18.04 60.93 -5.10
CA LYS A 717 18.56 59.96 -6.06
C LYS A 717 17.52 59.52 -7.08
N HIS A 718 16.27 59.28 -6.66
CA HIS A 718 15.25 58.69 -7.55
C HIS A 718 14.08 59.65 -7.75
N LEU A 719 13.89 60.10 -8.99
CA LEU A 719 12.76 60.93 -9.31
C LEU A 719 11.97 60.17 -10.38
N ASP A 720 10.70 59.87 -10.07
CA ASP A 720 9.81 59.14 -10.98
C ASP A 720 8.72 60.06 -11.43
N LEU A 721 8.81 60.47 -12.69
CA LEU A 721 7.80 61.30 -13.34
C LEU A 721 7.12 60.55 -14.48
N SER A 722 7.16 59.22 -14.47
CA SER A 722 6.53 58.44 -15.57
C SER A 722 4.98 58.58 -15.59
N SER A 723 4.40 58.40 -16.75
CA SER A 723 2.97 58.55 -16.94
C SER A 723 2.43 59.84 -16.32
N ASN A 724 2.96 60.96 -16.78
CA ASN A 724 2.37 62.24 -16.49
C ASN A 724 2.01 62.88 -17.83
N LEU A 725 2.02 64.21 -17.93
CA LEU A 725 1.53 64.90 -19.12
C LEU A 725 2.57 65.87 -19.69
N LEU A 726 3.84 65.61 -19.38
CA LEU A 726 4.96 66.40 -19.88
C LEU A 726 5.07 66.33 -21.39
N LYS A 727 5.01 67.47 -22.05
CA LYS A 727 5.21 67.52 -23.48
C LYS A 727 6.69 67.68 -23.83
N THR A 728 7.47 68.30 -22.96
CA THR A 728 8.88 68.54 -23.22
C THR A 728 9.48 68.98 -21.90
N ILE A 729 10.80 69.21 -21.87
CA ILE A 729 11.47 69.75 -20.68
C ILE A 729 12.32 70.96 -21.09
N ASN A 730 11.78 72.15 -20.81
CA ASN A 730 12.36 73.45 -21.22
C ASN A 730 13.80 73.63 -20.70
N LYS A 731 14.58 74.44 -21.40
CA LYS A 731 15.88 74.93 -20.90
C LYS A 731 15.90 75.39 -19.42
N SER A 732 14.87 76.15 -19.03
CA SER A 732 14.81 76.72 -17.66
C SER A 732 14.73 75.61 -16.59
N ALA A 733 14.18 74.47 -16.98
CA ALA A 733 14.10 73.30 -16.10
C ALA A 733 15.48 72.68 -15.78
N LEU A 734 16.48 72.94 -16.62
CA LEU A 734 17.80 72.34 -16.43
C LEU A 734 18.86 73.32 -15.92
N GLU A 735 18.47 74.59 -15.72
CA GLU A 735 19.33 75.61 -15.15
C GLU A 735 19.61 75.27 -13.68
N THR A 736 20.88 74.98 -13.36
CA THR A 736 21.40 75.05 -11.98
C THR A 736 22.89 75.33 -11.90
N LYS A 737 23.32 75.76 -10.72
CA LYS A 737 24.72 75.88 -10.35
C LYS A 737 25.16 74.72 -9.47
N THR A 738 24.19 74.03 -8.84
CA THR A 738 24.47 72.77 -8.11
C THR A 738 24.67 71.63 -9.09
N THR A 739 25.54 70.70 -8.71
CA THR A 739 25.63 69.42 -9.40
C THR A 739 24.42 68.59 -8.98
N THR A 740 23.79 67.92 -9.95
CA THR A 740 22.68 66.99 -9.63
C THR A 740 23.23 65.65 -9.10
N LYS A 741 22.69 65.15 -8.00
CA LYS A 741 23.09 63.82 -7.50
C LYS A 741 22.10 62.69 -7.85
N LEU A 742 21.09 63.03 -8.67
CA LEU A 742 20.12 62.09 -9.27
C LEU A 742 20.80 60.94 -10.02
N SER A 743 20.38 59.71 -9.76
CA SER A 743 20.91 58.54 -10.48
C SER A 743 19.84 57.69 -11.20
N MET A 744 18.56 58.06 -11.04
CA MET A 744 17.50 57.42 -11.79
C MET A 744 16.37 58.37 -11.98
N LEU A 745 16.08 58.67 -13.23
CA LEU A 745 15.02 59.60 -13.61
C LEU A 745 14.11 58.83 -14.52
N GLU A 746 12.83 58.72 -14.15
CA GLU A 746 11.85 57.93 -14.90
C GLU A 746 10.87 58.82 -15.67
N LEU A 747 10.76 58.59 -16.97
CA LEU A 747 9.96 59.48 -17.83
C LEU A 747 9.06 58.76 -18.82
N HIS A 748 9.13 57.43 -18.89
CA HIS A 748 8.29 56.70 -19.85
C HIS A 748 6.85 57.08 -19.61
N GLY A 749 6.08 57.17 -20.70
CA GLY A 749 4.65 57.43 -20.61
C GLY A 749 4.20 58.87 -20.65
N ASN A 750 5.10 59.81 -20.94
CA ASN A 750 4.72 61.20 -21.14
C ASN A 750 4.59 61.51 -22.63
N PRO A 751 3.61 62.34 -23.01
CA PRO A 751 3.40 62.57 -24.41
C PRO A 751 4.39 63.61 -24.96
N PHE A 752 5.64 63.22 -25.17
CA PHE A 752 6.65 64.20 -25.56
C PHE A 752 6.40 64.74 -26.95
N GLU A 753 6.76 66.01 -27.14
CA GLU A 753 6.81 66.65 -28.46
C GLU A 753 8.20 66.48 -28.98
N CYS A 754 8.33 65.88 -30.15
CA CYS A 754 9.64 65.64 -30.71
C CYS A 754 9.93 66.59 -31.86
N THR A 755 9.83 67.87 -31.53
CA THR A 755 10.24 68.95 -32.41
C THR A 755 11.71 69.17 -32.09
N CYS A 756 12.34 70.13 -32.76
CA CYS A 756 13.79 70.28 -32.65
C CYS A 756 14.23 70.80 -31.27
N ASP A 757 13.28 71.28 -30.46
CA ASP A 757 13.65 71.87 -29.18
C ASP A 757 13.60 70.89 -27.97
N ILE A 758 13.35 69.60 -28.21
CA ILE A 758 13.69 68.55 -27.25
C ILE A 758 15.22 68.39 -27.22
N GLY A 759 15.91 69.08 -28.13
CA GLY A 759 17.35 69.01 -28.22
C GLY A 759 18.06 69.31 -26.92
N ASP A 760 17.53 70.26 -26.18
CA ASP A 760 18.22 70.67 -24.96
C ASP A 760 18.23 69.54 -23.95
N PHE A 761 17.08 68.89 -23.77
CA PHE A 761 17.03 67.73 -22.89
C PHE A 761 17.82 66.52 -23.41
N ARG A 762 17.82 66.33 -24.72
CA ARG A 762 18.67 65.33 -25.32
C ARG A 762 20.13 65.57 -24.99
N ARG A 763 20.55 66.84 -24.98
CA ARG A 763 21.93 67.22 -24.67
C ARG A 763 22.21 66.95 -23.20
N TRP A 764 21.31 67.38 -22.33
CA TRP A 764 21.44 67.10 -20.90
C TRP A 764 21.60 65.59 -20.63
N MET A 765 20.75 64.77 -21.26
CA MET A 765 20.88 63.31 -21.19
C MET A 765 22.28 62.90 -21.63
N ASP A 766 22.70 63.35 -22.82
CA ASP A 766 24.06 63.07 -23.37
C ASP A 766 25.16 63.49 -22.38
N GLU A 767 24.94 64.61 -21.68
CA GLU A 767 25.89 65.11 -20.68
C GLU A 767 25.79 64.41 -19.30
N HIS A 768 24.60 63.90 -18.94
CA HIS A 768 24.43 63.26 -17.62
C HIS A 768 24.15 61.76 -17.65
N LEU A 769 25.19 60.99 -17.90
CA LEU A 769 25.10 59.56 -18.18
C LEU A 769 25.14 58.70 -16.91
N ASN A 770 25.38 59.34 -15.78
CA ASN A 770 25.22 58.73 -14.46
C ASN A 770 23.74 58.63 -14.09
N VAL A 771 22.90 59.47 -14.72
CA VAL A 771 21.47 59.52 -14.43
C VAL A 771 20.79 58.47 -15.27
N LYS A 772 20.45 57.34 -14.66
CA LYS A 772 19.82 56.31 -15.44
C LYS A 772 18.37 56.68 -15.80
N ILE A 773 18.05 56.55 -17.07
CA ILE A 773 16.68 56.63 -17.56
C ILE A 773 16.28 55.26 -18.10
N PRO A 774 15.53 54.46 -17.30
CA PRO A 774 15.17 53.12 -17.78
C PRO A 774 14.05 53.17 -18.82
N ARG A 775 13.99 52.14 -19.66
CA ARG A 775 12.88 51.93 -20.55
C ARG A 775 12.80 52.96 -21.65
N LEU A 776 13.94 53.28 -22.22
CA LEU A 776 13.99 54.32 -23.23
C LEU A 776 13.03 54.05 -24.41
N VAL A 777 12.83 52.77 -24.76
CA VAL A 777 11.81 52.40 -25.78
C VAL A 777 10.42 52.96 -25.51
N ASP A 778 10.12 53.23 -24.24
CA ASP A 778 8.80 53.71 -23.85
C ASP A 778 8.75 55.18 -23.57
N VAL A 779 9.90 55.85 -23.53
CA VAL A 779 9.97 57.31 -23.53
C VAL A 779 9.69 57.84 -24.95
N ILE A 780 8.40 57.98 -25.27
CA ILE A 780 7.92 58.03 -26.64
C ILE A 780 7.39 59.38 -27.04
N CYS A 781 7.63 59.72 -28.31
CA CYS A 781 7.10 60.92 -28.93
C CYS A 781 5.61 60.73 -29.18
N ALA A 782 4.82 61.67 -28.68
CA ALA A 782 3.44 61.74 -29.04
C ALA A 782 3.26 62.57 -30.31
N SER A 783 4.27 63.34 -30.70
CA SER A 783 4.13 64.23 -31.84
C SER A 783 5.48 64.78 -32.29
N PRO A 784 5.56 65.27 -33.53
CA PRO A 784 4.46 65.24 -34.49
C PRO A 784 4.24 63.84 -35.03
N GLY A 785 3.07 63.58 -35.62
CA GLY A 785 2.84 62.32 -36.34
C GLY A 785 4.04 62.10 -37.24
N ASP A 786 4.42 60.86 -37.52
CA ASP A 786 5.67 60.60 -38.25
C ASP A 786 6.88 60.76 -37.34
N GLN A 787 6.68 61.24 -36.13
CA GLN A 787 7.60 60.98 -35.03
C GLN A 787 6.91 60.08 -34.00
N ARG A 788 5.62 59.81 -34.23
CA ARG A 788 4.77 59.10 -33.27
C ARG A 788 5.22 57.66 -33.03
N GLY A 789 5.24 57.25 -31.76
CA GLY A 789 5.64 55.90 -31.37
C GLY A 789 7.13 55.68 -31.20
N LYS A 790 7.94 56.62 -31.69
CA LYS A 790 9.39 56.48 -31.62
C LYS A 790 9.94 57.02 -30.31
N SER A 791 11.00 56.39 -29.81
CA SER A 791 11.64 56.83 -28.60
C SER A 791 12.24 58.21 -28.82
N ILE A 792 12.01 59.13 -27.89
CA ILE A 792 12.55 60.48 -28.00
C ILE A 792 14.04 60.47 -28.33
N VAL A 793 14.71 59.37 -28.07
CA VAL A 793 16.14 59.27 -28.25
C VAL A 793 16.58 59.09 -29.73
N SER A 794 15.64 59.19 -30.67
CA SER A 794 15.94 59.12 -32.07
C SER A 794 15.74 60.46 -32.81
N LEU A 795 16.47 60.59 -33.92
CA LEU A 795 16.28 61.61 -34.97
C LEU A 795 16.88 62.99 -34.66
N GLU A 796 17.44 63.63 -35.69
CA GLU A 796 17.89 65.03 -35.69
C GLU A 796 18.52 65.53 -34.39
N SER B 9 -33.35 70.71 -34.82
CA SER B 9 -31.94 70.34 -35.18
C SER B 9 -31.33 69.38 -34.14
N ARG B 10 -30.04 69.56 -33.83
CA ARG B 10 -29.31 68.77 -32.83
C ARG B 10 -28.79 69.75 -31.77
N SER B 11 -29.39 69.75 -30.59
CA SER B 11 -29.06 70.77 -29.58
C SER B 11 -27.64 70.59 -29.03
N TYR B 12 -26.98 71.71 -28.74
CA TYR B 12 -25.67 71.75 -28.09
C TYR B 12 -25.65 73.01 -27.20
N PRO B 13 -25.04 72.96 -26.01
CA PRO B 13 -24.27 71.82 -25.51
C PRO B 13 -25.11 70.83 -24.71
N CYS B 14 -26.36 71.20 -24.41
CA CYS B 14 -27.25 70.36 -23.63
C CYS B 14 -27.87 69.27 -24.52
N ASP B 15 -28.39 68.23 -23.89
CA ASP B 15 -29.29 67.27 -24.53
C ASP B 15 -30.70 67.69 -24.16
N GLU B 16 -31.47 68.10 -25.16
CA GLU B 16 -32.82 68.60 -24.96
C GLU B 16 -33.78 67.53 -25.42
N LYS B 17 -34.91 67.37 -24.73
CA LYS B 17 -35.97 66.46 -25.14
C LYS B 17 -37.29 66.85 -24.44
N LYS B 18 -38.43 66.39 -24.95
CA LYS B 18 -39.76 66.92 -24.54
C LYS B 18 -40.70 65.93 -23.85
N GLN B 19 -41.35 66.40 -22.79
CA GLN B 19 -42.25 65.59 -21.96
C GLN B 19 -43.60 66.32 -21.79
N ASN B 20 -44.68 65.69 -22.27
CA ASN B 20 -46.05 66.22 -22.13
C ASN B 20 -46.15 67.75 -22.29
N VAL B 23 -40.68 70.08 -21.96
CA VAL B 23 -39.37 70.21 -22.63
C VAL B 23 -38.19 70.54 -21.69
N ILE B 24 -37.18 69.69 -21.71
CA ILE B 24 -36.18 69.58 -20.65
C ILE B 24 -34.81 69.52 -21.29
N ALA B 25 -33.94 70.43 -20.87
CA ALA B 25 -32.57 70.52 -21.37
C ALA B 25 -31.61 70.08 -20.28
N GLU B 26 -31.21 68.82 -20.28
CA GLU B 26 -30.24 68.39 -19.27
C GLU B 26 -28.85 68.72 -19.71
N CYS B 27 -28.23 69.61 -18.95
CA CYS B 27 -26.99 70.25 -19.36
C CYS B 27 -25.95 70.09 -18.29
N SER B 28 -26.12 69.07 -17.45
CA SER B 28 -25.30 68.92 -16.27
C SER B 28 -23.99 68.24 -16.58
N ASN B 29 -23.01 68.50 -15.71
CA ASN B 29 -21.72 67.83 -15.74
C ASN B 29 -21.01 67.92 -17.08
N ARG B 30 -21.03 69.10 -17.66
CA ARG B 30 -20.50 69.34 -19.01
C ARG B 30 -19.30 70.29 -19.07
N ARG B 31 -18.63 70.52 -17.94
CA ARG B 31 -17.47 71.42 -17.86
C ARG B 31 -17.73 72.87 -18.33
N LEU B 32 -18.98 73.31 -18.25
CA LEU B 32 -19.40 74.62 -18.73
C LEU B 32 -18.85 75.73 -17.84
N GLN B 33 -18.31 76.77 -18.47
CA GLN B 33 -17.66 77.89 -17.78
C GLN B 33 -18.64 79.01 -17.45
N GLU B 34 -19.73 79.06 -18.21
CA GLU B 34 -20.78 80.04 -17.98
C GLU B 34 -22.07 79.49 -18.56
N VAL B 35 -23.16 80.18 -18.35
CA VAL B 35 -24.44 79.70 -18.84
C VAL B 35 -24.44 79.70 -20.37
N PRO B 36 -24.53 78.51 -21.01
CA PRO B 36 -24.45 78.49 -22.45
C PRO B 36 -25.59 79.33 -23.01
N GLN B 37 -25.35 80.04 -24.12
CA GLN B 37 -26.36 80.94 -24.68
C GLN B 37 -27.16 80.29 -25.80
N THR B 38 -26.78 79.08 -26.17
CA THR B 38 -27.33 78.38 -27.32
C THR B 38 -28.47 77.42 -26.95
N VAL B 39 -29.03 77.60 -25.76
CA VAL B 39 -30.09 76.73 -25.30
C VAL B 39 -31.34 76.97 -26.14
N GLY B 40 -32.17 75.94 -26.26
CA GLY B 40 -33.46 76.08 -26.96
C GLY B 40 -34.37 77.12 -26.34
N LYS B 41 -35.38 77.55 -27.09
CA LYS B 41 -36.23 78.64 -26.63
C LYS B 41 -37.44 78.11 -25.89
N TYR B 42 -38.02 77.02 -26.39
CA TYR B 42 -39.16 76.36 -25.72
C TYR B 42 -38.76 75.39 -24.58
N VAL B 43 -37.60 75.62 -23.96
CA VAL B 43 -37.17 74.82 -22.82
C VAL B 43 -37.82 75.30 -21.53
N THR B 44 -38.42 74.35 -20.79
CA THR B 44 -39.10 74.66 -19.53
C THR B 44 -38.19 74.39 -18.31
N GLU B 45 -37.45 73.28 -18.35
CA GLU B 45 -36.65 72.83 -17.21
C GLU B 45 -35.18 72.72 -17.62
N LEU B 46 -34.34 73.63 -17.13
CA LEU B 46 -32.92 73.55 -17.44
C LEU B 46 -32.18 73.01 -16.22
N ASP B 47 -31.21 72.15 -16.46
CA ASP B 47 -30.39 71.61 -15.38
C ASP B 47 -28.95 71.88 -15.74
N LEU B 48 -28.35 72.86 -15.08
CA LEU B 48 -26.93 73.15 -15.21
C LEU B 48 -26.07 72.68 -14.04
N SER B 49 -26.60 71.74 -13.26
CA SER B 49 -25.89 71.21 -12.09
C SER B 49 -24.51 70.68 -12.46
N ASP B 50 -23.54 70.88 -11.58
CA ASP B 50 -22.21 70.28 -11.68
C ASP B 50 -21.35 70.81 -12.82
N ASN B 51 -21.65 71.99 -13.31
CA ASN B 51 -20.74 72.62 -14.28
C ASN B 51 -19.70 73.49 -13.56
N PHE B 52 -18.93 74.28 -14.29
CA PHE B 52 -17.95 75.19 -13.67
C PHE B 52 -18.36 76.67 -13.74
N ILE B 53 -19.66 76.97 -13.61
CA ILE B 53 -20.13 78.36 -13.73
C ILE B 53 -19.75 79.15 -12.48
N THR B 54 -19.13 80.31 -12.68
CA THR B 54 -18.72 81.18 -11.56
C THR B 54 -19.63 82.39 -11.33
N HIS B 55 -20.43 82.76 -12.33
CA HIS B 55 -21.15 84.06 -12.32
C HIS B 55 -22.53 83.98 -12.98
N ILE B 56 -23.56 84.43 -12.29
CA ILE B 56 -24.91 84.57 -12.87
C ILE B 56 -25.36 86.05 -12.82
N THR B 57 -25.80 86.58 -13.96
CA THR B 57 -26.25 87.99 -14.06
C THR B 57 -27.62 88.03 -14.71
N ASN B 58 -28.18 89.24 -14.87
CA ASN B 58 -29.49 89.41 -15.51
C ASN B 58 -29.47 89.08 -17.00
N GLU B 59 -28.28 88.82 -17.53
CA GLU B 59 -28.12 88.41 -18.93
C GLU B 59 -27.88 86.93 -19.13
N SER B 60 -27.77 86.15 -18.05
CA SER B 60 -27.33 84.77 -18.22
C SER B 60 -28.42 83.91 -18.83
N PHE B 61 -29.67 84.24 -18.52
CA PHE B 61 -30.81 83.56 -19.11
C PHE B 61 -31.70 84.56 -19.86
N GLN B 62 -31.15 85.30 -20.82
CA GLN B 62 -31.89 86.43 -21.39
C GLN B 62 -33.14 86.08 -22.21
N GLY B 63 -33.03 85.09 -23.11
CA GLY B 63 -34.11 84.82 -24.05
C GLY B 63 -34.89 83.55 -23.81
N LEU B 64 -35.12 83.23 -22.54
CA LEU B 64 -35.73 81.95 -22.19
C LEU B 64 -36.80 82.16 -21.15
N GLN B 65 -37.77 83.03 -21.42
CA GLN B 65 -38.77 83.39 -20.40
C GLN B 65 -39.82 82.27 -20.25
N ASN B 66 -39.62 81.14 -20.92
CA ASN B 66 -40.46 79.96 -20.72
C ASN B 66 -39.85 78.91 -19.75
N LEU B 67 -38.84 79.30 -18.97
CA LEU B 67 -38.21 78.40 -17.99
C LEU B 67 -38.97 78.40 -16.67
N THR B 68 -39.49 77.23 -16.28
CA THR B 68 -40.13 77.06 -14.98
C THR B 68 -39.20 76.38 -13.95
N LYS B 69 -38.05 75.87 -14.39
CA LYS B 69 -37.17 75.13 -13.49
C LYS B 69 -35.72 75.32 -13.91
N ILE B 70 -34.91 75.81 -12.99
CA ILE B 70 -33.47 75.90 -13.16
C ILE B 70 -32.80 75.17 -12.01
N ASN B 71 -31.76 74.40 -12.33
CA ASN B 71 -30.93 73.74 -11.34
C ASN B 71 -29.49 74.11 -11.53
N LEU B 72 -28.95 74.89 -10.60
CA LEU B 72 -27.56 75.28 -10.65
C LEU B 72 -26.75 74.65 -9.54
N ASN B 73 -27.32 73.65 -8.89
CA ASN B 73 -26.64 72.88 -7.85
C ASN B 73 -25.20 72.52 -8.20
N HIS B 74 -24.31 72.65 -7.21
CA HIS B 74 -22.87 72.33 -7.31
C HIS B 74 -22.12 73.02 -8.46
N ASN B 75 -22.21 74.35 -8.49
CA ASN B 75 -21.42 75.20 -9.37
C ASN B 75 -20.59 76.18 -8.53
N PRO B 76 -19.27 76.17 -8.65
CA PRO B 76 -18.53 75.42 -9.63
C PRO B 76 -17.82 74.25 -8.98
N ASN B 77 -18.09 73.03 -9.44
CA ASN B 77 -17.54 71.88 -8.75
C ASN B 77 -16.11 71.52 -9.20
N VAL B 78 -15.55 70.48 -8.58
CA VAL B 78 -14.16 70.04 -8.81
C VAL B 78 -14.07 68.51 -8.70
N GLY B 91 -16.70 80.14 -5.04
CA GLY B 91 -18.14 80.39 -4.85
C GLY B 91 -18.89 80.96 -6.07
N LEU B 92 -20.15 80.56 -6.24
CA LEU B 92 -21.05 81.13 -7.27
C LEU B 92 -21.53 82.58 -6.96
N ASN B 93 -21.19 83.53 -7.83
CA ASN B 93 -21.62 84.92 -7.70
C ASN B 93 -22.92 85.21 -8.44
N ILE B 94 -23.95 85.62 -7.71
CA ILE B 94 -25.24 85.99 -8.30
C ILE B 94 -25.62 87.45 -7.96
N THR B 95 -25.68 88.30 -8.98
CA THR B 95 -26.03 89.71 -8.78
C THR B 95 -27.54 89.82 -8.51
N ASP B 96 -27.96 90.90 -7.83
CA ASP B 96 -29.36 91.06 -7.43
C ASP B 96 -30.24 91.05 -8.66
N GLY B 97 -31.42 90.48 -8.55
CA GLY B 97 -32.33 90.45 -9.68
C GLY B 97 -31.87 89.69 -10.93
N ALA B 98 -30.73 89.01 -10.85
CA ALA B 98 -30.32 88.16 -11.96
C ALA B 98 -31.51 87.36 -12.52
N PHE B 99 -32.30 86.78 -11.62
CA PHE B 99 -33.39 85.89 -11.99
C PHE B 99 -34.69 86.64 -12.17
N LEU B 100 -34.65 87.96 -11.98
CA LEU B 100 -35.87 88.73 -11.78
C LEU B 100 -36.73 88.75 -13.03
N ASN B 101 -36.10 88.68 -14.19
CA ASN B 101 -36.86 88.70 -15.44
C ASN B 101 -37.64 87.42 -15.78
N LEU B 102 -37.27 86.29 -15.19
CA LEU B 102 -37.86 85.00 -15.58
C LEU B 102 -39.26 84.88 -15.00
N LYS B 103 -40.24 85.13 -15.85
CA LYS B 103 -41.60 85.37 -15.40
C LYS B 103 -42.36 84.11 -15.04
N ASN B 104 -41.86 82.95 -15.45
CA ASN B 104 -42.54 81.70 -15.08
C ASN B 104 -41.78 80.84 -14.08
N LEU B 105 -40.62 81.31 -13.60
CA LEU B 105 -39.72 80.46 -12.80
C LEU B 105 -40.32 80.08 -11.46
N ARG B 106 -40.53 78.77 -11.28
CA ARG B 106 -41.18 78.27 -10.08
C ARG B 106 -40.22 77.46 -9.18
N GLU B 107 -39.28 76.72 -9.77
CA GLU B 107 -38.39 75.89 -9.00
C GLU B 107 -36.97 76.30 -9.29
N LEU B 108 -36.30 76.77 -8.25
CA LEU B 108 -34.94 77.22 -8.33
C LEU B 108 -34.09 76.46 -7.31
N LEU B 109 -33.10 75.71 -7.79
CA LEU B 109 -32.28 74.85 -6.92
C LEU B 109 -30.87 75.42 -6.90
N LEU B 110 -30.42 75.91 -5.76
CA LEU B 110 -29.11 76.57 -5.71
C LEU B 110 -28.24 75.95 -4.62
N GLU B 111 -28.22 74.62 -4.58
CA GLU B 111 -27.58 73.89 -3.51
C GLU B 111 -26.08 73.83 -3.71
N ASP B 112 -25.33 73.83 -2.60
CA ASP B 112 -23.91 73.52 -2.65
C ASP B 112 -23.16 74.52 -3.52
N ASN B 113 -23.35 75.80 -3.26
CA ASN B 113 -22.83 76.86 -4.09
C ASN B 113 -22.00 77.88 -3.32
N GLN B 114 -21.60 77.54 -2.10
CA GLN B 114 -20.93 78.48 -1.19
C GLN B 114 -21.59 79.88 -1.09
N LEU B 115 -22.92 79.95 -1.18
CA LEU B 115 -23.61 81.22 -1.13
C LEU B 115 -23.50 81.81 0.28
N PRO B 116 -23.12 83.11 0.38
CA PRO B 116 -22.96 83.77 1.69
C PRO B 116 -24.23 84.43 2.25
N GLN B 117 -25.19 84.70 1.37
CA GLN B 117 -26.49 85.24 1.77
C GLN B 117 -27.54 84.69 0.82
N ILE B 118 -28.80 84.75 1.23
CA ILE B 118 -29.90 84.47 0.33
C ILE B 118 -29.89 85.57 -0.72
N PRO B 119 -29.72 85.23 -2.00
CA PRO B 119 -29.67 86.23 -3.08
C PRO B 119 -30.86 87.19 -3.11
N SER B 120 -30.60 88.45 -3.45
CA SER B 120 -31.64 89.47 -3.47
C SER B 120 -32.34 89.43 -4.81
N GLY B 121 -33.61 89.77 -4.83
CA GLY B 121 -34.32 89.98 -6.07
C GLY B 121 -34.66 88.68 -6.75
N LEU B 122 -35.12 87.71 -5.96
CA LEU B 122 -35.62 86.49 -6.56
C LEU B 122 -37.04 86.78 -6.96
N PRO B 123 -37.49 86.21 -8.07
CA PRO B 123 -38.82 86.41 -8.66
C PRO B 123 -40.02 86.01 -7.79
N GLU B 124 -41.02 86.88 -7.73
CA GLU B 124 -42.24 86.61 -6.98
C GLU B 124 -42.93 85.31 -7.43
N SER B 125 -42.55 84.79 -8.61
CA SER B 125 -43.10 83.53 -9.12
C SER B 125 -42.69 82.24 -8.37
N LEU B 126 -41.51 82.23 -7.73
CA LEU B 126 -40.96 81.03 -7.10
C LEU B 126 -41.92 80.32 -6.14
N THR B 127 -42.11 79.04 -6.40
CA THR B 127 -42.82 78.11 -5.52
C THR B 127 -41.87 77.16 -4.73
N GLU B 128 -40.66 76.96 -5.24
CA GLU B 128 -39.72 75.99 -4.67
C GLU B 128 -38.34 76.61 -4.74
N LEU B 129 -37.67 76.70 -3.59
CA LEU B 129 -36.35 77.30 -3.50
C LEU B 129 -35.47 76.47 -2.58
N SER B 130 -34.45 75.82 -3.14
CA SER B 130 -33.56 75.01 -2.34
C SER B 130 -32.28 75.74 -2.26
N LEU B 131 -31.77 75.86 -1.05
CA LEU B 131 -30.51 76.53 -0.79
C LEU B 131 -29.67 75.70 0.17
N ILE B 132 -29.74 74.37 -0.01
CA ILE B 132 -29.12 73.42 0.89
C ILE B 132 -27.63 73.53 0.71
N GLN B 133 -26.87 73.26 1.78
CA GLN B 133 -25.40 73.14 1.72
C GLN B 133 -24.72 74.41 1.20
N ASN B 134 -25.13 75.56 1.70
CA ASN B 134 -24.46 76.83 1.38
C ASN B 134 -23.78 77.42 2.65
N ASN B 135 -23.47 78.72 2.62
CA ASN B 135 -22.94 79.42 3.78
C ASN B 135 -23.85 80.52 4.32
N ILE B 136 -25.14 80.23 4.37
CA ILE B 136 -26.14 81.21 4.76
C ILE B 136 -26.52 81.10 6.25
N TYR B 137 -26.25 82.19 6.99
CA TYR B 137 -26.50 82.30 8.42
C TYR B 137 -27.51 83.40 8.79
N ASN B 138 -27.93 84.22 7.82
CA ASN B 138 -28.90 85.29 8.07
C ASN B 138 -30.14 85.02 7.25
N ILE B 139 -31.20 84.47 7.83
CA ILE B 139 -32.46 84.36 7.10
C ILE B 139 -33.25 85.65 7.28
N THR B 140 -33.58 86.29 6.16
CA THR B 140 -33.88 87.73 6.11
C THR B 140 -35.14 88.03 5.28
N LYS B 141 -35.90 89.03 5.72
CA LYS B 141 -37.05 89.52 4.95
C LYS B 141 -36.71 90.04 3.54
N GLU B 142 -35.70 90.89 3.42
CA GLU B 142 -35.26 91.38 2.12
C GLU B 142 -35.12 90.24 1.11
N GLY B 143 -34.67 89.08 1.60
CA GLY B 143 -34.44 87.92 0.76
C GLY B 143 -35.69 87.09 0.52
N ILE B 144 -36.46 86.84 1.58
CA ILE B 144 -37.53 85.82 1.56
C ILE B 144 -38.95 86.40 1.56
N SER B 145 -39.19 87.49 2.29
CA SER B 145 -40.56 87.97 2.52
C SER B 145 -41.37 88.33 1.26
N ARG B 146 -40.65 88.66 0.18
CA ARG B 146 -41.27 88.92 -1.11
C ARG B 146 -41.91 87.67 -1.76
N LEU B 147 -41.48 86.47 -1.35
CA LEU B 147 -41.77 85.25 -2.11
C LEU B 147 -43.06 84.57 -1.63
N ILE B 148 -44.17 85.26 -1.79
CA ILE B 148 -45.43 84.84 -1.18
C ILE B 148 -46.12 83.65 -1.88
N ASN B 149 -45.60 83.22 -3.01
CA ASN B 149 -46.01 81.95 -3.63
C ASN B 149 -45.20 80.69 -3.18
N LEU B 150 -44.23 80.86 -2.27
CA LEU B 150 -43.37 79.75 -1.89
C LEU B 150 -44.20 78.68 -1.24
N LYS B 151 -43.98 77.45 -1.71
CA LYS B 151 -44.62 76.25 -1.15
C LYS B 151 -43.57 75.41 -0.40
N ASN B 152 -42.42 75.17 -1.03
CA ASN B 152 -41.32 74.53 -0.33
C ASN B 152 -40.08 75.43 -0.28
N LEU B 153 -39.49 75.53 0.91
CA LEU B 153 -38.20 76.21 1.09
C LEU B 153 -37.24 75.31 1.86
N TYR B 154 -36.07 75.07 1.28
CA TYR B 154 -35.11 74.14 1.85
C TYR B 154 -33.90 74.97 2.18
N LEU B 155 -33.51 74.93 3.45
CA LEU B 155 -32.40 75.74 3.95
C LEU B 155 -31.43 74.92 4.80
N ALA B 156 -31.50 73.59 4.70
CA ALA B 156 -30.75 72.72 5.58
C ALA B 156 -29.28 72.79 5.35
N TRP B 157 -28.52 72.33 6.32
CA TRP B 157 -27.07 72.11 6.17
C TRP B 157 -26.30 73.34 5.67
N ASN B 158 -26.54 74.51 6.27
CA ASN B 158 -25.65 75.66 6.08
C ASN B 158 -24.66 75.85 7.23
N CYS B 159 -24.98 75.36 8.44
CA CYS B 159 -24.08 75.43 9.62
C CYS B 159 -24.25 74.27 10.60
N TYR B 160 -23.24 73.42 10.70
CA TYR B 160 -23.41 72.14 11.39
C TYR B 160 -22.04 71.55 11.72
N PHE B 161 -22.03 70.58 12.64
CA PHE B 161 -20.79 69.86 13.00
C PHE B 161 -19.70 70.86 13.41
N ASN B 162 -18.44 70.62 12.99
CA ASN B 162 -17.36 71.58 13.23
C ASN B 162 -17.18 72.51 12.06
N LYS B 163 -18.19 72.67 11.21
CA LYS B 163 -18.07 73.74 10.22
C LYS B 163 -17.78 75.06 10.93
N VAL B 164 -16.95 75.88 10.29
CA VAL B 164 -16.76 77.26 10.71
C VAL B 164 -17.93 78.07 10.17
N CYS B 165 -18.79 78.53 11.08
CA CYS B 165 -20.01 79.19 10.70
C CYS B 165 -20.61 79.91 11.89
N GLU B 166 -21.49 80.88 11.61
CA GLU B 166 -22.19 81.64 12.66
C GLU B 166 -23.50 81.00 13.08
N LYS B 167 -23.87 81.19 14.35
CA LYS B 167 -25.26 80.94 14.78
C LYS B 167 -26.18 81.52 13.73
N THR B 168 -27.29 80.86 13.46
CA THR B 168 -28.20 81.27 12.39
C THR B 168 -29.17 82.32 12.92
N ASN B 169 -29.33 83.41 12.17
CA ASN B 169 -30.21 84.50 12.53
C ASN B 169 -31.49 84.49 11.67
N ILE B 170 -32.63 84.28 12.29
CA ILE B 170 -33.92 84.26 11.60
C ILE B 170 -34.67 85.54 11.93
N GLU B 171 -34.60 86.53 11.05
CA GLU B 171 -35.25 87.82 11.28
C GLU B 171 -36.70 87.54 11.68
N ASP B 172 -37.16 88.24 12.71
CA ASP B 172 -38.49 87.97 13.28
C ASP B 172 -39.59 88.15 12.23
N GLY B 173 -40.53 87.21 12.19
CA GLY B 173 -41.64 87.24 11.24
C GLY B 173 -41.28 87.02 9.78
N VAL B 174 -40.08 86.50 9.51
CA VAL B 174 -39.61 86.36 8.13
C VAL B 174 -40.43 85.35 7.32
N PHE B 175 -41.02 84.38 8.00
CA PHE B 175 -41.86 83.42 7.32
C PHE B 175 -43.34 83.76 7.31
N GLU B 176 -43.78 84.71 8.13
CA GLU B 176 -45.24 84.95 8.25
C GLU B 176 -45.92 85.50 6.98
N THR B 177 -45.16 86.05 6.04
CA THR B 177 -45.70 86.37 4.71
C THR B 177 -45.99 85.11 3.89
N LEU B 178 -45.18 84.06 4.11
CA LEU B 178 -45.14 82.90 3.24
C LEU B 178 -46.35 82.04 3.54
N THR B 179 -47.47 82.43 2.96
CA THR B 179 -48.75 82.05 3.53
C THR B 179 -49.37 80.86 2.81
N ASN B 180 -48.68 80.43 1.75
CA ASN B 180 -48.89 79.11 1.19
C ASN B 180 -47.66 78.19 1.41
N LEU B 181 -46.77 78.56 2.33
CA LEU B 181 -45.64 77.70 2.66
C LEU B 181 -46.12 76.38 3.26
N GLU B 182 -45.75 75.27 2.61
CA GLU B 182 -46.14 73.92 3.03
C GLU B 182 -44.96 73.11 3.61
N LEU B 183 -43.75 73.41 3.18
CA LEU B 183 -42.60 72.70 3.64
C LEU B 183 -41.52 73.68 4.00
N LEU B 184 -40.96 73.54 5.19
CA LEU B 184 -39.78 74.35 5.58
C LEU B 184 -38.76 73.46 6.24
N SER B 185 -37.55 73.43 5.72
CA SER B 185 -36.47 72.62 6.28
C SER B 185 -35.35 73.53 6.72
N LEU B 186 -35.03 73.50 8.03
CA LEU B 186 -33.95 74.29 8.61
C LEU B 186 -32.94 73.40 9.36
N SER B 187 -32.93 72.13 9.00
CA SER B 187 -32.18 71.16 9.75
C SER B 187 -30.71 71.44 9.52
N PHE B 188 -29.89 70.97 10.44
CA PHE B 188 -28.42 71.16 10.36
C PHE B 188 -28.07 72.62 10.17
N ASN B 189 -28.66 73.41 11.08
CA ASN B 189 -28.40 74.83 11.27
C ASN B 189 -28.50 75.10 12.77
N SER B 190 -27.76 76.08 13.28
CA SER B 190 -27.85 76.37 14.69
C SER B 190 -29.03 77.32 14.97
N LEU B 191 -30.13 76.82 15.50
CA LEU B 191 -31.30 77.63 15.80
C LEU B 191 -31.54 77.98 17.28
N SER B 192 -31.29 77.06 18.19
CA SER B 192 -31.55 77.30 19.59
C SER B 192 -33.00 77.28 19.96
N HIS B 193 -33.86 77.90 19.18
CA HIS B 193 -35.28 77.78 19.41
C HIS B 193 -36.09 77.80 18.17
N VAL B 194 -37.29 77.26 18.24
CA VAL B 194 -38.21 77.16 17.12
C VAL B 194 -38.54 78.59 16.77
N PRO B 195 -38.38 78.97 15.50
CA PRO B 195 -38.68 80.33 15.13
C PRO B 195 -40.12 80.66 15.41
N PRO B 196 -40.40 81.85 15.87
CA PRO B 196 -41.77 82.26 16.04
C PRO B 196 -42.35 82.65 14.72
N LYS B 197 -43.65 82.77 14.66
CA LYS B 197 -44.36 83.26 13.49
C LYS B 197 -44.31 82.51 12.17
N LEU B 198 -44.41 81.20 12.23
CA LEU B 198 -44.62 80.41 11.04
C LEU B 198 -46.05 80.48 10.49
N PRO B 199 -46.21 80.41 9.19
CA PRO B 199 -47.54 80.42 8.62
C PRO B 199 -48.22 79.10 8.92
N SER B 200 -49.52 79.14 9.15
CA SER B 200 -50.27 77.96 9.54
C SER B 200 -50.59 77.07 8.36
N SER B 201 -50.24 77.53 7.17
CA SER B 201 -50.25 76.67 5.98
C SER B 201 -49.28 75.45 6.06
N LEU B 202 -48.35 75.42 7.01
CA LEU B 202 -47.27 74.40 7.02
C LEU B 202 -47.82 73.01 7.17
N ARG B 203 -47.25 72.11 6.37
CA ARG B 203 -47.51 70.69 6.47
C ARG B 203 -46.27 69.96 7.01
N LYS B 204 -45.08 70.43 6.67
CA LYS B 204 -43.85 69.70 6.93
C LYS B 204 -42.84 70.66 7.47
N LEU B 205 -42.40 70.39 8.71
CA LEU B 205 -41.46 71.26 9.41
C LEU B 205 -40.30 70.40 9.87
N PHE B 206 -39.12 70.66 9.29
CA PHE B 206 -37.94 69.88 9.59
C PHE B 206 -37.03 70.77 10.40
N LEU B 207 -36.69 70.31 11.60
CA LEU B 207 -35.83 71.08 12.50
C LEU B 207 -34.80 70.14 13.16
N SER B 208 -34.19 69.25 12.37
CA SER B 208 -33.33 68.24 12.93
C SER B 208 -31.97 68.87 13.20
N ASN B 209 -31.33 68.45 14.28
CA ASN B 209 -29.97 68.94 14.59
C ASN B 209 -29.88 70.45 14.51
N THR B 210 -30.79 71.13 15.20
CA THR B 210 -30.79 72.59 15.22
C THR B 210 -30.50 73.08 16.64
N GLN B 211 -29.98 72.23 17.51
CA GLN B 211 -29.67 72.63 18.89
C GLN B 211 -30.82 73.34 19.58
N ILE B 212 -32.01 72.79 19.50
CA ILE B 212 -33.12 73.24 20.31
C ILE B 212 -33.26 72.29 21.50
N LYS B 213 -33.16 72.82 22.73
CA LYS B 213 -33.23 72.01 23.95
C LYS B 213 -34.66 71.86 24.43
N TYR B 214 -35.52 72.79 24.01
CA TYR B 214 -36.79 73.01 24.66
C TYR B 214 -37.87 73.35 23.64
N ILE B 215 -38.96 72.61 23.74
CA ILE B 215 -40.11 72.82 22.92
C ILE B 215 -41.25 73.28 23.82
N SER B 216 -41.63 74.54 23.65
CA SER B 216 -42.71 75.17 24.42
C SER B 216 -44.07 74.99 23.79
N GLU B 217 -45.07 75.27 24.62
CA GLU B 217 -46.49 75.22 24.25
C GLU B 217 -46.82 76.16 23.10
N GLU B 218 -46.05 77.24 22.96
CA GLU B 218 -46.34 78.26 21.93
C GLU B 218 -45.74 77.90 20.58
N ASP B 219 -44.70 77.07 20.60
CA ASP B 219 -43.86 76.86 19.44
C ASP B 219 -44.58 76.40 18.17
N PHE B 220 -45.57 75.51 18.27
CA PHE B 220 -46.39 75.08 17.11
C PHE B 220 -47.89 75.19 17.38
N LYS B 221 -48.30 76.02 18.32
CA LYS B 221 -49.72 76.04 18.70
C LYS B 221 -50.59 76.33 17.47
N GLY B 222 -50.08 77.19 16.56
CA GLY B 222 -50.82 77.66 15.39
C GLY B 222 -50.90 76.74 14.19
N LEU B 223 -49.95 75.81 14.04
CA LEU B 223 -49.84 75.06 12.76
C LEU B 223 -50.78 73.87 12.69
N ILE B 224 -52.07 74.14 12.53
CA ILE B 224 -53.07 73.08 12.65
C ILE B 224 -53.14 72.15 11.45
N ASN B 225 -52.37 72.43 10.41
CA ASN B 225 -52.26 71.53 9.26
C ASN B 225 -51.04 70.59 9.23
N LEU B 226 -50.20 70.61 10.27
CA LEU B 226 -48.92 69.89 10.20
C LEU B 226 -49.16 68.39 10.10
N THR B 227 -48.50 67.77 9.13
CA THR B 227 -48.49 66.32 9.01
C THR B 227 -47.14 65.69 9.33
N LEU B 228 -46.09 66.50 9.22
CA LEU B 228 -44.75 66.04 9.60
C LEU B 228 -44.01 67.08 10.49
N LEU B 229 -43.52 66.57 11.62
CA LEU B 229 -42.67 67.34 12.50
C LEU B 229 -41.38 66.55 12.76
N ASP B 230 -40.23 67.15 12.48
CA ASP B 230 -38.93 66.49 12.68
C ASP B 230 -38.09 67.31 13.66
N LEU B 231 -37.92 66.76 14.86
CA LEU B 231 -37.19 67.41 15.92
C LEU B 231 -36.01 66.54 16.33
N SER B 232 -35.56 65.68 15.42
CA SER B 232 -34.54 64.71 15.75
C SER B 232 -33.18 65.39 16.00
N GLY B 233 -32.35 64.73 16.79
CA GLY B 233 -30.99 65.19 17.01
C GLY B 233 -30.88 66.50 17.76
N ASN B 234 -31.91 66.85 18.52
CA ASN B 234 -31.80 67.92 19.49
C ASN B 234 -31.72 67.29 20.89
N CYS B 235 -30.69 67.70 21.65
CA CYS B 235 -30.22 66.90 22.79
C CYS B 235 -29.93 65.48 22.30
N PRO B 236 -28.98 65.36 21.36
CA PRO B 236 -28.58 64.05 20.79
C PRO B 236 -27.95 63.12 21.83
N ARG B 237 -28.08 61.81 21.59
CA ARG B 237 -27.30 60.75 22.23
C ARG B 237 -26.00 60.66 21.47
N CYS B 238 -24.88 61.02 22.10
CA CYS B 238 -23.61 61.25 21.40
C CYS B 238 -22.64 60.09 21.47
N PHE B 239 -22.92 59.11 22.31
CA PHE B 239 -22.07 57.96 22.41
C PHE B 239 -21.92 57.31 21.03
N ASN B 240 -20.68 57.22 20.57
CA ASN B 240 -20.39 56.57 19.34
C ASN B 240 -20.95 57.28 18.17
N ALA B 241 -21.06 58.58 18.26
CA ALA B 241 -21.56 59.38 17.18
C ALA B 241 -20.58 59.27 16.00
N PRO B 242 -21.09 59.07 14.78
CA PRO B 242 -20.25 59.11 13.56
C PRO B 242 -20.08 60.54 13.06
N PHE B 243 -20.41 61.51 13.90
CA PHE B 243 -20.24 62.93 13.55
C PHE B 243 -19.86 63.68 14.83
N PRO B 244 -19.35 64.92 14.69
CA PRO B 244 -19.07 65.70 15.90
C PRO B 244 -20.36 66.00 16.63
N CYS B 245 -20.47 65.51 17.86
CA CYS B 245 -21.72 65.47 18.57
C CYS B 245 -21.65 66.21 19.92
N VAL B 246 -22.59 67.14 20.10
CA VAL B 246 -22.60 68.01 21.26
C VAL B 246 -23.88 67.74 22.01
N PRO B 247 -23.82 66.98 23.11
CA PRO B 247 -25.00 66.65 23.90
C PRO B 247 -25.54 67.85 24.66
N CYS B 248 -26.81 67.79 25.06
CA CYS B 248 -27.32 68.75 26.03
C CYS B 248 -26.63 68.52 27.39
N ASP B 249 -26.77 69.45 28.33
CA ASP B 249 -25.99 69.40 29.58
C ASP B 249 -26.31 68.21 30.45
N GLY B 250 -25.30 67.45 30.78
CA GLY B 250 -25.48 66.20 31.53
C GLY B 250 -26.16 65.16 30.67
N GLY B 251 -26.00 65.26 29.35
CA GLY B 251 -26.68 64.37 28.41
C GLY B 251 -28.21 64.31 28.57
N ALA B 252 -28.81 65.44 28.92
CA ALA B 252 -30.23 65.47 29.26
C ALA B 252 -31.16 65.31 28.04
N SER B 253 -32.40 64.94 28.34
CA SER B 253 -33.47 64.83 27.35
C SER B 253 -33.77 66.19 26.72
N ILE B 254 -34.17 66.18 25.45
CA ILE B 254 -34.89 67.32 24.91
C ILE B 254 -36.08 67.55 25.84
N ASN B 255 -36.49 68.80 25.99
CA ASN B 255 -37.59 69.09 26.93
C ASN B 255 -38.84 69.54 26.19
N ILE B 256 -39.81 68.66 26.11
CA ILE B 256 -41.00 68.97 25.39
C ILE B 256 -42.09 69.32 26.39
N ASP B 257 -42.65 70.50 26.25
CA ASP B 257 -43.81 70.90 27.05
C ASP B 257 -45.03 69.98 26.92
N ARG B 258 -45.75 69.81 28.01
CA ARG B 258 -46.91 68.94 28.06
C ARG B 258 -47.91 69.18 26.92
N PHE B 259 -48.12 70.44 26.58
CA PHE B 259 -49.13 70.85 25.59
C PHE B 259 -48.51 71.27 24.24
N ALA B 260 -47.32 70.78 23.96
CA ALA B 260 -46.63 71.20 22.73
C ALA B 260 -47.29 70.65 21.46
N PHE B 261 -47.97 69.51 21.57
CA PHE B 261 -48.55 68.83 20.39
C PHE B 261 -50.10 68.77 20.43
N GLN B 262 -50.63 69.48 21.42
CA GLN B 262 -52.06 69.74 21.66
C GLN B 262 -52.90 69.93 20.39
N ASN B 263 -52.54 70.92 19.56
CA ASN B 263 -53.31 71.34 18.39
C ASN B 263 -52.76 70.75 17.06
N LEU B 264 -51.92 69.71 17.17
CA LEU B 264 -51.33 69.04 16.02
C LEU B 264 -52.11 67.79 15.63
N THR B 265 -53.36 68.01 15.23
CA THR B 265 -54.34 66.93 15.06
C THR B 265 -54.08 66.16 13.78
N GLN B 266 -53.45 66.83 12.82
CA GLN B 266 -53.22 66.25 11.49
C GLN B 266 -51.90 65.48 11.39
N LEU B 267 -51.16 65.39 12.49
CA LEU B 267 -49.83 64.83 12.44
C LEU B 267 -49.83 63.34 12.09
N ARG B 268 -48.91 63.04 11.16
CA ARG B 268 -48.76 61.72 10.57
C ARG B 268 -47.36 61.16 10.74
N TYR B 269 -46.37 62.04 10.70
CA TYR B 269 -44.97 61.72 10.83
C TYR B 269 -44.35 62.45 12.02
N LEU B 270 -43.80 61.72 12.96
CA LEU B 270 -43.13 62.34 14.11
C LEU B 270 -41.74 61.72 14.25
N ASN B 271 -40.74 62.54 14.02
CA ASN B 271 -39.36 62.10 14.23
C ASN B 271 -38.72 62.72 15.45
N LEU B 272 -38.39 61.85 16.40
CA LEU B 272 -37.87 62.18 17.70
C LEU B 272 -36.61 61.33 17.96
N SER B 273 -35.86 61.08 16.90
CA SER B 273 -34.67 60.25 16.98
C SER B 273 -33.55 61.07 17.60
N SER B 274 -32.77 60.41 18.42
CA SER B 274 -31.65 61.03 19.07
C SER B 274 -32.07 62.36 19.76
N THR B 275 -32.99 62.26 20.71
CA THR B 275 -33.27 63.39 21.57
C THR B 275 -33.12 62.96 23.03
N SER B 276 -32.37 61.89 23.25
CA SER B 276 -32.02 61.41 24.59
C SER B 276 -33.26 61.17 25.45
N LEU B 277 -34.36 60.77 24.82
CA LEU B 277 -35.54 60.49 25.56
C LEU B 277 -35.32 59.27 26.43
N ARG B 278 -35.75 59.42 27.68
CA ARG B 278 -35.87 58.35 28.64
C ARG B 278 -37.30 58.09 28.95
N LYS B 279 -38.11 59.12 28.82
CA LYS B 279 -39.50 59.07 29.22
C LYS B 279 -40.27 59.68 28.10
N ILE B 280 -41.36 59.01 27.73
CA ILE B 280 -42.29 59.55 26.77
C ILE B 280 -43.57 59.99 27.54
N ASN B 281 -43.97 61.25 27.38
CA ASN B 281 -45.28 61.62 27.90
C ASN B 281 -46.40 61.17 26.95
N ALA B 282 -47.07 60.09 27.33
CA ALA B 282 -48.21 59.51 26.61
C ALA B 282 -49.18 60.58 26.14
N ALA B 283 -49.43 61.55 27.00
CA ALA B 283 -50.45 62.55 26.69
C ALA B 283 -49.98 63.48 25.56
N TRP B 284 -48.74 63.31 25.09
CA TRP B 284 -48.23 64.03 23.92
C TRP B 284 -49.00 63.62 22.65
N PHE B 285 -49.53 62.42 22.65
CA PHE B 285 -50.16 61.81 21.49
C PHE B 285 -51.71 61.86 21.53
N LYS B 286 -52.23 62.63 22.47
CA LYS B 286 -53.64 62.60 22.86
C LYS B 286 -54.51 62.95 21.66
N ASN B 287 -54.08 64.01 20.99
CA ASN B 287 -54.85 64.59 19.92
C ASN B 287 -54.20 64.38 18.55
N MET B 288 -53.45 63.30 18.36
CA MET B 288 -52.93 62.92 17.03
C MET B 288 -53.20 61.43 16.75
N PRO B 289 -54.47 61.06 16.83
CA PRO B 289 -54.84 59.68 16.62
C PRO B 289 -54.61 59.21 15.19
N HIS B 290 -54.16 60.09 14.31
CA HIS B 290 -53.82 59.65 12.96
C HIS B 290 -52.33 59.42 12.73
N LEU B 291 -51.56 59.39 13.83
CA LEU B 291 -50.12 59.26 13.72
C LEU B 291 -49.81 57.93 13.07
N LYS B 292 -49.07 58.00 11.96
CA LYS B 292 -48.72 56.83 11.15
C LYS B 292 -47.27 56.35 11.35
N VAL B 293 -46.32 57.30 11.45
CA VAL B 293 -44.90 56.96 11.54
C VAL B 293 -44.21 57.65 12.71
N LEU B 294 -43.74 56.85 13.66
CA LEU B 294 -43.10 57.36 14.84
C LEU B 294 -41.67 56.86 14.86
N ASP B 295 -40.76 57.81 14.67
CA ASP B 295 -39.33 57.53 14.71
C ASP B 295 -38.69 57.90 16.08
N LEU B 296 -38.21 56.89 16.82
CA LEU B 296 -37.66 57.07 18.13
C LEU B 296 -36.28 56.34 18.29
N GLU B 297 -35.45 56.40 17.27
CA GLU B 297 -34.17 55.71 17.28
C GLU B 297 -33.15 56.50 18.11
N PHE B 298 -32.07 55.81 18.49
CA PHE B 298 -30.97 56.46 19.27
C PHE B 298 -31.44 57.31 20.46
N ASN B 299 -32.34 56.75 21.27
CA ASN B 299 -32.71 57.40 22.53
C ASN B 299 -32.30 56.47 23.67
N TYR B 300 -32.95 56.54 24.83
CA TYR B 300 -32.68 55.62 25.91
C TYR B 300 -33.95 54.95 26.40
N LEU B 301 -34.61 54.21 25.53
CA LEU B 301 -35.98 53.85 25.81
C LEU B 301 -36.19 52.40 26.16
N VAL B 302 -35.15 51.75 26.67
CA VAL B 302 -35.32 50.35 27.06
C VAL B 302 -36.43 50.27 28.09
N GLY B 303 -36.48 51.28 28.95
CA GLY B 303 -37.49 51.38 29.99
C GLY B 303 -38.88 51.51 29.41
N GLU B 304 -39.10 52.51 28.56
CA GLU B 304 -40.37 52.74 27.89
C GLU B 304 -40.83 51.59 27.00
N ILE B 305 -39.89 50.82 26.48
CA ILE B 305 -40.28 49.71 25.61
C ILE B 305 -40.91 48.56 26.41
N ALA B 306 -40.38 48.33 27.61
CA ALA B 306 -40.89 47.32 28.52
C ALA B 306 -42.21 47.74 29.22
N SER B 307 -42.36 49.03 29.43
CA SER B 307 -43.46 49.53 30.18
C SER B 307 -44.34 50.61 29.59
N GLY B 308 -43.98 51.25 28.50
CA GLY B 308 -44.60 52.52 28.16
C GLY B 308 -46.09 52.66 27.91
N ALA B 309 -46.65 53.66 28.55
CA ALA B 309 -48.03 54.06 28.40
C ALA B 309 -48.35 54.58 27.02
N PHE B 310 -47.40 55.28 26.42
CA PHE B 310 -47.62 55.94 25.16
C PHE B 310 -48.00 54.91 24.13
N LEU B 311 -47.64 53.66 24.35
CA LEU B 311 -47.98 52.62 23.37
C LEU B 311 -49.48 52.43 23.17
N THR B 312 -50.26 52.83 24.18
CA THR B 312 -51.72 52.76 24.14
C THR B 312 -52.35 53.89 23.35
N MET B 313 -51.56 54.90 22.94
CA MET B 313 -52.07 56.11 22.29
C MET B 313 -51.85 56.21 20.77
N LEU B 314 -51.62 55.07 20.14
CA LEU B 314 -51.13 55.04 18.76
C LEU B 314 -51.94 54.02 17.96
N PRO B 315 -53.24 54.27 17.83
CA PRO B 315 -54.12 53.28 17.23
C PRO B 315 -54.00 53.20 15.71
N ARG B 316 -53.47 54.24 15.08
CA ARG B 316 -53.30 54.17 13.62
C ARG B 316 -51.85 54.05 13.18
N LEU B 317 -50.97 53.71 14.10
CA LEU B 317 -49.55 53.80 13.81
C LEU B 317 -49.14 52.61 12.96
N GLU B 318 -48.50 52.89 11.85
CA GLU B 318 -48.10 51.83 10.91
C GLU B 318 -46.61 51.44 11.01
N ILE B 319 -45.76 52.43 11.24
CA ILE B 319 -44.33 52.22 11.30
C ILE B 319 -43.80 52.78 12.62
N LEU B 320 -43.17 51.90 13.40
CA LEU B 320 -42.55 52.29 14.67
C LEU B 320 -41.09 51.89 14.67
N ASP B 321 -40.22 52.90 14.75
CA ASP B 321 -38.77 52.69 14.75
C ASP B 321 -38.10 52.99 16.10
N LEU B 322 -37.73 51.91 16.79
CA LEU B 322 -37.09 51.97 18.11
C LEU B 322 -35.62 51.49 18.08
N SER B 323 -35.00 51.62 16.93
CA SER B 323 -33.66 51.13 16.74
C SER B 323 -32.64 51.90 17.55
N PHE B 324 -31.60 51.17 17.93
CA PHE B 324 -30.46 51.73 18.65
C PHE B 324 -30.83 52.45 19.98
N ASN B 325 -31.60 51.78 20.80
CA ASN B 325 -31.88 52.24 22.13
C ASN B 325 -31.07 51.43 23.19
N TYR B 326 -30.06 50.66 22.75
CA TYR B 326 -29.27 49.77 23.63
C TYR B 326 -28.71 50.51 24.81
N ILE B 327 -28.72 49.86 25.97
CA ILE B 327 -28.02 50.39 27.11
C ILE B 327 -26.54 50.05 26.98
N LYS B 328 -25.70 51.05 27.12
CA LYS B 328 -24.28 50.84 26.85
C LYS B 328 -23.68 49.83 27.85
N GLY B 329 -22.99 48.83 27.32
CA GLY B 329 -22.39 47.78 28.13
C GLY B 329 -23.41 46.77 28.63
N SER B 330 -24.66 46.89 28.21
CA SER B 330 -25.69 45.99 28.72
C SER B 330 -26.03 44.94 27.66
N TYR B 331 -26.16 43.70 28.11
CA TYR B 331 -26.51 42.58 27.27
C TYR B 331 -27.54 41.68 27.96
N PRO B 332 -28.80 42.14 28.07
CA PRO B 332 -29.85 41.31 28.72
C PRO B 332 -30.12 40.02 27.96
N GLN B 333 -30.63 39.03 28.68
CA GLN B 333 -30.80 37.72 28.10
C GLN B 333 -31.96 37.73 27.15
N HIS B 334 -32.93 38.59 27.43
CA HIS B 334 -34.20 38.61 26.73
C HIS B 334 -34.58 40.04 26.42
N ILE B 335 -35.25 40.24 25.30
CA ILE B 335 -35.85 41.51 25.06
C ILE B 335 -37.18 41.62 25.84
N ASN B 336 -37.45 42.81 26.37
CA ASN B 336 -38.64 43.05 27.20
C ASN B 336 -39.63 44.04 26.56
N ILE B 337 -40.72 43.46 26.05
CA ILE B 337 -41.69 44.15 25.25
C ILE B 337 -42.99 44.32 26.06
N SER B 338 -43.40 45.55 26.36
CA SER B 338 -44.69 45.77 27.05
C SER B 338 -45.83 45.04 26.35
N ARG B 339 -46.79 44.56 27.15
CA ARG B 339 -48.07 44.07 26.65
C ARG B 339 -48.76 45.12 25.81
N ASN B 340 -48.49 46.40 26.09
CA ASN B 340 -49.16 47.51 25.40
C ASN B 340 -48.90 47.58 23.91
N PHE B 341 -47.84 46.93 23.42
CA PHE B 341 -47.61 46.74 21.99
C PHE B 341 -48.86 46.10 21.37
N SER B 342 -49.63 45.35 22.16
CA SER B 342 -50.84 44.68 21.66
C SER B 342 -51.94 45.67 21.30
N LYS B 343 -51.78 46.93 21.72
CA LYS B 343 -52.67 48.01 21.29
C LYS B 343 -52.36 48.69 19.97
N LEU B 344 -51.30 48.24 19.28
CA LEU B 344 -50.84 48.93 18.05
C LEU B 344 -51.50 48.28 16.83
N LEU B 345 -52.82 48.40 16.75
CA LEU B 345 -53.61 47.58 15.86
C LEU B 345 -53.31 47.85 14.40
N SER B 346 -52.90 49.06 14.03
CA SER B 346 -52.53 49.30 12.65
C SER B 346 -51.05 49.06 12.30
N LEU B 347 -50.28 48.38 13.15
CA LEU B 347 -48.82 48.38 12.97
C LEU B 347 -48.45 47.53 11.77
N ARG B 348 -47.63 48.07 10.89
CA ARG B 348 -47.21 47.30 9.70
C ARG B 348 -45.76 46.83 9.77
N ALA B 349 -44.92 47.64 10.41
CA ALA B 349 -43.49 47.38 10.44
C ALA B 349 -42.96 47.84 11.77
N LEU B 350 -42.24 46.95 12.46
CA LEU B 350 -41.62 47.27 13.73
C LEU B 350 -40.12 47.09 13.61
N HIS B 351 -39.37 48.16 13.88
CA HIS B 351 -37.92 48.11 13.88
C HIS B 351 -37.31 48.18 15.30
N LEU B 352 -36.56 47.14 15.66
CA LEU B 352 -35.90 47.01 16.91
C LEU B 352 -34.48 46.54 16.69
N ARG B 353 -33.73 47.28 15.87
CA ARG B 353 -32.30 47.07 15.76
C ARG B 353 -31.65 47.68 16.97
N GLY B 354 -30.50 47.11 17.29
CA GLY B 354 -29.59 47.70 18.25
C GLY B 354 -30.22 47.90 19.60
N TYR B 355 -30.97 46.91 20.06
CA TYR B 355 -31.43 46.83 21.42
C TYR B 355 -30.37 46.03 22.21
N VAL B 356 -29.96 44.89 21.65
CA VAL B 356 -28.83 44.07 22.11
C VAL B 356 -29.31 43.13 23.21
N PHE B 357 -29.41 41.85 22.87
CA PHE B 357 -29.88 40.86 23.77
C PHE B 357 -29.59 39.52 23.15
N GLN B 358 -29.53 38.51 24.02
CA GLN B 358 -28.98 37.21 23.70
C GLN B 358 -29.92 36.29 23.01
N GLU B 359 -31.13 36.21 23.50
CA GLU B 359 -32.01 35.09 23.18
C GLU B 359 -33.42 35.57 22.84
N LEU B 360 -34.06 34.98 21.85
CA LEU B 360 -35.46 35.35 21.55
C LEU B 360 -36.39 34.15 21.76
N ARG B 361 -37.38 34.34 22.64
CA ARG B 361 -38.26 33.25 23.02
C ARG B 361 -39.71 33.55 22.64
N GLU B 362 -40.46 32.49 22.38
CA GLU B 362 -41.89 32.58 22.10
C GLU B 362 -42.58 33.63 22.96
N ASP B 363 -42.45 33.51 24.28
CA ASP B 363 -43.23 34.36 25.20
C ASP B 363 -42.81 35.84 25.20
N ASP B 364 -41.60 36.10 24.72
CA ASP B 364 -41.11 37.47 24.63
C ASP B 364 -41.85 38.28 23.60
N PHE B 365 -42.54 37.63 22.65
CA PHE B 365 -43.28 38.35 21.61
C PHE B 365 -44.79 38.15 21.61
N GLN B 366 -45.38 37.67 22.70
CA GLN B 366 -46.84 37.50 22.79
C GLN B 366 -47.59 38.78 22.38
N PRO B 367 -47.13 39.92 22.89
CA PRO B 367 -47.85 41.15 22.56
C PRO B 367 -47.96 41.49 21.09
N LEU B 368 -47.12 40.91 20.23
CA LEU B 368 -47.16 41.25 18.80
C LEU B 368 -47.94 40.26 17.99
N MET B 369 -48.20 39.09 18.58
CA MET B 369 -48.79 37.98 17.83
C MET B 369 -50.19 38.21 17.33
N GLN B 370 -50.92 39.16 17.89
CA GLN B 370 -52.34 39.32 17.55
C GLN B 370 -52.55 40.49 16.61
N LEU B 371 -51.48 41.20 16.26
CA LEU B 371 -51.61 42.35 15.37
C LEU B 371 -51.88 41.84 13.95
N PRO B 372 -53.04 42.22 13.37
CA PRO B 372 -53.50 41.79 12.04
C PRO B 372 -52.62 42.20 10.85
N ASN B 373 -51.98 43.37 10.91
CA ASN B 373 -51.16 43.86 9.79
C ASN B 373 -49.64 43.93 10.03
N LEU B 374 -49.12 43.35 11.12
CA LEU B 374 -47.69 43.37 11.32
C LEU B 374 -47.02 42.55 10.22
N SER B 375 -46.50 43.22 9.20
CA SER B 375 -45.84 42.47 8.11
C SER B 375 -44.29 42.48 8.12
N THR B 376 -43.66 43.53 8.64
CA THR B 376 -42.19 43.56 8.83
C THR B 376 -41.78 43.56 10.31
N ILE B 377 -40.92 42.63 10.70
CA ILE B 377 -40.24 42.68 12.01
C ILE B 377 -38.73 42.71 11.79
N ASN B 378 -38.09 43.77 12.24
CA ASN B 378 -36.67 44.04 12.00
C ASN B 378 -35.83 43.98 13.28
N LEU B 379 -35.05 42.90 13.40
CA LEU B 379 -34.21 42.65 14.57
C LEU B 379 -32.70 42.62 14.22
N GLY B 380 -32.29 43.45 13.27
CA GLY B 380 -30.90 43.57 12.88
C GLY B 380 -30.02 44.10 13.97
N ILE B 381 -28.77 43.62 14.00
CA ILE B 381 -27.75 44.12 14.88
C ILE B 381 -28.21 44.11 16.38
N ASN B 382 -28.47 42.92 16.92
CA ASN B 382 -28.79 42.73 18.35
C ASN B 382 -27.94 41.68 18.99
N PHE B 383 -26.99 41.14 18.26
CA PHE B 383 -26.05 40.12 18.78
C PHE B 383 -26.78 38.94 19.37
N ILE B 384 -27.90 38.61 18.73
CA ILE B 384 -28.71 37.51 19.15
C ILE B 384 -28.01 36.19 18.85
N LYS B 385 -27.96 35.32 19.86
CA LYS B 385 -27.25 34.04 19.80
C LYS B 385 -28.17 32.89 19.48
N GLN B 386 -29.37 32.93 20.05
CA GLN B 386 -30.33 31.87 19.91
C GLN B 386 -31.73 32.44 19.66
N ILE B 387 -32.45 31.79 18.75
CA ILE B 387 -33.83 32.13 18.47
C ILE B 387 -34.70 30.89 18.40
N ASP B 388 -35.88 31.03 18.99
CA ASP B 388 -36.92 30.03 18.96
C ASP B 388 -37.77 30.31 17.71
N PHE B 389 -37.42 29.69 16.60
CA PHE B 389 -38.05 30.03 15.34
C PHE B 389 -39.54 29.76 15.28
N LYS B 390 -40.02 28.86 16.13
CA LYS B 390 -41.43 28.48 16.12
C LYS B 390 -42.35 29.67 16.41
N LEU B 391 -41.85 30.71 17.08
CA LEU B 391 -42.68 31.88 17.41
C LEU B 391 -43.18 32.68 16.21
N PHE B 392 -42.45 32.64 15.10
CA PHE B 392 -42.90 33.34 13.89
C PHE B 392 -44.13 32.72 13.30
N GLN B 393 -44.29 31.42 13.54
CA GLN B 393 -45.49 30.64 13.15
C GLN B 393 -46.80 31.25 13.64
N ASN B 394 -46.77 31.79 14.88
CA ASN B 394 -47.96 32.24 15.62
C ASN B 394 -48.30 33.70 15.27
N PHE B 395 -48.28 34.05 13.99
CA PHE B 395 -48.41 35.45 13.55
C PHE B 395 -49.40 35.64 12.41
N SER B 396 -50.14 36.75 12.44
CA SER B 396 -51.19 37.02 11.46
C SER B 396 -50.62 37.00 10.04
N ASN B 397 -49.79 37.97 9.70
CA ASN B 397 -49.22 38.00 8.39
C ASN B 397 -47.85 38.63 8.25
N LEU B 398 -46.90 38.03 8.94
CA LEU B 398 -45.49 38.31 8.70
C LEU B 398 -45.07 37.94 7.30
N GLU B 399 -44.56 38.94 6.56
CA GLU B 399 -43.97 38.79 5.23
C GLU B 399 -42.40 38.91 5.26
N ILE B 400 -41.88 39.66 6.22
CA ILE B 400 -40.45 39.99 6.28
C ILE B 400 -39.91 39.80 7.70
N ILE B 401 -39.08 38.78 7.86
CA ILE B 401 -38.42 38.52 9.13
C ILE B 401 -36.92 38.82 8.92
N TYR B 402 -36.50 39.98 9.38
CA TYR B 402 -35.17 40.47 9.13
C TYR B 402 -34.31 40.26 10.35
N LEU B 403 -33.39 39.29 10.28
CA LEU B 403 -32.49 38.96 11.39
C LEU B 403 -31.01 39.06 10.98
N SER B 404 -30.72 39.91 10.01
CA SER B 404 -29.37 40.10 9.50
C SER B 404 -28.48 40.65 10.62
N GLU B 405 -27.23 40.19 10.67
CA GLU B 405 -26.21 40.80 11.51
C GLU B 405 -26.57 40.56 12.96
N ASN B 406 -26.68 39.30 13.32
CA ASN B 406 -26.71 38.92 14.70
C ASN B 406 -25.55 37.95 14.94
N ARG B 407 -25.68 37.03 15.89
CA ARG B 407 -24.64 36.05 16.14
C ARG B 407 -25.29 34.69 16.32
N ILE B 408 -26.22 34.36 15.43
CA ILE B 408 -26.78 33.02 15.37
C ILE B 408 -25.74 32.01 14.84
N SER B 409 -25.78 30.83 15.41
CA SER B 409 -24.78 29.82 15.14
C SER B 409 -25.48 28.47 14.99
N PRO B 410 -24.75 27.45 14.55
CA PRO B 410 -25.43 26.15 14.49
C PRO B 410 -25.79 25.58 15.87
N THR B 435 -21.25 65.73 -3.72
CA THR B 435 -20.37 65.17 -2.68
C THR B 435 -19.35 66.21 -2.24
N ASP B 436 -18.44 65.76 -1.36
CA ASP B 436 -17.45 66.59 -0.62
C ASP B 436 -17.90 66.68 0.86
N PHE B 437 -19.20 66.43 1.06
CA PHE B 437 -19.79 66.14 2.36
C PHE B 437 -20.32 64.69 2.39
N GLU B 438 -20.31 64.14 3.60
CA GLU B 438 -20.42 62.71 3.89
C GLU B 438 -21.83 62.21 3.94
N PHE B 439 -22.76 63.08 4.34
CA PHE B 439 -24.13 62.67 4.53
C PHE B 439 -24.97 63.34 3.48
N ASP B 440 -25.76 62.55 2.77
CA ASP B 440 -26.58 63.08 1.70
C ASP B 440 -27.63 64.01 2.31
N PRO B 441 -27.60 65.29 1.97
CA PRO B 441 -28.66 66.17 2.50
C PRO B 441 -30.09 65.76 2.16
N HIS B 442 -30.29 64.84 1.21
CA HIS B 442 -31.63 64.45 0.83
C HIS B 442 -32.07 63.07 1.36
N SER B 443 -31.29 62.47 2.24
CA SER B 443 -31.62 61.16 2.79
C SER B 443 -31.82 61.25 4.26
N ASN B 444 -32.38 60.19 4.83
CA ASN B 444 -32.58 60.07 6.24
C ASN B 444 -31.23 60.06 6.87
N PHE B 445 -31.10 60.69 8.03
CA PHE B 445 -29.78 60.80 8.66
C PHE B 445 -29.53 59.65 9.59
N TYR B 446 -30.58 59.06 10.13
CA TYR B 446 -30.46 58.00 11.15
C TYR B 446 -30.49 56.54 10.64
N HIS B 447 -30.97 56.30 9.43
CA HIS B 447 -30.98 54.94 8.91
C HIS B 447 -30.97 54.89 7.40
N PHE B 448 -30.42 53.82 6.85
CA PHE B 448 -30.58 53.49 5.43
C PHE B 448 -32.08 53.41 5.14
N THR B 449 -32.44 53.88 3.96
CA THR B 449 -33.82 53.92 3.49
C THR B 449 -34.23 52.80 2.47
N ARG B 450 -33.26 52.04 1.97
CA ARG B 450 -33.54 50.94 1.04
C ARG B 450 -34.41 49.78 1.63
N PRO B 451 -35.07 48.98 0.77
CA PRO B 451 -35.85 47.84 1.32
C PRO B 451 -34.96 46.86 2.07
N LEU B 452 -35.53 46.13 3.02
CA LEU B 452 -34.74 45.26 3.84
C LEU B 452 -34.23 44.05 3.05
N ILE B 453 -35.09 43.53 2.19
CA ILE B 453 -34.80 42.32 1.41
C ILE B 453 -34.86 42.76 -0.03
N LYS B 454 -34.03 42.26 -0.92
CA LYS B 454 -34.22 42.66 -2.31
C LYS B 454 -35.68 42.36 -2.69
N PRO B 455 -36.33 43.29 -3.40
CA PRO B 455 -37.76 43.13 -3.78
C PRO B 455 -38.00 41.88 -4.62
N GLN B 456 -37.04 41.54 -5.47
CA GLN B 456 -37.18 40.39 -6.36
C GLN B 456 -37.23 39.08 -5.56
N CYS B 457 -36.79 39.13 -4.31
CA CYS B 457 -36.84 37.97 -3.43
C CYS B 457 -38.16 38.02 -2.61
N ALA B 458 -38.45 39.19 -2.05
CA ALA B 458 -39.65 39.33 -1.22
C ALA B 458 -40.91 39.01 -2.00
N ALA B 459 -40.88 39.31 -3.29
CA ALA B 459 -42.09 39.15 -4.16
C ALA B 459 -42.59 37.71 -4.20
N TYR B 460 -41.68 36.75 -4.06
CA TYR B 460 -42.03 35.34 -4.05
C TYR B 460 -42.87 34.89 -2.85
N GLY B 461 -42.86 35.66 -1.77
CA GLY B 461 -43.58 35.26 -0.57
C GLY B 461 -42.85 35.67 0.69
N LYS B 462 -43.13 34.92 1.76
CA LYS B 462 -42.48 35.09 3.07
C LYS B 462 -40.96 35.03 2.98
N ALA B 463 -40.29 36.00 3.64
CA ALA B 463 -38.85 36.15 3.54
C ALA B 463 -38.17 36.13 4.91
N LEU B 464 -37.08 35.38 4.97
CA LEU B 464 -36.26 35.26 6.16
C LEU B 464 -34.85 35.66 5.76
N ASP B 465 -34.29 36.65 6.43
CA ASP B 465 -32.95 37.12 6.14
C ASP B 465 -32.12 36.78 7.35
N LEU B 466 -31.23 35.79 7.19
CA LEU B 466 -30.30 35.41 8.24
C LEU B 466 -28.88 35.77 7.82
N SER B 467 -28.75 36.77 6.97
CA SER B 467 -27.46 37.11 6.44
C SER B 467 -26.56 37.60 7.57
N LEU B 468 -25.26 37.60 7.33
CA LEU B 468 -24.28 38.15 8.24
C LEU B 468 -24.42 37.65 9.69
N ASN B 469 -24.77 36.38 9.83
CA ASN B 469 -24.65 35.69 11.09
C ASN B 469 -23.44 34.77 11.07
N SER B 470 -23.45 33.77 11.93
CA SER B 470 -22.33 32.87 12.08
C SER B 470 -22.78 31.46 11.80
N ILE B 471 -23.76 31.30 10.91
CA ILE B 471 -24.26 29.97 10.63
C ILE B 471 -23.31 29.27 9.65
N PHE B 472 -22.20 28.74 10.16
CA PHE B 472 -21.14 28.23 9.28
C PHE B 472 -21.43 26.81 8.81
N PHE B 473 -22.54 26.24 9.28
CA PHE B 473 -22.93 24.87 9.02
C PHE B 473 -24.43 24.82 9.25
N ILE B 474 -25.18 24.19 8.36
CA ILE B 474 -26.62 24.04 8.55
C ILE B 474 -26.91 22.70 9.18
N GLY B 475 -27.25 22.72 10.47
CA GLY B 475 -27.60 21.51 11.19
C GLY B 475 -28.87 20.90 10.65
N PRO B 476 -29.24 19.71 11.16
CA PRO B 476 -30.42 19.02 10.69
C PRO B 476 -31.75 19.63 11.17
N ASN B 477 -31.69 20.49 12.19
CA ASN B 477 -32.90 21.10 12.73
C ASN B 477 -32.87 22.60 12.67
N GLN B 478 -31.86 23.17 12.02
CA GLN B 478 -31.72 24.62 12.00
C GLN B 478 -32.92 25.36 11.43
N PHE B 479 -33.76 24.70 10.65
CA PHE B 479 -34.98 25.35 10.12
C PHE B 479 -36.29 24.70 10.55
N GLU B 480 -36.24 23.93 11.62
CA GLU B 480 -37.44 23.32 12.18
C GLU B 480 -38.38 24.42 12.67
N ASN B 481 -39.68 24.22 12.43
CA ASN B 481 -40.74 25.06 12.97
C ASN B 481 -40.80 26.42 12.29
N LEU B 482 -40.08 26.59 11.19
CA LEU B 482 -40.24 27.81 10.41
C LEU B 482 -41.51 27.69 9.61
N PRO B 483 -42.15 28.84 9.37
CA PRO B 483 -43.25 28.90 8.41
C PRO B 483 -42.75 28.71 6.99
N ASP B 484 -43.67 28.68 6.04
CA ASP B 484 -43.37 28.37 4.67
C ASP B 484 -42.60 29.50 3.98
N ILE B 485 -41.31 29.58 4.26
CA ILE B 485 -40.45 30.60 3.68
C ILE B 485 -40.32 30.46 2.16
N ALA B 486 -40.52 31.55 1.43
CA ALA B 486 -40.25 31.58 0.00
C ALA B 486 -38.94 32.29 -0.42
N CYS B 487 -38.42 33.15 0.44
CA CYS B 487 -37.25 33.95 0.14
C CYS B 487 -36.37 33.80 1.36
N LEU B 488 -35.18 33.28 1.14
CA LEU B 488 -34.25 33.00 2.21
C LEU B 488 -32.85 33.58 1.90
N ASN B 489 -32.32 34.32 2.88
CA ASN B 489 -31.00 34.95 2.77
C ASN B 489 -30.03 34.42 3.81
N LEU B 490 -28.99 33.76 3.32
CA LEU B 490 -27.98 33.17 4.16
C LEU B 490 -26.63 33.68 3.73
N SER B 491 -26.61 34.84 3.12
CA SER B 491 -25.35 35.43 2.69
C SER B 491 -24.40 35.78 3.84
N ALA B 492 -23.11 35.61 3.57
CA ALA B 492 -22.07 36.01 4.48
C ALA B 492 -22.19 35.32 5.84
N ASN B 493 -22.46 34.02 5.85
CA ASN B 493 -22.38 33.24 7.09
C ASN B 493 -21.10 32.39 7.23
N SER B 494 -20.08 32.64 6.40
CA SER B 494 -18.90 31.78 6.30
C SER B 494 -19.24 30.31 6.26
N ASN B 495 -20.34 29.96 5.61
CA ASN B 495 -20.77 28.57 5.53
C ASN B 495 -19.88 27.80 4.59
N ALA B 496 -19.39 26.65 5.06
CA ALA B 496 -18.25 25.95 4.47
C ALA B 496 -18.59 24.50 4.29
N GLN B 497 -19.88 24.21 4.30
CA GLN B 497 -20.33 22.85 4.24
C GLN B 497 -20.66 22.32 2.85
N VAL B 498 -21.07 21.05 2.87
CA VAL B 498 -21.29 20.24 1.72
C VAL B 498 -22.77 19.97 1.69
N LEU B 499 -23.50 20.82 0.97
CA LEU B 499 -24.95 20.71 0.89
C LEU B 499 -25.23 19.41 0.16
N SER B 500 -26.30 18.73 0.50
CA SER B 500 -26.44 17.33 0.09
C SER B 500 -27.87 16.87 -0.08
N GLY B 501 -28.82 17.79 -0.20
CA GLY B 501 -30.21 17.47 -0.47
C GLY B 501 -31.17 17.39 0.70
N THR B 502 -30.70 17.64 1.91
CA THR B 502 -31.56 17.56 3.12
C THR B 502 -31.56 18.81 4.03
N GLU B 503 -30.68 19.77 3.79
CA GLU B 503 -30.53 20.87 4.74
C GLU B 503 -31.70 21.84 4.72
N PHE B 504 -32.47 21.82 3.62
CA PHE B 504 -33.63 22.69 3.46
C PHE B 504 -34.98 21.98 3.50
N SER B 505 -34.99 20.72 3.91
CA SER B 505 -36.22 19.91 4.00
C SER B 505 -37.35 20.62 4.77
N ALA B 506 -37.02 21.34 5.84
CA ALA B 506 -38.06 21.95 6.67
C ALA B 506 -38.74 23.13 5.96
N ILE B 507 -38.09 23.68 4.94
CA ILE B 507 -38.65 24.81 4.18
C ILE B 507 -38.43 24.50 2.71
N PRO B 508 -39.14 23.49 2.21
CA PRO B 508 -38.86 22.98 0.88
C PRO B 508 -39.35 23.90 -0.20
N HIS B 509 -40.19 24.88 0.12
CA HIS B 509 -40.78 25.72 -0.92
C HIS B 509 -40.05 27.04 -1.21
N VAL B 510 -38.79 27.13 -0.81
CA VAL B 510 -37.98 28.32 -1.16
C VAL B 510 -37.81 28.49 -2.67
N LYS B 511 -38.10 29.70 -3.17
CA LYS B 511 -38.04 30.04 -4.58
C LYS B 511 -36.88 30.96 -4.97
N TYR B 512 -36.40 31.74 -4.00
CA TYR B 512 -35.28 32.62 -4.18
C TYR B 512 -34.32 32.38 -2.98
N LEU B 513 -33.13 31.88 -3.30
CA LEU B 513 -32.17 31.50 -2.31
C LEU B 513 -30.85 32.20 -2.51
N ASP B 514 -30.44 33.05 -1.57
CA ASP B 514 -29.18 33.82 -1.61
C ASP B 514 -28.15 33.17 -0.69
N LEU B 515 -27.08 32.64 -1.27
CA LEU B 515 -26.01 32.00 -0.52
C LEU B 515 -24.69 32.67 -0.87
N THR B 516 -24.74 33.95 -1.19
CA THR B 516 -23.55 34.67 -1.60
C THR B 516 -22.56 34.75 -0.45
N ASN B 517 -21.30 34.95 -0.78
CA ASN B 517 -20.28 35.37 0.20
C ASN B 517 -20.17 34.35 1.31
N ASN B 518 -20.19 33.08 0.93
CA ASN B 518 -19.96 31.98 1.84
C ASN B 518 -18.76 31.21 1.33
N ARG B 519 -18.50 30.01 1.80
CA ARG B 519 -17.33 29.29 1.27
C ARG B 519 -17.70 27.86 1.02
N LEU B 520 -18.79 27.70 0.30
CA LEU B 520 -19.41 26.41 0.13
C LEU B 520 -18.46 25.43 -0.54
N ASP B 521 -18.58 24.17 -0.14
CA ASP B 521 -17.76 23.08 -0.62
C ASP B 521 -18.64 22.18 -1.46
N PHE B 522 -18.53 22.31 -2.77
CA PHE B 522 -19.47 21.67 -3.67
C PHE B 522 -19.04 20.26 -3.96
N ASP B 523 -19.22 19.38 -2.98
CA ASP B 523 -18.70 18.04 -3.07
C ASP B 523 -19.78 16.99 -3.21
N ASN B 524 -21.02 17.41 -3.36
CA ASN B 524 -22.12 16.49 -3.46
C ASN B 524 -23.11 16.99 -4.50
N ALA B 525 -23.49 16.07 -5.39
CA ALA B 525 -24.26 16.36 -6.58
C ALA B 525 -25.76 16.47 -6.31
N SER B 526 -26.18 16.15 -5.10
CA SER B 526 -27.59 16.24 -4.72
C SER B 526 -27.90 17.58 -4.01
N ALA B 527 -26.87 18.39 -3.79
CA ALA B 527 -27.03 19.67 -3.13
C ALA B 527 -28.22 20.43 -3.67
N LEU B 528 -29.08 20.86 -2.75
CA LEU B 528 -30.18 21.81 -3.04
C LEU B 528 -31.30 21.18 -3.82
N THR B 529 -31.16 19.90 -4.14
CA THR B 529 -32.18 19.17 -4.90
C THR B 529 -33.48 19.02 -4.14
N GLU B 530 -33.45 19.18 -2.81
CA GLU B 530 -34.71 19.17 -2.06
C GLU B 530 -35.64 20.37 -2.35
N LEU B 531 -35.07 21.47 -2.88
CA LEU B 531 -35.85 22.67 -3.17
C LEU B 531 -36.34 22.66 -4.62
N SER B 532 -37.43 21.97 -4.91
CA SER B 532 -37.76 21.69 -6.32
C SER B 532 -38.57 22.79 -6.98
N ASP B 533 -39.03 23.76 -6.16
CA ASP B 533 -39.62 24.97 -6.68
C ASP B 533 -38.62 26.08 -6.93
N LEU B 534 -37.34 25.84 -6.64
CA LEU B 534 -36.31 26.89 -6.75
C LEU B 534 -36.30 27.56 -8.13
N GLU B 535 -36.46 28.89 -8.15
CA GLU B 535 -36.42 29.72 -9.37
C GLU B 535 -35.18 30.60 -9.51
N VAL B 536 -34.61 31.03 -8.39
CA VAL B 536 -33.46 31.94 -8.43
C VAL B 536 -32.46 31.43 -7.41
N LEU B 537 -31.22 31.23 -7.84
CA LEU B 537 -30.20 30.78 -6.93
C LEU B 537 -28.96 31.69 -7.10
N ASP B 538 -28.51 32.32 -6.01
CA ASP B 538 -27.33 33.23 -6.07
C ASP B 538 -26.18 32.61 -5.25
N LEU B 539 -25.13 32.21 -5.96
CA LEU B 539 -23.98 31.58 -5.36
C LEU B 539 -22.76 32.44 -5.56
N SER B 540 -22.97 33.74 -5.74
CA SER B 540 -21.84 34.67 -5.93
C SER B 540 -20.88 34.65 -4.72
N TYR B 541 -19.59 34.83 -4.96
CA TYR B 541 -18.60 34.98 -3.91
C TYR B 541 -18.56 33.79 -2.99
N ASN B 542 -18.38 32.62 -3.59
CA ASN B 542 -18.08 31.37 -2.90
C ASN B 542 -16.86 30.76 -3.53
N SER B 543 -15.87 31.60 -3.79
CA SER B 543 -14.73 31.19 -4.58
C SER B 543 -13.73 30.39 -3.77
N HIS B 544 -13.81 30.48 -2.46
CA HIS B 544 -12.78 29.88 -1.60
C HIS B 544 -12.34 28.45 -2.01
N TYR B 545 -13.26 27.50 -2.08
CA TYR B 545 -12.92 26.14 -2.52
C TYR B 545 -12.70 25.98 -4.03
N PHE B 546 -13.44 26.72 -4.83
CA PHE B 546 -13.25 26.66 -6.29
C PHE B 546 -11.83 26.95 -6.65
N ARG B 547 -11.16 27.78 -5.85
CA ARG B 547 -9.75 28.17 -6.06
C ARG B 547 -8.74 27.03 -5.93
N ILE B 548 -9.15 25.96 -5.29
CA ILE B 548 -8.26 24.92 -4.90
C ILE B 548 -8.46 23.71 -5.79
N ALA B 549 -7.42 23.43 -6.57
CA ALA B 549 -7.39 22.36 -7.56
C ALA B 549 -7.72 21.01 -6.94
N GLY B 550 -7.16 20.79 -5.75
CA GLY B 550 -7.21 19.48 -5.11
C GLY B 550 -8.54 19.08 -4.52
N VAL B 551 -9.39 20.03 -4.15
CA VAL B 551 -10.74 19.62 -3.64
C VAL B 551 -11.68 19.44 -4.85
N THR B 552 -12.79 18.76 -4.67
CA THR B 552 -13.72 18.55 -5.77
C THR B 552 -14.66 19.74 -5.95
N HIS B 553 -15.32 19.82 -7.09
CA HIS B 553 -16.30 20.87 -7.37
C HIS B 553 -17.38 20.30 -8.26
N HIS B 554 -18.51 19.96 -7.66
CA HIS B 554 -19.63 19.31 -8.33
C HIS B 554 -20.78 20.25 -8.58
N LEU B 555 -21.05 20.54 -9.86
CA LEU B 555 -22.18 21.43 -10.24
C LEU B 555 -23.34 20.72 -10.94
N GLU B 556 -23.42 19.40 -10.76
CA GLU B 556 -24.42 18.58 -11.43
C GLU B 556 -25.84 18.89 -10.97
N PHE B 557 -26.00 19.25 -9.70
CA PHE B 557 -27.34 19.51 -9.13
C PHE B 557 -28.14 20.51 -9.94
N ILE B 558 -27.47 21.37 -10.68
CA ILE B 558 -28.16 22.34 -11.54
C ILE B 558 -29.27 21.78 -12.43
N GLN B 559 -29.01 20.66 -13.08
CA GLN B 559 -29.98 20.05 -14.01
C GLN B 559 -31.25 19.56 -13.32
N ASN B 560 -31.21 19.41 -12.00
CA ASN B 560 -32.32 18.78 -11.26
C ASN B 560 -33.55 19.61 -11.01
N PHE B 561 -33.51 20.90 -11.32
CA PHE B 561 -34.65 21.75 -11.06
C PHE B 561 -35.43 21.94 -12.33
N THR B 562 -36.74 21.82 -12.21
CA THR B 562 -37.59 21.94 -13.35
C THR B 562 -37.92 23.38 -13.55
N ASN B 563 -37.77 24.19 -12.51
CA ASN B 563 -38.16 25.62 -12.58
C ASN B 563 -37.10 26.69 -12.36
N LEU B 564 -35.82 26.32 -12.45
CA LEU B 564 -34.72 27.24 -12.16
C LEU B 564 -34.65 28.19 -13.32
N LYS B 565 -34.73 29.49 -13.05
CA LYS B 565 -34.71 30.51 -14.06
C LYS B 565 -33.41 31.29 -14.07
N VAL B 566 -32.90 31.63 -12.88
CA VAL B 566 -31.77 32.56 -12.79
C VAL B 566 -30.71 32.00 -11.87
N LEU B 567 -29.49 31.89 -12.39
CA LEU B 567 -28.43 31.31 -11.63
C LEU B 567 -27.22 32.22 -11.70
N ASN B 568 -26.75 32.66 -10.54
CA ASN B 568 -25.59 33.55 -10.45
C ASN B 568 -24.43 32.79 -9.86
N LEU B 569 -23.45 32.49 -10.70
CA LEU B 569 -22.20 31.89 -10.26
C LEU B 569 -21.03 32.90 -10.25
N SER B 570 -21.32 34.18 -10.06
CA SER B 570 -20.28 35.20 -10.29
C SER B 570 -19.14 35.14 -9.26
N HIS B 571 -17.98 35.70 -9.64
CA HIS B 571 -16.79 35.85 -8.76
C HIS B 571 -16.55 34.62 -7.90
N ASN B 572 -16.61 33.46 -8.54
CA ASN B 572 -16.31 32.21 -7.90
C ASN B 572 -14.95 31.67 -8.31
N ASN B 573 -14.27 32.31 -9.22
CA ASN B 573 -13.00 31.79 -9.76
C ASN B 573 -13.09 30.37 -10.28
N ILE B 574 -14.21 30.00 -10.90
CA ILE B 574 -14.38 28.63 -11.35
C ILE B 574 -13.42 28.36 -12.50
N TYR B 575 -12.54 27.40 -12.33
CA TYR B 575 -11.61 26.98 -13.36
C TYR B 575 -11.44 25.49 -13.50
N THR B 576 -12.05 24.70 -12.62
CA THR B 576 -11.93 23.23 -12.70
C THR B 576 -13.13 22.64 -12.00
N LEU B 577 -13.70 21.62 -12.64
CA LEU B 577 -14.86 20.88 -12.14
C LEU B 577 -14.54 19.38 -12.10
N THR B 578 -15.31 18.65 -11.32
CA THR B 578 -15.08 17.26 -11.07
C THR B 578 -16.09 16.43 -11.87
N ASP B 579 -15.61 15.53 -12.75
CA ASP B 579 -16.45 14.50 -13.35
C ASP B 579 -17.32 14.97 -14.48
N LYS B 580 -18.25 15.85 -14.18
CA LYS B 580 -19.10 16.42 -15.17
C LYS B 580 -18.62 17.83 -15.45
N TYR B 581 -18.23 18.05 -16.68
CA TYR B 581 -17.61 19.29 -17.07
C TYR B 581 -18.62 20.32 -17.58
N ASN B 582 -19.89 19.92 -17.64
CA ASN B 582 -20.86 20.68 -18.40
C ASN B 582 -21.97 21.16 -17.49
N LEU B 583 -22.52 22.33 -17.78
CA LEU B 583 -23.73 22.80 -17.05
C LEU B 583 -24.95 22.56 -17.92
N GLU B 584 -26.00 22.04 -17.29
CA GLU B 584 -27.20 21.59 -18.03
C GLU B 584 -28.45 21.96 -17.25
N SER B 585 -29.42 22.48 -17.97
CA SER B 585 -30.73 22.76 -17.44
C SER B 585 -31.66 22.95 -18.61
N LYS B 586 -32.85 22.35 -18.51
CA LYS B 586 -33.92 22.63 -19.45
C LYS B 586 -34.64 23.94 -19.15
N SER B 587 -34.64 24.36 -17.90
CA SER B 587 -35.39 25.59 -17.59
C SER B 587 -34.60 26.88 -17.71
N LEU B 588 -33.31 26.85 -17.39
CA LEU B 588 -32.57 28.07 -17.05
C LEU B 588 -32.62 29.10 -18.16
N VAL B 589 -32.95 30.32 -17.74
CA VAL B 589 -33.08 31.44 -18.64
C VAL B 589 -31.88 32.34 -18.57
N GLU B 590 -31.28 32.48 -17.39
CA GLU B 590 -30.18 33.44 -17.20
C GLU B 590 -29.05 32.82 -16.35
N LEU B 591 -27.85 32.77 -16.93
CA LEU B 591 -26.63 32.39 -16.23
C LEU B 591 -25.63 33.55 -16.12
N VAL B 592 -25.23 33.90 -14.88
CA VAL B 592 -24.24 34.94 -14.61
C VAL B 592 -22.92 34.26 -14.31
N PHE B 593 -21.93 34.34 -15.19
CA PHE B 593 -20.67 33.62 -15.01
C PHE B 593 -19.45 34.55 -14.98
N SER B 594 -19.67 35.81 -14.61
CA SER B 594 -18.63 36.80 -14.47
C SER B 594 -17.68 36.44 -13.34
N GLY B 595 -16.40 36.79 -13.51
CA GLY B 595 -15.42 36.66 -12.39
C GLY B 595 -15.00 35.22 -12.17
N ASN B 596 -14.94 34.48 -13.26
CA ASN B 596 -14.52 33.10 -13.22
C ASN B 596 -13.34 32.97 -14.18
N ARG B 597 -12.85 31.76 -14.48
CA ARG B 597 -11.65 31.61 -15.30
C ARG B 597 -11.89 30.79 -16.56
N LEU B 598 -12.80 31.27 -17.38
CA LEU B 598 -12.98 30.70 -18.70
C LEU B 598 -11.66 30.73 -19.48
N ASP B 599 -10.76 31.64 -19.14
CA ASP B 599 -9.49 31.65 -19.84
C ASP B 599 -8.77 30.32 -19.60
N ILE B 600 -8.95 29.75 -18.42
CA ILE B 600 -8.37 28.41 -18.16
C ILE B 600 -9.29 27.28 -18.64
N LEU B 601 -10.59 27.44 -18.47
CA LEU B 601 -11.52 26.41 -18.90
C LEU B 601 -11.42 26.11 -20.38
N TRP B 602 -11.25 27.14 -21.15
CA TRP B 602 -11.27 27.04 -22.59
C TRP B 602 -9.89 27.17 -23.15
N ASN B 603 -8.90 26.73 -22.42
CA ASN B 603 -7.57 26.95 -22.88
C ASN B 603 -7.26 25.92 -23.96
N ASP B 604 -6.35 26.29 -24.86
CA ASP B 604 -6.11 25.57 -26.12
C ASP B 604 -5.83 24.09 -25.94
N ASP B 605 -5.13 23.72 -24.86
CA ASP B 605 -4.71 22.35 -24.64
C ASP B 605 -5.74 21.44 -23.94
N ASP B 606 -6.96 21.93 -23.75
CA ASP B 606 -7.92 21.17 -22.99
C ASP B 606 -9.31 21.29 -23.67
N ASN B 607 -9.90 20.15 -24.01
CA ASN B 607 -11.19 20.07 -24.71
C ASN B 607 -12.37 19.86 -23.82
N ARG B 608 -12.08 19.52 -22.57
CA ARG B 608 -13.11 19.02 -21.70
C ARG B 608 -14.25 20.02 -21.47
N TYR B 609 -14.01 21.33 -21.56
CA TYR B 609 -15.06 22.30 -21.23
C TYR B 609 -15.63 23.00 -22.47
N ILE B 610 -15.30 22.48 -23.65
CA ILE B 610 -15.69 23.10 -24.91
C ILE B 610 -17.24 23.25 -25.09
N SER B 611 -18.04 22.42 -24.43
CA SER B 611 -19.50 22.54 -24.45
C SER B 611 -20.11 22.97 -23.12
N ILE B 612 -19.29 23.60 -22.30
CA ILE B 612 -19.70 23.91 -20.92
C ILE B 612 -21.12 24.43 -20.76
N PHE B 613 -21.61 25.25 -21.70
CA PHE B 613 -22.89 25.94 -21.53
C PHE B 613 -23.95 25.42 -22.48
N LYS B 614 -23.57 24.49 -23.35
CA LYS B 614 -24.45 24.02 -24.44
C LYS B 614 -25.73 23.39 -23.95
N GLY B 615 -25.65 22.60 -22.89
CA GLY B 615 -26.83 21.98 -22.32
C GLY B 615 -27.76 22.94 -21.58
N LEU B 616 -27.56 24.26 -21.70
CA LEU B 616 -28.53 25.22 -21.11
C LEU B 616 -29.53 25.61 -22.24
N LYS B 617 -30.49 24.73 -22.46
CA LYS B 617 -31.27 24.74 -23.70
C LYS B 617 -32.26 25.90 -23.74
N ASN B 618 -32.52 26.56 -22.63
CA ASN B 618 -33.52 27.60 -22.60
C ASN B 618 -32.89 28.98 -22.41
N LEU B 619 -31.57 29.05 -22.52
CA LEU B 619 -30.84 30.19 -22.01
C LEU B 619 -31.02 31.36 -22.95
N THR B 620 -31.44 32.49 -22.42
CA THR B 620 -31.46 33.69 -23.24
C THR B 620 -30.44 34.73 -22.86
N ARG B 621 -30.00 34.74 -21.61
CA ARG B 621 -29.04 35.75 -21.18
C ARG B 621 -27.82 35.08 -20.52
N LEU B 622 -26.63 35.46 -20.99
CA LEU B 622 -25.38 34.87 -20.53
C LEU B 622 -24.34 35.97 -20.31
N ASP B 623 -23.70 35.97 -19.14
CA ASP B 623 -22.68 36.98 -18.79
C ASP B 623 -21.33 36.31 -18.57
N LEU B 624 -20.38 36.62 -19.45
CA LEU B 624 -19.06 36.01 -19.43
C LEU B 624 -17.98 37.09 -19.23
N SER B 625 -18.37 38.16 -18.54
CA SER B 625 -17.50 39.28 -18.33
C SER B 625 -16.47 38.86 -17.31
N LEU B 626 -15.39 39.61 -17.21
CA LEU B 626 -14.39 39.38 -16.17
C LEU B 626 -14.00 37.91 -16.09
N ASN B 627 -13.59 37.32 -17.21
CA ASN B 627 -13.06 35.93 -17.24
C ASN B 627 -11.66 35.87 -17.88
N ARG B 628 -11.01 37.01 -18.02
CA ARG B 628 -9.64 37.16 -18.61
C ARG B 628 -9.40 36.47 -19.93
N LEU B 629 -10.42 36.50 -20.77
CA LEU B 629 -10.34 35.85 -22.05
C LEU B 629 -9.52 36.70 -22.97
N LYS B 630 -8.46 36.14 -23.54
CA LYS B 630 -7.72 36.78 -24.66
C LYS B 630 -8.26 36.35 -26.01
N HIS B 631 -8.80 35.14 -26.05
CA HIS B 631 -9.37 34.54 -27.24
C HIS B 631 -10.34 33.45 -26.76
N ILE B 632 -11.36 33.20 -27.59
CA ILE B 632 -12.33 32.17 -27.34
C ILE B 632 -12.21 31.18 -28.47
N PRO B 633 -12.17 29.89 -28.17
CA PRO B 633 -12.00 28.98 -29.31
C PRO B 633 -13.27 28.95 -30.10
N ASN B 634 -13.15 28.99 -31.43
CA ASN B 634 -14.32 29.08 -32.29
C ASN B 634 -15.36 28.01 -31.93
N GLU B 635 -14.86 26.78 -31.68
CA GLU B 635 -15.73 25.67 -31.37
C GLU B 635 -16.45 25.96 -30.07
N ALA B 636 -15.78 26.63 -29.14
CA ALA B 636 -16.41 27.03 -27.87
C ALA B 636 -17.49 28.07 -28.04
N PHE B 637 -17.23 29.10 -28.82
CA PHE B 637 -18.28 30.07 -29.16
C PHE B 637 -19.46 29.41 -29.87
N LEU B 638 -19.18 28.55 -30.84
CA LEU B 638 -20.27 27.84 -31.53
C LEU B 638 -21.09 26.95 -30.62
N ASN B 639 -20.51 26.55 -29.50
CA ASN B 639 -21.25 25.71 -28.52
C ASN B 639 -22.05 26.47 -27.48
N LEU B 640 -22.16 27.79 -27.58
CA LEU B 640 -23.06 28.52 -26.70
C LEU B 640 -24.49 28.28 -27.21
N PRO B 641 -25.48 28.25 -26.31
CA PRO B 641 -26.86 27.94 -26.69
C PRO B 641 -27.41 28.84 -27.79
N ALA B 642 -28.03 28.25 -28.80
CA ALA B 642 -28.51 29.03 -29.94
C ALA B 642 -29.68 29.88 -29.52
N SER B 643 -30.30 29.52 -28.39
CA SER B 643 -31.40 30.32 -27.85
C SER B 643 -31.00 31.73 -27.28
N LEU B 644 -29.71 32.09 -27.26
CA LEU B 644 -29.30 33.39 -26.65
C LEU B 644 -29.90 34.61 -27.35
N THR B 645 -30.54 35.50 -26.58
CA THR B 645 -30.83 36.86 -27.04
C THR B 645 -29.87 37.92 -26.51
N GLU B 646 -29.12 37.60 -25.45
CA GLU B 646 -28.25 38.57 -24.83
C GLU B 646 -26.95 37.93 -24.30
N LEU B 647 -25.84 38.47 -24.75
CA LEU B 647 -24.51 37.92 -24.54
C LEU B 647 -23.54 39.05 -24.24
N HIS B 648 -22.99 38.99 -23.02
CA HIS B 648 -21.95 39.91 -22.54
C HIS B 648 -20.62 39.19 -22.41
N ILE B 649 -19.61 39.78 -23.02
CA ILE B 649 -18.24 39.33 -22.85
C ILE B 649 -17.36 40.55 -22.58
N ASN B 650 -17.93 41.53 -21.89
CA ASN B 650 -17.23 42.76 -21.63
C ASN B 650 -16.13 42.54 -20.59
N ASP B 651 -15.20 43.49 -20.53
CA ASP B 651 -14.10 43.46 -19.54
C ASP B 651 -13.38 42.16 -19.51
N ASN B 652 -12.95 41.73 -20.68
CA ASN B 652 -11.98 40.65 -20.83
C ASN B 652 -10.80 41.24 -21.57
N MET B 653 -10.13 40.46 -22.40
CA MET B 653 -8.90 40.91 -23.06
C MET B 653 -8.86 40.55 -24.56
N LEU B 654 -10.02 40.55 -25.21
CA LEU B 654 -10.10 39.99 -26.53
C LEU B 654 -9.38 40.89 -27.49
N LYS B 655 -8.50 40.33 -28.31
CA LYS B 655 -7.88 41.06 -29.42
C LYS B 655 -8.67 40.85 -30.72
N PHE B 656 -9.19 39.64 -30.89
CA PHE B 656 -9.95 39.26 -32.08
C PHE B 656 -11.31 38.74 -31.66
N PHE B 657 -12.24 38.85 -32.58
CA PHE B 657 -13.54 38.26 -32.40
C PHE B 657 -13.99 37.71 -33.73
N ASN B 658 -14.41 36.46 -33.74
CA ASN B 658 -14.89 35.84 -34.97
C ASN B 658 -16.34 36.21 -35.24
N TRP B 659 -16.53 37.30 -35.97
CA TRP B 659 -17.87 37.82 -36.33
C TRP B 659 -18.72 36.84 -37.13
N THR B 660 -18.10 35.97 -37.89
CA THR B 660 -18.82 34.98 -38.68
C THR B 660 -19.65 34.06 -37.84
N LEU B 661 -19.28 33.89 -36.60
CA LEU B 661 -19.96 32.87 -35.79
C LEU B 661 -21.35 33.32 -35.36
N LEU B 662 -21.63 34.62 -35.50
CA LEU B 662 -22.95 35.15 -35.19
C LEU B 662 -24.04 34.58 -36.10
N GLN B 663 -23.67 34.01 -37.26
CA GLN B 663 -24.63 33.28 -38.10
C GLN B 663 -25.34 32.18 -37.36
N GLN B 664 -24.79 31.71 -36.24
CA GLN B 664 -25.39 30.59 -35.51
C GLN B 664 -26.29 30.99 -34.35
N PHE B 665 -26.51 32.29 -34.20
CA PHE B 665 -27.28 32.89 -33.08
C PHE B 665 -28.34 33.80 -33.70
N PRO B 666 -29.43 33.18 -34.21
CA PRO B 666 -30.44 33.90 -34.98
C PRO B 666 -31.44 34.64 -34.11
N ARG B 667 -31.37 34.44 -32.80
CA ARG B 667 -32.18 35.26 -31.89
C ARG B 667 -31.35 36.34 -31.19
N LEU B 668 -30.07 36.43 -31.51
CA LEU B 668 -29.17 37.28 -30.72
C LEU B 668 -29.48 38.75 -30.95
N GLU B 669 -29.92 39.43 -29.89
CA GLU B 669 -30.28 40.85 -29.98
C GLU B 669 -29.29 41.78 -29.39
N LEU B 670 -28.61 41.36 -28.32
CA LEU B 670 -27.63 42.25 -27.66
C LEU B 670 -26.27 41.62 -27.50
N LEU B 671 -25.28 42.24 -28.12
CA LEU B 671 -23.91 41.73 -28.00
C LEU B 671 -23.04 42.82 -27.38
N ASP B 672 -22.40 42.52 -26.26
CA ASP B 672 -21.62 43.50 -25.48
C ASP B 672 -20.16 43.05 -25.40
N LEU B 673 -19.29 43.77 -26.10
CA LEU B 673 -17.86 43.47 -26.14
C LEU B 673 -17.01 44.58 -25.55
N ARG B 674 -17.62 45.43 -24.74
CA ARG B 674 -16.94 46.56 -24.11
C ARG B 674 -15.78 46.11 -23.28
N GLY B 675 -14.74 46.95 -23.22
CA GLY B 675 -13.61 46.79 -22.31
C GLY B 675 -12.81 45.57 -22.69
N ASN B 676 -12.40 45.51 -23.96
CA ASN B 676 -11.56 44.44 -24.48
C ASN B 676 -10.49 45.13 -25.24
N LYS B 677 -9.79 44.40 -26.11
CA LYS B 677 -8.68 44.99 -26.85
C LYS B 677 -8.86 44.92 -28.34
N LEU B 678 -10.11 44.93 -28.80
CA LEU B 678 -10.42 44.62 -30.20
C LEU B 678 -9.86 45.68 -31.15
N LEU B 679 -9.25 45.21 -32.23
CA LEU B 679 -8.43 46.05 -33.09
C LEU B 679 -9.14 46.48 -34.36
N PHE B 680 -10.13 45.71 -34.80
CA PHE B 680 -10.94 46.14 -35.91
C PHE B 680 -12.27 45.44 -35.91
N LEU B 681 -13.15 45.88 -36.81
CA LEU B 681 -14.43 45.24 -37.10
C LEU B 681 -14.48 44.54 -38.46
N THR B 682 -15.39 43.58 -38.57
CA THR B 682 -15.71 42.95 -39.84
C THR B 682 -16.43 43.90 -40.80
N ASP B 683 -16.21 43.72 -42.11
CA ASP B 683 -16.92 44.54 -43.11
C ASP B 683 -18.18 43.85 -43.56
N SER B 684 -18.40 42.66 -43.04
CA SER B 684 -19.51 41.85 -43.47
C SER B 684 -20.56 41.60 -42.36
N LEU B 685 -20.81 42.57 -41.49
CA LEU B 685 -21.72 42.31 -40.36
C LEU B 685 -23.10 41.84 -40.82
N SER B 686 -23.62 42.49 -41.86
CA SER B 686 -24.94 42.16 -42.42
C SER B 686 -25.02 40.73 -42.97
N ASP B 687 -23.87 40.12 -43.27
CA ASP B 687 -23.80 38.71 -43.70
C ASP B 687 -24.06 37.76 -42.56
N PHE B 688 -23.78 38.22 -41.33
CA PHE B 688 -23.73 37.33 -40.19
C PHE B 688 -24.89 37.40 -39.21
N THR B 689 -25.62 38.50 -39.19
CA THR B 689 -26.82 38.59 -38.32
C THR B 689 -27.87 39.44 -38.98
N SER B 690 -29.11 39.10 -38.76
CA SER B 690 -30.21 40.01 -39.07
C SER B 690 -31.11 40.20 -37.83
N SER B 691 -30.57 39.81 -36.68
CA SER B 691 -31.26 39.91 -35.39
C SER B 691 -30.63 40.96 -34.45
N LEU B 692 -29.35 41.28 -34.61
CA LEU B 692 -28.62 42.08 -33.63
C LEU B 692 -29.14 43.49 -33.57
N ARG B 693 -29.65 43.93 -32.41
CA ARG B 693 -30.17 45.30 -32.22
C ARG B 693 -29.20 46.24 -31.50
N THR B 694 -28.49 45.72 -30.49
CA THR B 694 -27.55 46.54 -29.69
C THR B 694 -26.16 45.92 -29.76
N LEU B 695 -25.16 46.71 -30.10
CA LEU B 695 -23.80 46.24 -30.21
C LEU B 695 -22.99 47.25 -29.41
N LEU B 696 -22.39 46.79 -28.31
CA LEU B 696 -21.64 47.67 -27.42
C LEU B 696 -20.15 47.34 -27.59
N LEU B 697 -19.40 48.32 -28.05
CA LEU B 697 -18.02 48.15 -28.37
C LEU B 697 -17.10 49.17 -27.68
N SER B 698 -17.58 49.83 -26.64
CA SER B 698 -16.75 50.88 -26.03
C SER B 698 -15.55 50.31 -25.29
N HIS B 699 -14.53 51.12 -25.21
CA HIS B 699 -13.29 50.73 -24.59
C HIS B 699 -12.71 49.55 -25.32
N ASN B 700 -12.39 49.78 -26.59
CA ASN B 700 -11.66 48.84 -27.41
C ASN B 700 -10.66 49.64 -28.21
N ARG B 701 -10.04 49.07 -29.23
CA ARG B 701 -8.97 49.78 -29.93
C ARG B 701 -9.26 49.92 -31.40
N ILE B 702 -10.50 50.23 -31.70
CA ILE B 702 -10.88 50.34 -33.09
C ILE B 702 -10.55 51.71 -33.65
N SER B 703 -9.78 51.67 -34.74
CA SER B 703 -9.31 52.88 -35.41
C SER B 703 -10.01 53.16 -36.74
N HIS B 704 -10.84 52.25 -37.21
CA HIS B 704 -11.43 52.40 -38.53
C HIS B 704 -12.81 51.73 -38.57
N LEU B 705 -13.76 52.41 -39.18
CA LEU B 705 -15.10 51.94 -39.26
C LEU B 705 -15.30 51.51 -40.73
N PRO B 706 -15.69 50.24 -40.99
CA PRO B 706 -15.68 49.76 -42.37
C PRO B 706 -16.64 50.47 -43.34
N SER B 707 -16.26 50.46 -44.62
CA SER B 707 -17.15 50.87 -45.70
C SER B 707 -18.42 50.05 -45.60
N GLY B 708 -19.56 50.72 -45.63
CA GLY B 708 -20.84 50.06 -45.47
C GLY B 708 -20.87 49.26 -44.19
N PHE B 709 -20.69 49.97 -43.09
CA PHE B 709 -20.89 49.35 -41.78
C PHE B 709 -22.24 49.81 -41.26
N LEU B 710 -22.38 51.12 -41.08
CA LEU B 710 -23.53 51.72 -40.41
C LEU B 710 -24.85 51.12 -40.86
N SER B 711 -25.13 51.29 -42.15
CA SER B 711 -26.49 51.21 -42.66
C SER B 711 -26.82 49.91 -43.41
N GLU B 712 -25.88 48.97 -43.49
CA GLU B 712 -26.14 47.71 -44.22
C GLU B 712 -26.93 46.71 -43.39
N VAL B 713 -26.89 46.89 -42.06
CA VAL B 713 -27.49 45.97 -41.13
C VAL B 713 -28.80 46.50 -40.60
N SER B 714 -29.88 45.93 -41.08
CA SER B 714 -31.18 46.51 -40.87
C SER B 714 -31.55 46.56 -39.40
N SER B 715 -31.19 45.52 -38.68
CA SER B 715 -31.63 45.32 -37.32
C SER B 715 -31.13 46.38 -36.38
N LEU B 716 -29.94 46.89 -36.62
CA LEU B 716 -29.22 47.58 -35.58
C LEU B 716 -29.75 48.93 -35.22
N LYS B 717 -30.20 49.03 -33.99
CA LYS B 717 -30.72 50.26 -33.43
C LYS B 717 -29.67 51.08 -32.70
N HIS B 718 -28.81 50.42 -31.92
CA HIS B 718 -27.96 51.10 -30.93
C HIS B 718 -26.53 50.60 -31.08
N LEU B 719 -25.59 51.51 -31.38
CA LEU B 719 -24.19 51.15 -31.62
C LEU B 719 -23.31 52.02 -30.78
N ASP B 720 -22.49 51.40 -29.95
CA ASP B 720 -21.68 52.15 -29.01
C ASP B 720 -20.22 51.99 -29.36
N LEU B 721 -19.59 53.06 -29.80
CA LEU B 721 -18.19 53.05 -30.18
C LEU B 721 -17.48 54.12 -29.41
N SER B 722 -17.97 54.43 -28.20
CA SER B 722 -17.34 55.45 -27.38
C SER B 722 -16.00 54.89 -26.93
N SER B 723 -15.03 55.76 -26.72
CA SER B 723 -13.72 55.41 -26.19
C SER B 723 -13.00 54.36 -27.03
N ASN B 724 -12.96 54.61 -28.33
CA ASN B 724 -12.18 53.81 -29.22
C ASN B 724 -11.10 54.73 -29.82
N LEU B 725 -10.50 54.33 -30.94
CA LEU B 725 -9.38 55.06 -31.55
C LEU B 725 -9.76 55.61 -32.91
N LEU B 726 -11.01 56.01 -33.06
CA LEU B 726 -11.43 56.57 -34.30
C LEU B 726 -10.90 57.99 -34.40
N LYS B 727 -10.19 58.31 -35.50
CA LYS B 727 -9.89 59.71 -35.80
C LYS B 727 -10.69 60.30 -36.93
N THR B 728 -11.40 59.45 -37.69
CA THR B 728 -12.49 59.94 -38.56
C THR B 728 -13.50 58.86 -38.80
N ILE B 729 -14.57 59.22 -39.51
CA ILE B 729 -15.52 58.26 -40.06
C ILE B 729 -15.70 58.55 -41.56
N ASN B 730 -15.27 57.62 -42.40
CA ASN B 730 -15.31 57.80 -43.86
C ASN B 730 -16.73 57.89 -44.39
N LYS B 731 -16.95 58.81 -45.32
CA LYS B 731 -18.19 58.86 -46.10
C LYS B 731 -18.76 57.46 -46.41
N SER B 732 -17.87 56.54 -46.79
CA SER B 732 -18.26 55.22 -47.30
C SER B 732 -18.85 54.29 -46.26
N ALA B 733 -18.49 54.52 -45.00
CA ALA B 733 -19.14 53.84 -43.86
C ALA B 733 -20.55 54.40 -43.64
N LEU B 734 -20.76 55.62 -44.13
CA LEU B 734 -22.05 56.30 -44.04
C LEU B 734 -22.99 55.93 -45.21
N GLU B 735 -22.52 55.04 -46.08
CA GLU B 735 -23.28 54.61 -47.23
C GLU B 735 -24.55 54.14 -46.61
N THR B 736 -25.67 54.53 -47.19
CA THR B 736 -26.96 54.32 -46.55
C THR B 736 -27.93 53.40 -47.31
N LYS B 737 -28.64 52.58 -46.55
CA LYS B 737 -29.69 51.71 -47.06
C LYS B 737 -31.02 51.99 -46.31
N THR B 738 -31.57 50.98 -45.66
CA THR B 738 -32.76 51.18 -44.84
C THR B 738 -32.51 50.85 -43.36
N THR B 739 -32.94 51.73 -42.44
CA THR B 739 -33.45 53.05 -42.82
C THR B 739 -32.38 53.95 -43.42
N THR B 740 -31.20 54.02 -42.81
CA THR B 740 -30.79 53.25 -41.63
C THR B 740 -31.64 53.33 -40.36
N LYS B 741 -31.72 52.17 -39.72
CA LYS B 741 -32.49 51.90 -38.49
C LYS B 741 -31.82 52.40 -37.19
N LEU B 742 -30.53 52.73 -37.31
CA LEU B 742 -29.77 53.31 -36.24
C LEU B 742 -30.53 54.48 -35.65
N SER B 743 -30.79 54.41 -34.36
CA SER B 743 -31.37 55.51 -33.61
C SER B 743 -30.46 56.00 -32.47
N MET B 744 -29.35 55.29 -32.20
CA MET B 744 -28.39 55.75 -31.21
C MET B 744 -26.97 55.35 -31.57
N LEU B 745 -26.09 56.34 -31.62
CA LEU B 745 -24.70 56.09 -31.97
C LEU B 745 -23.82 56.84 -30.99
N GLU B 746 -23.07 56.14 -30.15
CA GLU B 746 -22.21 56.83 -29.20
C GLU B 746 -20.79 56.90 -29.74
N LEU B 747 -20.17 58.08 -29.65
CA LEU B 747 -18.84 58.32 -30.17
C LEU B 747 -17.92 59.15 -29.24
N HIS B 748 -18.40 59.52 -28.06
CA HIS B 748 -17.56 60.26 -27.12
C HIS B 748 -16.27 59.52 -26.80
N GLY B 749 -15.21 60.27 -26.60
CA GLY B 749 -13.92 59.71 -26.22
C GLY B 749 -13.05 59.17 -27.35
N ASN B 750 -13.42 59.36 -28.62
CA ASN B 750 -12.50 59.02 -29.71
C ASN B 750 -11.67 60.25 -30.05
N PRO B 751 -10.42 60.06 -30.51
CA PRO B 751 -9.51 61.17 -30.85
C PRO B 751 -9.68 61.68 -32.29
N PHE B 752 -10.80 62.31 -32.58
CA PHE B 752 -11.08 62.75 -33.94
C PHE B 752 -10.11 63.80 -34.42
N GLU B 753 -9.66 63.59 -35.65
CA GLU B 753 -8.90 64.56 -36.39
C GLU B 753 -9.91 65.55 -36.96
N CYS B 754 -9.96 66.73 -36.34
CA CYS B 754 -10.88 67.79 -36.75
C CYS B 754 -10.23 68.71 -37.78
N THR B 755 -10.10 68.18 -38.99
CA THR B 755 -9.77 68.94 -40.19
C THR B 755 -11.02 68.87 -41.08
N CYS B 756 -10.93 69.46 -42.28
CA CYS B 756 -12.03 69.38 -43.25
C CYS B 756 -12.38 67.94 -43.69
N ASP B 757 -11.51 66.97 -43.39
CA ASP B 757 -11.79 65.53 -43.58
C ASP B 757 -13.12 65.08 -42.95
N ILE B 758 -13.35 65.51 -41.72
CA ILE B 758 -14.52 65.11 -40.95
C ILE B 758 -15.86 65.59 -41.51
N GLY B 759 -15.83 66.76 -42.17
CA GLY B 759 -17.03 67.40 -42.70
C GLY B 759 -18.06 66.49 -43.35
N ASP B 760 -17.60 65.42 -43.99
CA ASP B 760 -18.51 64.39 -44.49
C ASP B 760 -19.38 63.83 -43.36
N PHE B 761 -18.74 63.44 -42.26
CA PHE B 761 -19.49 62.97 -41.11
C PHE B 761 -20.43 64.06 -40.56
N ARG B 762 -19.94 65.30 -40.48
CA ARG B 762 -20.76 66.42 -39.96
C ARG B 762 -22.05 66.64 -40.72
N ARG B 763 -21.95 66.61 -42.05
CA ARG B 763 -23.13 66.68 -42.91
C ARG B 763 -24.04 65.52 -42.61
N TRP B 764 -23.45 64.33 -42.50
CA TRP B 764 -24.22 63.13 -42.15
C TRP B 764 -25.05 63.36 -40.89
N MET B 765 -24.39 63.85 -39.82
CA MET B 765 -25.09 64.13 -38.55
C MET B 765 -26.21 65.12 -38.82
N ASP B 766 -25.85 66.26 -39.40
CA ASP B 766 -26.81 67.30 -39.80
C ASP B 766 -28.05 66.70 -40.50
N GLU B 767 -27.85 65.68 -41.34
CA GLU B 767 -28.91 65.10 -42.17
C GLU B 767 -29.65 63.94 -41.53
N HIS B 768 -29.00 63.21 -40.62
CA HIS B 768 -29.63 62.10 -39.90
C HIS B 768 -29.89 62.47 -38.42
N LEU B 769 -30.81 63.40 -38.17
CA LEU B 769 -31.07 63.88 -36.81
C LEU B 769 -31.87 62.91 -35.97
N ASN B 770 -32.42 61.89 -36.62
CA ASN B 770 -33.07 60.75 -35.95
C ASN B 770 -32.09 59.78 -35.22
N VAL B 771 -30.79 59.91 -35.52
CA VAL B 771 -29.73 59.16 -34.86
C VAL B 771 -29.22 60.01 -33.71
N LYS B 772 -29.69 59.72 -32.50
CA LYS B 772 -29.23 60.43 -31.33
C LYS B 772 -27.74 60.13 -31.12
N ILE B 773 -26.93 61.18 -31.05
CA ILE B 773 -25.59 61.05 -30.55
C ILE B 773 -25.55 61.73 -29.20
N PRO B 774 -25.50 60.94 -28.10
CA PRO B 774 -25.34 61.54 -26.78
C PRO B 774 -23.99 62.19 -26.53
N ARG B 775 -23.97 63.13 -25.59
CA ARG B 775 -22.75 63.69 -25.02
C ARG B 775 -21.94 64.40 -26.07
N LEU B 776 -22.57 65.20 -26.89
CA LEU B 776 -21.81 65.90 -27.92
C LEU B 776 -20.62 66.69 -27.38
N VAL B 777 -20.71 67.14 -26.13
CA VAL B 777 -19.65 67.98 -25.58
C VAL B 777 -18.40 67.14 -25.28
N ASP B 778 -18.57 65.82 -25.36
CA ASP B 778 -17.49 64.86 -25.12
C ASP B 778 -17.01 64.19 -26.38
N VAL B 779 -17.67 64.49 -27.51
CA VAL B 779 -17.17 64.03 -28.80
C VAL B 779 -16.19 65.08 -29.27
N ILE B 780 -14.93 64.90 -28.89
CA ILE B 780 -13.98 65.96 -28.85
C ILE B 780 -12.84 65.71 -29.83
N CYS B 781 -12.27 66.82 -30.31
CA CYS B 781 -11.21 66.82 -31.31
C CYS B 781 -9.89 66.64 -30.61
N ALA B 782 -9.03 65.78 -31.16
CA ALA B 782 -7.68 65.60 -30.59
C ALA B 782 -6.61 66.30 -31.41
N SER B 783 -6.94 66.72 -32.63
CA SER B 783 -5.98 67.43 -33.46
C SER B 783 -6.74 68.12 -34.61
N PRO B 784 -6.15 69.19 -35.16
CA PRO B 784 -4.89 69.77 -34.68
C PRO B 784 -5.07 70.70 -33.47
N GLY B 785 -3.96 71.21 -32.95
CA GLY B 785 -3.93 71.95 -31.67
C GLY B 785 -4.89 73.13 -31.52
N ASP B 786 -5.21 73.78 -32.64
CA ASP B 786 -6.19 74.87 -32.66
C ASP B 786 -7.61 74.36 -32.34
N GLN B 787 -7.93 73.11 -32.73
CA GLN B 787 -9.24 72.51 -32.41
C GLN B 787 -9.21 71.61 -31.16
N ARG B 788 -8.01 71.22 -30.75
CA ARG B 788 -7.83 70.28 -29.65
C ARG B 788 -8.67 70.65 -28.43
N GLY B 789 -9.59 69.76 -28.06
CA GLY B 789 -10.32 69.92 -26.82
C GLY B 789 -11.73 70.42 -27.01
N LYS B 790 -12.10 70.72 -28.27
CA LYS B 790 -13.44 71.23 -28.60
C LYS B 790 -14.31 70.16 -29.19
N SER B 791 -15.62 70.35 -29.10
CA SER B 791 -16.52 69.41 -29.70
C SER B 791 -16.36 69.48 -31.19
N ILE B 792 -16.53 68.35 -31.85
CA ILE B 792 -16.43 68.29 -33.30
C ILE B 792 -17.57 69.04 -33.97
N VAL B 793 -18.68 69.19 -33.25
CA VAL B 793 -19.82 69.88 -33.81
C VAL B 793 -19.59 71.40 -33.88
N SER B 794 -18.56 71.91 -33.19
CA SER B 794 -18.34 73.36 -33.08
C SER B 794 -17.18 73.87 -33.95
N LEU B 795 -17.33 73.79 -35.27
CA LEU B 795 -16.42 74.46 -36.20
C LEU B 795 -16.92 74.46 -37.66
N SER C 9 56.37 -36.80 6.68
CA SER C 9 55.86 -38.12 6.22
C SER C 9 54.33 -38.20 6.32
N ARG C 10 53.78 -39.37 5.99
CA ARG C 10 52.35 -39.66 6.24
C ARG C 10 52.18 -40.33 7.59
N SER C 11 51.64 -39.59 8.56
CA SER C 11 51.43 -40.14 9.90
C SER C 11 50.49 -41.35 9.84
N TYR C 12 50.71 -42.35 10.68
CA TYR C 12 49.81 -43.52 10.74
C TYR C 12 49.95 -44.23 12.09
N PRO C 13 48.85 -44.81 12.58
CA PRO C 13 47.51 -44.31 12.24
C PRO C 13 47.39 -42.91 12.86
N CYS C 14 46.18 -42.37 12.93
CA CYS C 14 45.96 -40.98 13.32
C CYS C 14 45.95 -40.17 12.04
N ASP C 15 45.09 -39.17 12.01
CA ASP C 15 45.15 -38.11 11.01
C ASP C 15 45.79 -36.94 11.72
N GLU C 16 47.11 -36.92 11.69
CA GLU C 16 47.90 -35.91 12.40
C GLU C 16 47.97 -34.61 11.59
N LYS C 17 47.70 -33.47 12.24
CA LYS C 17 47.73 -32.17 11.58
C LYS C 17 47.78 -31.05 12.63
N LYS C 18 48.18 -29.85 12.19
CA LYS C 18 48.36 -28.70 13.10
C LYS C 18 47.10 -27.85 13.21
N GLN C 19 47.03 -27.02 14.26
CA GLN C 19 45.84 -26.21 14.56
C GLN C 19 46.11 -25.24 15.73
N SER C 22 50.59 -26.10 18.64
CA SER C 22 49.37 -26.80 19.05
C SER C 22 48.96 -27.89 18.05
N VAL C 23 49.76 -28.96 18.00
CA VAL C 23 49.55 -30.07 17.05
C VAL C 23 48.54 -31.10 17.62
N ILE C 24 47.89 -31.88 16.75
CA ILE C 24 46.75 -32.73 17.14
C ILE C 24 46.70 -34.05 16.35
N ALA C 25 46.23 -35.13 16.99
CA ALA C 25 46.09 -36.42 16.30
C ALA C 25 44.68 -36.99 16.42
N GLU C 26 43.99 -37.09 15.30
CA GLU C 26 42.65 -37.65 15.26
C GLU C 26 42.75 -39.16 15.07
N CYS C 27 42.92 -39.85 16.18
CA CYS C 27 43.28 -41.26 16.14
C CYS C 27 42.08 -42.13 16.59
N SER C 28 40.88 -41.55 16.56
CA SER C 28 39.73 -42.16 17.23
C SER C 28 39.04 -43.15 16.34
N ASN C 29 38.26 -44.03 16.93
CA ASN C 29 37.41 -44.94 16.18
C ASN C 29 38.21 -45.76 15.15
N ARG C 30 39.48 -45.97 15.45
CA ARG C 30 40.41 -46.60 14.52
C ARG C 30 40.42 -48.15 14.55
N ARG C 31 39.75 -48.75 15.54
CA ARG C 31 39.94 -50.17 15.90
C ARG C 31 41.36 -50.50 16.44
N LEU C 32 41.99 -49.52 17.10
CA LEU C 32 43.25 -49.74 17.80
C LEU C 32 43.03 -50.66 19.00
N GLN C 33 43.81 -51.73 19.08
CA GLN C 33 43.76 -52.67 20.21
C GLN C 33 44.54 -52.15 21.43
N GLU C 34 45.51 -51.28 21.19
CA GLU C 34 46.37 -50.70 22.22
C GLU C 34 46.80 -49.34 21.72
N VAL C 35 47.43 -48.53 22.57
CA VAL C 35 47.95 -47.23 22.14
C VAL C 35 48.99 -47.42 21.04
N PRO C 36 49.06 -46.49 20.07
CA PRO C 36 50.11 -46.57 19.05
C PRO C 36 51.48 -45.98 19.44
N GLN C 37 52.49 -46.83 19.30
CA GLN C 37 53.88 -46.40 19.21
C GLN C 37 54.06 -45.32 18.13
N THR C 38 53.55 -45.57 16.92
CA THR C 38 53.85 -44.77 15.69
C THR C 38 53.33 -43.33 15.64
N VAL C 39 52.97 -42.78 16.80
CA VAL C 39 52.58 -41.37 16.94
C VAL C 39 53.80 -40.49 16.75
N GLY C 40 53.64 -39.40 16.00
CA GLY C 40 54.71 -38.41 15.81
C GLY C 40 54.96 -37.62 17.08
N LYS C 41 56.21 -37.24 17.31
CA LYS C 41 56.63 -36.64 18.59
C LYS C 41 55.94 -35.30 18.83
N TYR C 42 55.77 -34.57 17.75
CA TYR C 42 55.36 -33.20 17.77
C TYR C 42 54.01 -32.99 18.46
N VAL C 43 53.12 -33.98 18.33
CA VAL C 43 51.72 -33.88 18.70
C VAL C 43 51.48 -33.44 20.14
N THR C 44 50.51 -32.56 20.35
CA THR C 44 50.16 -32.11 21.69
C THR C 44 48.76 -32.43 22.14
N GLU C 45 47.91 -32.85 21.23
CA GLU C 45 46.63 -33.32 21.62
C GLU C 45 46.37 -34.62 20.92
N LEU C 46 46.09 -35.65 21.69
CA LEU C 46 45.88 -36.96 21.10
C LEU C 46 44.50 -37.52 21.44
N ASP C 47 43.72 -37.79 20.41
CA ASP C 47 42.36 -38.29 20.54
C ASP C 47 42.34 -39.75 20.13
N LEU C 48 42.30 -40.62 21.15
CA LEU C 48 42.28 -42.07 20.95
C LEU C 48 40.92 -42.66 21.26
N SER C 49 39.92 -41.81 21.46
CA SER C 49 38.63 -42.27 21.94
C SER C 49 38.00 -43.26 20.98
N ASP C 50 37.07 -44.03 21.50
CA ASP C 50 36.29 -44.99 20.70
C ASP C 50 37.11 -46.13 20.09
N ASN C 51 38.29 -46.40 20.67
CA ASN C 51 39.12 -47.53 20.22
C ASN C 51 38.85 -48.81 21.03
N PHE C 52 39.65 -49.86 20.77
CA PHE C 52 39.54 -51.12 21.51
C PHE C 52 40.69 -51.31 22.51
N ILE C 53 41.15 -50.20 23.10
CA ILE C 53 42.25 -50.23 24.07
C ILE C 53 41.77 -50.80 25.39
N THR C 54 42.46 -51.85 25.87
CA THR C 54 42.08 -52.54 27.11
C THR C 54 43.03 -52.26 28.29
N HIS C 55 44.26 -51.87 27.98
CA HIS C 55 45.27 -51.57 29.02
C HIS C 55 45.94 -50.24 28.75
N ILE C 56 46.18 -49.47 29.81
CA ILE C 56 47.12 -48.32 29.77
C ILE C 56 48.18 -48.49 30.86
N THR C 57 49.45 -48.21 30.51
CA THR C 57 50.62 -48.34 31.40
C THR C 57 51.54 -47.13 31.28
N ASN C 58 52.52 -47.01 32.18
CA ASN C 58 53.41 -45.85 32.19
C ASN C 58 54.36 -45.77 30.97
N GLU C 59 54.32 -46.80 30.13
CA GLU C 59 55.12 -46.86 28.90
C GLU C 59 54.32 -46.69 27.61
N SER C 60 52.99 -46.72 27.72
CA SER C 60 52.11 -46.46 26.58
C SER C 60 52.40 -45.12 25.89
N PHE C 61 52.73 -44.08 26.68
CA PHE C 61 52.91 -42.74 26.13
C PHE C 61 54.33 -42.17 26.27
N GLN C 62 55.32 -43.02 26.55
CA GLN C 62 56.64 -42.57 27.01
C GLN C 62 57.31 -41.40 26.26
N GLY C 63 57.26 -41.43 24.92
CA GLY C 63 58.05 -40.50 24.10
C GLY C 63 57.46 -39.11 23.86
N LEU C 64 56.29 -38.83 24.45
CA LEU C 64 55.48 -37.67 24.06
C LEU C 64 55.56 -36.52 25.07
N GLN C 65 56.61 -35.71 24.92
CA GLN C 65 57.11 -34.86 26.00
C GLN C 65 56.15 -33.74 26.38
N ASN C 66 55.79 -32.89 25.42
CA ASN C 66 54.93 -31.73 25.70
C ASN C 66 53.44 -32.01 25.36
N LEU C 67 52.94 -33.19 25.73
CA LEU C 67 51.54 -33.57 25.48
C LEU C 67 50.64 -32.87 26.48
N THR C 68 49.72 -32.05 25.96
CA THR C 68 48.90 -31.18 26.80
C THR C 68 47.51 -31.75 27.14
N LYS C 69 46.98 -32.59 26.25
CA LYS C 69 45.62 -33.12 26.38
C LYS C 69 45.57 -34.56 25.90
N ILE C 70 44.95 -35.45 26.67
CA ILE C 70 44.62 -36.79 26.16
C ILE C 70 43.11 -37.04 26.24
N ASN C 71 42.61 -37.75 25.25
CA ASN C 71 41.24 -38.20 25.21
C ASN C 71 41.15 -39.70 24.98
N LEU C 72 40.65 -40.41 25.98
CA LEU C 72 40.57 -41.85 25.92
C LEU C 72 39.18 -42.40 26.05
N ASN C 73 38.20 -41.54 25.88
CA ASN C 73 36.85 -41.84 26.23
C ASN C 73 36.39 -43.03 25.45
N HIS C 74 35.48 -43.80 26.01
CA HIS C 74 34.88 -44.94 25.35
C HIS C 74 35.79 -46.04 24.90
N ASN C 75 36.78 -46.34 25.71
CA ASN C 75 37.66 -47.49 25.46
C ASN C 75 37.44 -48.58 26.52
N PRO C 76 37.40 -49.86 26.13
CA PRO C 76 37.23 -50.28 24.75
C PRO C 76 35.79 -49.98 24.33
N ASN C 77 35.34 -50.48 23.18
CA ASN C 77 33.95 -50.30 22.77
C ASN C 77 33.25 -51.62 22.40
N VAL C 78 32.24 -51.56 21.54
CA VAL C 78 31.45 -52.74 21.17
C VAL C 78 31.37 -52.96 19.65
N ASN C 90 34.25 -55.45 30.04
CA ASN C 90 35.44 -55.89 30.75
C ASN C 90 36.46 -54.76 31.10
N GLY C 91 36.12 -53.50 30.78
CA GLY C 91 36.75 -52.33 31.41
C GLY C 91 38.14 -51.92 30.94
N LEU C 92 38.56 -50.73 31.36
CA LEU C 92 39.87 -50.15 31.01
C LEU C 92 40.89 -50.15 32.18
N ASN C 93 41.90 -51.01 32.06
CA ASN C 93 42.97 -51.13 33.05
C ASN C 93 43.98 -49.98 32.90
N ILE C 94 44.01 -49.08 33.88
CA ILE C 94 45.04 -48.03 33.96
C ILE C 94 45.85 -48.20 35.25
N THR C 95 47.15 -48.48 35.12
CA THR C 95 47.98 -48.78 36.30
C THR C 95 48.48 -47.53 37.01
N ASP C 96 48.72 -47.66 38.31
CA ASP C 96 49.14 -46.55 39.15
C ASP C 96 50.23 -45.74 38.47
N GLY C 97 49.99 -44.44 38.33
CA GLY C 97 51.02 -43.54 37.83
C GLY C 97 51.30 -43.60 36.33
N ALA C 98 50.51 -44.35 35.55
CA ALA C 98 50.77 -44.49 34.11
C ALA C 98 50.96 -43.13 33.39
N PHE C 99 50.40 -42.07 33.98
CA PHE C 99 50.45 -40.71 33.43
C PHE C 99 51.44 -39.81 34.16
N LEU C 100 51.96 -40.25 35.30
CA LEU C 100 52.58 -39.30 36.26
C LEU C 100 53.78 -38.52 35.66
N ASN C 101 54.40 -39.07 34.61
CA ASN C 101 55.55 -38.41 33.96
C ASN C 101 55.17 -37.52 32.79
N LEU C 102 54.35 -36.50 33.06
CA LEU C 102 53.88 -35.59 32.03
C LEU C 102 53.56 -34.25 32.69
N LYS C 103 54.57 -33.39 32.82
CA LYS C 103 54.40 -32.10 33.50
C LYS C 103 53.61 -31.14 32.61
N ASN C 104 53.36 -31.57 31.38
CA ASN C 104 52.57 -30.77 30.46
C ASN C 104 51.15 -31.27 30.26
N LEU C 105 50.82 -32.48 30.71
CA LEU C 105 49.45 -32.98 30.58
C LEU C 105 48.53 -32.17 31.45
N ARG C 106 47.63 -31.42 30.82
CA ARG C 106 46.74 -30.54 31.55
C ARG C 106 45.27 -30.85 31.24
N GLU C 107 45.01 -31.90 30.47
CA GLU C 107 43.65 -32.31 30.15
C GLU C 107 43.58 -33.79 29.85
N LEU C 108 42.87 -34.52 30.72
CA LEU C 108 42.66 -35.93 30.53
C LEU C 108 41.15 -36.23 30.48
N LEU C 109 40.71 -36.86 29.40
CA LEU C 109 39.32 -37.33 29.30
C LEU C 109 39.31 -38.84 29.37
N LEU C 110 38.62 -39.37 30.40
CA LEU C 110 38.52 -40.81 30.64
C LEU C 110 37.08 -41.23 30.91
N GLU C 111 36.15 -40.72 30.10
CA GLU C 111 34.73 -41.02 30.25
C GLU C 111 34.41 -42.38 29.65
N ASP C 112 33.35 -43.04 30.17
CA ASP C 112 32.76 -44.23 29.54
C ASP C 112 33.75 -45.40 29.51
N ASN C 113 34.57 -45.50 30.54
CA ASN C 113 35.61 -46.54 30.57
C ASN C 113 35.36 -47.64 31.60
N GLN C 114 34.27 -47.52 32.34
CA GLN C 114 33.87 -48.49 33.34
C GLN C 114 34.99 -48.64 34.37
N LEU C 115 35.65 -47.53 34.69
CA LEU C 115 36.69 -47.51 35.71
C LEU C 115 36.07 -47.66 37.11
N PRO C 116 36.72 -48.42 38.02
CA PRO C 116 36.17 -48.71 39.36
C PRO C 116 36.55 -47.71 40.44
N GLN C 117 37.69 -47.04 40.26
CA GLN C 117 38.19 -46.01 41.19
C GLN C 117 38.79 -44.83 40.39
N ILE C 118 38.94 -43.67 41.02
CA ILE C 118 39.79 -42.59 40.45
C ILE C 118 41.27 -43.04 40.40
N PRO C 119 41.80 -43.32 39.19
CA PRO C 119 43.13 -43.98 39.06
C PRO C 119 44.24 -43.26 39.81
N SER C 120 45.24 -44.02 40.24
CA SER C 120 46.30 -43.48 41.09
C SER C 120 47.51 -43.04 40.30
N GLY C 121 48.11 -41.93 40.73
CA GLY C 121 49.31 -41.40 40.09
C GLY C 121 49.02 -40.49 38.91
N LEU C 122 47.89 -39.78 38.95
CA LEU C 122 47.62 -38.71 38.00
C LEU C 122 48.53 -37.51 38.35
N PRO C 123 49.03 -36.80 37.32
CA PRO C 123 49.98 -35.71 37.56
C PRO C 123 49.41 -34.38 38.05
N GLU C 124 50.20 -33.69 38.88
CA GLU C 124 49.91 -32.34 39.37
C GLU C 124 49.77 -31.31 38.24
N SER C 125 50.18 -31.66 37.02
CA SER C 125 49.99 -30.78 35.85
C SER C 125 48.55 -30.70 35.30
N LEU C 126 47.66 -31.61 35.70
CA LEU C 126 46.27 -31.64 35.20
C LEU C 126 45.46 -30.43 35.64
N THR C 127 44.76 -29.83 34.68
CA THR C 127 43.76 -28.78 34.94
C THR C 127 42.33 -29.20 34.56
N GLU C 128 42.21 -30.16 33.66
CA GLU C 128 40.93 -30.62 33.15
C GLU C 128 40.92 -32.14 33.27
N LEU C 129 39.97 -32.68 34.05
CA LEU C 129 39.80 -34.13 34.19
C LEU C 129 38.30 -34.56 34.15
N SER C 130 38.02 -35.64 33.42
CA SER C 130 36.66 -36.10 33.20
C SER C 130 36.50 -37.61 33.33
N LEU C 131 35.68 -38.00 34.30
CA LEU C 131 35.41 -39.39 34.59
C LEU C 131 33.92 -39.72 34.51
N ILE C 132 33.17 -38.87 33.82
CA ILE C 132 31.75 -39.07 33.62
C ILE C 132 31.52 -40.49 33.13
N GLN C 133 30.49 -41.14 33.65
CA GLN C 133 30.06 -42.44 33.12
C GLN C 133 31.06 -43.60 33.34
N ASN C 134 31.59 -43.66 34.55
CA ASN C 134 32.31 -44.82 35.05
C ASN C 134 31.54 -45.51 36.23
N ASN C 135 32.19 -46.44 36.91
CA ASN C 135 31.60 -47.13 38.06
C ASN C 135 32.36 -46.72 39.32
N ILE C 136 32.64 -45.42 39.42
CA ILE C 136 33.43 -44.84 40.49
C ILE C 136 32.52 -44.27 41.57
N TYR C 137 32.68 -44.77 42.80
CA TYR C 137 31.81 -44.44 43.94
C TYR C 137 32.51 -43.79 45.15
N ASN C 138 33.84 -43.84 45.16
CA ASN C 138 34.65 -43.25 46.22
C ASN C 138 35.45 -42.09 45.64
N ILE C 139 35.19 -40.88 46.14
CA ILE C 139 36.01 -39.68 45.85
C ILE C 139 36.99 -39.41 47.02
N THR C 140 38.18 -39.98 46.93
CA THR C 140 39.13 -40.02 48.05
C THR C 140 40.20 -38.95 47.98
N LYS C 141 40.69 -38.51 49.13
CA LYS C 141 41.84 -37.58 49.19
C LYS C 141 43.01 -38.05 48.34
N GLU C 142 43.17 -39.37 48.26
CA GLU C 142 44.32 -39.98 47.63
C GLU C 142 44.37 -39.68 46.13
N GLY C 143 43.26 -39.97 45.45
CA GLY C 143 43.13 -39.71 44.01
C GLY C 143 43.18 -38.22 43.64
N ILE C 144 42.64 -37.35 44.50
CA ILE C 144 42.30 -35.96 44.16
C ILE C 144 43.11 -34.86 44.88
N SER C 145 43.17 -34.90 46.20
CA SER C 145 43.70 -33.78 47.01
C SER C 145 45.04 -33.18 46.55
N ARG C 146 45.84 -33.97 45.82
CA ARG C 146 47.17 -33.57 45.36
C ARG C 146 47.16 -32.91 43.96
N LEU C 147 46.04 -32.97 43.24
CA LEU C 147 45.93 -32.40 41.89
C LEU C 147 45.47 -30.95 41.94
N ILE C 148 46.34 -30.09 42.47
CA ILE C 148 45.93 -28.77 42.94
C ILE C 148 45.81 -27.76 41.79
N ASN C 149 46.14 -28.21 40.58
CA ASN C 149 45.92 -27.41 39.37
C ASN C 149 44.60 -27.73 38.60
N LEU C 150 43.71 -28.49 39.24
CA LEU C 150 42.38 -28.74 38.67
C LEU C 150 41.58 -27.44 38.54
N LYS C 151 41.20 -27.14 37.30
CA LYS C 151 40.24 -26.10 37.01
C LYS C 151 38.84 -26.76 36.92
N ASN C 152 38.74 -27.77 36.07
CA ASN C 152 37.47 -28.46 35.86
C ASN C 152 37.55 -29.96 36.13
N LEU C 153 36.53 -30.44 36.84
CA LEU C 153 36.41 -31.83 37.28
C LEU C 153 34.98 -32.32 37.04
N TYR C 154 34.84 -33.33 36.19
CA TYR C 154 33.53 -33.91 35.86
C TYR C 154 33.45 -35.32 36.43
N LEU C 155 32.44 -35.56 37.27
CA LEU C 155 32.26 -36.86 37.89
C LEU C 155 30.85 -37.39 37.76
N ALA C 156 30.07 -36.83 36.84
CA ALA C 156 28.64 -37.06 36.81
C ALA C 156 28.31 -38.38 36.15
N TRP C 157 27.12 -38.88 36.43
CA TRP C 157 26.66 -40.09 35.77
C TRP C 157 27.53 -41.32 36.07
N ASN C 158 27.94 -41.47 37.34
CA ASN C 158 28.55 -42.73 37.77
C ASN C 158 27.55 -43.65 38.49
N CYS C 159 26.62 -43.05 39.25
CA CYS C 159 25.56 -43.83 39.88
C CYS C 159 24.22 -43.11 39.79
N TYR C 160 23.29 -43.70 39.04
CA TYR C 160 22.03 -43.05 38.67
C TYR C 160 21.02 -44.15 38.28
N PHE C 161 19.75 -43.79 38.34
CA PHE C 161 18.63 -44.61 37.84
C PHE C 161 18.56 -46.00 38.48
N ASN C 162 18.43 -47.06 37.71
CA ASN C 162 18.32 -48.39 38.29
C ASN C 162 19.60 -49.15 37.96
N LYS C 163 20.70 -48.40 37.91
CA LYS C 163 22.04 -48.97 37.79
C LYS C 163 22.48 -49.57 39.14
N VAL C 164 22.99 -50.80 39.07
CA VAL C 164 23.72 -51.47 40.15
C VAL C 164 24.98 -50.67 40.44
N CYS C 165 24.86 -49.77 41.41
CA CYS C 165 25.93 -48.90 41.82
C CYS C 165 25.65 -48.56 43.26
N GLU C 166 26.54 -47.82 43.90
CA GLU C 166 26.40 -47.55 45.33
C GLU C 166 26.41 -46.05 45.59
N LYS C 167 25.78 -45.66 46.68
CA LYS C 167 25.76 -44.27 47.12
C LYS C 167 27.17 -43.72 47.03
N THR C 168 27.29 -42.47 46.65
CA THR C 168 28.61 -41.92 46.47
C THR C 168 29.09 -41.38 47.81
N ASN C 169 30.24 -41.92 48.22
CA ASN C 169 30.98 -41.48 49.40
C ASN C 169 32.06 -40.49 49.00
N ILE C 170 32.13 -39.38 49.74
CA ILE C 170 33.06 -38.30 49.48
C ILE C 170 33.84 -37.99 50.75
N GLU C 171 35.14 -38.26 50.73
CA GLU C 171 36.01 -37.99 51.88
C GLU C 171 35.80 -36.56 52.34
N ASP C 172 35.35 -36.34 53.57
CA ASP C 172 35.12 -34.98 54.05
C ASP C 172 36.37 -34.15 53.69
N GLY C 173 36.20 -33.08 52.91
CA GLY C 173 37.32 -32.20 52.53
C GLY C 173 38.20 -32.61 51.35
N VAL C 174 37.77 -33.58 50.56
CA VAL C 174 38.53 -34.02 49.37
C VAL C 174 38.76 -32.88 48.36
N PHE C 175 37.86 -31.87 48.32
CA PHE C 175 38.00 -30.76 47.38
C PHE C 175 38.74 -29.56 47.96
N GLU C 176 38.90 -29.49 49.28
CA GLU C 176 39.31 -28.23 49.93
C GLU C 176 40.72 -27.79 49.57
N THR C 177 41.57 -28.74 49.15
CA THR C 177 42.93 -28.41 48.66
C THR C 177 43.00 -27.96 47.18
N LEU C 178 41.86 -27.87 46.51
CA LEU C 178 41.78 -27.44 45.11
C LEU C 178 41.22 -26.03 45.00
N THR C 179 42.08 -25.04 45.22
CA THR C 179 41.68 -23.64 45.27
C THR C 179 41.75 -22.95 43.89
N ASN C 180 42.05 -23.75 42.87
CA ASN C 180 41.91 -23.32 41.48
C ASN C 180 40.71 -23.97 40.81
N LEU C 181 40.04 -24.89 41.52
CA LEU C 181 38.86 -25.55 41.00
C LEU C 181 37.74 -24.54 40.70
N GLU C 182 37.38 -24.49 39.42
CA GLU C 182 36.38 -23.55 38.89
C GLU C 182 35.07 -24.26 38.59
N LEU C 183 35.16 -25.51 38.14
CA LEU C 183 33.99 -26.29 37.79
C LEU C 183 34.00 -27.66 38.42
N LEU C 184 32.93 -27.91 39.17
CA LEU C 184 32.69 -29.19 39.80
C LEU C 184 31.35 -29.75 39.35
N SER C 185 31.37 -30.92 38.70
CA SER C 185 30.13 -31.59 38.35
C SER C 185 30.02 -32.96 38.98
N LEU C 186 28.99 -33.12 39.82
CA LEU C 186 28.75 -34.37 40.51
C LEU C 186 27.38 -34.93 40.25
N SER C 187 26.66 -34.33 39.29
CA SER C 187 25.28 -34.70 38.99
C SER C 187 25.15 -36.15 38.64
N PHE C 188 23.95 -36.66 38.81
CA PHE C 188 23.63 -38.05 38.46
C PHE C 188 24.49 -39.06 39.27
N ASN C 189 24.49 -38.83 40.58
CA ASN C 189 25.22 -39.60 41.59
C ASN C 189 24.44 -39.49 42.89
N SER C 190 24.25 -40.59 43.63
CA SER C 190 23.60 -40.51 44.95
C SER C 190 24.51 -39.91 46.02
N LEU C 191 24.21 -38.68 46.45
CA LEU C 191 25.03 -37.93 47.43
C LEU C 191 24.30 -37.56 48.74
N SER C 192 23.03 -37.15 48.63
CA SER C 192 22.13 -36.91 49.80
C SER C 192 22.38 -35.59 50.55
N HIS C 193 23.61 -35.12 50.57
CA HIS C 193 23.87 -33.76 51.07
C HIS C 193 24.88 -33.10 50.17
N VAL C 194 24.82 -31.77 50.11
CA VAL C 194 25.90 -31.01 49.50
C VAL C 194 27.20 -31.33 50.24
N PRO C 195 28.23 -31.84 49.55
CA PRO C 195 29.43 -32.11 50.31
C PRO C 195 29.92 -30.81 50.92
N PRO C 196 30.48 -30.88 52.15
CA PRO C 196 31.02 -29.69 52.80
C PRO C 196 32.48 -29.50 52.44
N LYS C 197 33.04 -28.35 52.82
CA LYS C 197 34.43 -28.01 52.54
C LYS C 197 34.71 -28.02 51.04
N LEU C 198 34.16 -26.99 50.38
CA LEU C 198 34.36 -26.75 48.94
C LEU C 198 35.17 -25.49 48.77
N PRO C 199 36.11 -25.47 47.83
CA PRO C 199 36.91 -24.27 47.62
C PRO C 199 36.04 -23.10 47.17
N SER C 200 36.39 -21.91 47.63
CA SER C 200 35.67 -20.68 47.29
C SER C 200 36.01 -20.17 45.88
N SER C 201 36.85 -20.91 45.17
CA SER C 201 37.22 -20.61 43.78
C SER C 201 36.18 -21.10 42.73
N LEU C 202 35.19 -21.89 43.17
CA LEU C 202 34.15 -22.43 42.29
C LEU C 202 33.31 -21.37 41.57
N ARG C 203 33.26 -21.54 40.24
CA ARG C 203 32.40 -20.74 39.40
C ARG C 203 31.14 -21.54 39.12
N LYS C 204 31.31 -22.85 38.91
CA LYS C 204 30.22 -23.72 38.47
C LYS C 204 30.13 -25.01 39.27
N LEU C 205 28.92 -25.23 39.80
CA LEU C 205 28.60 -26.38 40.63
C LEU C 205 27.36 -27.12 40.09
N PHE C 206 27.59 -28.35 39.64
CA PHE C 206 26.57 -29.21 39.09
C PHE C 206 26.25 -30.33 40.07
N LEU C 207 25.03 -30.27 40.61
CA LEU C 207 24.53 -31.28 41.55
C LEU C 207 23.13 -31.77 41.16
N SER C 208 22.88 -31.89 39.86
CA SER C 208 21.58 -32.34 39.41
C SER C 208 21.40 -33.79 39.76
N ASN C 209 20.17 -34.14 40.15
CA ASN C 209 19.84 -35.54 40.44
C ASN C 209 20.87 -36.19 41.37
N THR C 210 21.12 -35.57 42.51
CA THR C 210 22.05 -36.15 43.48
C THR C 210 21.34 -36.60 44.77
N GLN C 211 20.01 -36.74 44.70
CA GLN C 211 19.14 -37.06 45.85
C GLN C 211 19.40 -36.20 47.07
N ILE C 212 19.40 -34.89 46.84
CA ILE C 212 19.54 -33.91 47.90
C ILE C 212 18.20 -33.28 48.20
N LYS C 213 17.63 -33.58 49.37
CA LYS C 213 16.29 -33.08 49.75
C LYS C 213 16.38 -31.69 50.33
N TYR C 214 17.52 -31.36 50.93
CA TYR C 214 17.60 -30.18 51.81
C TYR C 214 18.78 -29.31 51.46
N ILE C 215 18.61 -27.98 51.55
CA ILE C 215 19.71 -27.03 51.34
C ILE C 215 19.84 -26.10 52.56
N SER C 216 20.99 -26.15 53.21
CA SER C 216 21.21 -25.38 54.42
C SER C 216 21.85 -24.07 54.03
N GLU C 217 21.85 -23.13 54.98
CA GLU C 217 22.55 -21.84 54.86
C GLU C 217 24.09 -22.00 54.71
N GLU C 218 24.67 -23.04 55.31
CA GLU C 218 26.13 -23.22 55.32
C GLU C 218 26.64 -23.94 54.06
N ASP C 219 25.77 -24.68 53.39
CA ASP C 219 26.14 -25.37 52.13
C ASP C 219 26.87 -24.45 51.13
N PHE C 220 26.38 -23.22 50.95
CA PHE C 220 26.90 -22.32 49.89
C PHE C 220 27.36 -20.97 50.46
N LYS C 221 27.80 -20.95 51.71
CA LYS C 221 28.17 -19.70 52.38
C LYS C 221 29.48 -19.08 51.83
N GLY C 222 30.46 -19.90 51.45
CA GLY C 222 31.78 -19.40 51.04
C GLY C 222 32.06 -19.18 49.56
N LEU C 223 31.01 -19.26 48.73
CA LEU C 223 31.16 -19.37 47.25
C LEU C 223 30.83 -18.08 46.49
N ILE C 224 31.52 -17.00 46.83
CA ILE C 224 31.17 -15.66 46.32
C ILE C 224 31.62 -15.42 44.85
N ASN C 225 32.23 -16.43 44.23
CA ASN C 225 32.57 -16.34 42.82
C ASN C 225 31.62 -17.15 41.93
N LEU C 226 30.77 -18.01 42.51
CA LEU C 226 29.77 -18.81 41.73
C LEU C 226 28.89 -18.05 40.74
N THR C 227 28.80 -18.59 39.53
CA THR C 227 27.92 -18.04 38.51
C THR C 227 26.78 -19.00 38.14
N LEU C 228 27.05 -20.31 38.22
CA LEU C 228 26.04 -21.34 37.97
C LEU C 228 25.88 -22.23 39.21
N LEU C 229 24.63 -22.35 39.66
CA LEU C 229 24.23 -23.42 40.57
C LEU C 229 23.15 -24.30 39.94
N ASP C 230 23.46 -25.55 39.72
CA ASP C 230 22.48 -26.46 39.16
C ASP C 230 22.00 -27.38 40.26
N LEU C 231 20.80 -27.14 40.79
CA LEU C 231 20.18 -28.04 41.77
C LEU C 231 19.02 -28.86 41.24
N SER C 232 18.89 -28.95 39.93
CA SER C 232 17.77 -29.65 39.32
C SER C 232 17.71 -31.12 39.73
N GLY C 233 16.49 -31.67 39.74
CA GLY C 233 16.25 -33.10 39.86
C GLY C 233 16.21 -33.66 41.28
N ASN C 234 16.25 -32.80 42.28
CA ASN C 234 16.28 -33.26 43.66
C ASN C 234 14.90 -32.94 44.28
N CYS C 235 14.22 -33.99 44.74
CA CYS C 235 12.77 -33.92 44.93
C CYS C 235 12.07 -33.74 43.57
N PRO C 236 12.27 -34.72 42.68
CA PRO C 236 11.76 -34.65 41.32
C PRO C 236 10.26 -34.75 41.21
N ARG C 237 9.69 -34.00 40.27
CA ARG C 237 8.37 -34.28 39.73
C ARG C 237 8.53 -35.53 38.90
N CYS C 238 7.95 -36.63 39.37
CA CYS C 238 8.11 -37.94 38.72
C CYS C 238 6.96 -38.38 37.80
N PHE C 239 5.89 -37.61 37.72
CA PHE C 239 4.82 -37.95 36.78
C PHE C 239 5.25 -37.96 35.29
N ASN C 240 5.07 -39.09 34.63
CA ASN C 240 5.37 -39.27 33.20
C ASN C 240 6.85 -39.12 32.90
N ALA C 241 7.67 -39.46 33.88
CA ALA C 241 9.10 -39.33 33.77
C ALA C 241 9.66 -40.32 32.77
N PRO C 242 10.54 -39.85 31.88
CA PRO C 242 11.15 -40.79 30.94
C PRO C 242 12.39 -41.48 31.50
N PHE C 243 12.39 -41.72 32.80
CA PHE C 243 13.54 -42.34 33.47
C PHE C 243 13.12 -42.81 34.86
N PRO C 244 13.80 -43.84 35.37
CA PRO C 244 13.48 -44.28 36.73
C PRO C 244 13.47 -43.10 37.67
N CYS C 245 12.29 -42.73 38.17
CA CYS C 245 12.14 -41.53 39.00
C CYS C 245 11.67 -41.88 40.41
N VAL C 246 12.43 -41.41 41.39
CA VAL C 246 12.17 -41.63 42.80
C VAL C 246 11.83 -40.29 43.46
N PRO C 247 10.55 -40.01 43.76
CA PRO C 247 10.31 -38.70 44.39
C PRO C 247 10.84 -38.60 45.81
N CYS C 248 10.77 -37.40 46.39
CA CYS C 248 10.92 -37.22 47.84
C CYS C 248 9.66 -37.79 48.52
N ASP C 249 9.63 -37.84 49.86
CA ASP C 249 8.46 -38.37 50.59
C ASP C 249 7.21 -37.56 50.31
N GLY C 250 6.17 -38.25 49.85
CA GLY C 250 4.92 -37.59 49.44
C GLY C 250 5.08 -36.63 48.29
N GLY C 251 6.06 -36.91 47.42
CA GLY C 251 6.42 -36.02 46.33
C GLY C 251 6.64 -34.59 46.79
N ALA C 252 7.15 -34.44 48.01
CA ALA C 252 7.31 -33.12 48.61
C ALA C 252 8.42 -32.35 47.90
N SER C 253 8.41 -31.04 48.15
CA SER C 253 9.39 -30.14 47.57
C SER C 253 10.80 -30.37 48.07
N ILE C 254 11.77 -29.89 47.30
CA ILE C 254 13.10 -29.66 47.81
C ILE C 254 12.91 -28.52 48.81
N ASN C 255 13.70 -28.54 49.87
CA ASN C 255 13.56 -27.58 50.95
C ASN C 255 14.79 -26.72 51.01
N ILE C 256 14.61 -25.47 50.62
CA ILE C 256 15.73 -24.55 50.54
C ILE C 256 15.49 -23.45 51.54
N ASP C 257 16.47 -23.34 52.43
CA ASP C 257 16.44 -22.43 53.54
C ASP C 257 16.60 -21.01 53.04
N ARG C 258 15.88 -20.08 53.67
CA ARG C 258 15.79 -18.69 53.22
C ARG C 258 17.14 -18.04 52.84
N PHE C 259 18.20 -18.37 53.56
CA PHE C 259 19.51 -17.78 53.30
C PHE C 259 20.50 -18.74 52.64
N ALA C 260 20.00 -19.75 51.91
CA ALA C 260 20.88 -20.73 51.23
C ALA C 260 21.76 -20.13 50.10
N PHE C 261 21.36 -18.97 49.59
CA PHE C 261 22.04 -18.33 48.45
C PHE C 261 22.54 -16.94 48.84
N GLN C 262 22.63 -16.72 50.13
CA GLN C 262 22.93 -15.42 50.70
C GLN C 262 24.20 -14.78 50.15
N ASN C 263 25.24 -15.58 49.96
CA ASN C 263 26.54 -15.06 49.50
C ASN C 263 26.83 -15.40 48.01
N LEU C 264 25.78 -15.67 47.22
CA LEU C 264 25.96 -16.00 45.79
C LEU C 264 25.72 -14.78 44.91
N THR C 265 26.44 -13.69 45.17
CA THR C 265 26.18 -12.39 44.53
C THR C 265 26.51 -12.40 43.05
N GLN C 266 27.35 -13.34 42.64
CA GLN C 266 27.76 -13.46 41.24
C GLN C 266 26.90 -14.46 40.43
N LEU C 267 25.85 -15.01 41.02
CA LEU C 267 25.02 -16.02 40.31
C LEU C 267 24.32 -15.50 39.03
N ARG C 268 24.40 -16.31 37.99
CA ARG C 268 23.87 -15.94 36.66
C ARG C 268 22.95 -17.03 36.15
N TYR C 269 23.25 -18.26 36.54
CA TYR C 269 22.54 -19.43 36.14
C TYR C 269 22.08 -20.20 37.38
N LEU C 270 20.77 -20.39 37.47
CA LEU C 270 20.14 -21.22 38.50
C LEU C 270 19.16 -22.25 37.89
N ASN C 271 19.50 -23.52 38.00
CA ASN C 271 18.64 -24.57 37.50
C ASN C 271 17.97 -25.23 38.68
N LEU C 272 16.71 -24.85 38.89
CA LEU C 272 15.83 -25.53 39.84
C LEU C 272 14.76 -26.39 39.14
N SER C 273 15.13 -27.00 38.01
CA SER C 273 14.15 -27.80 37.28
C SER C 273 13.82 -29.08 38.09
N SER C 274 12.61 -29.62 37.92
CA SER C 274 12.22 -30.89 38.57
C SER C 274 12.76 -30.93 40.05
N THR C 275 12.38 -29.92 40.85
CA THR C 275 12.55 -29.96 42.32
C THR C 275 11.19 -29.81 43.05
N SER C 276 10.11 -30.17 42.34
CA SER C 276 8.76 -30.31 42.90
C SER C 276 8.28 -29.07 43.65
N LEU C 277 8.75 -27.90 43.21
CA LEU C 277 8.45 -26.66 43.92
C LEU C 277 7.01 -26.27 43.72
N ARG C 278 6.24 -26.10 44.80
CA ARG C 278 4.94 -25.39 44.71
C ARG C 278 5.12 -23.91 44.95
N LYS C 279 6.16 -23.55 45.67
CA LYS C 279 6.33 -22.15 46.07
C LYS C 279 7.78 -21.73 45.90
N ILE C 280 7.95 -20.42 45.71
CA ILE C 280 9.25 -19.79 45.45
C ILE C 280 9.46 -18.63 46.41
N ASN C 281 10.52 -18.73 47.18
CA ASN C 281 10.79 -17.74 48.18
C ASN C 281 11.45 -16.53 47.56
N ALA C 282 10.75 -15.39 47.47
CA ALA C 282 11.41 -14.18 46.92
C ALA C 282 12.77 -13.83 47.62
N ALA C 283 12.85 -14.04 48.93
CA ALA C 283 14.12 -13.79 49.63
C ALA C 283 15.32 -14.60 49.10
N TRP C 284 15.10 -15.69 48.34
CA TRP C 284 16.25 -16.46 47.80
C TRP C 284 17.12 -15.62 46.85
N PHE C 285 16.54 -14.53 46.32
CA PHE C 285 17.11 -13.75 45.21
C PHE C 285 17.53 -12.35 45.64
N LYS C 286 17.53 -12.07 46.95
CA LYS C 286 17.79 -10.71 47.43
C LYS C 286 19.19 -10.24 47.09
N ASN C 287 20.18 -11.12 47.20
CA ASN C 287 21.58 -10.78 46.87
C ASN C 287 22.05 -11.37 45.50
N MET C 288 21.18 -11.28 44.50
CA MET C 288 21.44 -11.88 43.20
C MET C 288 21.14 -10.90 42.06
N PRO C 289 21.71 -9.69 42.13
CA PRO C 289 21.29 -8.66 41.18
C PRO C 289 21.68 -8.92 39.71
N HIS C 290 22.57 -9.88 39.46
CA HIS C 290 22.96 -10.28 38.07
C HIS C 290 22.35 -11.60 37.55
N LEU C 291 21.43 -12.23 38.29
CA LEU C 291 20.85 -13.50 37.80
C LEU C 291 20.25 -13.29 36.40
N LYS C 292 20.71 -14.11 35.48
CA LYS C 292 20.42 -13.94 34.04
C LYS C 292 19.40 -14.97 33.54
N VAL C 293 19.59 -16.22 33.95
CA VAL C 293 18.80 -17.35 33.47
C VAL C 293 18.24 -18.13 34.64
N LEU C 294 16.92 -18.29 34.68
CA LEU C 294 16.26 -19.02 35.77
C LEU C 294 15.44 -20.14 35.21
N ASP C 295 15.86 -21.37 35.50
CA ASP C 295 15.25 -22.54 34.93
C ASP C 295 14.34 -23.20 35.98
N LEU C 296 13.03 -23.12 35.76
CA LEU C 296 12.03 -23.63 36.71
C LEU C 296 11.07 -24.65 36.10
N GLU C 297 11.59 -25.50 35.22
CA GLU C 297 10.76 -26.46 34.50
C GLU C 297 10.30 -27.60 35.41
N PHE C 298 9.21 -28.27 35.03
CA PHE C 298 8.77 -29.52 35.63
C PHE C 298 8.60 -29.39 37.12
N ASN C 299 8.01 -28.27 37.55
CA ASN C 299 7.65 -28.04 38.94
C ASN C 299 6.10 -27.91 38.98
N TYR C 300 5.51 -27.32 40.01
CA TYR C 300 4.06 -27.19 40.08
C TYR C 300 3.67 -25.74 40.29
N LEU C 301 4.27 -24.86 39.49
CA LEU C 301 4.27 -23.41 39.78
C LEU C 301 3.10 -22.58 39.22
N VAL C 302 2.01 -23.25 38.88
CA VAL C 302 0.87 -22.54 38.33
C VAL C 302 0.45 -21.42 39.27
N GLY C 303 0.45 -21.70 40.58
CA GLY C 303 0.12 -20.69 41.60
C GLY C 303 1.09 -19.54 41.61
N GLU C 304 2.36 -19.84 41.77
CA GLU C 304 3.38 -18.81 41.69
C GLU C 304 3.30 -18.05 40.38
N ILE C 305 3.02 -18.74 39.27
CA ILE C 305 2.92 -18.02 38.00
C ILE C 305 1.90 -16.90 38.08
N ALA C 306 0.74 -17.15 38.65
CA ALA C 306 -0.32 -16.10 38.73
C ALA C 306 -0.21 -15.08 39.87
N SER C 307 0.61 -15.35 40.90
CA SER C 307 0.88 -14.37 42.00
C SER C 307 2.36 -13.93 42.06
N GLY C 308 3.27 -14.89 42.25
CA GLY C 308 4.68 -14.68 41.92
C GLY C 308 5.37 -13.47 42.54
N ALA C 309 5.49 -13.50 43.87
CA ALA C 309 6.22 -12.47 44.59
C ALA C 309 7.63 -12.28 43.98
N PHE C 310 8.31 -13.40 43.71
CA PHE C 310 9.72 -13.40 43.33
C PHE C 310 10.04 -12.68 42.02
N LEU C 311 9.02 -12.49 41.20
CA LEU C 311 9.19 -11.83 39.92
C LEU C 311 9.67 -10.38 40.08
N THR C 312 9.27 -9.75 41.19
CA THR C 312 9.78 -8.40 41.57
C THR C 312 11.30 -8.32 41.76
N MET C 313 11.95 -9.46 42.00
CA MET C 313 13.37 -9.51 42.40
C MET C 313 14.36 -9.77 41.25
N LEU C 314 13.89 -9.73 40.01
CA LEU C 314 14.68 -10.24 38.89
C LEU C 314 14.75 -9.23 37.77
N PRO C 315 15.26 -8.03 38.09
CA PRO C 315 15.20 -6.97 37.10
C PRO C 315 16.15 -7.20 35.92
N ARG C 316 17.09 -8.14 36.07
CA ARG C 316 18.10 -8.39 35.03
C ARG C 316 18.06 -9.82 34.42
N LEU C 317 16.99 -10.55 34.71
CA LEU C 317 16.78 -11.86 34.12
C LEU C 317 16.47 -11.73 32.62
N GLU C 318 17.15 -12.54 31.82
CA GLU C 318 16.99 -12.52 30.36
C GLU C 318 16.19 -13.75 29.87
N ILE C 319 16.37 -14.89 30.53
CA ILE C 319 15.64 -16.11 30.21
C ILE C 319 14.93 -16.68 31.47
N LEU C 320 13.60 -16.72 31.41
CA LEU C 320 12.77 -17.44 32.37
C LEU C 320 12.14 -18.69 31.74
N ASP C 321 12.51 -19.87 32.23
CA ASP C 321 11.93 -21.09 31.70
C ASP C 321 11.01 -21.74 32.73
N LEU C 322 9.70 -21.55 32.51
CA LEU C 322 8.64 -22.14 33.33
C LEU C 322 7.91 -23.25 32.63
N SER C 323 8.62 -24.03 31.81
CA SER C 323 7.94 -25.05 30.99
C SER C 323 7.46 -26.23 31.84
N PHE C 324 6.41 -26.88 31.34
CA PHE C 324 5.89 -28.10 31.92
C PHE C 324 5.53 -27.99 33.41
N ASN C 325 4.78 -26.96 33.74
CA ASN C 325 4.20 -26.87 35.05
C ASN C 325 2.72 -27.22 35.06
N TYR C 326 2.22 -27.89 34.02
CA TYR C 326 0.78 -28.20 33.96
C TYR C 326 0.34 -28.94 35.20
N ILE C 327 -0.86 -28.61 35.67
CA ILE C 327 -1.52 -29.40 36.71
C ILE C 327 -2.13 -30.61 36.02
N LYS C 328 -1.75 -31.80 36.46
CA LYS C 328 -2.20 -33.04 35.85
C LYS C 328 -3.71 -33.01 35.73
N GLY C 329 -4.18 -33.19 34.50
CA GLY C 329 -5.61 -33.33 34.22
C GLY C 329 -6.42 -32.06 34.23
N SER C 330 -5.79 -30.89 34.29
CA SER C 330 -6.52 -29.63 34.15
C SER C 330 -6.32 -29.01 32.78
N TYR C 331 -7.30 -28.20 32.38
CA TYR C 331 -7.32 -27.60 31.05
C TYR C 331 -8.13 -26.34 31.18
N PRO C 332 -7.61 -25.37 31.93
CA PRO C 332 -8.32 -24.13 32.18
C PRO C 332 -8.54 -23.36 30.90
N GLN C 333 -9.55 -22.51 30.93
CA GLN C 333 -9.88 -21.70 29.78
C GLN C 333 -8.73 -20.75 29.42
N HIS C 334 -8.05 -20.24 30.44
CA HIS C 334 -7.08 -19.18 30.26
C HIS C 334 -5.81 -19.41 31.05
N ILE C 335 -4.71 -18.84 30.55
CA ILE C 335 -3.48 -18.82 31.31
C ILE C 335 -3.52 -17.62 32.25
N ASN C 336 -3.04 -17.83 33.47
CA ASN C 336 -3.08 -16.80 34.50
C ASN C 336 -1.71 -16.21 34.73
N ILE C 337 -1.50 -15.03 34.17
CA ILE C 337 -0.22 -14.33 34.27
C ILE C 337 -0.28 -13.19 35.29
N SER C 338 0.61 -13.27 36.29
CA SER C 338 0.76 -12.23 37.31
C SER C 338 1.23 -10.91 36.74
N ARG C 339 0.68 -9.81 37.26
CA ARG C 339 1.17 -8.48 36.89
C ARG C 339 2.66 -8.31 37.16
N ASN C 340 3.15 -9.04 38.14
CA ASN C 340 4.56 -9.00 38.46
C ASN C 340 5.52 -9.35 37.31
N PHE C 341 5.02 -10.05 36.28
CA PHE C 341 5.82 -10.28 35.06
C PHE C 341 6.31 -8.96 34.47
N SER C 342 5.54 -7.88 34.62
CA SER C 342 5.98 -6.56 34.10
C SER C 342 7.22 -5.95 34.78
N LYS C 343 7.69 -6.54 35.87
CA LYS C 343 8.92 -6.10 36.51
C LYS C 343 10.17 -6.61 35.80
N LEU C 344 10.03 -7.56 34.87
CA LEU C 344 11.20 -8.22 34.28
C LEU C 344 11.77 -7.49 33.05
N LEU C 345 12.39 -6.34 33.30
CA LEU C 345 12.65 -5.37 32.24
C LEU C 345 13.77 -5.81 31.31
N SER C 346 14.52 -6.83 31.72
CA SER C 346 15.59 -7.38 30.91
C SER C 346 15.25 -8.71 30.25
N LEU C 347 14.02 -9.17 30.40
CA LEU C 347 13.63 -10.47 29.88
C LEU C 347 13.60 -10.45 28.33
N ARG C 348 14.29 -11.41 27.74
CA ARG C 348 14.33 -11.59 26.29
C ARG C 348 13.48 -12.78 25.88
N ALA C 349 13.40 -13.78 26.75
CA ALA C 349 12.85 -15.06 26.39
C ALA C 349 12.08 -15.62 27.54
N LEU C 350 10.85 -16.01 27.25
CA LEU C 350 9.93 -16.56 28.22
C LEU C 350 9.35 -17.88 27.69
N HIS C 351 9.73 -18.98 28.31
CA HIS C 351 9.29 -20.28 27.88
C HIS C 351 8.17 -20.76 28.77
N LEU C 352 6.97 -20.83 28.19
CA LEU C 352 5.79 -21.40 28.84
C LEU C 352 5.21 -22.56 28.02
N ARG C 353 6.08 -23.47 27.58
CA ARG C 353 5.64 -24.74 27.07
C ARG C 353 4.87 -25.47 28.16
N GLY C 354 3.89 -26.26 27.78
CA GLY C 354 3.39 -27.29 28.67
C GLY C 354 2.67 -26.79 29.91
N TYR C 355 1.92 -25.69 29.80
CA TYR C 355 1.13 -25.20 30.91
C TYR C 355 -0.27 -25.83 30.78
N VAL C 356 -0.79 -25.76 29.57
CA VAL C 356 -2.02 -26.45 29.13
C VAL C 356 -3.19 -25.55 29.46
N PHE C 357 -3.79 -25.00 28.40
CA PHE C 357 -4.90 -24.13 28.50
C PHE C 357 -5.55 -23.92 27.14
N GLN C 358 -6.76 -23.39 27.13
CA GLN C 358 -7.60 -23.44 25.94
C GLN C 358 -7.47 -22.26 25.04
N GLU C 359 -7.27 -21.09 25.64
CA GLU C 359 -7.49 -19.86 24.88
C GLU C 359 -6.60 -18.73 25.41
N LEU C 360 -6.13 -17.91 24.47
CA LEU C 360 -5.23 -16.82 24.77
C LEU C 360 -5.88 -15.54 24.27
N ARG C 361 -6.17 -14.66 25.20
CA ARG C 361 -6.91 -13.46 24.97
C ARG C 361 -5.99 -12.28 25.10
N GLU C 362 -6.41 -11.15 24.62
CA GLU C 362 -5.59 -9.98 24.61
C GLU C 362 -5.15 -9.61 26.01
N ASP C 363 -6.06 -9.69 26.97
CA ASP C 363 -5.79 -9.23 28.30
C ASP C 363 -4.99 -10.19 29.12
N ASP C 364 -4.88 -11.40 28.62
CA ASP C 364 -4.14 -12.41 29.32
C ASP C 364 -2.66 -12.08 29.38
N PHE C 365 -2.18 -11.30 28.43
CA PHE C 365 -0.76 -11.01 28.26
C PHE C 365 -0.42 -9.54 28.48
N GLN C 366 -1.32 -8.80 29.13
CA GLN C 366 -1.12 -7.37 29.39
C GLN C 366 0.14 -7.13 30.20
N PRO C 367 0.40 -8.00 31.20
CA PRO C 367 1.66 -7.89 31.94
C PRO C 367 2.96 -7.93 31.09
N LEU C 368 2.93 -8.56 29.91
CA LEU C 368 4.12 -8.69 29.08
C LEU C 368 4.26 -7.61 28.02
N MET C 369 3.23 -6.79 27.80
CA MET C 369 3.21 -5.90 26.63
C MET C 369 4.06 -4.64 26.74
N GLN C 370 4.55 -4.35 27.94
CA GLN C 370 5.38 -3.16 28.10
C GLN C 370 6.82 -3.56 28.34
N LEU C 371 7.11 -4.84 28.22
CA LEU C 371 8.47 -5.33 28.36
C LEU C 371 9.25 -5.02 27.08
N PRO C 372 10.30 -4.16 27.18
CA PRO C 372 10.97 -3.69 25.96
C PRO C 372 12.02 -4.66 25.35
N ASN C 373 12.53 -5.61 26.12
CA ASN C 373 13.56 -6.57 25.65
C ASN C 373 13.03 -7.94 25.24
N LEU C 374 11.76 -8.19 25.49
CA LEU C 374 11.15 -9.50 25.24
C LEU C 374 11.08 -9.75 23.72
N SER C 375 11.86 -10.72 23.24
CA SER C 375 11.92 -10.99 21.83
C SER C 375 11.49 -12.41 21.44
N THR C 376 11.48 -13.35 22.39
CA THR C 376 11.04 -14.70 22.14
C THR C 376 9.94 -15.09 23.13
N ILE C 377 8.77 -15.44 22.60
CA ILE C 377 7.71 -15.99 23.40
C ILE C 377 7.41 -17.41 22.93
N ASN C 378 7.52 -18.37 23.83
CA ASN C 378 7.39 -19.76 23.50
C ASN C 378 6.14 -20.32 24.17
N LEU C 379 5.09 -20.58 23.38
CA LEU C 379 3.91 -21.27 23.87
C LEU C 379 3.69 -22.70 23.30
N GLY C 380 4.78 -23.41 23.04
CA GLY C 380 4.72 -24.77 22.53
C GLY C 380 3.95 -25.73 23.43
N ILE C 381 3.25 -26.69 22.82
CA ILE C 381 2.64 -27.80 23.53
C ILE C 381 1.71 -27.33 24.66
N ASN C 382 0.79 -26.42 24.36
CA ASN C 382 -0.21 -26.04 25.34
C ASN C 382 -1.63 -26.42 24.98
N PHE C 383 -1.79 -27.07 23.84
CA PHE C 383 -3.09 -27.47 23.28
C PHE C 383 -4.12 -26.35 23.15
N ILE C 384 -3.66 -25.16 22.75
CA ILE C 384 -4.49 -23.96 22.68
C ILE C 384 -5.41 -24.01 21.46
N LYS C 385 -6.69 -23.76 21.65
CA LYS C 385 -7.69 -23.82 20.56
C LYS C 385 -7.95 -22.49 19.90
N GLN C 386 -7.60 -21.40 20.56
CA GLN C 386 -7.87 -20.08 20.03
C GLN C 386 -6.89 -19.08 20.58
N ILE C 387 -6.58 -18.09 19.74
CA ILE C 387 -5.62 -17.05 20.03
C ILE C 387 -6.11 -15.76 19.38
N ASP C 388 -6.04 -14.68 20.15
CA ASP C 388 -6.39 -13.33 19.68
C ASP C 388 -5.07 -12.69 19.19
N PHE C 389 -4.78 -12.92 17.90
CA PHE C 389 -3.46 -12.63 17.32
C PHE C 389 -3.11 -11.15 17.39
N LYS C 390 -4.11 -10.27 17.39
CA LYS C 390 -3.85 -8.82 17.45
C LYS C 390 -3.00 -8.48 18.66
N LEU C 391 -3.10 -9.31 19.70
CA LEU C 391 -2.31 -9.08 20.91
C LEU C 391 -0.83 -9.00 20.65
N PHE C 392 -0.35 -9.71 19.63
CA PHE C 392 1.09 -9.67 19.29
C PHE C 392 1.49 -8.35 18.61
N GLN C 393 0.53 -7.48 18.33
CA GLN C 393 0.86 -6.16 17.76
C GLN C 393 1.40 -5.16 18.78
N ASN C 394 1.10 -5.39 20.05
CA ASN C 394 1.34 -4.40 21.10
C ASN C 394 2.67 -4.69 21.84
N PHE C 395 3.75 -4.96 21.09
CA PHE C 395 5.06 -5.33 21.65
C PHE C 395 6.15 -4.47 21.03
N SER C 396 7.20 -4.18 21.79
CA SER C 396 8.28 -3.32 21.28
C SER C 396 9.10 -4.10 20.26
N ASN C 397 9.50 -5.32 20.60
CA ASN C 397 10.35 -6.07 19.69
C ASN C 397 10.31 -7.59 19.84
N LEU C 398 9.09 -8.11 19.82
CA LEU C 398 8.85 -9.52 19.56
C LEU C 398 9.44 -9.89 18.23
N GLU C 399 10.39 -10.82 18.25
CA GLU C 399 10.99 -11.40 17.06
C GLU C 399 10.51 -12.85 16.80
N ILE C 400 10.20 -13.61 17.85
CA ILE C 400 9.89 -15.03 17.75
C ILE C 400 8.65 -15.37 18.56
N ILE C 401 7.63 -15.80 17.84
CA ILE C 401 6.33 -16.18 18.39
C ILE C 401 6.18 -17.63 18.04
N TYR C 402 6.47 -18.49 19.01
CA TYR C 402 6.50 -19.89 18.79
C TYR C 402 5.20 -20.48 19.33
N LEU C 403 4.40 -21.04 18.44
CA LEU C 403 3.14 -21.64 18.82
C LEU C 403 3.01 -23.07 18.37
N SER C 404 4.13 -23.75 18.18
CA SER C 404 4.09 -25.08 17.62
C SER C 404 3.42 -26.00 18.59
N GLU C 405 2.71 -27.00 18.09
CA GLU C 405 2.14 -28.08 18.91
C GLU C 405 0.98 -27.63 19.79
N ASN C 406 0.04 -26.96 19.18
CA ASN C 406 -1.15 -26.51 19.83
C ASN C 406 -2.29 -27.04 19.00
N ARG C 407 -3.45 -26.37 19.00
CA ARG C 407 -4.63 -26.79 18.22
C ARG C 407 -5.36 -25.64 17.59
N ILE C 408 -4.63 -24.66 17.08
CA ILE C 408 -5.31 -23.64 16.31
C ILE C 408 -5.93 -24.38 15.11
N SER C 409 -7.11 -23.92 14.73
CA SER C 409 -7.86 -24.47 13.61
C SER C 409 -8.36 -23.23 12.93
N PRO C 410 -9.07 -23.35 11.79
CA PRO C 410 -9.44 -22.13 11.02
C PRO C 410 -10.41 -21.16 11.72
N PHE C 437 24.01 -45.76 26.59
CA PHE C 437 23.18 -44.88 27.44
C PHE C 437 22.35 -43.80 26.71
N GLU C 438 21.13 -43.62 27.23
CA GLU C 438 20.06 -42.86 26.56
C GLU C 438 20.24 -41.34 26.54
N PHE C 439 20.81 -40.77 27.59
CA PHE C 439 20.93 -39.31 27.70
C PHE C 439 22.37 -38.90 27.60
N ASP C 440 22.58 -37.76 26.97
CA ASP C 440 23.90 -37.24 26.68
C ASP C 440 24.37 -36.47 27.92
N PRO C 441 25.40 -37.00 28.61
CA PRO C 441 25.90 -36.39 29.85
C PRO C 441 26.36 -34.94 29.67
N HIS C 442 26.72 -34.61 28.43
CA HIS C 442 27.18 -33.28 28.07
C HIS C 442 26.06 -32.37 27.56
N SER C 443 24.81 -32.82 27.63
CA SER C 443 23.67 -32.02 27.21
C SER C 443 22.80 -31.62 28.39
N ASN C 444 21.89 -30.72 28.12
CA ASN C 444 20.88 -30.35 29.07
C ASN C 444 19.87 -31.50 29.15
N PHE C 445 19.49 -31.87 30.36
CA PHE C 445 18.72 -33.09 30.59
C PHE C 445 17.21 -32.87 30.43
N TYR C 446 16.74 -31.65 30.73
CA TYR C 446 15.31 -31.33 30.72
C TYR C 446 14.70 -30.86 29.37
N HIS C 447 15.49 -30.19 28.55
CA HIS C 447 15.00 -29.77 27.27
C HIS C 447 16.12 -29.85 26.26
N PHE C 448 15.76 -30.13 25.01
CA PHE C 448 16.71 -29.93 23.88
C PHE C 448 17.03 -28.44 23.76
N THR C 449 18.24 -28.18 23.32
CA THR C 449 18.88 -26.86 23.36
C THR C 449 18.84 -26.06 22.04
N ARG C 450 18.31 -26.66 20.97
CA ARG C 450 18.37 -26.09 19.63
C ARG C 450 17.54 -24.81 19.54
N PRO C 451 17.74 -24.00 18.48
CA PRO C 451 16.90 -22.81 18.33
C PRO C 451 15.47 -23.19 17.97
N LEU C 452 14.52 -22.36 18.37
CA LEU C 452 13.12 -22.70 18.24
C LEU C 452 12.69 -22.63 16.80
N ILE C 453 13.34 -21.76 16.05
CA ILE C 453 13.08 -21.57 14.65
C ILE C 453 14.42 -21.59 13.94
N LYS C 454 14.43 -22.22 12.76
CA LYS C 454 15.60 -22.33 11.94
C LYS C 454 16.15 -20.91 11.77
N PRO C 455 17.43 -20.71 12.10
CA PRO C 455 18.00 -19.37 11.98
C PRO C 455 17.86 -18.76 10.58
N GLN C 456 17.80 -19.60 9.55
CA GLN C 456 17.75 -19.11 8.17
C GLN C 456 16.42 -18.47 7.88
N CYS C 457 15.41 -18.81 8.66
CA CYS C 457 14.05 -18.27 8.48
C CYS C 457 13.95 -17.01 9.35
N ALA C 458 14.43 -17.12 10.58
CA ALA C 458 14.29 -16.03 11.57
C ALA C 458 15.14 -14.82 11.23
N ALA C 459 16.27 -15.05 10.57
CA ALA C 459 17.11 -13.95 10.12
C ALA C 459 16.32 -12.91 9.31
N TYR C 460 15.21 -13.30 8.71
CA TYR C 460 14.58 -12.38 7.79
C TYR C 460 13.73 -11.41 8.56
N GLY C 461 13.50 -11.66 9.85
CA GLY C 461 12.61 -10.78 10.61
C GLY C 461 11.66 -11.53 11.50
N LYS C 462 10.53 -10.89 11.82
CA LYS C 462 9.54 -11.44 12.74
C LYS C 462 9.12 -12.81 12.30
N ALA C 463 9.17 -13.77 13.23
CA ALA C 463 8.94 -15.17 12.93
C ALA C 463 7.82 -15.73 13.79
N LEU C 464 6.96 -16.50 13.14
CA LEU C 464 5.77 -17.08 13.73
C LEU C 464 5.73 -18.55 13.39
N ASP C 465 5.77 -19.41 14.40
CA ASP C 465 5.81 -20.83 14.17
C ASP C 465 4.46 -21.41 14.57
N LEU C 466 3.65 -21.73 13.56
CA LEU C 466 2.38 -22.41 13.74
C LEU C 466 2.41 -23.85 13.24
N SER C 467 3.57 -24.48 13.33
CA SER C 467 3.70 -25.87 12.99
C SER C 467 2.94 -26.78 13.92
N LEU C 468 2.55 -27.93 13.44
CA LEU C 468 1.95 -28.95 14.27
C LEU C 468 0.66 -28.54 14.95
N ASN C 469 -0.10 -27.72 14.28
CA ASN C 469 -1.39 -27.34 14.75
C ASN C 469 -2.44 -28.06 13.95
N SER C 470 -3.61 -27.47 13.82
CA SER C 470 -4.67 -28.07 13.06
C SER C 470 -5.21 -27.15 12.01
N ILE C 471 -4.35 -26.37 11.39
CA ILE C 471 -4.78 -25.48 10.36
C ILE C 471 -4.78 -26.18 9.02
N PHE C 472 -5.71 -27.10 8.87
CA PHE C 472 -5.83 -27.96 7.70
C PHE C 472 -6.44 -27.23 6.50
N PHE C 473 -6.93 -26.01 6.73
CA PHE C 473 -7.45 -25.16 5.71
C PHE C 473 -7.07 -23.75 6.18
N ILE C 474 -6.38 -22.96 5.37
CA ILE C 474 -6.20 -21.57 5.72
C ILE C 474 -7.49 -20.82 5.36
N GLY C 475 -8.13 -20.25 6.37
CA GLY C 475 -9.32 -19.45 6.17
C GLY C 475 -8.97 -18.04 5.71
N PRO C 476 -10.00 -17.28 5.26
CA PRO C 476 -9.77 -15.95 4.70
C PRO C 476 -9.35 -14.90 5.74
N ASN C 477 -9.48 -15.22 7.04
CA ASN C 477 -9.04 -14.33 8.13
C ASN C 477 -8.03 -14.96 9.08
N GLN C 478 -7.41 -16.05 8.67
CA GLN C 478 -6.43 -16.71 9.49
C GLN C 478 -5.39 -15.77 10.04
N PHE C 479 -4.96 -14.81 9.23
CA PHE C 479 -3.81 -13.97 9.57
C PHE C 479 -4.21 -12.52 9.73
N GLU C 480 -5.47 -12.27 10.09
CA GLU C 480 -5.93 -10.90 10.37
C GLU C 480 -5.25 -10.37 11.62
N ASN C 481 -4.75 -9.13 11.55
CA ASN C 481 -4.23 -8.44 12.75
C ASN C 481 -2.84 -8.89 13.22
N LEU C 482 -2.05 -9.49 12.33
CA LEU C 482 -0.74 -9.94 12.73
C LEU C 482 0.32 -8.89 12.47
N PRO C 483 1.43 -8.95 13.23
CA PRO C 483 2.59 -8.18 12.86
C PRO C 483 3.08 -8.53 11.43
N ASP C 484 3.96 -7.71 10.86
CA ASP C 484 4.54 -8.00 9.56
C ASP C 484 5.45 -9.24 9.62
N ILE C 485 4.91 -10.41 9.26
CA ILE C 485 5.65 -11.66 9.42
C ILE C 485 6.61 -11.85 8.25
N ALA C 486 7.87 -12.13 8.59
CA ALA C 486 8.90 -12.45 7.59
C ALA C 486 9.14 -13.97 7.44
N CYS C 487 8.93 -14.70 8.53
CA CYS C 487 9.28 -16.11 8.61
C CYS C 487 8.07 -16.79 9.16
N LEU C 488 7.61 -17.83 8.47
CA LEU C 488 6.34 -18.44 8.80
C LEU C 488 6.42 -19.93 8.63
N ASN C 489 6.07 -20.65 9.69
CA ASN C 489 6.09 -22.07 9.66
C ASN C 489 4.67 -22.59 9.79
N LEU C 490 4.22 -23.34 8.78
CA LEU C 490 2.94 -23.99 8.81
C LEU C 490 3.10 -25.49 8.56
N SER C 491 4.25 -26.03 8.94
CA SER C 491 4.53 -27.41 8.67
C SER C 491 3.57 -28.32 9.43
N ALA C 492 3.19 -29.42 8.84
CA ALA C 492 2.52 -30.48 9.57
C ALA C 492 1.23 -30.00 10.21
N ASN C 493 0.44 -29.27 9.43
CA ASN C 493 -0.91 -28.88 9.80
C ASN C 493 -2.00 -29.67 9.09
N SER C 494 -1.62 -30.80 8.52
CA SER C 494 -2.48 -31.55 7.60
C SER C 494 -3.29 -30.70 6.61
N ASN C 495 -2.68 -29.66 6.05
CA ASN C 495 -3.40 -28.75 5.16
C ASN C 495 -3.54 -29.40 3.80
N ALA C 496 -4.78 -29.46 3.32
CA ALA C 496 -5.10 -30.11 2.08
C ALA C 496 -5.79 -29.17 1.11
N GLN C 497 -5.64 -27.88 1.33
CA GLN C 497 -6.34 -26.96 0.46
C GLN C 497 -5.62 -26.71 -0.83
N VAL C 498 -6.33 -25.99 -1.68
CA VAL C 498 -5.88 -25.50 -2.92
C VAL C 498 -5.55 -24.05 -2.62
N LEU C 499 -4.27 -23.72 -2.59
CA LEU C 499 -3.88 -22.34 -2.42
C LEU C 499 -4.13 -21.64 -3.74
N SER C 500 -4.60 -20.41 -3.68
CA SER C 500 -5.17 -19.72 -4.84
C SER C 500 -4.65 -18.29 -5.07
N GLY C 501 -3.81 -17.77 -4.17
CA GLY C 501 -3.24 -16.44 -4.36
C GLY C 501 -3.75 -15.36 -3.40
N THR C 502 -4.57 -15.72 -2.43
CA THR C 502 -5.19 -14.74 -1.51
C THR C 502 -4.99 -15.12 -0.03
N GLU C 503 -4.56 -16.35 0.26
CA GLU C 503 -4.54 -16.86 1.62
C GLU C 503 -3.49 -16.18 2.49
N PHE C 504 -2.52 -15.49 1.89
CA PHE C 504 -1.50 -14.81 2.68
C PHE C 504 -1.55 -13.30 2.48
N SER C 505 -2.65 -12.81 1.91
CA SER C 505 -2.81 -11.36 1.63
C SER C 505 -2.50 -10.43 2.81
N ALA C 506 -2.84 -10.89 4.02
CA ALA C 506 -2.66 -10.04 5.19
C ALA C 506 -1.22 -10.04 5.68
N ILE C 507 -0.44 -11.06 5.37
CA ILE C 507 0.99 -11.07 5.69
C ILE C 507 1.78 -11.21 4.40
N PRO C 508 1.74 -10.16 3.56
CA PRO C 508 2.26 -10.24 2.18
C PRO C 508 3.77 -10.18 2.07
N HIS C 509 4.47 -9.95 3.17
CA HIS C 509 5.92 -9.88 3.16
C HIS C 509 6.66 -11.14 3.69
N VAL C 510 5.99 -12.29 3.82
CA VAL C 510 6.75 -13.53 4.13
C VAL C 510 7.91 -13.73 3.12
N LYS C 511 9.10 -14.02 3.63
CA LYS C 511 10.28 -14.21 2.78
C LYS C 511 10.76 -15.63 2.88
N TYR C 512 10.32 -16.33 3.92
CA TYR C 512 10.68 -17.72 4.14
C TYR C 512 9.41 -18.40 4.62
N LEU C 513 8.93 -19.37 3.85
CA LEU C 513 7.69 -20.07 4.15
C LEU C 513 7.95 -21.55 4.19
N ASP C 514 7.56 -22.16 5.30
CA ASP C 514 7.72 -23.58 5.45
C ASP C 514 6.34 -24.21 5.40
N LEU C 515 6.05 -24.99 4.35
CA LEU C 515 4.81 -25.70 4.22
C LEU C 515 5.04 -27.19 4.20
N THR C 516 6.15 -27.62 4.79
CA THR C 516 6.47 -29.04 4.73
C THR C 516 5.40 -29.87 5.46
N ASN C 517 5.33 -31.15 5.10
CA ASN C 517 4.50 -32.15 5.77
C ASN C 517 3.05 -31.72 5.84
N ASN C 518 2.53 -31.23 4.72
CA ASN C 518 1.09 -31.10 4.56
C ASN C 518 0.59 -32.01 3.45
N ARG C 519 -0.58 -31.78 2.91
CA ARG C 519 -0.99 -32.59 1.81
C ARG C 519 -1.64 -31.64 0.85
N LEU C 520 -0.85 -30.68 0.43
CA LEU C 520 -1.40 -29.63 -0.38
C LEU C 520 -1.89 -30.18 -1.70
N ASP C 521 -2.89 -29.48 -2.23
CA ASP C 521 -3.52 -29.79 -3.49
C ASP C 521 -3.29 -28.63 -4.44
N PHE C 522 -2.31 -28.85 -5.32
CA PHE C 522 -1.77 -27.88 -6.27
C PHE C 522 -2.62 -27.78 -7.54
N ASP C 523 -3.82 -27.25 -7.36
CA ASP C 523 -4.74 -27.16 -8.45
C ASP C 523 -5.03 -25.73 -8.84
N ASN C 524 -4.15 -24.81 -8.48
CA ASN C 524 -4.33 -23.45 -8.94
C ASN C 524 -3.02 -22.81 -9.18
N ALA C 525 -2.93 -22.13 -10.32
CA ALA C 525 -1.67 -21.65 -10.85
C ALA C 525 -1.26 -20.34 -10.21
N SER C 526 -2.15 -19.76 -9.40
CA SER C 526 -1.88 -18.50 -8.70
C SER C 526 -1.44 -18.66 -7.25
N ALA C 527 -1.43 -19.91 -6.78
CA ALA C 527 -0.98 -20.23 -5.43
C ALA C 527 0.26 -19.44 -5.01
N LEU C 528 0.22 -18.83 -3.84
CA LEU C 528 1.36 -18.14 -3.23
C LEU C 528 1.83 -16.90 -3.96
N THR C 529 1.22 -16.57 -5.08
CA THR C 529 1.72 -15.47 -5.88
C THR C 529 1.54 -14.16 -5.18
N GLU C 530 0.64 -14.10 -4.21
CA GLU C 530 0.55 -12.87 -3.42
C GLU C 530 1.81 -12.64 -2.56
N LEU C 531 2.58 -13.68 -2.24
CA LEU C 531 3.84 -13.47 -1.50
C LEU C 531 4.98 -12.98 -2.39
N SER C 532 4.96 -11.72 -2.78
CA SER C 532 5.83 -11.33 -3.88
C SER C 532 7.30 -11.07 -3.48
N ASP C 533 7.56 -11.06 -2.18
CA ASP C 533 8.92 -11.05 -1.68
C ASP C 533 9.50 -12.41 -1.25
N LEU C 534 8.78 -13.50 -1.53
CA LEU C 534 9.19 -14.82 -1.13
C LEU C 534 10.54 -15.20 -1.73
N GLU C 535 11.45 -15.69 -0.87
CA GLU C 535 12.83 -16.03 -1.22
C GLU C 535 13.13 -17.50 -1.01
N VAL C 536 12.54 -18.06 0.06
CA VAL C 536 12.68 -19.47 0.41
C VAL C 536 11.30 -20.09 0.61
N LEU C 537 11.06 -21.17 -0.12
CA LEU C 537 9.81 -21.89 -0.09
C LEU C 537 10.15 -23.34 0.07
N ASP C 538 9.69 -23.93 1.17
CA ASP C 538 9.93 -25.36 1.41
C ASP C 538 8.62 -26.11 1.29
N LEU C 539 8.50 -26.99 0.31
CA LEU C 539 7.27 -27.76 0.12
C LEU C 539 7.56 -29.22 0.28
N SER C 540 8.61 -29.54 1.00
CA SER C 540 9.00 -30.93 1.23
C SER C 540 7.85 -31.72 1.84
N TYR C 541 7.80 -33.02 1.54
CA TYR C 541 6.80 -33.92 2.15
C TYR C 541 5.35 -33.46 1.99
N ASN C 542 4.97 -33.15 0.76
CA ASN C 542 3.58 -32.96 0.41
C ASN C 542 3.16 -33.93 -0.68
N SER C 543 3.64 -35.16 -0.58
CA SER C 543 3.46 -36.11 -1.65
C SER C 543 2.04 -36.61 -1.83
N HIS C 544 1.19 -36.41 -0.84
CA HIS C 544 -0.10 -37.06 -0.84
C HIS C 544 -0.82 -36.95 -2.19
N TYR C 545 -1.12 -35.74 -2.65
CA TYR C 545 -1.77 -35.60 -3.93
C TYR C 545 -0.84 -35.80 -5.15
N PHE C 546 0.46 -35.56 -4.97
CA PHE C 546 1.40 -35.79 -6.10
C PHE C 546 1.38 -37.25 -6.49
N ARG C 547 1.10 -38.12 -5.53
CA ARG C 547 1.13 -39.55 -5.77
C ARG C 547 0.02 -40.00 -6.71
N ILE C 548 -1.03 -39.20 -6.81
CA ILE C 548 -2.25 -39.66 -7.41
C ILE C 548 -2.36 -39.10 -8.83
N ALA C 549 -2.30 -40.00 -9.81
CA ALA C 549 -2.27 -39.61 -11.19
C ALA C 549 -3.47 -38.75 -11.56
N GLY C 550 -4.62 -39.08 -10.98
CA GLY C 550 -5.88 -38.52 -11.47
C GLY C 550 -6.22 -37.16 -10.93
N VAL C 551 -5.62 -36.74 -9.82
CA VAL C 551 -5.74 -35.34 -9.43
C VAL C 551 -4.71 -34.54 -10.23
N THR C 552 -4.96 -33.24 -10.37
CA THR C 552 -4.04 -32.32 -11.04
C THR C 552 -2.86 -31.84 -10.13
N HIS C 553 -1.85 -31.26 -10.79
CA HIS C 553 -0.63 -30.84 -10.12
C HIS C 553 -0.04 -29.69 -10.89
N HIS C 554 -0.30 -28.48 -10.40
CA HIS C 554 0.08 -27.30 -11.09
C HIS C 554 1.21 -26.66 -10.30
N LEU C 555 2.40 -26.62 -10.89
CA LEU C 555 3.53 -25.89 -10.30
C LEU C 555 3.99 -24.63 -11.07
N GLU C 556 3.13 -24.10 -11.94
CA GLU C 556 3.40 -22.87 -12.71
C GLU C 556 3.68 -21.61 -11.90
N PHE C 557 3.12 -21.54 -10.70
CA PHE C 557 3.24 -20.36 -9.84
C PHE C 557 4.69 -20.01 -9.50
N ILE C 558 5.57 -20.97 -9.67
CA ILE C 558 6.96 -20.74 -9.37
C ILE C 558 7.55 -19.62 -10.20
N GLN C 559 7.12 -19.48 -11.45
CA GLN C 559 7.62 -18.41 -12.28
C GLN C 559 7.19 -17.01 -11.86
N ASN C 560 6.13 -16.85 -11.07
CA ASN C 560 5.62 -15.49 -10.81
C ASN C 560 6.46 -14.72 -9.81
N PHE C 561 7.36 -15.39 -9.11
CA PHE C 561 8.24 -14.77 -8.12
C PHE C 561 9.52 -14.15 -8.69
N THR C 562 9.75 -12.88 -8.39
CA THR C 562 10.91 -12.15 -8.90
C THR C 562 12.12 -12.25 -7.98
N ASN C 563 11.94 -12.75 -6.78
CA ASN C 563 13.09 -12.88 -5.88
C ASN C 563 13.18 -14.24 -5.16
N LEU C 564 12.50 -15.26 -5.69
CA LEU C 564 12.56 -16.62 -5.14
C LEU C 564 13.93 -17.23 -5.44
N LYS C 565 14.64 -17.59 -4.36
CA LYS C 565 16.01 -18.07 -4.43
C LYS C 565 16.14 -19.57 -4.16
N VAL C 566 15.42 -20.07 -3.16
CA VAL C 566 15.59 -21.48 -2.75
C VAL C 566 14.24 -22.15 -2.69
N LEU C 567 14.15 -23.31 -3.33
CA LEU C 567 12.89 -24.04 -3.45
C LEU C 567 13.18 -25.51 -3.17
N ASN C 568 12.49 -26.04 -2.17
CA ASN C 568 12.62 -27.42 -1.86
C ASN C 568 11.33 -28.22 -2.15
N LEU C 569 11.40 -29.09 -3.18
CA LEU C 569 10.30 -30.02 -3.50
C LEU C 569 10.63 -31.48 -3.15
N SER C 570 11.45 -31.69 -2.11
CA SER C 570 11.90 -33.03 -1.77
C SER C 570 10.78 -33.90 -1.29
N HIS C 571 10.87 -35.18 -1.59
CA HIS C 571 9.97 -36.15 -1.02
C HIS C 571 8.55 -35.84 -1.32
N ASN C 572 8.29 -35.43 -2.55
CA ASN C 572 6.94 -35.22 -3.02
C ASN C 572 6.45 -36.27 -3.99
N ASN C 573 7.34 -37.15 -4.42
CA ASN C 573 6.96 -38.24 -5.32
C ASN C 573 6.41 -37.73 -6.63
N ILE C 574 7.04 -36.66 -7.13
CA ILE C 574 6.57 -36.00 -8.33
C ILE C 574 6.87 -36.84 -9.57
N TYR C 575 5.84 -37.10 -10.35
CA TYR C 575 5.99 -37.92 -11.56
C TYR C 575 5.09 -37.52 -12.70
N THR C 576 4.21 -36.55 -12.45
CA THR C 576 3.30 -36.07 -13.44
C THR C 576 2.77 -34.68 -13.03
N LEU C 577 2.75 -33.75 -13.99
CA LEU C 577 2.23 -32.42 -13.78
C LEU C 577 1.19 -32.16 -14.83
N THR C 578 0.41 -31.12 -14.63
CA THR C 578 -0.75 -30.81 -15.47
C THR C 578 -0.47 -29.58 -16.37
N ASP C 579 -0.57 -29.77 -17.69
CA ASP C 579 -0.58 -28.66 -18.64
C ASP C 579 0.81 -28.13 -18.90
N LYS C 580 1.47 -27.67 -17.84
CA LYS C 580 2.77 -27.07 -17.99
C LYS C 580 3.78 -27.97 -17.35
N TYR C 581 4.69 -28.49 -18.16
CA TYR C 581 5.58 -29.55 -17.76
C TYR C 581 6.94 -29.05 -17.32
N ASN C 582 7.18 -27.75 -17.51
CA ASN C 582 8.47 -27.13 -17.18
C ASN C 582 8.44 -26.26 -15.93
N LEU C 583 9.46 -26.36 -15.10
CA LEU C 583 9.71 -25.36 -14.07
C LEU C 583 10.49 -24.15 -14.63
N GLU C 584 10.03 -22.93 -14.30
CA GLU C 584 10.61 -21.68 -14.82
C GLU C 584 10.76 -20.62 -13.73
N SER C 585 11.93 -19.97 -13.72
CA SER C 585 12.22 -18.87 -12.79
C SER C 585 13.46 -18.18 -13.26
N LYS C 586 13.39 -16.85 -13.33
CA LYS C 586 14.57 -16.00 -13.58
C LYS C 586 15.43 -15.74 -12.35
N SER C 587 14.92 -16.04 -11.17
CA SER C 587 15.63 -15.75 -9.94
C SER C 587 16.22 -16.96 -9.25
N LEU C 588 15.61 -18.13 -9.41
CA LEU C 588 15.88 -19.26 -8.55
C LEU C 588 17.31 -19.72 -8.68
N VAL C 589 17.92 -19.96 -7.52
CA VAL C 589 19.32 -20.32 -7.42
C VAL C 589 19.54 -21.78 -7.03
N GLU C 590 18.68 -22.29 -6.14
CA GLU C 590 18.74 -23.64 -5.58
C GLU C 590 17.38 -24.33 -5.70
N LEU C 591 17.38 -25.48 -6.37
CA LEU C 591 16.21 -26.37 -6.42
C LEU C 591 16.56 -27.70 -5.78
N VAL C 592 15.81 -28.10 -4.76
CA VAL C 592 15.96 -29.44 -4.18
C VAL C 592 14.84 -30.35 -4.71
N PHE C 593 15.22 -31.34 -5.50
CA PHE C 593 14.25 -32.21 -6.16
C PHE C 593 14.45 -33.69 -5.79
N SER C 594 15.14 -33.93 -4.68
CA SER C 594 15.39 -35.29 -4.22
C SER C 594 14.08 -35.98 -3.86
N GLY C 595 14.05 -37.31 -3.98
CA GLY C 595 12.91 -38.08 -3.51
C GLY C 595 11.70 -37.94 -4.40
N ASN C 596 11.91 -37.68 -5.67
CA ASN C 596 10.84 -37.58 -6.61
C ASN C 596 11.08 -38.66 -7.65
N ARG C 597 10.33 -38.65 -8.75
CA ARG C 597 10.38 -39.74 -9.72
C ARG C 597 10.80 -39.29 -11.10
N LEU C 598 12.00 -38.70 -11.17
CA LEU C 598 12.59 -38.41 -12.45
C LEU C 598 12.77 -39.66 -13.33
N ASP C 599 12.82 -40.85 -12.75
CA ASP C 599 12.86 -42.06 -13.59
C ASP C 599 11.62 -42.08 -14.47
N ILE C 600 10.48 -41.71 -13.91
CA ILE C 600 9.26 -41.68 -14.68
C ILE C 600 9.20 -40.44 -15.58
N LEU C 601 9.57 -39.27 -15.07
CA LEU C 601 9.46 -38.03 -15.85
C LEU C 601 10.34 -38.08 -17.08
N TRP C 602 11.50 -38.72 -16.96
CA TRP C 602 12.44 -38.82 -18.09
C TRP C 602 12.46 -40.18 -18.75
N ASN C 603 11.37 -40.89 -18.64
CA ASN C 603 11.26 -42.20 -19.19
C ASN C 603 11.32 -42.06 -20.72
N ASP C 604 11.92 -43.05 -21.37
CA ASP C 604 12.27 -42.99 -22.80
C ASP C 604 11.08 -42.83 -23.76
N ASP C 605 9.89 -43.31 -23.37
CA ASP C 605 8.67 -43.17 -24.17
C ASP C 605 7.93 -41.84 -24.00
N ASP C 606 8.46 -40.95 -23.20
CA ASP C 606 7.82 -39.66 -22.92
C ASP C 606 8.81 -38.49 -23.10
N ASN C 607 8.46 -37.52 -23.93
CA ASN C 607 9.30 -36.32 -24.21
C ASN C 607 8.93 -35.07 -23.45
N ARG C 608 7.82 -35.10 -22.74
CA ARG C 608 7.21 -33.86 -22.30
C ARG C 608 8.03 -33.16 -21.22
N TYR C 609 8.81 -33.93 -20.45
CA TYR C 609 9.59 -33.37 -19.28
C TYR C 609 11.08 -33.28 -19.56
N ILE C 610 11.44 -33.39 -20.82
CA ILE C 610 12.84 -33.37 -21.22
C ILE C 610 13.52 -32.03 -20.95
N SER C 611 12.75 -30.95 -20.80
CA SER C 611 13.31 -29.62 -20.48
C SER C 611 12.87 -29.07 -19.13
N ILE C 612 12.47 -29.97 -18.23
CA ILE C 612 11.78 -29.61 -16.97
C ILE C 612 12.50 -28.54 -16.15
N PHE C 613 13.83 -28.55 -16.16
CA PHE C 613 14.60 -27.57 -15.40
C PHE C 613 15.31 -26.46 -16.22
N LYS C 614 15.10 -26.44 -17.53
CA LYS C 614 15.86 -25.50 -18.38
C LYS C 614 15.51 -24.07 -18.15
N GLY C 615 14.23 -23.80 -17.85
CA GLY C 615 13.77 -22.44 -17.58
C GLY C 615 14.23 -21.88 -16.25
N LEU C 616 14.98 -22.67 -15.50
CA LEU C 616 15.58 -22.18 -14.27
C LEU C 616 16.92 -21.56 -14.62
N LYS C 617 16.85 -20.39 -15.22
CA LYS C 617 17.96 -19.77 -15.94
C LYS C 617 19.04 -19.19 -15.02
N ASN C 618 18.76 -19.07 -13.74
CA ASN C 618 19.73 -18.55 -12.81
C ASN C 618 20.25 -19.65 -11.85
N LEU C 619 19.83 -20.89 -12.07
CA LEU C 619 20.07 -21.97 -11.09
C LEU C 619 21.54 -22.35 -10.96
N THR C 620 22.07 -22.35 -9.74
CA THR C 620 23.43 -22.81 -9.53
C THR C 620 23.55 -24.12 -8.76
N ARG C 621 22.54 -24.44 -7.96
CA ARG C 621 22.58 -25.62 -7.14
C ARG C 621 21.36 -26.47 -7.42
N LEU C 622 21.58 -27.73 -7.75
CA LEU C 622 20.50 -28.65 -8.09
C LEU C 622 20.79 -30.07 -7.50
N ASP C 623 19.78 -30.61 -6.84
CA ASP C 623 19.85 -31.88 -6.15
C ASP C 623 18.80 -32.82 -6.77
N LEU C 624 19.29 -33.83 -7.47
CA LEU C 624 18.44 -34.83 -8.11
C LEU C 624 18.61 -36.21 -7.47
N SER C 625 19.05 -36.24 -6.22
CA SER C 625 19.19 -37.45 -5.47
C SER C 625 17.88 -38.22 -5.29
N LEU C 626 17.96 -39.53 -5.07
CA LEU C 626 16.82 -40.31 -4.64
C LEU C 626 15.70 -40.13 -5.63
N ASN C 627 16.03 -40.28 -6.90
CA ASN C 627 15.01 -40.24 -7.97
C ASN C 627 14.91 -41.55 -8.76
N ARG C 628 15.55 -42.60 -8.25
CA ARG C 628 15.45 -43.95 -8.83
C ARG C 628 15.96 -44.03 -10.25
N LEU C 629 16.92 -43.17 -10.59
CA LEU C 629 17.36 -43.11 -11.96
C LEU C 629 18.36 -44.21 -12.28
N LYS C 630 18.03 -45.01 -13.28
CA LYS C 630 18.97 -45.95 -13.91
C LYS C 630 19.77 -45.27 -15.03
N HIS C 631 19.17 -44.34 -15.74
CA HIS C 631 19.88 -43.63 -16.80
C HIS C 631 19.16 -42.30 -17.07
N ILE C 632 19.93 -41.28 -17.42
CA ILE C 632 19.39 -40.01 -17.84
C ILE C 632 19.53 -39.90 -19.34
N PRO C 633 18.44 -39.58 -20.07
CA PRO C 633 18.67 -39.32 -21.47
C PRO C 633 19.67 -38.20 -21.65
N ASN C 634 20.49 -38.34 -22.70
CA ASN C 634 21.51 -37.34 -23.01
C ASN C 634 20.87 -35.97 -23.25
N GLU C 635 19.72 -35.96 -23.91
CA GLU C 635 19.06 -34.69 -24.17
C GLU C 635 18.59 -34.06 -22.86
N ALA C 636 18.10 -34.86 -21.92
CA ALA C 636 17.61 -34.33 -20.67
C ALA C 636 18.77 -33.69 -19.93
N PHE C 637 19.93 -34.35 -19.93
CA PHE C 637 21.10 -33.83 -19.24
C PHE C 637 21.57 -32.49 -19.84
N LEU C 638 21.61 -32.41 -21.17
CA LEU C 638 22.01 -31.18 -21.89
C LEU C 638 21.05 -30.03 -21.64
N ASN C 639 19.82 -30.38 -21.29
CA ASN C 639 18.82 -29.40 -20.92
C ASN C 639 18.87 -28.94 -19.44
N LEU C 640 19.80 -29.42 -18.63
CA LEU C 640 19.95 -28.85 -17.28
C LEU C 640 20.57 -27.47 -17.50
N PRO C 641 20.40 -26.53 -16.55
CA PRO C 641 20.87 -25.17 -16.80
C PRO C 641 22.37 -25.03 -16.80
N ALA C 642 22.89 -24.37 -17.82
CA ALA C 642 24.32 -24.16 -17.99
C ALA C 642 24.93 -23.29 -16.91
N SER C 643 24.10 -22.63 -16.13
CA SER C 643 24.59 -21.85 -14.99
C SER C 643 25.00 -22.68 -13.76
N LEU C 644 24.80 -24.00 -13.80
CA LEU C 644 25.10 -24.81 -12.63
C LEU C 644 26.53 -24.81 -12.19
N THR C 645 26.70 -24.67 -10.89
CA THR C 645 27.97 -24.90 -10.28
C THR C 645 28.02 -26.13 -9.41
N GLU C 646 26.88 -26.66 -8.99
CA GLU C 646 26.83 -27.73 -8.02
C GLU C 646 25.64 -28.64 -8.37
N LEU C 647 25.95 -29.91 -8.66
CA LEU C 647 24.98 -30.88 -9.15
C LEU C 647 25.14 -32.22 -8.45
N HIS C 648 24.04 -32.67 -7.83
CA HIS C 648 23.97 -33.87 -7.05
C HIS C 648 23.02 -34.85 -7.71
N ILE C 649 23.50 -36.05 -8.01
CA ILE C 649 22.70 -37.14 -8.53
C ILE C 649 22.97 -38.40 -7.69
N ASN C 650 23.30 -38.21 -6.42
CA ASN C 650 23.69 -39.31 -5.61
C ASN C 650 22.48 -40.15 -5.27
N ASP C 651 22.74 -41.36 -4.80
CA ASP C 651 21.72 -42.30 -4.39
C ASP C 651 20.61 -42.47 -5.39
N ASN C 652 21.06 -42.69 -6.62
CA ASN C 652 20.18 -43.19 -7.66
C ASN C 652 20.73 -44.59 -7.97
N MET C 653 20.52 -45.08 -9.19
CA MET C 653 21.00 -46.38 -9.63
C MET C 653 21.75 -46.29 -10.94
N LEU C 654 22.53 -45.24 -11.13
CA LEU C 654 23.11 -44.98 -12.45
C LEU C 654 24.23 -46.00 -12.76
N LYS C 655 24.21 -46.50 -14.00
CA LYS C 655 25.22 -47.44 -14.50
C LYS C 655 26.30 -46.79 -15.36
N PHE C 656 25.89 -45.84 -16.18
CA PHE C 656 26.78 -45.09 -17.03
C PHE C 656 26.51 -43.60 -16.81
N PHE C 657 27.54 -42.81 -16.97
CA PHE C 657 27.40 -41.38 -16.97
C PHE C 657 28.09 -40.89 -18.21
N ASN C 658 27.39 -40.07 -18.98
CA ASN C 658 27.97 -39.52 -20.18
C ASN C 658 28.78 -38.33 -19.85
N TRP C 659 30.09 -38.54 -19.75
CA TRP C 659 31.02 -37.52 -19.33
C TRP C 659 31.19 -36.38 -20.36
N THR C 660 30.95 -36.71 -21.61
CA THR C 660 31.09 -35.78 -22.72
C THR C 660 30.21 -34.52 -22.53
N LEU C 661 29.06 -34.72 -21.90
CA LEU C 661 28.09 -33.65 -21.67
C LEU C 661 28.54 -32.60 -20.67
N LEU C 662 29.60 -32.85 -19.92
CA LEU C 662 30.10 -31.81 -19.03
C LEU C 662 30.67 -30.59 -19.77
N GLN C 663 30.91 -30.75 -21.06
CA GLN C 663 31.41 -29.64 -21.88
C GLN C 663 30.39 -28.54 -22.00
N GLN C 664 29.13 -28.80 -21.66
CA GLN C 664 28.14 -27.73 -21.73
C GLN C 664 27.86 -27.09 -20.39
N PHE C 665 28.66 -27.43 -19.38
CA PHE C 665 28.53 -26.85 -18.03
C PHE C 665 29.87 -26.26 -17.58
N PRO C 666 30.23 -25.09 -18.14
CA PRO C 666 31.54 -24.49 -17.87
C PRO C 666 31.65 -23.79 -16.53
N ARG C 667 30.56 -23.70 -15.77
CA ARG C 667 30.69 -23.20 -14.37
C ARG C 667 30.60 -24.31 -13.34
N LEU C 668 30.46 -25.56 -13.80
CA LEU C 668 30.28 -26.67 -12.86
C LEU C 668 31.53 -26.93 -12.02
N GLU C 669 31.39 -26.73 -10.70
CA GLU C 669 32.48 -26.97 -9.75
C GLU C 669 32.36 -28.28 -8.98
N LEU C 670 31.13 -28.68 -8.64
CA LEU C 670 30.90 -29.87 -7.82
C LEU C 670 29.97 -30.88 -8.48
N LEU C 671 30.46 -32.11 -8.67
CA LEU C 671 29.66 -33.18 -9.23
C LEU C 671 29.57 -34.38 -8.27
N ASP C 672 28.35 -34.69 -7.86
CA ASP C 672 28.13 -35.66 -6.81
C ASP C 672 27.34 -36.82 -7.35
N LEU C 673 28.00 -37.97 -7.43
CA LEU C 673 27.47 -39.20 -7.97
C LEU C 673 27.63 -40.35 -6.99
N ARG C 674 27.72 -40.07 -5.70
CA ARG C 674 27.81 -41.12 -4.68
C ARG C 674 26.58 -42.01 -4.71
N GLY C 675 26.76 -43.30 -4.44
CA GLY C 675 25.59 -44.16 -4.19
C GLY C 675 24.86 -44.52 -5.46
N ASN C 676 25.63 -44.72 -6.51
CA ASN C 676 25.11 -45.20 -7.77
C ASN C 676 25.77 -46.57 -8.10
N LYS C 677 25.70 -47.02 -9.36
CA LYS C 677 26.34 -48.29 -9.78
C LYS C 677 27.26 -48.12 -10.99
N LEU C 678 28.06 -47.06 -10.97
CA LEU C 678 28.92 -46.72 -12.08
C LEU C 678 30.02 -47.76 -12.21
N LEU C 679 30.21 -48.29 -13.42
CA LEU C 679 31.19 -49.35 -13.67
C LEU C 679 32.56 -48.83 -14.09
N PHE C 680 32.60 -47.74 -14.83
CA PHE C 680 33.87 -47.18 -15.29
C PHE C 680 33.87 -45.66 -15.44
N LEU C 681 35.06 -45.10 -15.30
CA LEU C 681 35.35 -43.72 -15.66
C LEU C 681 35.82 -43.60 -17.12
N THR C 682 36.32 -42.41 -17.48
CA THR C 682 36.57 -42.02 -18.86
C THR C 682 37.98 -41.43 -19.00
N ASP C 683 38.64 -41.76 -20.10
CA ASP C 683 40.04 -41.37 -20.26
C ASP C 683 40.22 -39.87 -20.07
N SER C 684 39.67 -39.07 -20.99
CA SER C 684 39.95 -37.63 -21.02
C SER C 684 38.96 -36.73 -20.25
N LEU C 685 39.01 -36.77 -18.92
CA LEU C 685 38.18 -35.88 -18.10
C LEU C 685 38.43 -34.41 -18.42
N SER C 686 39.70 -34.06 -18.60
CA SER C 686 40.07 -32.68 -18.86
C SER C 686 39.63 -32.25 -20.26
N ASP C 687 39.25 -33.18 -21.10
CA ASP C 687 38.58 -32.82 -22.36
C ASP C 687 37.16 -32.34 -22.10
N PHE C 688 36.59 -32.78 -20.99
CA PHE C 688 35.20 -32.55 -20.72
C PHE C 688 34.92 -31.36 -19.81
N THR C 689 35.90 -30.99 -18.99
CA THR C 689 35.71 -29.91 -18.03
C THR C 689 37.03 -29.29 -17.65
N SER C 690 37.06 -27.96 -17.65
CA SER C 690 38.15 -27.24 -17.01
C SER C 690 37.69 -26.57 -15.71
N SER C 691 36.50 -26.90 -15.21
CA SER C 691 35.93 -26.20 -14.04
C SER C 691 35.82 -27.07 -12.79
N LEU C 692 35.74 -28.37 -12.95
CA LEU C 692 35.28 -29.22 -11.86
C LEU C 692 36.32 -29.20 -10.76
N ARG C 693 35.86 -29.02 -9.51
CA ARG C 693 36.73 -28.90 -8.33
C ARG C 693 36.60 -30.10 -7.38
N THR C 694 35.40 -30.66 -7.30
CA THR C 694 35.13 -31.74 -6.37
C THR C 694 34.33 -32.75 -7.14
N LEU C 695 34.85 -33.97 -7.24
CA LEU C 695 34.14 -35.06 -7.91
C LEU C 695 33.93 -36.16 -6.90
N LEU C 696 32.68 -36.34 -6.48
CA LEU C 696 32.35 -37.33 -5.46
C LEU C 696 31.84 -38.64 -6.09
N LEU C 697 32.55 -39.75 -5.90
CA LEU C 697 32.11 -41.03 -6.50
C LEU C 697 31.99 -42.24 -5.56
N SER C 698 32.03 -42.01 -4.26
CA SER C 698 31.92 -43.13 -3.32
C SER C 698 30.71 -44.00 -3.59
N HIS C 699 30.85 -45.28 -3.26
CA HIS C 699 29.76 -46.26 -3.36
C HIS C 699 29.31 -46.35 -4.77
N ASN C 700 30.27 -46.67 -5.62
CA ASN C 700 30.00 -47.09 -6.99
C ASN C 700 30.76 -48.40 -7.25
N ARG C 701 30.85 -48.84 -8.50
CA ARG C 701 31.45 -50.13 -8.81
C ARG C 701 32.59 -49.98 -9.80
N ILE C 702 33.44 -48.99 -9.55
CA ILE C 702 34.55 -48.71 -10.42
C ILE C 702 35.70 -49.62 -9.98
N SER C 703 36.12 -50.51 -10.89
CA SER C 703 37.31 -51.35 -10.68
C SER C 703 38.58 -50.81 -11.33
N HIS C 704 38.47 -50.00 -12.38
CA HIS C 704 39.65 -49.46 -13.08
C HIS C 704 39.70 -47.92 -13.09
N LEU C 705 40.85 -47.36 -12.70
CA LEU C 705 41.12 -45.93 -12.90
C LEU C 705 41.86 -45.71 -14.22
N PRO C 706 41.19 -45.14 -15.25
CA PRO C 706 41.80 -44.97 -16.57
C PRO C 706 43.14 -44.22 -16.49
N SER C 707 44.05 -44.49 -17.44
CA SER C 707 45.37 -43.83 -17.41
C SER C 707 45.23 -42.38 -17.89
N GLY C 708 45.99 -41.48 -17.29
CA GLY C 708 45.78 -40.05 -17.52
C GLY C 708 44.51 -39.56 -16.83
N PHE C 709 44.17 -40.27 -15.77
CA PHE C 709 43.23 -39.81 -14.79
C PHE C 709 44.11 -39.76 -13.54
N LEU C 710 44.18 -38.62 -12.86
CA LEU C 710 43.36 -37.44 -13.12
C LEU C 710 43.87 -36.53 -14.26
N SER C 711 45.18 -36.29 -14.31
CA SER C 711 45.71 -35.12 -15.00
C SER C 711 45.58 -35.28 -16.52
N GLU C 712 45.53 -34.17 -17.25
CA GLU C 712 45.65 -32.85 -16.66
C GLU C 712 44.35 -32.21 -16.22
N VAL C 713 43.72 -32.77 -15.20
CA VAL C 713 42.55 -32.13 -14.65
C VAL C 713 43.07 -31.12 -13.68
N SER C 714 43.41 -29.97 -14.20
CA SER C 714 44.08 -28.99 -13.43
C SER C 714 43.19 -28.61 -12.32
N SER C 715 41.91 -28.52 -12.63
CA SER C 715 40.92 -28.01 -11.72
C SER C 715 40.70 -28.80 -10.44
N LEU C 716 40.74 -30.11 -10.50
CA LEU C 716 40.22 -30.98 -9.42
C LEU C 716 41.06 -30.89 -8.15
N LYS C 717 40.50 -30.26 -7.12
CA LYS C 717 40.99 -30.33 -5.73
C LYS C 717 40.71 -31.69 -5.06
N HIS C 718 39.48 -32.16 -5.18
CA HIS C 718 38.97 -33.17 -4.28
C HIS C 718 38.39 -34.34 -5.09
N LEU C 719 39.02 -35.50 -5.02
CA LEU C 719 38.48 -36.69 -5.68
C LEU C 719 38.11 -37.72 -4.63
N ASP C 720 36.88 -38.21 -4.64
CA ASP C 720 36.44 -39.17 -3.64
C ASP C 720 36.15 -40.43 -4.36
N LEU C 721 36.97 -41.44 -4.09
CA LEU C 721 36.78 -42.74 -4.73
C LEU C 721 36.54 -43.86 -3.70
N SER C 722 36.25 -43.49 -2.45
CA SER C 722 35.90 -44.49 -1.42
C SER C 722 34.83 -45.47 -1.83
N SER C 723 34.80 -46.62 -1.16
CA SER C 723 33.76 -47.63 -1.38
C SER C 723 33.50 -47.99 -2.85
N ASN C 724 34.57 -48.18 -3.61
CA ASN C 724 34.44 -48.73 -4.94
C ASN C 724 35.12 -50.09 -5.02
N LEU C 725 35.38 -50.57 -6.24
CA LEU C 725 35.91 -51.90 -6.47
C LEU C 725 37.31 -51.87 -7.06
N LEU C 726 38.13 -50.95 -6.57
CA LEU C 726 39.49 -50.85 -7.03
C LEU C 726 40.41 -51.93 -6.40
N LYS C 727 40.79 -52.95 -7.18
CA LYS C 727 41.85 -53.90 -6.79
C LYS C 727 43.18 -53.16 -6.63
N THR C 728 43.50 -52.31 -7.60
CA THR C 728 44.72 -51.51 -7.59
C THR C 728 44.56 -50.15 -8.29
N ILE C 729 45.44 -49.23 -7.97
CA ILE C 729 45.57 -48.01 -8.69
C ILE C 729 46.83 -48.21 -9.50
N ASN C 730 46.69 -48.50 -10.79
CA ASN C 730 47.85 -48.53 -11.69
C ASN C 730 48.55 -47.18 -11.64
N LYS C 731 49.85 -47.19 -11.40
CA LYS C 731 50.62 -45.94 -11.50
C LYS C 731 50.91 -45.67 -12.98
N SER C 732 50.08 -46.24 -13.85
CA SER C 732 49.74 -45.60 -15.10
C SER C 732 49.35 -44.15 -14.79
N ALA C 733 48.88 -43.91 -13.55
CA ALA C 733 48.73 -42.58 -12.98
C ALA C 733 47.62 -41.80 -13.72
N LEU C 734 47.11 -40.67 -13.22
CA LEU C 734 47.50 -39.92 -12.00
C LEU C 734 48.79 -39.11 -12.21
N GLU C 735 48.98 -38.65 -13.44
CA GLU C 735 50.22 -37.98 -13.85
C GLU C 735 50.34 -36.64 -13.11
N THR C 736 51.59 -36.25 -12.85
CA THR C 736 51.89 -35.06 -12.03
C THR C 736 52.28 -33.84 -12.89
N LYS C 737 52.33 -34.03 -14.21
CA LYS C 737 52.59 -32.94 -15.17
C LYS C 737 51.65 -33.06 -16.40
N THR C 738 50.83 -32.04 -16.69
CA THR C 738 50.86 -30.72 -16.04
C THR C 738 50.34 -30.74 -14.59
N THR C 739 50.73 -29.71 -13.84
CA THR C 739 50.63 -29.70 -12.37
C THR C 739 49.18 -29.87 -11.86
N THR C 740 49.10 -30.44 -10.66
CA THR C 740 47.85 -30.93 -10.07
C THR C 740 47.51 -30.13 -8.80
N LYS C 741 46.27 -29.61 -8.76
CA LYS C 741 45.75 -28.91 -7.58
C LYS C 741 45.08 -29.87 -6.59
N LEU C 742 45.18 -31.16 -6.87
CA LEU C 742 44.56 -32.17 -6.04
C LEU C 742 45.16 -32.17 -4.66
N SER C 743 44.30 -31.95 -3.67
CA SER C 743 44.72 -31.85 -2.28
C SER C 743 43.99 -32.81 -1.39
N MET C 744 43.06 -33.58 -1.95
CA MET C 744 42.36 -34.62 -1.19
C MET C 744 41.88 -35.76 -2.07
N LEU C 745 42.23 -36.98 -1.66
CA LEU C 745 41.97 -38.18 -2.44
C LEU C 745 41.55 -39.26 -1.49
N GLU C 746 40.33 -39.76 -1.69
CA GLU C 746 39.69 -40.59 -0.69
C GLU C 746 39.55 -41.99 -1.23
N LEU C 747 40.08 -42.94 -0.47
CA LEU C 747 40.20 -44.29 -0.98
C LEU C 747 39.62 -45.36 -0.10
N HIS C 748 39.30 -45.05 1.15
CA HIS C 748 38.90 -46.11 2.08
C HIS C 748 37.81 -47.00 1.48
N GLY C 749 37.90 -48.31 1.72
CA GLY C 749 36.83 -49.19 1.36
C GLY C 749 37.01 -49.90 0.04
N ASN C 750 38.17 -49.71 -0.59
CA ASN C 750 38.48 -50.46 -1.82
C ASN C 750 39.22 -51.79 -1.52
N PRO C 751 38.84 -52.87 -2.24
CA PRO C 751 39.49 -54.20 -2.08
C PRO C 751 40.87 -54.29 -2.72
N PHE C 752 41.87 -53.72 -2.08
CA PHE C 752 43.20 -53.72 -2.68
C PHE C 752 43.88 -55.11 -2.74
N GLU C 753 44.27 -55.52 -3.95
CA GLU C 753 45.22 -56.61 -4.14
C GLU C 753 46.57 -56.05 -3.72
N CYS C 754 47.02 -56.46 -2.54
CA CYS C 754 48.28 -55.97 -1.97
C CYS C 754 49.53 -56.80 -2.34
N THR C 755 49.63 -57.18 -3.61
CA THR C 755 50.79 -57.87 -4.14
C THR C 755 51.83 -56.79 -4.42
N CYS C 756 52.85 -57.11 -5.20
CA CYS C 756 53.82 -56.10 -5.66
C CYS C 756 53.16 -55.10 -6.63
N ASP C 757 52.07 -55.54 -7.28
CA ASP C 757 51.28 -54.70 -8.20
C ASP C 757 50.78 -53.40 -7.59
N ILE C 758 50.76 -53.30 -6.26
CA ILE C 758 50.35 -52.07 -5.62
C ILE C 758 51.53 -51.12 -5.37
N GLY C 759 52.72 -51.57 -5.78
CA GLY C 759 53.93 -50.96 -5.30
C GLY C 759 54.12 -49.56 -5.83
N ASP C 760 53.81 -49.36 -7.11
CA ASP C 760 54.10 -48.07 -7.73
C ASP C 760 53.15 -46.96 -7.24
N PHE C 761 51.87 -47.28 -6.99
CA PHE C 761 51.00 -46.30 -6.32
C PHE C 761 51.47 -46.04 -4.88
N ARG C 762 51.84 -47.10 -4.17
CA ARG C 762 52.41 -46.97 -2.83
C ARG C 762 53.54 -45.93 -2.80
N ARG C 763 54.37 -45.95 -3.85
CA ARG C 763 55.43 -44.95 -4.04
C ARG C 763 54.85 -43.55 -4.34
N TRP C 764 53.91 -43.50 -5.28
CA TRP C 764 53.18 -42.25 -5.59
C TRP C 764 52.79 -41.52 -4.31
N MET C 765 52.27 -42.28 -3.35
CA MET C 765 51.79 -41.70 -2.11
C MET C 765 52.90 -40.98 -1.38
N ASP C 766 54.05 -41.64 -1.34
CA ASP C 766 55.17 -41.17 -0.52
C ASP C 766 55.65 -39.79 -1.00
N GLU C 767 55.68 -39.58 -2.31
CA GLU C 767 56.22 -38.37 -2.92
C GLU C 767 55.25 -37.15 -3.02
N HIS C 768 54.00 -37.31 -2.58
CA HIS C 768 52.97 -36.28 -2.75
C HIS C 768 52.20 -35.93 -1.49
N LEU C 769 52.88 -35.37 -0.50
CA LEU C 769 52.32 -35.17 0.85
C LEU C 769 51.37 -33.98 0.96
N ASN C 770 51.25 -33.22 -0.12
CA ASN C 770 50.21 -32.21 -0.24
C ASN C 770 48.82 -32.83 -0.49
N VAL C 771 48.79 -34.08 -0.96
CA VAL C 771 47.55 -34.82 -1.24
C VAL C 771 47.09 -35.66 -0.03
N LYS C 772 46.19 -35.11 0.77
CA LYS C 772 45.70 -35.76 1.99
C LYS C 772 44.87 -37.00 1.68
N ILE C 773 45.13 -38.08 2.38
CA ILE C 773 44.37 -39.29 2.18
C ILE C 773 43.81 -39.71 3.52
N PRO C 774 42.58 -39.26 3.86
CA PRO C 774 41.99 -39.55 5.16
C PRO C 774 41.75 -41.04 5.42
N ARG C 775 41.71 -41.40 6.71
CA ARG C 775 41.24 -42.72 7.14
C ARG C 775 42.11 -43.86 6.59
N LEU C 776 43.42 -43.69 6.72
CA LEU C 776 44.40 -44.66 6.17
C LEU C 776 44.12 -46.09 6.67
N VAL C 777 43.73 -46.17 7.93
CA VAL C 777 43.29 -47.41 8.58
C VAL C 777 42.19 -48.19 7.85
N ASP C 778 41.35 -47.52 7.06
CA ASP C 778 40.29 -48.21 6.28
C ASP C 778 40.65 -48.41 4.79
N VAL C 779 41.76 -47.82 4.36
CA VAL C 779 42.40 -48.25 3.12
C VAL C 779 43.11 -49.56 3.48
N ILE C 780 42.72 -50.63 2.80
CA ILE C 780 42.81 -51.97 3.36
C ILE C 780 42.88 -53.02 2.25
N CYS C 781 43.85 -53.94 2.39
CA CYS C 781 44.03 -55.02 1.43
C CYS C 781 42.89 -56.05 1.55
N ALA C 782 42.28 -56.40 0.41
CA ALA C 782 41.33 -57.51 0.35
C ALA C 782 42.05 -58.84 0.10
N SER C 783 43.21 -58.76 -0.54
CA SER C 783 43.97 -59.94 -0.91
C SER C 783 45.42 -59.48 -1.10
N PRO C 784 46.40 -60.40 -1.06
CA PRO C 784 46.17 -61.83 -0.78
C PRO C 784 46.05 -62.17 0.70
N GLY C 785 45.78 -63.45 0.97
CA GLY C 785 45.37 -63.97 2.27
C GLY C 785 45.99 -63.37 3.53
N ASP C 786 47.31 -63.20 3.52
CA ASP C 786 48.04 -62.82 4.76
C ASP C 786 48.23 -61.32 4.89
N GLN C 787 48.17 -60.60 3.77
CA GLN C 787 48.19 -59.14 3.78
C GLN C 787 46.81 -58.58 4.10
N ARG C 788 45.79 -59.43 4.00
CA ARG C 788 44.40 -59.06 4.31
C ARG C 788 44.23 -58.41 5.69
N GLY C 789 43.26 -57.52 5.80
CA GLY C 789 43.05 -56.73 7.03
C GLY C 789 44.05 -55.60 7.19
N LYS C 790 45.32 -55.88 6.88
CA LYS C 790 46.37 -54.89 7.05
C LYS C 790 45.99 -53.65 6.27
N SER C 791 46.45 -52.50 6.73
CA SER C 791 46.44 -51.32 5.91
C SER C 791 47.30 -51.59 4.65
N ILE C 792 47.11 -50.76 3.62
CA ILE C 792 48.02 -50.76 2.47
C ILE C 792 49.37 -50.14 2.86
N VAL C 793 49.37 -49.10 3.69
CA VAL C 793 50.61 -48.36 4.03
C VAL C 793 51.76 -49.21 4.63
N SER C 794 51.46 -50.44 5.05
CA SER C 794 52.48 -51.36 5.55
C SER C 794 52.87 -52.37 4.45
N LEU C 795 54.17 -52.43 4.13
CA LEU C 795 54.72 -53.23 3.00
C LEU C 795 54.17 -54.66 2.94
N SER D 9 21.06 -86.50 -8.90
CA SER D 9 21.63 -85.45 -8.01
C SER D 9 20.84 -84.13 -8.15
N ARG D 10 21.35 -83.06 -7.53
CA ARG D 10 20.76 -81.72 -7.65
C ARG D 10 20.85 -81.18 -9.08
N SER D 11 19.77 -80.58 -9.54
CA SER D 11 19.76 -79.96 -10.85
C SER D 11 20.44 -78.60 -10.77
N TYR D 12 20.82 -78.08 -11.92
CA TYR D 12 21.59 -76.85 -12.01
C TYR D 12 21.60 -76.47 -13.49
N PRO D 13 21.49 -75.18 -13.85
CA PRO D 13 21.41 -74.07 -12.91
C PRO D 13 20.00 -73.74 -12.43
N CYS D 14 19.00 -74.42 -13.00
CA CYS D 14 17.60 -74.17 -12.69
C CYS D 14 17.21 -74.76 -11.32
N ASP D 15 15.96 -74.54 -10.91
CA ASP D 15 15.39 -75.22 -9.74
C ASP D 15 14.27 -76.15 -10.19
N GLU D 16 14.62 -77.43 -10.41
CA GLU D 16 13.67 -78.42 -10.90
C GLU D 16 12.75 -78.93 -9.79
N LYS D 17 11.49 -79.18 -10.14
CA LYS D 17 10.48 -79.76 -9.24
C LYS D 17 9.22 -80.22 -10.03
N LYS D 18 8.21 -80.72 -9.31
CA LYS D 18 6.94 -81.20 -9.93
C LYS D 18 5.85 -80.11 -9.91
N VAL D 23 6.96 -81.01 -14.83
CA VAL D 23 8.26 -80.69 -14.26
C VAL D 23 8.77 -79.33 -14.76
N ILE D 24 9.04 -78.44 -13.80
CA ILE D 24 9.21 -77.02 -14.06
C ILE D 24 10.63 -76.52 -13.82
N ALA D 25 11.26 -76.00 -14.85
CA ALA D 25 12.57 -75.38 -14.74
C ALA D 25 12.47 -73.89 -14.42
N GLU D 26 12.71 -73.54 -13.15
CA GLU D 26 12.75 -72.13 -12.76
C GLU D 26 14.16 -71.60 -12.90
N CYS D 27 14.44 -70.98 -14.04
CA CYS D 27 15.81 -70.67 -14.42
C CYS D 27 15.98 -69.16 -14.63
N SER D 28 15.27 -68.38 -13.82
CA SER D 28 15.21 -66.94 -14.01
C SER D 28 16.13 -66.18 -13.07
N ASN D 29 16.71 -65.10 -13.58
CA ASN D 29 17.46 -64.18 -12.74
C ASN D 29 18.70 -64.81 -12.14
N ARG D 30 19.48 -65.45 -13.01
CA ARG D 30 20.69 -66.18 -12.62
C ARG D 30 21.91 -65.68 -13.38
N ARG D 31 21.75 -64.61 -14.17
CA ARG D 31 22.83 -64.04 -14.98
C ARG D 31 23.33 -64.97 -16.09
N LEU D 32 22.46 -65.85 -16.57
CA LEU D 32 22.84 -66.82 -17.61
C LEU D 32 23.12 -66.11 -18.93
N GLN D 33 24.29 -66.40 -19.48
CA GLN D 33 24.77 -65.81 -20.71
C GLN D 33 24.18 -66.51 -21.93
N GLU D 34 23.55 -67.67 -21.72
CA GLU D 34 22.85 -68.40 -22.80
C GLU D 34 22.07 -69.53 -22.16
N VAL D 35 21.31 -70.26 -22.95
CA VAL D 35 20.57 -71.35 -22.35
C VAL D 35 21.55 -72.33 -21.68
N PRO D 36 21.25 -72.75 -20.44
CA PRO D 36 22.12 -73.78 -19.90
C PRO D 36 21.92 -75.12 -20.62
N GLN D 37 23.01 -75.86 -20.82
CA GLN D 37 22.92 -77.18 -21.43
C GLN D 37 22.35 -78.16 -20.42
N THR D 38 22.74 -77.99 -19.16
CA THR D 38 22.49 -78.96 -18.11
C THR D 38 21.07 -78.93 -17.58
N VAL D 39 20.09 -78.78 -18.45
CA VAL D 39 18.70 -78.83 -18.04
C VAL D 39 18.24 -80.29 -18.14
N GLY D 40 17.67 -80.82 -17.06
CA GLY D 40 17.08 -82.17 -17.05
C GLY D 40 16.19 -82.42 -18.26
N LYS D 41 16.33 -83.58 -18.90
CA LYS D 41 15.59 -83.88 -20.13
C LYS D 41 14.10 -84.07 -19.84
N TYR D 42 13.82 -84.35 -18.57
CA TYR D 42 12.48 -84.32 -17.94
C TYR D 42 11.59 -83.06 -18.23
N VAL D 43 12.22 -81.89 -18.39
CA VAL D 43 11.54 -80.59 -18.20
C VAL D 43 10.44 -80.24 -19.21
N THR D 44 9.24 -79.98 -18.68
CA THR D 44 8.06 -79.53 -19.45
C THR D 44 8.05 -78.00 -19.70
N GLU D 45 8.38 -77.22 -18.65
CA GLU D 45 8.27 -75.75 -18.63
C GLU D 45 9.57 -75.04 -18.17
N LEU D 46 10.14 -74.21 -19.02
CA LEU D 46 11.44 -73.61 -18.75
C LEU D 46 11.30 -72.11 -18.70
N ASP D 47 11.53 -71.53 -17.53
CA ASP D 47 11.44 -70.08 -17.33
C ASP D 47 12.85 -69.55 -17.32
N LEU D 48 13.25 -68.90 -18.41
CA LEU D 48 14.56 -68.25 -18.50
C LEU D 48 14.48 -66.73 -18.50
N SER D 49 13.44 -66.17 -17.89
CA SER D 49 13.20 -64.74 -17.98
C SER D 49 14.27 -64.00 -17.20
N ASP D 50 14.66 -62.83 -17.69
CA ASP D 50 15.56 -61.97 -16.96
C ASP D 50 16.93 -62.61 -16.72
N ASN D 51 17.62 -62.92 -17.81
CA ASN D 51 19.02 -63.37 -17.80
C ASN D 51 19.72 -62.58 -18.89
N PHE D 52 20.98 -62.90 -19.15
CA PHE D 52 21.76 -62.13 -20.13
C PHE D 52 21.89 -62.82 -21.49
N ILE D 53 20.86 -63.56 -21.88
CA ILE D 53 20.89 -64.31 -23.13
C ILE D 53 20.67 -63.36 -24.33
N THR D 54 21.42 -63.62 -25.40
CA THR D 54 21.44 -62.78 -26.62
C THR D 54 21.12 -63.56 -27.89
N HIS D 55 21.35 -64.87 -27.87
CA HIS D 55 21.22 -65.68 -29.07
C HIS D 55 20.41 -66.92 -28.77
N ILE D 56 19.53 -67.25 -29.72
CA ILE D 56 18.75 -68.47 -29.65
C ILE D 56 18.85 -69.16 -31.00
N THR D 57 19.33 -70.41 -30.98
CA THR D 57 19.50 -71.23 -32.19
C THR D 57 18.82 -72.58 -32.02
N ASN D 58 18.69 -73.31 -33.12
CA ASN D 58 18.29 -74.70 -33.06
C ASN D 58 19.15 -75.55 -32.10
N GLU D 59 20.35 -75.08 -31.79
CA GLU D 59 21.24 -75.77 -30.83
C GLU D 59 20.95 -75.46 -29.35
N SER D 60 20.14 -74.44 -29.10
CA SER D 60 19.93 -73.91 -27.75
C SER D 60 19.11 -74.85 -26.85
N PHE D 61 18.04 -75.42 -27.39
CA PHE D 61 17.20 -76.37 -26.64
C PHE D 61 17.29 -77.78 -27.25
N GLN D 62 18.46 -78.11 -27.80
CA GLN D 62 18.60 -79.26 -28.67
C GLN D 62 17.86 -80.50 -28.15
N GLY D 63 18.16 -80.90 -26.92
CA GLY D 63 17.79 -82.21 -26.41
C GLY D 63 16.44 -82.24 -25.71
N LEU D 64 15.89 -81.04 -25.50
CA LEU D 64 14.73 -80.88 -24.67
C LEU D 64 13.48 -80.89 -25.54
N GLN D 65 13.23 -82.02 -26.20
CA GLN D 65 12.12 -82.12 -27.14
C GLN D 65 10.76 -82.21 -26.43
N ASN D 66 10.77 -82.48 -25.13
CA ASN D 66 9.56 -82.47 -24.30
C ASN D 66 9.18 -81.10 -23.68
N LEU D 67 9.66 -80.01 -24.30
CA LEU D 67 9.35 -78.64 -23.84
C LEU D 67 8.03 -78.18 -24.40
N THR D 68 7.06 -77.98 -23.52
CA THR D 68 5.76 -77.45 -23.88
C THR D 68 5.68 -75.92 -23.69
N LYS D 69 6.37 -75.42 -22.66
CA LYS D 69 6.33 -73.98 -22.31
C LYS D 69 7.72 -73.35 -22.13
N ILE D 70 8.00 -72.33 -22.93
CA ILE D 70 9.25 -71.59 -22.85
C ILE D 70 9.04 -70.09 -22.53
N ASN D 71 9.52 -69.64 -21.38
CA ASN D 71 9.63 -68.21 -21.09
C ASN D 71 11.03 -67.60 -21.29
N LEU D 72 11.15 -66.74 -22.30
CA LEU D 72 12.39 -65.99 -22.52
C LEU D 72 12.19 -64.46 -22.41
N ASN D 73 11.33 -64.04 -21.49
CA ASN D 73 11.02 -62.61 -21.36
C ASN D 73 12.19 -61.81 -20.84
N HIS D 74 12.30 -60.59 -21.35
CA HIS D 74 13.37 -59.71 -20.96
C HIS D 74 14.72 -60.40 -20.97
N ASN D 75 15.23 -60.66 -22.18
CA ASN D 75 16.62 -61.08 -22.39
C ASN D 75 17.15 -60.29 -23.56
N PRO D 76 18.37 -59.75 -23.52
CA PRO D 76 19.27 -59.79 -22.36
C PRO D 76 18.92 -58.68 -21.37
N ASN D 77 18.94 -59.02 -20.10
CA ASN D 77 18.41 -58.13 -19.08
C ASN D 77 19.30 -56.88 -18.96
N VAL D 78 18.82 -55.76 -19.52
CA VAL D 78 19.54 -54.47 -19.62
C VAL D 78 20.76 -54.61 -20.54
N GLY D 91 19.73 -56.29 -28.24
CA GLY D 91 18.55 -57.10 -27.92
C GLY D 91 18.49 -58.45 -28.62
N LEU D 92 17.70 -59.37 -28.07
CA LEU D 92 17.74 -60.81 -28.41
C LEU D 92 17.72 -61.17 -29.91
N ASN D 93 18.69 -62.00 -30.31
CA ASN D 93 18.91 -62.47 -31.70
C ASN D 93 18.47 -63.94 -31.84
N ILE D 94 17.37 -64.14 -32.56
CA ILE D 94 16.74 -65.46 -32.70
C ILE D 94 16.84 -65.87 -34.16
N THR D 95 17.54 -67.00 -34.38
CA THR D 95 17.70 -67.58 -35.73
C THR D 95 16.38 -68.16 -36.24
N ASP D 96 16.13 -68.01 -37.54
CA ASP D 96 14.98 -68.66 -38.20
C ASP D 96 14.88 -70.10 -37.76
N GLY D 97 13.68 -70.50 -37.36
CA GLY D 97 13.43 -71.88 -37.00
C GLY D 97 14.14 -72.37 -35.76
N ALA D 98 14.71 -71.48 -34.95
CA ALA D 98 15.40 -71.93 -33.74
C ALA D 98 14.57 -72.91 -32.91
N PHE D 99 13.23 -72.78 -32.99
CA PHE D 99 12.29 -73.52 -32.14
C PHE D 99 11.60 -74.73 -32.80
N LEU D 100 11.78 -74.89 -34.09
CA LEU D 100 11.08 -75.87 -34.89
C LEU D 100 11.26 -77.27 -34.35
N ASN D 101 12.42 -77.53 -33.79
CA ASN D 101 12.75 -78.84 -33.31
C ASN D 101 11.75 -79.29 -32.28
N LEU D 102 11.24 -78.36 -31.48
CA LEU D 102 10.36 -78.74 -30.39
C LEU D 102 8.95 -78.87 -30.88
N LYS D 103 8.58 -80.10 -31.20
CA LYS D 103 7.30 -80.43 -31.82
C LYS D 103 6.16 -80.32 -30.84
N ASN D 104 6.51 -80.24 -29.56
CA ASN D 104 5.56 -80.15 -28.46
C ASN D 104 5.44 -78.76 -27.84
N LEU D 105 5.94 -77.72 -28.50
CA LEU D 105 5.99 -76.38 -27.88
C LEU D 105 4.66 -75.65 -28.04
N ARG D 106 4.03 -75.33 -26.92
CA ARG D 106 2.71 -74.73 -26.97
C ARG D 106 2.67 -73.27 -26.53
N GLU D 107 3.35 -72.91 -25.45
CA GLU D 107 3.35 -71.53 -24.92
C GLU D 107 4.74 -70.90 -25.08
N LEU D 108 4.82 -69.80 -25.81
CA LEU D 108 6.09 -69.11 -26.07
C LEU D 108 6.04 -67.59 -25.74
N LEU D 109 6.78 -67.22 -24.71
CA LEU D 109 6.80 -65.85 -24.22
C LEU D 109 8.12 -65.18 -24.58
N LEU D 110 8.04 -64.16 -25.42
CA LEU D 110 9.20 -63.37 -25.83
C LEU D 110 8.94 -61.86 -25.65
N GLU D 111 8.61 -61.44 -24.44
CA GLU D 111 8.26 -60.04 -24.16
C GLU D 111 9.50 -59.22 -23.88
N ASP D 112 9.52 -57.96 -24.32
CA ASP D 112 10.51 -57.02 -23.79
C ASP D 112 11.86 -57.46 -24.34
N ASN D 113 11.90 -57.82 -25.63
CA ASN D 113 13.10 -58.42 -26.19
C ASN D 113 13.65 -57.60 -27.36
N GLN D 114 13.02 -56.47 -27.65
CA GLN D 114 13.45 -55.60 -28.72
C GLN D 114 13.43 -56.31 -30.08
N LEU D 115 12.50 -57.25 -30.23
CA LEU D 115 12.41 -57.97 -31.48
C LEU D 115 11.99 -57.00 -32.56
N PRO D 116 12.74 -57.01 -33.69
CA PRO D 116 12.39 -56.16 -34.84
C PRO D 116 11.31 -56.76 -35.71
N GLN D 117 11.06 -58.06 -35.58
CA GLN D 117 10.12 -58.78 -36.42
C GLN D 117 9.56 -59.92 -35.63
N ILE D 118 8.43 -60.46 -36.09
CA ILE D 118 7.98 -61.73 -35.55
C ILE D 118 8.97 -62.78 -36.02
N PRO D 119 9.55 -63.56 -35.10
CA PRO D 119 10.62 -64.51 -35.48
C PRO D 119 10.15 -65.57 -36.51
N SER D 120 10.89 -65.71 -37.60
CA SER D 120 10.45 -66.57 -38.71
C SER D 120 10.51 -68.03 -38.35
N GLY D 121 9.63 -68.80 -38.97
CA GLY D 121 9.60 -70.24 -38.81
C GLY D 121 9.39 -70.65 -37.38
N LEU D 122 8.26 -70.22 -36.83
CA LEU D 122 7.83 -70.68 -35.51
C LEU D 122 7.07 -71.98 -35.69
N PRO D 123 7.10 -72.83 -34.65
CA PRO D 123 6.53 -74.16 -34.69
C PRO D 123 5.00 -74.18 -34.64
N GLU D 124 4.39 -74.98 -35.52
CA GLU D 124 2.94 -75.09 -35.64
C GLU D 124 2.21 -75.45 -34.34
N SER D 125 2.89 -76.18 -33.46
CA SER D 125 2.33 -76.60 -32.17
C SER D 125 1.99 -75.49 -31.14
N LEU D 126 2.26 -74.22 -31.47
CA LEU D 126 2.05 -73.11 -30.52
C LEU D 126 0.58 -72.76 -30.36
N THR D 127 0.14 -72.71 -29.11
CA THR D 127 -1.19 -72.29 -28.71
C THR D 127 -1.17 -70.88 -28.10
N GLU D 128 -0.13 -70.57 -27.30
CA GLU D 128 0.08 -69.22 -26.76
C GLU D 128 1.43 -68.60 -27.22
N LEU D 129 1.36 -67.40 -27.79
CA LEU D 129 2.54 -66.63 -28.17
C LEU D 129 2.46 -65.15 -27.68
N SER D 130 3.39 -64.70 -26.86
CA SER D 130 3.40 -63.28 -26.47
C SER D 130 4.62 -62.55 -26.98
N LEU D 131 4.37 -61.57 -27.84
CA LEU D 131 5.36 -60.64 -28.34
C LEU D 131 5.17 -59.20 -27.80
N ILE D 132 4.59 -59.09 -26.62
CA ILE D 132 4.44 -57.83 -25.91
C ILE D 132 5.75 -57.06 -25.76
N GLN D 133 5.72 -55.73 -25.90
CA GLN D 133 6.87 -54.86 -25.62
C GLN D 133 8.09 -55.24 -26.47
N ASN D 134 7.90 -55.15 -27.78
CA ASN D 134 8.97 -55.35 -28.72
C ASN D 134 8.91 -54.21 -29.74
N ASN D 135 9.60 -54.39 -30.88
CA ASN D 135 9.71 -53.37 -31.89
C ASN D 135 9.15 -53.94 -33.17
N ILE D 136 8.01 -54.62 -33.04
CA ILE D 136 7.36 -55.27 -34.18
C ILE D 136 6.26 -54.39 -34.75
N TYR D 137 6.48 -53.90 -35.97
CA TYR D 137 5.57 -53.04 -36.67
C TYR D 137 4.93 -53.68 -37.92
N ASN D 138 5.30 -54.93 -38.19
CA ASN D 138 4.78 -55.67 -39.35
C ASN D 138 4.18 -56.98 -38.84
N ILE D 139 2.89 -57.20 -39.08
CA ILE D 139 2.25 -58.49 -38.78
C ILE D 139 2.00 -59.13 -40.15
N THR D 140 2.56 -60.32 -40.36
CA THR D 140 2.67 -60.90 -41.72
C THR D 140 2.22 -62.34 -41.76
N LYS D 141 1.64 -62.73 -42.89
CA LYS D 141 1.37 -64.13 -43.19
C LYS D 141 2.65 -64.93 -42.97
N GLU D 142 3.75 -64.42 -43.50
CA GLU D 142 5.06 -64.98 -43.25
C GLU D 142 5.23 -65.33 -41.77
N GLY D 143 5.12 -64.35 -40.88
CA GLY D 143 5.38 -64.63 -39.48
C GLY D 143 4.40 -65.61 -38.81
N ILE D 144 3.14 -65.53 -39.20
CA ILE D 144 2.03 -65.97 -38.34
C ILE D 144 1.07 -67.02 -38.96
N SER D 145 0.63 -66.77 -40.19
CA SER D 145 -0.49 -67.52 -40.80
C SER D 145 -0.36 -69.04 -40.75
N ARG D 146 0.86 -69.55 -40.86
CA ARG D 146 1.08 -70.98 -40.68
C ARG D 146 0.65 -71.48 -39.31
N LEU D 147 0.66 -70.62 -38.28
CA LEU D 147 0.49 -71.03 -36.87
C LEU D 147 -0.97 -71.25 -36.49
N ILE D 148 -1.51 -72.40 -36.89
CA ILE D 148 -2.97 -72.54 -37.00
C ILE D 148 -3.63 -72.99 -35.71
N ASN D 149 -2.83 -73.36 -34.73
CA ASN D 149 -3.34 -73.76 -33.43
C ASN D 149 -3.34 -72.65 -32.41
N LEU D 150 -3.11 -71.40 -32.81
CA LEU D 150 -2.95 -70.33 -31.81
C LEU D 150 -4.27 -70.07 -31.06
N LYS D 151 -4.20 -70.10 -29.73
CA LYS D 151 -5.33 -69.72 -28.90
C LYS D 151 -5.21 -68.23 -28.64
N ASN D 152 -4.10 -67.85 -28.01
CA ASN D 152 -3.87 -66.49 -27.52
C ASN D 152 -2.68 -65.88 -28.19
N LEU D 153 -2.88 -64.74 -28.85
CA LEU D 153 -1.74 -64.01 -29.42
C LEU D 153 -1.66 -62.57 -28.81
N TYR D 154 -0.55 -62.24 -28.16
CA TYR D 154 -0.37 -60.90 -27.59
C TYR D 154 0.72 -60.14 -28.33
N LEU D 155 0.35 -59.03 -28.91
CA LEU D 155 1.27 -58.19 -29.62
C LEU D 155 1.17 -56.74 -29.11
N ALA D 156 0.68 -56.56 -27.90
CA ALA D 156 0.51 -55.23 -27.35
C ALA D 156 1.83 -54.49 -27.12
N TRP D 157 1.68 -53.17 -27.01
CA TRP D 157 2.75 -52.27 -26.59
C TRP D 157 4.00 -52.39 -27.46
N ASN D 158 3.83 -52.37 -28.77
CA ASN D 158 4.97 -52.34 -29.63
C ASN D 158 5.25 -50.93 -30.20
N CYS D 159 4.21 -50.11 -30.43
CA CYS D 159 4.43 -48.70 -30.83
C CYS D 159 3.45 -47.79 -30.16
N TYR D 160 3.94 -46.87 -29.32
CA TYR D 160 3.07 -46.19 -28.37
C TYR D 160 3.74 -44.94 -27.76
N PHE D 161 2.92 -43.99 -27.32
CA PHE D 161 3.38 -42.77 -26.68
C PHE D 161 4.39 -42.00 -27.59
N ASN D 162 5.58 -41.63 -27.09
CA ASN D 162 6.56 -40.93 -27.91
C ASN D 162 7.69 -41.88 -28.30
N LYS D 163 7.47 -43.19 -28.22
CA LYS D 163 8.47 -44.13 -28.74
C LYS D 163 8.72 -43.89 -30.24
N VAL D 164 9.96 -44.17 -30.67
CA VAL D 164 10.29 -44.14 -32.10
C VAL D 164 9.90 -45.48 -32.69
N CYS D 165 8.94 -45.44 -33.62
CA CYS D 165 8.30 -46.65 -34.13
C CYS D 165 7.41 -46.23 -35.29
N GLU D 166 6.90 -47.18 -36.06
CA GLU D 166 6.04 -46.80 -37.18
C GLU D 166 4.63 -47.35 -37.03
N LYS D 167 3.71 -46.72 -37.76
CA LYS D 167 2.36 -47.21 -37.87
C LYS D 167 2.39 -48.70 -38.12
N THR D 168 1.56 -49.43 -37.40
CA THR D 168 1.65 -50.85 -37.38
C THR D 168 0.99 -51.31 -38.65
N ASN D 169 1.70 -52.09 -39.47
CA ASN D 169 1.10 -52.62 -40.72
C ASN D 169 0.54 -54.01 -40.49
N ILE D 170 -0.73 -54.21 -40.84
CA ILE D 170 -1.32 -55.55 -40.73
C ILE D 170 -1.64 -56.12 -42.11
N GLU D 171 -0.93 -57.19 -42.47
CA GLU D 171 -1.17 -57.87 -43.76
C GLU D 171 -2.64 -58.33 -43.78
N ASP D 172 -3.38 -57.88 -44.77
CA ASP D 172 -4.72 -58.36 -45.03
C ASP D 172 -4.90 -59.85 -44.89
N GLY D 173 -5.79 -60.26 -43.99
CA GLY D 173 -6.11 -61.68 -43.84
C GLY D 173 -5.08 -62.38 -43.01
N VAL D 174 -4.15 -61.63 -42.43
CA VAL D 174 -3.07 -62.30 -41.71
C VAL D 174 -3.61 -63.21 -40.63
N PHE D 175 -4.69 -62.80 -39.99
CA PHE D 175 -5.24 -63.57 -38.89
C PHE D 175 -6.25 -64.65 -39.36
N GLU D 176 -6.87 -64.44 -40.52
CA GLU D 176 -8.03 -65.27 -40.95
C GLU D 176 -7.79 -66.79 -41.00
N THR D 177 -6.53 -67.24 -41.05
CA THR D 177 -6.22 -68.67 -40.97
C THR D 177 -6.11 -69.18 -39.56
N LEU D 178 -6.37 -68.33 -38.55
CA LEU D 178 -6.20 -68.72 -37.13
C LEU D 178 -7.55 -69.07 -36.50
N THR D 179 -8.14 -70.13 -37.03
CA THR D 179 -9.53 -70.46 -36.72
C THR D 179 -9.73 -71.08 -35.31
N ASN D 180 -8.67 -71.27 -34.54
CA ASN D 180 -8.81 -71.57 -33.10
C ASN D 180 -8.52 -70.37 -32.19
N LEU D 181 -8.26 -69.19 -32.76
CA LEU D 181 -7.80 -68.02 -31.96
C LEU D 181 -8.91 -67.40 -31.11
N GLU D 182 -8.72 -67.45 -29.80
CA GLU D 182 -9.69 -66.97 -28.82
C GLU D 182 -9.40 -65.54 -28.36
N LEU D 183 -8.10 -65.23 -28.21
CA LEU D 183 -7.64 -63.94 -27.71
C LEU D 183 -6.60 -63.26 -28.61
N LEU D 184 -6.95 -62.07 -29.10
CA LEU D 184 -6.07 -61.23 -29.90
C LEU D 184 -5.88 -59.85 -29.23
N SER D 185 -4.65 -59.57 -28.80
CA SER D 185 -4.35 -58.30 -28.14
C SER D 185 -3.39 -57.43 -28.98
N LEU D 186 -3.86 -56.27 -29.41
CA LEU D 186 -3.06 -55.35 -30.20
C LEU D 186 -3.00 -53.98 -29.56
N SER D 187 -3.29 -53.87 -28.28
CA SER D 187 -3.34 -52.53 -27.66
C SER D 187 -1.98 -51.82 -27.69
N PHE D 188 -2.01 -50.49 -27.66
CA PHE D 188 -0.80 -49.70 -27.65
C PHE D 188 0.09 -49.99 -28.86
N ASN D 189 -0.53 -49.79 -30.02
CA ASN D 189 0.09 -49.81 -31.32
C ASN D 189 -0.77 -48.88 -32.15
N SER D 190 -0.24 -48.29 -33.19
CA SER D 190 -1.05 -47.45 -34.04
C SER D 190 -1.67 -48.26 -35.15
N LEU D 191 -2.98 -48.33 -35.17
CA LEU D 191 -3.66 -49.12 -36.16
C LEU D 191 -4.60 -48.34 -37.04
N SER D 192 -5.49 -47.59 -36.43
CA SER D 192 -6.37 -46.66 -37.11
C SER D 192 -7.66 -47.28 -37.62
N HIS D 193 -7.69 -48.58 -37.73
CA HIS D 193 -8.86 -49.28 -38.18
C HIS D 193 -8.82 -50.57 -37.49
N VAL D 194 -9.98 -51.18 -37.26
CA VAL D 194 -9.98 -52.51 -36.75
C VAL D 194 -9.48 -53.32 -37.91
N PRO D 195 -8.61 -54.30 -37.68
CA PRO D 195 -8.14 -55.11 -38.81
C PRO D 195 -9.24 -56.04 -39.32
N PRO D 196 -9.43 -56.11 -40.65
CA PRO D 196 -10.40 -57.04 -41.22
C PRO D 196 -10.05 -58.49 -41.01
N LYS D 197 -11.00 -59.35 -41.37
CA LYS D 197 -10.78 -60.77 -41.53
C LYS D 197 -10.25 -61.39 -40.28
N LEU D 198 -10.97 -61.14 -39.20
CA LEU D 198 -10.71 -61.75 -37.91
C LEU D 198 -11.42 -63.07 -37.90
N PRO D 199 -10.81 -64.08 -37.27
CA PRO D 199 -11.46 -65.34 -37.15
C PRO D 199 -12.69 -65.25 -36.22
N SER D 200 -13.77 -65.95 -36.58
CA SER D 200 -14.98 -65.92 -35.81
C SER D 200 -14.87 -66.79 -34.55
N SER D 201 -13.70 -67.37 -34.31
CA SER D 201 -13.45 -68.07 -33.04
C SER D 201 -13.16 -67.12 -31.85
N LEU D 202 -12.88 -65.85 -32.14
CA LEU D 202 -12.48 -64.87 -31.12
C LEU D 202 -13.42 -64.74 -29.96
N ARG D 203 -12.88 -64.87 -28.77
CA ARG D 203 -13.63 -64.54 -27.55
C ARG D 203 -13.32 -63.10 -27.05
N LYS D 204 -12.05 -62.68 -27.16
CA LYS D 204 -11.55 -61.44 -26.54
C LYS D 204 -10.68 -60.68 -27.50
N LEU D 205 -11.08 -59.45 -27.80
CA LEU D 205 -10.34 -58.60 -28.76
C LEU D 205 -9.89 -57.31 -28.09
N PHE D 206 -8.61 -57.19 -27.80
CA PHE D 206 -8.09 -55.96 -27.16
C PHE D 206 -7.50 -54.94 -28.16
N LEU D 207 -8.11 -53.77 -28.25
CA LEU D 207 -7.65 -52.73 -29.14
C LEU D 207 -7.57 -51.38 -28.43
N SER D 208 -6.96 -51.33 -27.25
CA SER D 208 -6.85 -50.08 -26.50
C SER D 208 -5.78 -49.24 -27.13
N ASN D 209 -5.94 -47.92 -27.10
CA ASN D 209 -4.91 -46.99 -27.53
C ASN D 209 -4.28 -47.37 -28.87
N THR D 210 -5.13 -47.57 -29.87
CA THR D 210 -4.69 -47.97 -31.19
C THR D 210 -5.08 -46.94 -32.25
N GLN D 211 -5.45 -45.73 -31.83
CA GLN D 211 -5.74 -44.60 -32.74
C GLN D 211 -6.90 -44.81 -33.75
N ILE D 212 -7.84 -45.66 -33.34
CA ILE D 212 -9.07 -45.94 -34.12
C ILE D 212 -10.18 -44.96 -33.70
N LYS D 213 -10.66 -44.14 -34.62
CA LYS D 213 -11.65 -43.09 -34.31
C LYS D 213 -13.08 -43.47 -34.70
N TYR D 214 -13.26 -44.47 -35.55
CA TYR D 214 -14.55 -44.82 -36.11
C TYR D 214 -14.69 -46.33 -36.01
N ILE D 215 -15.85 -46.76 -35.53
CA ILE D 215 -16.20 -48.17 -35.38
C ILE D 215 -17.54 -48.44 -36.04
N SER D 216 -17.64 -49.52 -36.83
CA SER D 216 -18.85 -49.80 -37.63
C SER D 216 -19.27 -51.24 -37.62
N GLU D 217 -20.39 -51.48 -38.29
CA GLU D 217 -20.98 -52.78 -38.38
C GLU D 217 -19.97 -53.78 -38.92
N GLU D 218 -19.28 -53.42 -40.01
CA GLU D 218 -18.36 -54.38 -40.67
C GLU D 218 -17.10 -54.68 -39.88
N ASP D 219 -16.76 -53.82 -38.95
CA ASP D 219 -15.53 -54.00 -38.20
C ASP D 219 -15.54 -55.30 -37.42
N PHE D 220 -16.71 -55.65 -36.89
CA PHE D 220 -16.90 -56.81 -36.05
C PHE D 220 -17.55 -58.06 -36.64
N LYS D 221 -17.84 -58.08 -37.91
CA LYS D 221 -18.39 -59.26 -38.55
C LYS D 221 -19.65 -59.82 -37.85
N GLY D 222 -19.82 -61.12 -37.57
CA GLY D 222 -18.94 -62.25 -37.76
C GLY D 222 -18.25 -62.78 -36.51
N LEU D 223 -18.08 -61.94 -35.51
CA LEU D 223 -17.55 -62.38 -34.24
C LEU D 223 -18.66 -62.68 -33.27
N ILE D 224 -19.31 -63.80 -33.47
CA ILE D 224 -20.48 -64.18 -32.68
C ILE D 224 -20.10 -64.92 -31.42
N ASN D 225 -18.82 -65.22 -31.23
CA ASN D 225 -18.34 -65.79 -29.98
C ASN D 225 -17.73 -64.73 -29.04
N LEU D 226 -17.75 -63.48 -29.48
CA LEU D 226 -16.92 -62.47 -28.82
C LEU D 226 -17.57 -62.10 -27.48
N THR D 227 -16.82 -62.28 -26.39
CA THR D 227 -17.25 -61.90 -25.05
C THR D 227 -16.57 -60.66 -24.45
N LEU D 228 -15.46 -60.21 -25.03
CA LEU D 228 -14.78 -58.98 -24.58
C LEU D 228 -14.32 -58.11 -25.74
N LEU D 229 -14.68 -56.84 -25.69
CA LEU D 229 -14.18 -55.87 -26.62
C LEU D 229 -13.62 -54.72 -25.81
N ASP D 230 -12.32 -54.41 -26.01
CA ASP D 230 -11.66 -53.29 -25.38
C ASP D 230 -11.28 -52.27 -26.43
N LEU D 231 -11.98 -51.14 -26.44
CA LEU D 231 -11.69 -50.02 -27.35
C LEU D 231 -11.31 -48.75 -26.59
N SER D 232 -10.84 -48.92 -25.36
CA SER D 232 -10.43 -47.80 -24.54
C SER D 232 -9.22 -47.02 -25.13
N GLY D 233 -9.17 -45.73 -24.82
CA GLY D 233 -8.03 -44.90 -25.21
C GLY D 233 -7.97 -44.49 -26.67
N ASN D 234 -9.08 -44.66 -27.38
CA ASN D 234 -9.24 -44.19 -28.74
C ASN D 234 -10.11 -42.96 -28.75
N CYS D 235 -9.58 -41.87 -29.29
CA CYS D 235 -10.06 -40.54 -29.00
C CYS D 235 -10.05 -40.32 -27.48
N PRO D 236 -8.87 -40.38 -26.86
CA PRO D 236 -8.74 -40.27 -25.40
C PRO D 236 -9.13 -38.90 -24.86
N ARG D 237 -9.45 -38.85 -23.56
CA ARG D 237 -9.61 -37.59 -22.81
C ARG D 237 -8.25 -37.29 -22.22
N CYS D 238 -7.61 -36.25 -22.73
CA CYS D 238 -6.17 -36.03 -22.53
C CYS D 238 -5.85 -35.04 -21.45
N PHE D 239 -6.83 -34.28 -20.96
CA PHE D 239 -6.59 -33.46 -19.79
C PHE D 239 -5.89 -34.23 -18.66
N ASN D 240 -4.74 -33.73 -18.28
CA ASN D 240 -4.03 -34.28 -17.16
C ASN D 240 -3.58 -35.69 -17.40
N ALA D 241 -3.36 -36.09 -18.64
CA ALA D 241 -2.89 -37.44 -18.88
C ALA D 241 -1.51 -37.69 -18.26
N PRO D 242 -1.36 -38.80 -17.53
CA PRO D 242 -0.07 -39.25 -17.03
C PRO D 242 0.81 -39.93 -18.10
N PHE D 243 0.48 -39.73 -19.36
CA PHE D 243 1.29 -40.22 -20.45
C PHE D 243 1.08 -39.23 -21.60
N PRO D 244 1.97 -39.26 -22.60
CA PRO D 244 1.80 -38.48 -23.86
C PRO D 244 0.50 -38.85 -24.56
N CYS D 245 -0.40 -37.89 -24.74
CA CYS D 245 -1.77 -38.18 -25.09
C CYS D 245 -2.14 -37.28 -26.26
N VAL D 246 -2.75 -37.89 -27.27
CA VAL D 246 -3.06 -37.26 -28.54
C VAL D 246 -4.54 -37.38 -28.76
N PRO D 247 -5.25 -36.27 -28.61
CA PRO D 247 -6.70 -36.34 -28.80
C PRO D 247 -7.10 -36.45 -30.27
N CYS D 248 -8.32 -36.89 -30.51
CA CYS D 248 -8.97 -36.73 -31.80
C CYS D 248 -9.26 -35.22 -32.02
N ASP D 249 -9.39 -34.85 -33.28
CA ASP D 249 -9.55 -33.46 -33.62
C ASP D 249 -10.75 -32.90 -32.86
N GLY D 250 -10.55 -31.74 -32.24
CA GLY D 250 -11.57 -31.08 -31.43
C GLY D 250 -11.81 -31.68 -30.06
N GLY D 251 -10.91 -32.53 -29.58
CA GLY D 251 -11.24 -33.37 -28.41
C GLY D 251 -12.53 -34.20 -28.60
N ALA D 252 -12.85 -34.51 -29.86
CA ALA D 252 -14.09 -35.19 -30.21
C ALA D 252 -14.11 -36.62 -29.66
N SER D 253 -15.30 -37.22 -29.62
CA SER D 253 -15.47 -38.55 -29.09
C SER D 253 -15.27 -39.55 -30.21
N ILE D 254 -14.81 -40.73 -29.83
CA ILE D 254 -14.83 -41.89 -30.69
C ILE D 254 -16.19 -41.91 -31.32
N ASN D 255 -16.24 -42.41 -32.56
CA ASN D 255 -17.49 -42.49 -33.31
C ASN D 255 -17.91 -43.95 -33.55
N ILE D 256 -18.88 -44.40 -32.76
CA ILE D 256 -19.34 -45.76 -32.81
C ILE D 256 -20.71 -45.75 -33.44
N ASP D 257 -20.80 -46.36 -34.61
CA ASP D 257 -22.05 -46.36 -35.36
C ASP D 257 -23.11 -47.00 -34.51
N ARG D 258 -24.34 -46.56 -34.68
CA ARG D 258 -25.45 -47.06 -33.87
C ARG D 258 -25.69 -48.55 -34.03
N PHE D 259 -25.25 -49.15 -35.14
CA PHE D 259 -25.32 -50.63 -35.32
C PHE D 259 -24.00 -51.39 -35.18
N ALA D 260 -22.99 -50.74 -34.65
CA ALA D 260 -21.66 -51.33 -34.62
C ALA D 260 -21.65 -52.67 -33.95
N PHE D 261 -22.49 -52.84 -32.93
CA PHE D 261 -22.41 -54.01 -32.03
C PHE D 261 -23.58 -54.95 -32.20
N GLN D 262 -24.41 -54.74 -33.22
CA GLN D 262 -25.65 -55.47 -33.35
C GLN D 262 -25.49 -56.98 -33.37
N ASN D 263 -24.42 -57.50 -33.98
CA ASN D 263 -24.23 -58.94 -33.99
C ASN D 263 -23.35 -59.42 -32.83
N LEU D 264 -23.08 -58.56 -31.84
CA LEU D 264 -22.18 -58.90 -30.70
C LEU D 264 -22.91 -59.52 -29.44
N THR D 265 -23.71 -60.54 -29.68
CA THR D 265 -24.71 -61.00 -28.71
C THR D 265 -24.09 -61.64 -27.46
N GLN D 266 -22.84 -62.08 -27.55
CA GLN D 266 -22.21 -62.72 -26.39
C GLN D 266 -21.34 -61.81 -25.52
N LEU D 267 -21.30 -60.51 -25.80
CA LEU D 267 -20.37 -59.63 -25.09
C LEU D 267 -20.74 -59.60 -23.62
N ARG D 268 -19.76 -59.88 -22.77
CA ARG D 268 -19.86 -59.68 -21.34
C ARG D 268 -19.06 -58.50 -20.80
N TYR D 269 -17.99 -58.11 -21.51
CA TYR D 269 -17.03 -57.10 -21.06
C TYR D 269 -16.85 -56.05 -22.14
N LEU D 270 -17.18 -54.80 -21.84
CA LEU D 270 -16.96 -53.71 -22.77
C LEU D 270 -16.28 -52.54 -22.09
N ASN D 271 -15.10 -52.21 -22.61
CA ASN D 271 -14.30 -51.14 -22.07
C ASN D 271 -14.28 -49.96 -23.03
N LEU D 272 -14.98 -48.88 -22.68
CA LEU D 272 -14.89 -47.64 -23.45
C LEU D 272 -14.22 -46.50 -22.65
N SER D 273 -13.31 -46.87 -21.75
CA SER D 273 -12.65 -45.85 -20.97
C SER D 273 -11.84 -44.92 -21.89
N SER D 274 -11.83 -43.64 -21.56
CA SER D 274 -11.09 -42.63 -22.29
C SER D 274 -11.30 -42.75 -23.79
N THR D 275 -12.57 -42.67 -24.20
CA THR D 275 -12.96 -42.52 -25.59
C THR D 275 -13.67 -41.18 -25.81
N SER D 276 -13.61 -40.32 -24.80
CA SER D 276 -14.15 -38.95 -24.86
C SER D 276 -15.64 -38.93 -25.10
N LEU D 277 -16.38 -39.89 -24.58
CA LEU D 277 -17.82 -39.93 -24.88
C LEU D 277 -18.59 -38.85 -24.09
N ARG D 278 -19.44 -38.09 -24.78
CA ARG D 278 -20.51 -37.29 -24.16
C ARG D 278 -21.86 -38.02 -24.15
N LYS D 279 -22.04 -38.96 -25.06
CA LYS D 279 -23.34 -39.58 -25.28
C LYS D 279 -23.12 -41.07 -25.42
N ILE D 280 -23.96 -41.86 -24.78
CA ILE D 280 -23.95 -43.32 -24.93
C ILE D 280 -25.23 -43.75 -25.66
N ASN D 281 -25.11 -44.35 -26.85
CA ASN D 281 -26.25 -44.75 -27.65
C ASN D 281 -26.89 -46.01 -27.09
N ALA D 282 -28.12 -45.90 -26.63
CA ALA D 282 -28.83 -47.08 -26.13
C ALA D 282 -28.84 -48.19 -27.19
N ALA D 283 -28.88 -47.82 -28.46
CA ALA D 283 -29.00 -48.80 -29.51
C ALA D 283 -27.78 -49.74 -29.53
N TRP D 284 -26.67 -49.32 -28.94
CA TRP D 284 -25.48 -50.17 -28.90
C TRP D 284 -25.74 -51.47 -28.18
N PHE D 285 -26.74 -51.48 -27.29
CA PHE D 285 -26.95 -52.59 -26.39
C PHE D 285 -28.18 -53.38 -26.78
N LYS D 286 -28.79 -53.02 -27.90
CA LYS D 286 -30.06 -53.63 -28.31
C LYS D 286 -29.95 -55.19 -28.29
N ASN D 287 -28.84 -55.71 -28.78
CA ASN D 287 -28.66 -57.14 -28.93
C ASN D 287 -27.61 -57.66 -28.00
N MET D 288 -27.48 -57.05 -26.82
CA MET D 288 -26.38 -57.39 -25.93
C MET D 288 -26.86 -57.70 -24.49
N PRO D 289 -27.69 -58.75 -24.36
CA PRO D 289 -28.35 -59.19 -23.12
C PRO D 289 -27.44 -59.80 -22.05
N HIS D 290 -26.17 -60.06 -22.38
CA HIS D 290 -25.26 -60.67 -21.41
C HIS D 290 -24.27 -59.71 -20.77
N LEU D 291 -24.33 -58.43 -21.12
CA LEU D 291 -23.27 -57.54 -20.71
C LEU D 291 -23.26 -57.45 -19.20
N LYS D 292 -22.08 -57.65 -18.67
CA LYS D 292 -21.83 -57.83 -17.25
C LYS D 292 -21.01 -56.65 -16.69
N VAL D 293 -20.02 -56.20 -17.46
CA VAL D 293 -19.04 -55.25 -17.00
C VAL D 293 -18.90 -54.19 -18.07
N LEU D 294 -19.13 -52.95 -17.68
CA LEU D 294 -19.03 -51.81 -18.61
C LEU D 294 -18.21 -50.74 -17.94
N ASP D 295 -17.08 -50.45 -18.56
CA ASP D 295 -16.12 -49.55 -18.02
C ASP D 295 -16.19 -48.28 -18.89
N LEU D 296 -16.53 -47.15 -18.26
CA LEU D 296 -16.70 -45.88 -18.96
C LEU D 296 -15.93 -44.73 -18.25
N GLU D 297 -14.86 -45.09 -17.60
CA GLU D 297 -13.92 -44.16 -17.02
C GLU D 297 -13.39 -43.14 -18.02
N PHE D 298 -13.03 -41.95 -17.50
CA PHE D 298 -12.29 -40.91 -18.22
C PHE D 298 -12.98 -40.52 -19.50
N ASN D 299 -14.27 -40.30 -19.37
CA ASN D 299 -15.10 -39.75 -20.42
C ASN D 299 -15.69 -38.41 -19.96
N TYR D 300 -16.76 -37.94 -20.62
CA TYR D 300 -17.40 -36.69 -20.28
C TYR D 300 -18.89 -36.90 -20.02
N LEU D 301 -19.20 -37.82 -19.10
CA LEU D 301 -20.54 -38.36 -18.98
C LEU D 301 -21.37 -37.83 -17.82
N VAL D 302 -20.99 -36.71 -17.22
CA VAL D 302 -21.82 -36.14 -16.14
C VAL D 302 -23.26 -35.96 -16.64
N GLY D 303 -23.44 -35.38 -17.84
CA GLY D 303 -24.78 -35.25 -18.46
C GLY D 303 -25.48 -36.61 -18.64
N GLU D 304 -24.76 -37.58 -19.19
CA GLU D 304 -25.30 -38.93 -19.38
C GLU D 304 -25.66 -39.63 -18.08
N ILE D 305 -24.84 -39.45 -17.05
CA ILE D 305 -25.13 -40.02 -15.76
C ILE D 305 -26.49 -39.50 -15.23
N ALA D 306 -26.90 -38.31 -15.66
CA ALA D 306 -28.13 -37.69 -15.15
C ALA D 306 -29.39 -38.09 -15.91
N SER D 307 -29.26 -38.40 -17.19
CA SER D 307 -30.40 -38.79 -18.04
C SER D 307 -30.37 -40.29 -18.23
N GLY D 308 -29.35 -40.81 -18.89
CA GLY D 308 -29.03 -42.26 -18.83
C GLY D 308 -30.01 -43.22 -19.50
N ALA D 309 -30.49 -42.84 -20.68
CA ALA D 309 -31.34 -43.74 -21.50
C ALA D 309 -30.76 -45.15 -21.63
N PHE D 310 -29.44 -45.25 -21.76
CA PHE D 310 -28.80 -46.54 -21.99
C PHE D 310 -28.90 -47.50 -20.83
N LEU D 311 -29.12 -46.96 -19.64
CA LEU D 311 -29.19 -47.78 -18.44
C LEU D 311 -30.36 -48.75 -18.49
N THR D 312 -31.47 -48.34 -19.12
CA THR D 312 -32.61 -49.24 -19.30
C THR D 312 -32.23 -50.50 -20.10
N MET D 313 -31.11 -50.46 -20.83
CA MET D 313 -30.69 -51.60 -21.67
C MET D 313 -29.87 -52.67 -20.95
N LEU D 314 -29.45 -52.43 -19.71
CA LEU D 314 -28.49 -53.31 -19.05
C LEU D 314 -28.96 -53.91 -17.71
N PRO D 315 -30.05 -54.68 -17.71
CA PRO D 315 -30.56 -55.19 -16.44
C PRO D 315 -29.80 -56.39 -15.90
N ARG D 316 -28.87 -56.93 -16.70
CA ARG D 316 -28.00 -58.01 -16.21
C ARG D 316 -26.59 -57.48 -15.90
N LEU D 317 -26.36 -56.19 -16.09
CA LEU D 317 -25.05 -55.63 -15.79
C LEU D 317 -24.74 -55.74 -14.27
N GLU D 318 -23.50 -56.07 -13.97
CA GLU D 318 -23.00 -56.29 -12.60
C GLU D 318 -21.97 -55.26 -12.13
N ILE D 319 -21.08 -54.84 -13.03
CA ILE D 319 -20.10 -53.85 -12.67
C ILE D 319 -20.17 -52.72 -13.64
N LEU D 320 -20.26 -51.50 -13.11
CA LEU D 320 -20.37 -50.29 -13.94
C LEU D 320 -19.40 -49.24 -13.40
N ASP D 321 -18.42 -48.88 -14.21
CA ASP D 321 -17.39 -47.99 -13.75
C ASP D 321 -17.51 -46.67 -14.48
N LEU D 322 -17.84 -45.61 -13.74
CA LEU D 322 -18.07 -44.28 -14.33
C LEU D 322 -17.12 -43.25 -13.74
N SER D 323 -15.96 -43.74 -13.30
CA SER D 323 -14.97 -42.94 -12.59
C SER D 323 -14.25 -41.94 -13.50
N PHE D 324 -13.88 -40.84 -12.89
CA PHE D 324 -13.15 -39.75 -13.54
C PHE D 324 -13.82 -39.20 -14.77
N ASN D 325 -15.10 -38.91 -14.63
CA ASN D 325 -15.87 -38.12 -15.61
C ASN D 325 -16.10 -36.67 -15.17
N TYR D 326 -15.43 -36.21 -14.10
CA TYR D 326 -15.56 -34.82 -13.63
C TYR D 326 -15.47 -33.79 -14.73
N ILE D 327 -16.27 -32.74 -14.62
CA ILE D 327 -16.13 -31.59 -15.50
C ILE D 327 -15.06 -30.69 -14.96
N LYS D 328 -14.15 -30.31 -15.83
CA LYS D 328 -12.94 -29.63 -15.43
C LYS D 328 -13.35 -28.29 -14.85
N GLY D 329 -12.90 -27.95 -13.67
CA GLY D 329 -13.20 -26.66 -13.07
C GLY D 329 -14.56 -26.59 -12.38
N SER D 330 -15.19 -27.75 -12.17
CA SER D 330 -16.55 -27.78 -11.65
C SER D 330 -16.69 -28.55 -10.36
N TYR D 331 -17.53 -28.02 -9.46
CA TYR D 331 -17.74 -28.56 -8.11
C TYR D 331 -19.20 -28.44 -7.72
N PRO D 332 -20.09 -29.12 -8.45
CA PRO D 332 -21.53 -29.06 -8.13
C PRO D 332 -21.81 -29.42 -6.70
N GLN D 333 -22.93 -28.92 -6.18
CA GLN D 333 -23.34 -29.20 -4.81
C GLN D 333 -23.60 -30.66 -4.61
N HIS D 334 -24.24 -31.26 -5.62
CA HIS D 334 -24.85 -32.57 -5.56
C HIS D 334 -24.51 -33.43 -6.79
N ILE D 335 -24.37 -34.73 -6.59
CA ILE D 335 -24.33 -35.68 -7.69
C ILE D 335 -25.75 -35.89 -8.22
N ASN D 336 -25.91 -35.76 -9.55
CA ASN D 336 -27.16 -35.99 -10.25
C ASN D 336 -27.15 -37.40 -10.95
N ILE D 337 -27.81 -38.32 -10.30
CA ILE D 337 -27.95 -39.71 -10.69
C ILE D 337 -29.36 -39.89 -11.31
N SER D 338 -29.43 -40.34 -12.55
CA SER D 338 -30.71 -40.62 -13.20
C SER D 338 -31.55 -41.67 -12.47
N ARG D 339 -32.86 -41.50 -12.51
CA ARG D 339 -33.80 -42.52 -11.98
C ARG D 339 -33.51 -43.86 -12.63
N ASN D 340 -33.13 -43.82 -13.90
CA ASN D 340 -32.83 -45.00 -14.68
C ASN D 340 -31.79 -45.96 -14.09
N PHE D 341 -31.00 -45.54 -13.11
CA PHE D 341 -30.12 -46.50 -12.40
C PHE D 341 -30.94 -47.61 -11.77
N SER D 342 -32.22 -47.34 -11.53
CA SER D 342 -33.09 -48.33 -10.89
C SER D 342 -33.38 -49.53 -11.77
N LYS D 343 -33.05 -49.42 -13.07
CA LYS D 343 -33.16 -50.54 -14.02
C LYS D 343 -31.98 -51.50 -14.02
N LEU D 344 -30.94 -51.16 -13.26
CA LEU D 344 -29.75 -51.98 -13.22
C LEU D 344 -29.91 -53.08 -12.18
N LEU D 345 -30.92 -53.92 -12.40
CA LEU D 345 -31.40 -54.82 -11.36
C LEU D 345 -30.40 -55.86 -10.94
N SER D 346 -29.37 -56.10 -11.74
CA SER D 346 -28.29 -57.01 -11.29
C SER D 346 -27.01 -56.30 -10.82
N LEU D 347 -26.96 -54.98 -10.85
CA LEU D 347 -25.76 -54.26 -10.46
C LEU D 347 -25.28 -54.69 -9.09
N ARG D 348 -24.01 -55.12 -9.02
CA ARG D 348 -23.28 -55.42 -7.75
C ARG D 348 -22.26 -54.35 -7.24
N ALA D 349 -21.61 -53.64 -8.16
CA ALA D 349 -20.58 -52.69 -7.82
C ALA D 349 -20.72 -51.50 -8.75
N LEU D 350 -20.77 -50.31 -8.16
CA LEU D 350 -20.89 -49.06 -8.90
C LEU D 350 -19.74 -48.19 -8.49
N HIS D 351 -18.97 -47.74 -9.47
CA HIS D 351 -17.79 -46.94 -9.22
C HIS D 351 -18.03 -45.53 -9.71
N LEU D 352 -18.07 -44.57 -8.78
CA LEU D 352 -18.26 -43.17 -9.12
C LEU D 352 -17.13 -42.26 -8.60
N ARG D 353 -15.89 -42.75 -8.75
CA ARG D 353 -14.73 -41.95 -8.37
C ARG D 353 -14.64 -40.73 -9.26
N GLY D 354 -14.21 -39.62 -8.68
CA GLY D 354 -13.77 -38.49 -9.47
C GLY D 354 -14.87 -37.90 -10.30
N TYR D 355 -16.04 -37.83 -9.70
CA TYR D 355 -17.15 -37.07 -10.32
C TYR D 355 -16.96 -35.63 -9.90
N VAL D 356 -16.70 -35.45 -8.59
CA VAL D 356 -16.33 -34.21 -7.91
C VAL D 356 -17.61 -33.47 -7.54
N PHE D 357 -17.99 -33.52 -6.27
CA PHE D 357 -19.16 -32.89 -5.79
C PHE D 357 -19.11 -32.69 -4.27
N GLN D 358 -19.94 -31.77 -3.78
CA GLN D 358 -19.77 -31.23 -2.43
C GLN D 358 -20.45 -32.06 -1.39
N GLU D 359 -21.64 -32.55 -1.69
CA GLU D 359 -22.53 -33.04 -0.65
C GLU D 359 -23.31 -34.27 -1.13
N LEU D 360 -23.45 -35.26 -0.26
CA LEU D 360 -24.30 -36.42 -0.57
C LEU D 360 -25.55 -36.50 0.32
N ARG D 361 -26.71 -36.40 -0.30
CA ARG D 361 -27.98 -36.40 0.43
C ARG D 361 -28.77 -37.70 0.24
N GLU D 362 -29.65 -38.00 1.20
CA GLU D 362 -30.57 -39.13 1.10
C GLU D 362 -31.20 -39.23 -0.30
N ASP D 363 -31.83 -38.17 -0.75
CA ASP D 363 -32.45 -38.14 -2.07
C ASP D 363 -31.56 -38.46 -3.28
N ASP D 364 -30.27 -38.20 -3.20
CA ASP D 364 -29.41 -38.28 -4.38
C ASP D 364 -29.23 -39.75 -4.80
N PHE D 365 -29.22 -40.67 -3.85
CA PHE D 365 -29.06 -42.06 -4.14
C PHE D 365 -30.38 -42.87 -4.13
N GLN D 366 -31.54 -42.22 -4.26
CA GLN D 366 -32.80 -43.00 -4.21
C GLN D 366 -32.81 -44.09 -5.28
N PRO D 367 -32.34 -43.78 -6.50
CA PRO D 367 -32.51 -44.81 -7.54
C PRO D 367 -31.70 -46.10 -7.31
N LEU D 368 -30.85 -46.13 -6.29
CA LEU D 368 -29.95 -47.24 -6.07
C LEU D 368 -30.42 -48.11 -4.95
N MET D 369 -31.40 -47.63 -4.20
CA MET D 369 -31.72 -48.24 -2.90
C MET D 369 -32.48 -49.56 -2.96
N GLN D 370 -33.22 -49.78 -4.04
CA GLN D 370 -33.89 -51.06 -4.26
C GLN D 370 -33.08 -52.10 -5.10
N LEU D 371 -31.91 -51.73 -5.61
CA LEU D 371 -31.11 -52.68 -6.34
C LEU D 371 -30.75 -53.84 -5.40
N PRO D 372 -31.22 -55.06 -5.71
CA PRO D 372 -31.13 -56.14 -4.74
C PRO D 372 -29.72 -56.72 -4.50
N ASN D 373 -28.81 -56.62 -5.46
CA ASN D 373 -27.45 -57.18 -5.28
C ASN D 373 -26.30 -56.13 -5.19
N LEU D 374 -26.62 -54.83 -5.20
CA LEU D 374 -25.60 -53.76 -5.07
C LEU D 374 -24.92 -53.85 -3.73
N SER D 375 -23.65 -54.28 -3.72
CA SER D 375 -22.91 -54.47 -2.49
C SER D 375 -21.67 -53.58 -2.34
N THR D 376 -21.22 -52.97 -3.43
CA THR D 376 -20.07 -52.08 -3.37
C THR D 376 -20.45 -50.76 -3.96
N ILE D 377 -20.30 -49.71 -3.17
CA ILE D 377 -20.47 -48.34 -3.63
C ILE D 377 -19.15 -47.61 -3.43
N ASN D 378 -18.58 -47.11 -4.52
CA ASN D 378 -17.28 -46.44 -4.51
C ASN D 378 -17.34 -44.96 -4.91
N LEU D 379 -17.08 -44.10 -3.92
CA LEU D 379 -17.10 -42.64 -4.07
C LEU D 379 -15.74 -42.03 -3.76
N GLY D 380 -14.71 -42.80 -4.06
CA GLY D 380 -13.39 -42.30 -3.83
C GLY D 380 -13.16 -41.02 -4.57
N ILE D 381 -12.39 -40.11 -3.97
CA ILE D 381 -11.76 -38.98 -4.68
C ILE D 381 -12.81 -38.05 -5.33
N ASN D 382 -13.78 -37.62 -4.54
CA ASN D 382 -14.85 -36.71 -5.01
C ASN D 382 -14.86 -35.38 -4.25
N PHE D 383 -14.01 -35.26 -3.22
CA PHE D 383 -13.89 -34.03 -2.43
C PHE D 383 -15.16 -33.69 -1.69
N ILE D 384 -15.86 -34.72 -1.27
CA ILE D 384 -17.15 -34.58 -0.66
C ILE D 384 -16.89 -33.97 0.71
N LYS D 385 -17.73 -33.04 1.14
CA LYS D 385 -17.59 -32.39 2.46
C LYS D 385 -18.59 -32.90 3.47
N GLN D 386 -19.77 -33.28 3.00
CA GLN D 386 -20.83 -33.66 3.90
C GLN D 386 -21.60 -34.82 3.30
N ILE D 387 -21.90 -35.83 4.14
CA ILE D 387 -22.74 -36.95 3.76
C ILE D 387 -23.75 -37.21 4.83
N ASP D 388 -25.01 -37.35 4.44
CA ASP D 388 -26.03 -37.80 5.35
C ASP D 388 -25.97 -39.34 5.45
N PHE D 389 -25.26 -39.82 6.47
CA PHE D 389 -25.01 -41.23 6.62
C PHE D 389 -26.24 -42.12 6.75
N LYS D 390 -27.36 -41.59 7.22
CA LYS D 390 -28.57 -42.39 7.37
C LYS D 390 -29.02 -42.97 6.04
N LEU D 391 -28.65 -42.29 4.96
CA LEU D 391 -28.98 -42.76 3.62
C LEU D 391 -28.53 -44.20 3.34
N PHE D 392 -27.38 -44.59 3.89
CA PHE D 392 -26.86 -45.94 3.70
C PHE D 392 -27.69 -47.05 4.38
N GLN D 393 -28.53 -46.69 5.33
CA GLN D 393 -29.39 -47.68 5.97
C GLN D 393 -30.48 -48.15 5.04
N ASN D 394 -30.88 -47.33 4.06
CA ASN D 394 -31.99 -47.67 3.18
C ASN D 394 -31.52 -48.63 2.08
N PHE D 395 -30.38 -49.30 2.31
CA PHE D 395 -29.83 -50.19 1.31
C PHE D 395 -29.99 -51.62 1.71
N SER D 396 -30.26 -52.45 0.70
CA SER D 396 -30.59 -53.86 0.84
C SER D 396 -29.43 -54.70 1.39
N ASN D 397 -28.29 -54.67 0.70
CA ASN D 397 -27.10 -55.39 1.14
C ASN D 397 -25.78 -54.79 0.66
N LEU D 398 -25.56 -53.53 0.99
CA LEU D 398 -24.23 -52.91 0.94
C LEU D 398 -23.26 -53.60 1.86
N GLU D 399 -22.12 -54.02 1.33
CA GLU D 399 -21.08 -54.64 2.13
C GLU D 399 -19.80 -53.78 2.17
N ILE D 400 -19.63 -52.91 1.17
CA ILE D 400 -18.47 -52.04 1.03
C ILE D 400 -18.91 -50.63 0.66
N ILE D 401 -18.62 -49.69 1.54
CA ILE D 401 -18.87 -48.28 1.34
C ILE D 401 -17.51 -47.58 1.38
N TYR D 402 -17.02 -47.25 0.20
CA TYR D 402 -15.68 -46.72 0.06
C TYR D 402 -15.80 -45.21 -0.12
N LEU D 403 -15.43 -44.49 0.92
CA LEU D 403 -15.47 -43.03 0.92
C LEU D 403 -14.05 -42.44 1.06
N SER D 404 -13.03 -43.26 0.77
CA SER D 404 -11.68 -42.84 0.97
C SER D 404 -11.40 -41.63 0.13
N GLU D 405 -10.52 -40.76 0.61
CA GLU D 405 -10.07 -39.63 -0.14
C GLU D 405 -11.10 -38.61 -0.55
N ASN D 406 -11.94 -38.24 0.39
CA ASN D 406 -12.79 -37.09 0.24
C ASN D 406 -12.42 -35.98 1.21
N ARG D 407 -13.40 -35.21 1.68
CA ARG D 407 -13.14 -34.12 2.61
C ARG D 407 -14.09 -34.05 3.78
N ILE D 408 -14.44 -35.19 4.35
CA ILE D 408 -15.35 -35.23 5.44
C ILE D 408 -14.62 -34.64 6.67
N SER D 409 -15.41 -34.19 7.65
CA SER D 409 -14.86 -33.45 8.76
C SER D 409 -15.90 -33.38 9.85
N PRO D 410 -15.47 -33.14 11.10
CA PRO D 410 -16.31 -33.33 12.28
C PRO D 410 -17.64 -32.59 12.23
N THR D 435 12.84 -54.27 -16.56
CA THR D 435 11.74 -53.31 -16.37
C THR D 435 11.85 -52.16 -17.40
N ASP D 436 12.03 -50.92 -16.92
CA ASP D 436 12.26 -49.72 -17.77
C ASP D 436 11.00 -49.02 -18.33
N PHE D 437 9.92 -49.77 -18.48
CA PHE D 437 8.64 -49.17 -18.86
C PHE D 437 7.73 -48.97 -17.64
N GLU D 438 6.97 -47.88 -17.71
CA GLU D 438 6.26 -47.35 -16.58
C GLU D 438 5.00 -48.14 -16.26
N PHE D 439 4.27 -48.55 -17.29
CA PHE D 439 2.97 -49.20 -17.10
C PHE D 439 3.13 -50.68 -17.38
N ASP D 440 2.67 -51.49 -16.43
CA ASP D 440 2.64 -52.93 -16.55
C ASP D 440 1.73 -53.35 -17.68
N PRO D 441 2.28 -53.99 -18.70
CA PRO D 441 1.39 -54.28 -19.82
C PRO D 441 0.48 -55.48 -19.61
N HIS D 442 0.55 -56.11 -18.44
CA HIS D 442 -0.36 -57.19 -18.06
C HIS D 442 -1.40 -56.74 -17.00
N SER D 443 -1.57 -55.43 -16.81
CA SER D 443 -2.54 -54.89 -15.84
C SER D 443 -3.51 -53.93 -16.47
N ASN D 444 -4.57 -53.61 -15.73
CA ASN D 444 -5.45 -52.53 -16.14
C ASN D 444 -4.69 -51.22 -16.21
N PHE D 445 -4.92 -50.49 -17.29
CA PHE D 445 -4.29 -49.20 -17.52
C PHE D 445 -5.05 -48.04 -16.87
N TYR D 446 -6.37 -48.16 -16.73
CA TYR D 446 -7.15 -47.02 -16.25
C TYR D 446 -7.44 -47.11 -14.73
N HIS D 447 -7.28 -48.27 -14.10
CA HIS D 447 -7.30 -48.28 -12.61
C HIS D 447 -6.50 -49.43 -12.01
N PHE D 448 -6.12 -49.27 -10.74
CA PHE D 448 -5.62 -50.38 -9.93
C PHE D 448 -6.72 -51.42 -9.78
N THR D 449 -6.33 -52.69 -9.65
CA THR D 449 -7.29 -53.78 -9.58
C THR D 449 -7.31 -54.49 -8.25
N ARG D 450 -6.48 -54.03 -7.31
CA ARG D 450 -6.49 -54.53 -5.94
C ARG D 450 -7.89 -54.32 -5.29
N PRO D 451 -8.16 -55.00 -4.16
CA PRO D 451 -9.46 -54.79 -3.56
C PRO D 451 -9.54 -53.43 -2.87
N LEU D 452 -10.75 -52.91 -2.73
CA LEU D 452 -10.96 -51.62 -2.11
C LEU D 452 -10.54 -51.61 -0.66
N ILE D 453 -11.02 -52.60 0.09
CA ILE D 453 -10.79 -52.70 1.50
C ILE D 453 -10.01 -53.98 1.76
N LYS D 454 -9.10 -54.01 2.70
CA LYS D 454 -8.35 -55.24 2.89
C LYS D 454 -9.37 -56.38 3.14
N PRO D 455 -9.22 -57.50 2.42
CA PRO D 455 -10.15 -58.60 2.64
C PRO D 455 -10.18 -59.11 4.11
N GLN D 456 -9.06 -59.10 4.80
CA GLN D 456 -9.10 -59.37 6.25
C GLN D 456 -10.09 -58.52 7.02
N CYS D 457 -10.35 -57.31 6.55
CA CYS D 457 -11.25 -56.42 7.25
C CYS D 457 -12.65 -56.66 6.78
N ALA D 458 -12.81 -56.78 5.47
CA ALA D 458 -14.13 -56.94 4.82
C ALA D 458 -14.81 -58.22 5.23
N ALA D 459 -14.02 -59.22 5.57
CA ALA D 459 -14.54 -60.52 5.96
C ALA D 459 -15.37 -60.45 7.24
N TYR D 460 -15.15 -59.46 8.09
CA TYR D 460 -15.96 -59.37 9.32
C TYR D 460 -17.36 -58.90 9.08
N GLY D 461 -17.62 -58.39 7.87
CA GLY D 461 -18.95 -57.83 7.61
C GLY D 461 -18.87 -56.44 7.00
N LYS D 462 -19.96 -55.69 7.13
CA LYS D 462 -20.06 -54.36 6.59
C LYS D 462 -18.78 -53.51 6.79
N ALA D 463 -18.32 -52.91 5.70
CA ALA D 463 -17.06 -52.18 5.66
C ALA D 463 -17.32 -50.72 5.28
N LEU D 464 -16.81 -49.80 6.09
CA LEU D 464 -16.91 -48.38 5.81
C LEU D 464 -15.49 -47.85 5.81
N ASP D 465 -15.05 -47.27 4.69
CA ASP D 465 -13.69 -46.76 4.55
C ASP D 465 -13.72 -45.26 4.43
N LEU D 466 -13.23 -44.60 5.49
CA LEU D 466 -13.22 -43.16 5.57
C LEU D 466 -11.78 -42.68 5.68
N SER D 467 -10.87 -43.46 5.11
CA SER D 467 -9.50 -43.09 5.08
C SER D 467 -9.23 -41.82 4.23
N LEU D 468 -8.10 -41.17 4.52
CA LEU D 468 -7.62 -40.03 3.78
C LEU D 468 -8.72 -38.98 3.65
N ASN D 469 -9.44 -38.77 4.74
CA ASN D 469 -10.35 -37.64 4.87
C ASN D 469 -9.75 -36.54 5.81
N SER D 470 -10.59 -35.73 6.43
CA SER D 470 -10.08 -34.75 7.41
C SER D 470 -10.93 -34.80 8.67
N ILE D 471 -11.23 -36.04 9.10
CA ILE D 471 -11.95 -36.28 10.34
C ILE D 471 -10.95 -36.17 11.51
N PHE D 472 -10.38 -34.98 11.73
CA PHE D 472 -9.23 -34.79 12.65
C PHE D 472 -9.62 -34.93 14.12
N PHE D 473 -10.91 -35.00 14.37
CA PHE D 473 -11.45 -35.19 15.70
C PHE D 473 -12.75 -35.93 15.47
N ILE D 474 -12.99 -37.05 16.15
CA ILE D 474 -14.29 -37.69 16.02
C ILE D 474 -15.24 -37.06 16.98
N GLY D 475 -16.24 -36.38 16.43
CA GLY D 475 -17.33 -35.79 17.19
C GLY D 475 -18.32 -36.79 17.76
N PRO D 476 -19.25 -36.32 18.59
CA PRO D 476 -20.12 -37.21 19.35
C PRO D 476 -21.20 -37.84 18.51
N ASN D 477 -21.62 -37.13 17.46
CA ASN D 477 -22.64 -37.62 16.53
C ASN D 477 -22.02 -37.95 15.18
N GLN D 478 -20.78 -38.42 15.20
CA GLN D 478 -19.99 -38.60 13.99
C GLN D 478 -20.53 -39.74 13.15
N PHE D 479 -20.96 -40.78 13.84
CA PHE D 479 -21.45 -41.96 13.21
C PHE D 479 -22.94 -42.13 13.46
N GLU D 480 -23.61 -41.00 13.71
CA GLU D 480 -25.05 -40.94 13.64
C GLU D 480 -25.50 -41.77 12.46
N ASN D 481 -26.32 -42.77 12.75
CA ASN D 481 -27.19 -43.40 11.77
C ASN D 481 -26.47 -44.25 10.74
N LEU D 482 -25.35 -44.83 11.14
CA LEU D 482 -24.68 -45.76 10.28
C LEU D 482 -25.32 -47.09 10.53
N PRO D 483 -25.19 -47.99 9.59
CA PRO D 483 -25.55 -49.36 9.84
C PRO D 483 -24.46 -49.98 10.65
N ASP D 484 -24.69 -51.17 11.14
CA ASP D 484 -23.80 -51.83 12.04
C ASP D 484 -22.58 -52.25 11.25
N ILE D 485 -21.45 -51.67 11.62
CA ILE D 485 -20.23 -51.73 10.88
C ILE D 485 -19.27 -52.66 11.57
N ALA D 486 -18.76 -53.64 10.84
CA ALA D 486 -17.79 -54.53 11.38
C ALA D 486 -16.37 -54.13 11.05
N CYS D 487 -16.21 -53.40 9.95
CA CYS D 487 -14.90 -53.07 9.41
C CYS D 487 -14.84 -51.60 9.15
N LEU D 488 -13.89 -50.91 9.80
CA LEU D 488 -13.83 -49.44 9.74
C LEU D 488 -12.43 -48.95 9.50
N ASN D 489 -12.22 -48.24 8.39
CA ASN D 489 -10.95 -47.57 8.11
C ASN D 489 -11.06 -46.08 8.40
N LEU D 490 -10.24 -45.59 9.33
CA LEU D 490 -10.02 -44.15 9.55
C LEU D 490 -8.55 -43.82 9.41
N SER D 491 -7.83 -44.57 8.61
CA SER D 491 -6.44 -44.25 8.40
C SER D 491 -6.27 -42.85 7.87
N ALA D 492 -5.21 -42.16 8.31
CA ALA D 492 -4.73 -40.96 7.65
C ALA D 492 -5.73 -39.83 7.62
N ASN D 493 -6.38 -39.57 8.74
CA ASN D 493 -7.24 -38.39 8.89
C ASN D 493 -6.66 -37.27 9.78
N SER D 494 -5.36 -37.34 10.08
CA SER D 494 -4.71 -36.46 11.06
C SER D 494 -5.56 -36.27 12.33
N ASN D 495 -6.10 -37.38 12.81
CA ASN D 495 -6.79 -37.37 14.07
C ASN D 495 -5.77 -37.23 15.20
N ALA D 496 -5.99 -36.24 16.07
CA ALA D 496 -5.05 -35.94 17.14
C ALA D 496 -5.80 -35.87 18.45
N GLN D 497 -6.91 -36.58 18.51
CA GLN D 497 -7.77 -36.48 19.63
C GLN D 497 -7.36 -37.43 20.73
N VAL D 498 -7.98 -37.22 21.89
CA VAL D 498 -7.85 -38.13 23.01
C VAL D 498 -9.05 -39.03 22.98
N LEU D 499 -8.83 -40.27 22.57
CA LEU D 499 -9.86 -41.26 22.56
C LEU D 499 -10.22 -41.59 23.99
N SER D 500 -11.50 -41.46 24.31
CA SER D 500 -11.99 -41.50 25.67
C SER D 500 -12.95 -42.66 25.95
N GLY D 501 -13.30 -43.43 24.93
CA GLY D 501 -14.23 -44.54 25.14
C GLY D 501 -15.68 -44.33 24.76
N THR D 502 -16.03 -43.20 24.14
CA THR D 502 -17.43 -42.93 23.75
C THR D 502 -17.69 -42.74 22.24
N GLU D 503 -16.60 -42.58 21.49
CA GLU D 503 -16.64 -42.02 20.15
C GLU D 503 -17.13 -43.01 19.09
N PHE D 504 -17.23 -44.29 19.44
CA PHE D 504 -17.73 -45.29 18.52
C PHE D 504 -18.97 -45.98 19.06
N SER D 505 -19.62 -45.37 20.05
CA SER D 505 -20.84 -45.93 20.63
C SER D 505 -21.98 -46.05 19.61
N ALA D 506 -21.96 -45.21 18.59
CA ALA D 506 -22.87 -45.35 17.46
C ALA D 506 -22.65 -46.65 16.69
N ILE D 507 -21.39 -47.11 16.60
CA ILE D 507 -21.05 -48.35 15.90
C ILE D 507 -20.21 -49.24 16.80
N PRO D 508 -20.86 -49.82 17.83
CA PRO D 508 -20.12 -50.49 18.89
C PRO D 508 -19.71 -51.90 18.56
N HIS D 509 -20.00 -52.36 17.35
CA HIS D 509 -19.71 -53.75 16.97
C HIS D 509 -18.57 -53.88 15.98
N VAL D 510 -17.75 -52.85 15.89
CA VAL D 510 -16.65 -52.91 14.97
C VAL D 510 -15.65 -53.98 15.39
N LYS D 511 -15.29 -54.81 14.44
CA LYS D 511 -14.43 -55.92 14.74
C LYS D 511 -13.01 -55.69 14.26
N TYR D 512 -12.85 -54.84 13.25
CA TYR D 512 -11.53 -54.55 12.68
C TYR D 512 -11.44 -53.06 12.46
N LEU D 513 -10.49 -52.42 13.14
CA LEU D 513 -10.43 -50.97 13.21
C LEU D 513 -9.06 -50.54 12.82
N ASP D 514 -8.94 -49.79 11.73
CA ASP D 514 -7.64 -49.36 11.20
C ASP D 514 -7.55 -47.87 11.53
N LEU D 515 -6.59 -47.50 12.40
CA LEU D 515 -6.36 -46.08 12.72
C LEU D 515 -4.91 -45.73 12.45
N THR D 516 -4.33 -46.33 11.42
CA THR D 516 -2.95 -46.07 11.09
C THR D 516 -2.76 -44.63 10.62
N ASN D 517 -1.52 -44.17 10.66
CA ASN D 517 -1.13 -42.91 10.06
C ASN D 517 -1.97 -41.81 10.60
N ASN D 518 -2.15 -41.76 11.91
CA ASN D 518 -2.79 -40.62 12.50
C ASN D 518 -1.78 -40.00 13.42
N ARG D 519 -2.24 -39.25 14.42
CA ARG D 519 -1.36 -38.73 15.45
C ARG D 519 -2.15 -38.76 16.73
N LEU D 520 -2.68 -39.93 17.05
CA LEU D 520 -3.53 -40.07 18.23
C LEU D 520 -2.80 -39.62 19.51
N ASP D 521 -3.56 -38.96 20.39
CA ASP D 521 -3.07 -38.51 21.70
C ASP D 521 -3.56 -39.45 22.79
N PHE D 522 -2.71 -40.42 23.13
CA PHE D 522 -3.12 -41.51 24.03
C PHE D 522 -3.05 -41.09 25.49
N ASP D 523 -4.02 -40.25 25.85
CA ASP D 523 -4.11 -39.70 27.17
C ASP D 523 -5.36 -40.17 27.93
N ASN D 524 -5.92 -41.31 27.59
CA ASN D 524 -7.07 -41.80 28.34
C ASN D 524 -7.19 -43.32 28.27
N ALA D 525 -7.24 -43.90 29.47
CA ALA D 525 -7.13 -45.33 29.67
C ALA D 525 -8.36 -46.06 29.19
N SER D 526 -9.46 -45.35 29.02
CA SER D 526 -10.68 -45.99 28.54
C SER D 526 -10.80 -46.03 26.99
N ALA D 527 -9.82 -45.49 26.29
CA ALA D 527 -9.89 -45.34 24.83
C ALA D 527 -10.30 -46.64 24.19
N LEU D 528 -11.31 -46.60 23.33
CA LEU D 528 -11.68 -47.75 22.48
C LEU D 528 -12.37 -48.90 23.17
N THR D 529 -12.61 -48.79 24.46
CA THR D 529 -13.15 -49.90 25.22
C THR D 529 -14.62 -50.18 24.90
N GLU D 530 -15.33 -49.18 24.38
CA GLU D 530 -16.75 -49.37 23.93
C GLU D 530 -16.91 -50.42 22.81
N LEU D 531 -15.82 -50.67 22.11
CA LEU D 531 -15.81 -51.71 21.09
C LEU D 531 -15.50 -53.05 21.72
N SER D 532 -16.50 -53.64 22.40
CA SER D 532 -16.30 -54.86 23.17
C SER D 532 -15.93 -56.03 22.28
N ASP D 533 -16.30 -55.97 21.01
CA ASP D 533 -16.13 -57.11 20.12
C ASP D 533 -14.79 -57.03 19.38
N LEU D 534 -14.08 -55.92 19.53
CA LEU D 534 -12.87 -55.68 18.73
C LEU D 534 -11.95 -56.90 18.69
N GLU D 535 -11.52 -57.28 17.48
CA GLU D 535 -10.59 -58.41 17.29
C GLU D 535 -9.26 -58.01 16.63
N VAL D 536 -9.30 -57.01 15.75
CA VAL D 536 -8.09 -56.47 15.11
C VAL D 536 -8.00 -54.95 15.31
N LEU D 537 -6.88 -54.46 15.83
CA LEU D 537 -6.66 -53.04 15.99
C LEU D 537 -5.32 -52.66 15.38
N ASP D 538 -5.33 -51.70 14.45
CA ASP D 538 -4.11 -51.27 13.79
C ASP D 538 -3.88 -49.79 14.09
N LEU D 539 -2.78 -49.54 14.76
CA LEU D 539 -2.43 -48.18 15.22
C LEU D 539 -1.03 -47.86 14.69
N SER D 540 -0.67 -48.43 13.56
CA SER D 540 0.64 -48.20 12.98
C SER D 540 0.79 -46.72 12.64
N TYR D 541 2.03 -46.26 12.57
CA TYR D 541 2.32 -44.87 12.21
C TYR D 541 1.44 -43.86 12.95
N ASN D 542 1.46 -43.86 14.28
CA ASN D 542 0.93 -42.73 15.07
C ASN D 542 2.03 -42.20 15.98
N SER D 543 3.23 -42.10 15.46
CA SER D 543 4.36 -41.86 16.31
C SER D 543 4.33 -40.45 16.93
N HIS D 544 3.63 -39.51 16.30
CA HIS D 544 3.81 -38.10 16.60
C HIS D 544 4.02 -37.85 18.08
N TYR D 545 3.01 -38.21 18.88
CA TYR D 545 3.02 -37.94 20.31
C TYR D 545 3.86 -38.91 21.15
N PHE D 546 4.02 -40.15 20.69
CA PHE D 546 4.93 -41.08 21.34
C PHE D 546 6.32 -40.54 21.35
N ARG D 547 6.67 -39.78 20.33
CA ARG D 547 8.04 -39.26 20.20
C ARG D 547 8.34 -38.18 21.23
N ILE D 548 7.32 -37.63 21.85
CA ILE D 548 7.47 -36.54 22.78
C ILE D 548 7.40 -37.01 24.24
N ALA D 549 8.54 -36.98 24.93
CA ALA D 549 8.67 -37.50 26.29
C ALA D 549 7.68 -36.87 27.22
N GLY D 550 7.48 -35.57 27.08
CA GLY D 550 6.64 -34.82 28.00
C GLY D 550 5.14 -34.81 27.77
N VAL D 551 4.63 -35.59 26.82
CA VAL D 551 3.18 -35.89 26.77
C VAL D 551 2.90 -37.31 27.32
N THR D 552 1.69 -37.52 27.78
CA THR D 552 1.33 -38.82 28.35
C THR D 552 1.20 -39.88 27.27
N HIS D 553 1.43 -41.13 27.63
CA HIS D 553 1.25 -42.22 26.69
C HIS D 553 0.58 -43.40 27.37
N HIS D 554 -0.74 -43.46 27.30
CA HIS D 554 -1.53 -44.49 28.03
C HIS D 554 -2.01 -45.64 27.14
N LEU D 555 -1.39 -46.82 27.29
CA LEU D 555 -1.85 -48.02 26.61
C LEU D 555 -2.64 -49.06 27.45
N GLU D 556 -3.22 -48.63 28.56
CA GLU D 556 -3.86 -49.55 29.49
C GLU D 556 -5.06 -50.25 28.87
N PHE D 557 -5.83 -49.51 28.05
CA PHE D 557 -7.07 -49.99 27.44
C PHE D 557 -6.98 -51.31 26.69
N ILE D 558 -5.78 -51.68 26.26
CA ILE D 558 -5.56 -52.98 25.62
C ILE D 558 -6.23 -54.12 26.41
N GLN D 559 -6.13 -54.08 27.74
CA GLN D 559 -6.61 -55.17 28.59
C GLN D 559 -8.12 -55.33 28.69
N ASN D 560 -8.92 -54.35 28.26
CA ASN D 560 -10.38 -54.49 28.40
C ASN D 560 -10.99 -55.43 27.37
N PHE D 561 -10.33 -55.61 26.25
CA PHE D 561 -10.95 -56.35 25.15
C PHE D 561 -10.97 -57.85 25.43
N THR D 562 -12.17 -58.40 25.53
CA THR D 562 -12.32 -59.84 25.84
C THR D 562 -11.89 -60.71 24.65
N ASN D 563 -11.96 -60.15 23.43
CA ASN D 563 -11.72 -60.95 22.22
C ASN D 563 -10.80 -60.28 21.19
N LEU D 564 -9.79 -59.57 21.65
CA LEU D 564 -8.79 -58.94 20.80
C LEU D 564 -7.69 -59.92 20.45
N LYS D 565 -7.53 -60.18 19.16
CA LYS D 565 -6.52 -61.13 18.65
C LYS D 565 -5.25 -60.45 18.13
N VAL D 566 -5.41 -59.46 17.24
CA VAL D 566 -4.27 -58.88 16.53
C VAL D 566 -4.12 -57.38 16.86
N LEU D 567 -2.93 -57.01 17.30
CA LEU D 567 -2.67 -55.61 17.65
C LEU D 567 -1.37 -55.10 16.99
N ASN D 568 -1.49 -54.05 16.17
CA ASN D 568 -0.32 -53.51 15.50
C ASN D 568 0.01 -52.13 16.01
N LEU D 569 1.21 -52.03 16.55
CA LEU D 569 1.73 -50.81 17.13
C LEU D 569 3.03 -50.43 16.40
N SER D 570 3.17 -50.83 15.14
CA SER D 570 4.42 -50.62 14.42
C SER D 570 4.71 -49.16 14.18
N HIS D 571 5.99 -48.82 14.16
CA HIS D 571 6.47 -47.53 13.66
C HIS D 571 5.85 -46.40 14.43
N ASN D 572 5.81 -46.59 15.74
CA ASN D 572 5.33 -45.57 16.68
C ASN D 572 6.44 -44.97 17.52
N ASN D 573 7.65 -45.48 17.42
CA ASN D 573 8.73 -44.88 18.18
C ASN D 573 8.39 -44.83 19.66
N ILE D 574 7.78 -45.89 20.14
CA ILE D 574 7.36 -45.93 21.53
C ILE D 574 8.62 -46.14 22.35
N TYR D 575 8.79 -45.27 23.31
CA TYR D 575 9.92 -45.40 24.18
C TYR D 575 9.63 -45.00 25.63
N THR D 576 8.41 -44.58 25.95
CA THR D 576 8.12 -44.15 27.30
C THR D 576 6.61 -44.20 27.50
N LEU D 577 6.17 -44.78 28.60
CA LEU D 577 4.73 -44.89 28.84
C LEU D 577 4.44 -44.29 30.19
N THR D 578 3.20 -43.90 30.38
CA THR D 578 2.78 -43.24 31.58
C THR D 578 2.08 -44.23 32.57
N ASP D 579 2.48 -44.15 33.85
CA ASP D 579 1.91 -44.94 34.96
C ASP D 579 2.12 -46.45 34.81
N LYS D 580 1.46 -47.07 33.84
CA LYS D 580 1.60 -48.50 33.60
C LYS D 580 2.58 -48.74 32.45
N TYR D 581 3.48 -49.70 32.65
CA TYR D 581 4.57 -49.93 31.75
C TYR D 581 4.40 -51.26 31.04
N ASN D 582 3.32 -51.95 31.35
CA ASN D 582 3.11 -53.28 30.81
C ASN D 582 1.91 -53.42 29.91
N LEU D 583 2.11 -54.26 28.92
CA LEU D 583 1.03 -54.61 28.04
C LEU D 583 0.42 -55.91 28.56
N GLU D 584 -0.89 -55.88 28.81
CA GLU D 584 -1.59 -57.02 29.39
C GLU D 584 -2.85 -57.32 28.61
N SER D 585 -3.05 -58.60 28.28
CA SER D 585 -4.26 -59.04 27.63
C SER D 585 -4.37 -60.56 27.76
N LYS D 586 -5.53 -61.05 28.17
CA LYS D 586 -5.75 -62.50 28.21
C LYS D 586 -6.01 -63.06 26.82
N SER D 587 -6.58 -62.24 25.93
CA SER D 587 -6.97 -62.72 24.60
C SER D 587 -5.85 -62.69 23.55
N LEU D 588 -4.96 -61.70 23.64
CA LEU D 588 -4.16 -61.31 22.48
C LEU D 588 -3.21 -62.38 21.99
N VAL D 589 -3.26 -62.60 20.68
CA VAL D 589 -2.48 -63.61 19.99
C VAL D 589 -1.23 -63.04 19.35
N GLU D 590 -1.36 -61.91 18.65
CA GLU D 590 -0.28 -61.33 17.83
C GLU D 590 -0.07 -59.87 18.17
N LEU D 591 1.19 -59.53 18.48
CA LEU D 591 1.60 -58.15 18.67
C LEU D 591 2.63 -57.83 17.60
N VAL D 592 2.40 -56.76 16.83
CA VAL D 592 3.48 -56.23 15.98
C VAL D 592 4.01 -54.97 16.67
N PHE D 593 5.29 -55.01 17.04
CA PHE D 593 5.89 -53.91 17.80
C PHE D 593 7.13 -53.40 17.07
N SER D 594 7.19 -53.61 15.75
CA SER D 594 8.34 -53.14 14.97
C SER D 594 8.45 -51.61 14.97
N GLY D 595 9.64 -51.10 14.67
CA GLY D 595 9.85 -49.65 14.55
C GLY D 595 9.53 -48.85 15.78
N ASN D 596 9.87 -49.40 16.96
CA ASN D 596 9.76 -48.69 18.22
C ASN D 596 11.13 -48.70 18.88
N ARG D 597 11.22 -48.21 20.12
CA ARG D 597 12.52 -48.13 20.77
C ARG D 597 12.66 -49.07 21.98
N LEU D 598 12.49 -50.37 21.78
CA LEU D 598 12.90 -51.36 22.79
C LEU D 598 14.38 -51.26 23.25
N ASP D 599 15.23 -50.58 22.49
CA ASP D 599 16.60 -50.32 22.96
C ASP D 599 16.59 -49.33 24.13
N ILE D 600 15.68 -48.39 24.09
CA ILE D 600 15.51 -47.44 25.16
C ILE D 600 14.68 -48.05 26.28
N LEU D 601 13.60 -48.70 25.94
CA LEU D 601 12.72 -49.27 26.96
C LEU D 601 13.51 -50.22 27.84
N TRP D 602 14.18 -51.19 27.20
CA TRP D 602 15.06 -52.15 27.84
C TRP D 602 16.50 -51.68 27.99
N ASN D 603 16.73 -50.41 28.28
CA ASN D 603 18.13 -49.99 28.38
C ASN D 603 18.64 -50.48 29.74
N ASP D 604 19.95 -50.61 29.90
CA ASP D 604 20.51 -51.28 31.08
C ASP D 604 20.23 -50.57 32.40
N ASP D 605 20.09 -49.25 32.36
CA ASP D 605 19.90 -48.48 33.59
C ASP D 605 18.45 -48.30 33.97
N ASP D 606 17.55 -49.07 33.37
CA ASP D 606 16.11 -48.90 33.65
C ASP D 606 15.42 -50.24 33.72
N ASN D 607 14.70 -50.47 34.82
CA ASN D 607 14.06 -51.76 35.13
C ASN D 607 12.55 -51.79 34.82
N ARG D 608 11.92 -50.63 34.64
CA ARG D 608 10.44 -50.52 34.56
C ARG D 608 9.76 -51.27 33.40
N TYR D 609 10.49 -51.55 32.34
CA TYR D 609 9.92 -52.23 31.16
C TYR D 609 10.48 -53.63 30.99
N ILE D 610 11.00 -54.21 32.08
CA ILE D 610 11.63 -55.54 32.02
C ILE D 610 10.58 -56.66 31.81
N SER D 611 9.31 -56.40 32.15
CA SER D 611 8.20 -57.37 31.89
C SER D 611 7.11 -56.87 30.92
N ILE D 612 7.48 -55.95 30.05
CA ILE D 612 6.53 -55.23 29.19
C ILE D 612 5.53 -56.12 28.44
N PHE D 613 5.98 -57.27 27.95
CA PHE D 613 5.09 -58.24 27.22
C PHE D 613 4.62 -59.48 28.03
N LYS D 614 5.01 -59.56 29.30
CA LYS D 614 4.77 -60.77 30.11
C LYS D 614 3.29 -61.04 30.28
N GLY D 615 2.51 -59.99 30.47
CA GLY D 615 1.06 -60.13 30.67
C GLY D 615 0.27 -60.38 29.40
N LEU D 616 0.97 -60.68 28.30
CA LEU D 616 0.29 -61.11 27.09
C LEU D 616 0.22 -62.63 27.14
N LYS D 617 -0.74 -63.13 27.92
CA LYS D 617 -0.75 -64.54 28.38
C LYS D 617 -0.89 -65.52 27.23
N ASN D 618 -1.75 -65.17 26.28
CA ASN D 618 -2.14 -66.05 25.18
C ASN D 618 -1.32 -65.83 23.90
N LEU D 619 -0.35 -64.93 23.95
CA LEU D 619 0.37 -64.48 22.76
C LEU D 619 1.15 -65.60 22.13
N THR D 620 0.98 -65.79 20.83
CA THR D 620 1.77 -66.78 20.08
C THR D 620 2.73 -66.13 19.05
N ARG D 621 2.32 -64.99 18.46
CA ARG D 621 3.13 -64.29 17.44
C ARG D 621 3.57 -62.91 17.91
N LEU D 622 4.88 -62.66 17.91
CA LEU D 622 5.49 -61.41 18.38
C LEU D 622 6.61 -60.90 17.44
N ASP D 623 6.51 -59.63 17.02
CA ASP D 623 7.47 -59.02 16.12
C ASP D 623 8.17 -57.86 16.83
N LEU D 624 9.46 -58.03 17.05
CA LEU D 624 10.28 -57.01 17.69
C LEU D 624 11.34 -56.52 16.69
N SER D 625 11.02 -56.60 15.41
CA SER D 625 11.95 -56.17 14.37
C SER D 625 12.18 -54.69 14.52
N LEU D 626 13.33 -54.20 14.07
CA LEU D 626 13.56 -52.74 13.95
C LEU D 626 13.29 -52.01 15.25
N ASN D 627 13.95 -52.44 16.33
CA ASN D 627 13.96 -51.67 17.58
C ASN D 627 15.36 -51.23 18.00
N ARG D 628 16.27 -51.16 17.04
CA ARG D 628 17.63 -50.63 17.27
C ARG D 628 18.40 -51.34 18.40
N LEU D 629 18.15 -52.64 18.58
CA LEU D 629 18.68 -53.40 19.72
C LEU D 629 20.08 -53.97 19.48
N LYS D 630 20.96 -53.76 20.43
CA LYS D 630 22.28 -54.35 20.39
C LYS D 630 22.31 -55.61 21.27
N HIS D 631 21.55 -55.56 22.35
CA HIS D 631 21.51 -56.64 23.31
C HIS D 631 20.15 -56.62 24.02
N ILE D 632 19.65 -57.82 24.29
CA ILE D 632 18.45 -57.98 25.09
C ILE D 632 18.83 -58.48 26.49
N PRO D 633 18.50 -57.70 27.54
CA PRO D 633 18.74 -58.17 28.90
C PRO D 633 18.12 -59.54 29.15
N ASN D 634 18.97 -60.52 29.46
CA ASN D 634 18.52 -61.87 29.81
C ASN D 634 17.16 -61.91 30.52
N GLU D 635 16.98 -61.07 31.54
CA GLU D 635 15.71 -61.06 32.28
C GLU D 635 14.50 -60.58 31.43
N ALA D 636 14.77 -59.64 30.53
CA ALA D 636 13.75 -59.14 29.61
C ALA D 636 13.33 -60.24 28.63
N PHE D 637 14.34 -60.96 28.12
CA PHE D 637 14.02 -62.05 27.22
C PHE D 637 13.18 -63.06 27.98
N LEU D 638 13.56 -63.31 29.24
CA LEU D 638 12.91 -64.35 30.04
C LEU D 638 11.46 -63.99 30.29
N ASN D 639 11.15 -62.70 30.31
CA ASN D 639 9.78 -62.22 30.56
C ASN D 639 8.84 -62.15 29.33
N LEU D 640 9.27 -62.69 28.20
CA LEU D 640 8.40 -62.83 27.03
C LEU D 640 7.43 -64.02 27.23
N PRO D 641 6.18 -63.94 26.75
CA PRO D 641 5.18 -64.99 27.01
C PRO D 641 5.65 -66.40 26.68
N ALA D 642 5.34 -67.34 27.58
CA ALA D 642 5.81 -68.73 27.44
C ALA D 642 5.06 -69.38 26.28
N SER D 643 3.87 -68.83 26.00
CA SER D 643 3.04 -69.26 24.89
C SER D 643 3.59 -69.07 23.45
N LEU D 644 4.79 -68.50 23.28
CA LEU D 644 5.23 -68.04 21.95
C LEU D 644 5.60 -69.12 20.98
N THR D 645 4.90 -69.19 19.84
CA THR D 645 5.29 -70.06 18.74
C THR D 645 6.12 -69.35 17.68
N GLU D 646 5.87 -68.06 17.49
CA GLU D 646 6.51 -67.32 16.41
C GLU D 646 7.16 -66.06 16.96
N LEU D 647 8.48 -65.96 16.85
CA LEU D 647 9.21 -64.79 17.33
C LEU D 647 10.15 -64.21 16.29
N HIS D 648 10.08 -62.88 16.11
CA HIS D 648 10.95 -62.15 15.18
C HIS D 648 11.70 -61.02 15.86
N ILE D 649 12.98 -60.93 15.56
CA ILE D 649 13.84 -59.93 16.16
C ILE D 649 14.78 -59.49 15.07
N ASN D 650 14.26 -59.49 13.84
CA ASN D 650 15.09 -59.19 12.68
C ASN D 650 15.31 -57.71 12.61
N ASP D 651 16.27 -57.30 11.79
CA ASP D 651 16.55 -55.90 11.53
C ASP D 651 16.78 -55.07 12.79
N ASN D 652 17.65 -55.58 13.62
CA ASN D 652 18.12 -54.88 14.77
C ASN D 652 19.62 -54.84 14.64
N MET D 653 20.33 -54.71 15.74
CA MET D 653 21.78 -54.70 15.71
C MET D 653 22.48 -55.76 16.55
N LEU D 654 21.85 -56.90 16.80
CA LEU D 654 22.36 -57.80 17.82
C LEU D 654 23.75 -58.30 17.56
N LYS D 655 24.61 -58.11 18.55
CA LYS D 655 25.91 -58.74 18.63
C LYS D 655 25.78 -60.15 19.22
N PHE D 656 25.13 -60.25 20.37
CA PHE D 656 25.02 -61.52 21.08
C PHE D 656 23.58 -62.06 21.12
N PHE D 657 23.46 -63.38 21.22
CA PHE D 657 22.18 -64.02 21.54
C PHE D 657 22.34 -65.22 22.50
N ASN D 658 21.80 -65.12 23.72
CA ASN D 658 21.87 -66.21 24.72
C ASN D 658 20.93 -67.35 24.35
N TRP D 659 21.49 -68.33 23.63
CA TRP D 659 20.75 -69.50 23.14
C TRP D 659 20.09 -70.29 24.25
N THR D 660 20.81 -70.42 25.38
CA THR D 660 20.32 -71.11 26.58
C THR D 660 18.83 -70.88 26.86
N LEU D 661 18.35 -69.65 26.60
CA LEU D 661 17.04 -69.22 27.10
C LEU D 661 15.86 -69.75 26.33
N LEU D 662 16.09 -70.55 25.29
CA LEU D 662 14.97 -71.18 24.61
C LEU D 662 14.39 -72.33 25.46
N GLN D 663 15.07 -72.65 26.57
CA GLN D 663 14.52 -73.53 27.58
C GLN D 663 13.09 -73.12 27.96
N GLN D 664 12.86 -71.82 28.17
CA GLN D 664 11.56 -71.33 28.66
C GLN D 664 10.48 -71.26 27.60
N PHE D 665 10.83 -71.63 26.36
CA PHE D 665 9.93 -71.54 25.19
C PHE D 665 9.79 -72.90 24.48
N PRO D 666 8.91 -73.77 25.03
CA PRO D 666 8.64 -75.10 24.48
C PRO D 666 7.60 -75.15 23.34
N ARG D 667 6.98 -74.03 22.99
CA ARG D 667 6.07 -73.98 21.84
C ARG D 667 6.70 -73.23 20.65
N LEU D 668 7.95 -72.79 20.80
CA LEU D 668 8.63 -71.97 19.81
C LEU D 668 9.03 -72.71 18.53
N GLU D 669 8.30 -72.45 17.46
CA GLU D 669 8.52 -73.11 16.18
C GLU D 669 9.41 -72.28 15.28
N LEU D 670 9.28 -70.96 15.41
CA LEU D 670 9.89 -70.02 14.45
C LEU D 670 10.64 -68.92 15.18
N LEU D 671 11.94 -68.82 14.88
CA LEU D 671 12.79 -67.75 15.40
C LEU D 671 13.46 -67.03 14.23
N ASP D 672 13.32 -65.70 14.20
CA ASP D 672 13.87 -64.86 13.12
C ASP D 672 14.85 -63.88 13.71
N LEU D 673 16.12 -64.06 13.32
CA LEU D 673 17.19 -63.19 13.75
C LEU D 673 17.96 -62.68 12.54
N ARG D 674 17.27 -62.54 11.42
CA ARG D 674 17.87 -61.97 10.22
C ARG D 674 18.22 -60.50 10.47
N GLY D 675 19.26 -60.03 9.78
CA GLY D 675 19.57 -58.61 9.79
C GLY D 675 20.06 -58.12 11.13
N ASN D 676 21.04 -58.83 11.67
CA ASN D 676 21.72 -58.47 12.91
C ASN D 676 23.20 -58.68 12.72
N LYS D 677 23.96 -58.61 13.83
CA LYS D 677 25.41 -58.73 13.83
C LYS D 677 25.90 -59.93 14.65
N LEU D 678 25.23 -61.07 14.48
CA LEU D 678 25.59 -62.28 15.22
C LEU D 678 26.89 -62.94 14.72
N LEU D 679 27.80 -63.27 15.65
CA LEU D 679 29.10 -63.90 15.30
C LEU D 679 29.17 -65.38 15.69
N PHE D 680 28.67 -65.72 16.88
CA PHE D 680 28.73 -67.10 17.37
C PHE D 680 27.41 -67.84 17.24
N LEU D 681 27.49 -69.17 17.30
CA LEU D 681 26.37 -70.03 17.64
C LEU D 681 26.79 -70.98 18.78
N THR D 682 25.80 -71.61 19.40
CA THR D 682 26.06 -72.57 20.48
C THR D 682 26.56 -73.90 19.93
N ASP D 683 27.37 -74.61 20.72
CA ASP D 683 27.82 -75.95 20.32
C ASP D 683 26.68 -76.99 20.36
N SER D 684 25.89 -77.00 21.43
CA SER D 684 24.80 -77.97 21.60
C SER D 684 23.42 -77.30 21.67
N LEU D 685 22.82 -77.08 20.51
CA LEU D 685 21.53 -76.41 20.45
C LEU D 685 20.42 -77.20 21.04
N SER D 686 20.34 -78.48 20.68
CA SER D 686 19.31 -79.31 21.24
C SER D 686 19.82 -79.52 22.60
N ASP D 687 18.95 -79.31 23.55
CA ASP D 687 19.25 -79.20 24.95
C ASP D 687 18.38 -78.06 25.27
N PHE D 688 18.36 -77.11 24.35
CA PHE D 688 17.67 -75.84 24.59
C PHE D 688 16.29 -75.77 23.94
N THR D 689 16.10 -76.51 22.85
CA THR D 689 14.81 -76.49 22.19
C THR D 689 14.46 -77.85 21.60
N SER D 690 13.30 -78.37 22.01
CA SER D 690 12.69 -79.51 21.35
C SER D 690 11.95 -78.98 20.15
N SER D 691 11.46 -77.75 20.30
CA SER D 691 10.32 -77.23 19.53
C SER D 691 10.60 -76.65 18.14
N LEU D 692 11.81 -76.17 17.90
CA LEU D 692 12.08 -75.23 16.81
C LEU D 692 12.07 -75.85 15.41
N ARG D 693 11.03 -75.52 14.62
CA ARG D 693 10.96 -75.91 13.20
C ARG D 693 11.80 -75.06 12.24
N THR D 694 11.90 -73.75 12.51
CA THR D 694 12.52 -72.82 11.53
C THR D 694 13.44 -71.83 12.22
N LEU D 695 14.68 -71.70 11.75
CA LEU D 695 15.61 -70.73 12.34
C LEU D 695 16.24 -69.89 11.25
N LEU D 696 16.03 -68.57 11.34
CA LEU D 696 16.42 -67.65 10.30
C LEU D 696 17.56 -66.80 10.82
N LEU D 697 18.71 -66.89 10.16
CA LEU D 697 19.91 -66.21 10.61
C LEU D 697 20.64 -65.51 9.47
N SER D 698 19.94 -65.18 8.37
CA SER D 698 20.60 -64.48 7.23
C SER D 698 21.06 -63.07 7.57
N HIS D 699 22.06 -62.60 6.83
CA HIS D 699 22.69 -61.29 7.06
C HIS D 699 23.11 -61.18 8.51
N ASN D 700 24.08 -62.01 8.87
CA ASN D 700 24.73 -61.92 10.17
C ASN D 700 26.25 -61.99 9.97
N ARG D 701 27.03 -62.10 11.05
CA ARG D 701 28.50 -62.13 10.97
C ARG D 701 29.12 -63.48 11.42
N ILE D 702 28.43 -64.58 11.16
CA ILE D 702 28.84 -65.91 11.63
C ILE D 702 29.95 -66.54 10.79
N SER D 703 31.15 -66.64 11.37
CA SER D 703 32.36 -67.02 10.63
C SER D 703 32.60 -68.53 10.64
N HIS D 704 32.14 -69.18 11.69
CA HIS D 704 32.34 -70.61 11.85
C HIS D 704 31.08 -71.29 12.38
N LEU D 705 30.85 -72.51 11.91
CA LEU D 705 29.71 -73.33 12.32
C LEU D 705 30.18 -74.35 13.39
N PRO D 706 29.67 -74.23 14.64
CA PRO D 706 30.07 -75.17 15.71
C PRO D 706 29.69 -76.63 15.43
N SER D 707 30.41 -77.55 16.06
CA SER D 707 30.51 -78.92 15.57
C SER D 707 29.22 -79.75 15.73
N GLY D 708 28.93 -80.54 14.70
CA GLY D 708 27.91 -81.59 14.74
C GLY D 708 26.58 -81.06 15.19
N PHE D 709 26.16 -79.94 14.60
CA PHE D 709 25.00 -79.19 15.07
C PHE D 709 23.79 -79.34 14.15
N LEU D 710 23.99 -79.12 12.86
CA LEU D 710 22.87 -79.15 11.91
C LEU D 710 22.08 -80.47 11.99
N SER D 711 22.71 -81.48 12.58
CA SER D 711 22.09 -82.80 12.79
C SER D 711 21.51 -82.99 14.21
N GLU D 712 21.62 -81.98 15.08
CA GLU D 712 21.18 -82.12 16.48
C GLU D 712 19.68 -82.00 16.68
N VAL D 713 19.12 -80.86 16.27
CA VAL D 713 17.71 -80.57 16.52
C VAL D 713 16.86 -81.33 15.53
N SER D 714 16.04 -82.23 16.06
CA SER D 714 15.29 -83.20 15.26
C SER D 714 14.07 -82.55 14.60
N SER D 715 13.52 -81.53 15.25
CA SER D 715 12.29 -80.88 14.81
C SER D 715 12.50 -79.88 13.67
N LEU D 716 13.75 -79.50 13.44
CA LEU D 716 14.08 -78.35 12.59
C LEU D 716 13.98 -78.58 11.08
N LYS D 717 12.82 -78.29 10.51
CA LYS D 717 12.65 -78.21 9.05
C LYS D 717 13.65 -77.27 8.33
N HIS D 718 13.71 -76.00 8.76
CA HIS D 718 14.26 -74.91 7.92
C HIS D 718 15.32 -74.08 8.65
N LEU D 719 16.50 -73.98 8.01
CA LEU D 719 17.64 -73.24 8.55
C LEU D 719 18.22 -72.33 7.48
N ASP D 720 18.35 -71.05 7.81
CA ASP D 720 18.76 -70.02 6.86
C ASP D 720 20.06 -69.38 7.31
N LEU D 721 21.13 -69.69 6.58
CA LEU D 721 22.44 -69.15 6.88
C LEU D 721 22.98 -68.36 5.70
N SER D 722 22.10 -67.77 4.91
CA SER D 722 22.55 -67.01 3.75
C SER D 722 23.13 -65.67 4.18
N SER D 723 24.01 -65.13 3.35
CA SER D 723 24.69 -63.87 3.61
C SER D 723 25.29 -63.87 5.02
N ASN D 724 26.24 -64.76 5.22
CA ASN D 724 27.02 -64.81 6.45
C ASN D 724 28.51 -64.83 6.08
N LEU D 725 29.39 -65.15 7.03
CA LEU D 725 30.83 -65.10 6.78
C LEU D 725 31.47 -66.46 6.78
N LEU D 726 30.67 -67.50 6.57
CA LEU D 726 31.15 -68.87 6.51
C LEU D 726 32.05 -69.11 5.29
N LYS D 727 33.31 -69.45 5.57
CA LYS D 727 34.32 -69.75 4.54
C LYS D 727 34.24 -71.20 4.06
N THR D 728 33.95 -72.13 4.97
CA THR D 728 33.82 -73.58 4.65
C THR D 728 32.84 -74.29 5.58
N ILE D 729 32.69 -75.58 5.36
CA ILE D 729 32.06 -76.43 6.35
C ILE D 729 33.06 -77.49 6.77
N ASN D 730 33.44 -77.42 8.04
CA ASN D 730 34.38 -78.35 8.61
C ASN D 730 33.58 -79.61 8.63
N LYS D 731 34.25 -80.74 8.72
CA LYS D 731 33.56 -81.98 8.65
C LYS D 731 33.03 -82.10 10.05
N SER D 732 31.81 -81.59 10.22
CA SER D 732 31.10 -81.69 11.45
C SER D 732 29.73 -82.16 11.08
N ALA D 733 29.64 -83.43 10.72
CA ALA D 733 28.36 -84.05 10.47
C ALA D 733 28.13 -85.08 11.57
N LEU D 734 26.98 -84.99 12.22
CA LEU D 734 26.68 -85.94 13.30
C LEU D 734 25.32 -86.64 13.08
N GLU D 735 24.88 -87.42 14.08
CA GLU D 735 23.61 -88.17 14.05
C GLU D 735 22.43 -87.31 14.55
N THR D 736 21.20 -87.65 14.21
CA THR D 736 20.90 -88.90 13.56
C THR D 736 21.67 -88.93 12.25
N LYS D 737 21.69 -87.83 11.49
CA LYS D 737 20.70 -86.78 11.52
C LYS D 737 19.33 -87.28 11.07
N THR D 738 19.31 -88.09 10.02
CA THR D 738 18.05 -88.71 9.58
C THR D 738 16.91 -87.93 8.89
N THR D 739 17.16 -86.81 8.23
CA THR D 739 18.24 -85.89 8.47
C THR D 739 17.60 -85.01 9.50
N THR D 740 17.21 -85.62 10.62
CA THR D 740 16.39 -84.93 11.59
C THR D 740 15.11 -84.68 10.80
N LYS D 741 14.69 -83.43 10.72
CA LYS D 741 14.05 -82.92 9.55
C LYS D 741 15.07 -81.96 9.02
N LEU D 742 15.32 -81.99 7.73
CA LEU D 742 16.00 -80.87 7.14
C LEU D 742 15.50 -80.63 5.73
N SER D 743 14.37 -79.95 5.64
CA SER D 743 13.75 -79.67 4.38
C SER D 743 14.61 -78.68 3.59
N MET D 744 15.12 -77.66 4.27
CA MET D 744 15.65 -76.51 3.56
C MET D 744 16.86 -75.93 4.27
N LEU D 745 17.99 -75.91 3.56
CA LEU D 745 19.21 -75.27 4.04
C LEU D 745 19.63 -74.21 3.03
N GLU D 746 19.74 -72.97 3.49
CA GLU D 746 20.03 -71.82 2.60
C GLU D 746 21.43 -71.34 2.87
N LEU D 747 22.24 -71.21 1.80
CA LEU D 747 23.66 -70.83 1.94
C LEU D 747 24.17 -69.70 1.06
N HIS D 748 23.39 -69.30 0.05
CA HIS D 748 23.86 -68.30 -0.92
C HIS D 748 24.46 -67.08 -0.22
N GLY D 749 25.49 -66.51 -0.81
CA GLY D 749 26.04 -65.22 -0.36
C GLY D 749 27.12 -65.30 0.70
N ASN D 750 27.55 -66.53 1.00
CA ASN D 750 28.67 -66.73 1.90
C ASN D 750 29.96 -66.73 1.10
N PRO D 751 31.07 -66.30 1.71
CA PRO D 751 32.33 -66.12 1.01
C PRO D 751 33.20 -67.39 0.99
N PHE D 752 32.74 -68.41 0.26
CA PHE D 752 33.38 -69.72 0.34
C PHE D 752 34.81 -69.81 -0.22
N GLU D 753 35.58 -70.70 0.40
CA GLU D 753 36.91 -71.08 -0.08
C GLU D 753 36.71 -72.34 -0.93
N CYS D 754 37.11 -72.27 -2.19
CA CYS D 754 36.86 -73.38 -3.11
C CYS D 754 38.11 -74.23 -3.38
N THR D 755 38.80 -74.53 -2.29
CA THR D 755 39.85 -75.50 -2.21
C THR D 755 39.26 -76.87 -1.97
N CYS D 756 40.13 -77.85 -1.79
CA CYS D 756 39.73 -79.23 -1.56
C CYS D 756 39.16 -79.51 -0.16
N ASP D 757 39.31 -78.57 0.76
CA ASP D 757 38.76 -78.77 2.10
C ASP D 757 37.28 -78.94 1.96
N ILE D 758 36.71 -78.22 1.03
CA ILE D 758 35.28 -78.16 0.93
C ILE D 758 34.72 -79.53 0.74
N GLY D 759 35.43 -80.36 0.00
CA GLY D 759 34.80 -81.38 -0.79
C GLY D 759 33.92 -82.26 0.06
N ASP D 760 34.25 -82.35 1.34
CA ASP D 760 33.50 -83.24 2.20
C ASP D 760 32.06 -82.80 2.18
N PHE D 761 31.86 -81.50 2.12
CA PHE D 761 30.50 -80.97 2.06
C PHE D 761 29.81 -81.28 0.74
N ARG D 762 30.51 -81.11 -0.37
CA ARG D 762 29.97 -81.47 -1.67
C ARG D 762 29.42 -82.90 -1.71
N ARG D 763 30.09 -83.83 -1.02
CA ARG D 763 29.65 -85.23 -0.98
C ARG D 763 28.31 -85.26 -0.26
N TRP D 764 28.29 -84.65 0.93
CA TRP D 764 27.09 -84.50 1.76
C TRP D 764 25.86 -84.03 0.97
N MET D 765 26.07 -83.11 0.03
CA MET D 765 25.06 -82.70 -0.93
C MET D 765 24.49 -83.91 -1.66
N ASP D 766 25.36 -84.66 -2.34
CA ASP D 766 24.96 -85.84 -3.10
C ASP D 766 24.38 -86.95 -2.22
N GLU D 767 24.81 -86.99 -0.96
CA GLU D 767 24.30 -87.98 -0.02
C GLU D 767 22.84 -87.64 0.27
N HIS D 768 22.61 -86.41 0.72
CA HIS D 768 21.29 -85.97 1.18
C HIS D 768 20.57 -85.07 0.18
N LEU D 769 20.09 -85.68 -0.90
CA LEU D 769 19.35 -84.97 -1.95
C LEU D 769 17.93 -84.62 -1.50
N ASN D 770 17.46 -85.30 -0.45
CA ASN D 770 16.19 -84.96 0.19
C ASN D 770 16.15 -83.53 0.80
N VAL D 771 17.29 -83.05 1.30
CA VAL D 771 17.42 -81.69 1.86
C VAL D 771 17.64 -80.68 0.75
N LYS D 772 16.72 -79.73 0.58
CA LYS D 772 16.84 -78.78 -0.52
C LYS D 772 17.73 -77.56 -0.19
N ILE D 773 18.61 -77.23 -1.14
CA ILE D 773 19.38 -75.99 -1.13
C ILE D 773 18.91 -75.20 -2.34
N PRO D 774 18.36 -73.98 -2.14
CA PRO D 774 17.87 -73.21 -3.27
C PRO D 774 18.88 -72.17 -3.79
N ARG D 775 18.74 -71.80 -5.06
CA ARG D 775 19.56 -70.75 -5.65
C ARG D 775 21.05 -71.10 -5.56
N LEU D 776 21.40 -72.24 -6.11
CA LEU D 776 22.79 -72.71 -6.08
C LEU D 776 23.77 -71.74 -6.74
N VAL D 777 23.31 -71.03 -7.78
CA VAL D 777 24.18 -70.17 -8.57
C VAL D 777 24.68 -68.94 -7.82
N ASP D 778 24.03 -68.60 -6.71
CA ASP D 778 24.49 -67.49 -5.86
C ASP D 778 25.11 -67.99 -4.58
N VAL D 779 25.26 -69.32 -4.51
CA VAL D 779 26.14 -69.95 -3.55
C VAL D 779 27.51 -69.91 -4.22
N ILE D 780 28.13 -68.73 -4.20
CA ILE D 780 29.36 -68.48 -4.96
C ILE D 780 30.54 -68.36 -4.02
N CYS D 781 31.62 -69.08 -4.33
CA CYS D 781 32.84 -69.00 -3.54
C CYS D 781 33.74 -67.86 -3.96
N ALA D 782 34.41 -67.29 -2.99
CA ALA D 782 35.20 -66.12 -3.19
C ALA D 782 36.66 -66.45 -3.34
N SER D 783 36.99 -67.68 -3.01
CA SER D 783 38.37 -68.06 -2.88
C SER D 783 38.74 -69.14 -3.86
N PRO D 784 39.94 -69.04 -4.61
CA PRO D 784 40.88 -67.98 -4.19
C PRO D 784 41.07 -66.86 -5.18
N GLY D 785 41.38 -67.20 -6.42
CA GLY D 785 41.66 -66.18 -7.41
C GLY D 785 40.49 -66.15 -8.32
N ASP D 786 40.46 -67.04 -9.29
CA ASP D 786 39.23 -67.38 -9.93
C ASP D 786 39.27 -68.87 -10.08
N GLN D 787 38.29 -69.56 -9.55
CA GLN D 787 37.19 -68.93 -8.78
C GLN D 787 37.75 -68.01 -7.69
N ARG D 788 37.12 -66.85 -7.41
CA ARG D 788 35.75 -66.46 -7.82
C ARG D 788 35.44 -66.51 -9.32
N GLY D 789 34.16 -66.61 -9.67
CA GLY D 789 33.02 -66.63 -8.72
C GLY D 789 32.05 -67.71 -9.18
N LYS D 790 32.48 -68.94 -8.98
CA LYS D 790 31.77 -70.07 -9.48
C LYS D 790 30.81 -70.56 -8.45
N SER D 791 29.76 -71.21 -8.90
CA SER D 791 28.90 -71.91 -7.98
C SER D 791 29.75 -72.99 -7.39
N ILE D 792 29.72 -73.13 -6.08
CA ILE D 792 30.65 -74.01 -5.43
C ILE D 792 30.42 -75.39 -5.97
N VAL D 793 29.21 -75.66 -6.43
CA VAL D 793 28.89 -76.97 -6.96
C VAL D 793 29.84 -77.24 -8.11
N SER D 794 30.20 -76.20 -8.83
CA SER D 794 31.24 -76.33 -9.83
C SER D 794 32.58 -76.34 -9.12
#